data_5CNV
#
_entry.id   5CNV
#
_cell.length_a   274.776
_cell.length_b   157.753
_cell.length_c   165.768
_cell.angle_alpha   90.00
_cell.angle_beta   119.49
_cell.angle_gamma   90.00
#
_symmetry.space_group_name_H-M   'C 1 2 1'
#
loop_
_entity.id
_entity.type
_entity.pdbx_description
1 polymer 'Ribonucleoside-diphosphate reductase 1 subunit alpha'
2 polymer 'Ribonucleoside-diphosphate reductase 1 subunit beta'
3 non-polymer "GUANOSINE-5'-DIPHOSPHATE"
4 non-polymer "2'-DEOXYADENOSINE-5'-DIPHOSPHATE"
5 non-polymer 'MAGNESIUM ION'
6 non-polymer "THYMIDINE-5'-TRIPHOSPHATE"
7 non-polymer MU-OXO-DIIRON
8 water water
#
loop_
_entity_poly.entity_id
_entity_poly.type
_entity_poly.pdbx_seq_one_letter_code
_entity_poly.pdbx_strand_id
1 'polypeptide(L)'
;MNQNLLVTKRDGSTERINLDKIHRVLDWAAEGLHNVSISQVELRSHIQFYDGIKTSDIHETIIKAAADLISRDAPDYQYL
AARLAIFHLRKKAYGQFEPPALYDHVVKMVEMGKYDNHLLEDYTEEEFKQMDTFIDHDRDMTFSYAAVKQLEGKYLVQNR
VTGEIYESAQFLYILVAACLFSNYPRETRLQYVKRFYDAVSTFKISLPTPIMSGVRTPTRQFSSCVLIECGDSLDSINAT
SSAIVKYVSQRAGIGINAGRIRALGSPIRGGEAFHTGCIPFYKHFQTAVKSCSQGGVRGGAATLFYPMWHLEVESLLVLK
NNRGVEGNRVRHMDYGVQINKLMYTRLLKGEDITLFSPSDVPGLYDAFFADQEEFERLYTKYEKDDSIRKQRVKAVELFS
LMMQERASTGRIYIQNVDHCNTHSPFDPAIAPVRQSNLCLEIALPTKPLNDVNDENGEIALCTLSAFNLGAINNLDELEE
LAILAVRALDALLDYQDYPIPAAKRGAMGRRTLGIGVINFAYYLAKHGKRYSDGSANNLTHKTFEAIQYYLLKASNELAK
EQGACPWFNETTYAKGILPIDTYKKDLDTIANEPLHYDWEALRESIKTHGLRNSTLSALMPSETSSQISNATNGIEPPRG
YVSIKASKDGILRQVVPDYEHLHDAYELLWEMPGNDGYLQLVGIMQKFIDQSISANTNYDPSRFPSGKVPMQQLLKDLLT
AYKFGVKTLYYQNTRDGAEDAQDDLVPSIQDDGCESGACKI
;
A,B,C,D
2 'polypeptide(L)'
;AYTTFSQTKNDQLKEPMFFGQPVNVARYDQQKYDIFEKLIEKQLSFFWRPEEVDVSRDRIDYQALPEHEKHIFISNLKYQ
TLLDSIQGRSPNVALLPLISIPELETWVETWAFSETIHSRSYTHIIRNIVNDPSVVFDDIVTNEQIQKRAEGISSYYDEL
IEMTSYWHLLGEGTHTVNGKTVTVSLRELKKKLYLCLMSVNALEAIRFYVSFACSFAFAERELMEGNAKIIRLIARDEAL
HLTGTQHMLNLLRSGADDPEMAEIAEECKQECYDLFVQAAQQEKDWADYLFRDGSMIGLNKDILCQYVEYITNIRMQAVG
LDLPFQTRSNPIPWINTWLVSDNVQVAPQEVEVSSYLVGQIDSEVDTDDLSNFQL
;
E,F,G,H
#
# COMPACT_ATOMS: atom_id res chain seq x y z
N MET A 1 -44.15 39.73 -13.52
CA MET A 1 -42.85 40.42 -13.56
C MET A 1 -42.36 40.60 -15.00
N ASN A 2 -43.19 41.26 -15.81
CA ASN A 2 -42.82 41.55 -17.19
C ASN A 2 -41.74 42.63 -17.23
N GLN A 3 -40.65 42.38 -17.97
CA GLN A 3 -39.56 43.32 -18.06
C GLN A 3 -39.70 44.30 -19.23
N ASN A 4 -40.47 43.94 -20.26
CA ASN A 4 -40.60 44.72 -21.49
C ASN A 4 -39.24 44.98 -22.12
N LEU A 5 -38.70 43.97 -22.79
CA LEU A 5 -37.37 44.02 -23.37
C LEU A 5 -37.38 44.72 -24.73
N LEU A 6 -36.22 45.22 -25.13
CA LEU A 6 -36.07 45.93 -26.40
C LEU A 6 -35.16 45.15 -27.35
N VAL A 7 -35.49 45.20 -28.63
CA VAL A 7 -34.66 44.65 -29.71
C VAL A 7 -34.16 45.80 -30.57
N THR A 8 -32.98 45.62 -31.15
CA THR A 8 -32.37 46.62 -32.02
C THR A 8 -32.61 46.25 -33.48
N LYS A 9 -33.40 47.07 -34.17
CA LYS A 9 -33.70 46.82 -35.58
C LYS A 9 -32.47 47.07 -36.44
N ARG A 10 -32.58 46.77 -37.74
CA ARG A 10 -31.45 46.94 -38.64
C ARG A 10 -31.03 48.40 -38.78
N ASP A 11 -31.98 49.34 -38.67
CA ASP A 11 -31.67 50.76 -38.82
C ASP A 11 -31.28 51.40 -37.48
N GLY A 12 -30.84 50.61 -36.51
CA GLY A 12 -30.40 51.13 -35.23
C GLY A 12 -31.49 51.40 -34.23
N SER A 13 -32.73 51.62 -34.68
CA SER A 13 -33.83 51.94 -33.78
C SER A 13 -34.22 50.73 -32.93
N THR A 14 -34.99 50.99 -31.87
CA THR A 14 -35.41 49.96 -30.94
C THR A 14 -36.93 49.97 -30.80
N GLU A 15 -37.49 48.79 -30.51
CA GLU A 15 -38.92 48.64 -30.25
C GLU A 15 -39.12 47.46 -29.30
N ARG A 16 -40.35 47.31 -28.81
CA ARG A 16 -40.66 46.17 -27.95
C ARG A 16 -40.46 44.86 -28.71
N ILE A 17 -39.92 43.87 -28.01
CA ILE A 17 -39.77 42.55 -28.60
C ILE A 17 -41.14 42.01 -28.96
N ASN A 18 -41.28 41.52 -30.19
CA ASN A 18 -42.56 41.01 -30.68
C ASN A 18 -42.29 39.70 -31.42
N LEU A 19 -42.66 38.58 -30.79
CA LEU A 19 -42.36 37.27 -31.36
C LEU A 19 -43.13 37.00 -32.65
N ASP A 20 -44.23 37.72 -32.90
CA ASP A 20 -44.99 37.48 -34.12
C ASP A 20 -44.17 37.83 -35.36
N LYS A 21 -43.19 38.72 -35.23
CA LYS A 21 -42.28 39.00 -36.34
C LYS A 21 -41.50 37.74 -36.71
N ILE A 22 -41.05 36.97 -35.71
CA ILE A 22 -40.32 35.74 -35.98
C ILE A 22 -41.26 34.70 -36.56
N HIS A 23 -42.50 34.64 -36.03
CA HIS A 23 -43.48 33.70 -36.54
C HIS A 23 -43.73 33.91 -38.03
N ARG A 24 -43.95 35.17 -38.42
CA ARG A 24 -44.28 35.47 -39.81
C ARG A 24 -43.14 35.12 -40.76
N VAL A 25 -41.90 35.46 -40.37
CA VAL A 25 -40.75 35.17 -41.23
C VAL A 25 -40.63 33.67 -41.46
N LEU A 26 -40.72 32.87 -40.41
CA LEU A 26 -40.60 31.42 -40.57
C LEU A 26 -41.78 30.85 -41.35
N ASP A 27 -43.00 31.29 -41.06
CA ASP A 27 -44.16 30.84 -41.81
C ASP A 27 -44.01 31.17 -43.30
N TRP A 28 -43.42 32.32 -43.61
CA TRP A 28 -43.18 32.68 -45.00
C TRP A 28 -42.21 31.69 -45.65
N ALA A 29 -41.11 31.38 -44.96
CA ALA A 29 -40.09 30.52 -45.54
C ALA A 29 -40.52 29.07 -45.65
N ALA A 30 -41.41 28.62 -44.77
CA ALA A 30 -41.85 27.23 -44.78
C ALA A 30 -43.06 26.99 -45.68
N GLU A 31 -43.57 28.04 -46.32
CA GLU A 31 -44.75 27.91 -47.17
C GLU A 31 -44.50 26.94 -48.31
N GLY A 32 -45.43 26.01 -48.52
CA GLY A 32 -45.32 25.04 -49.57
C GLY A 32 -44.40 23.87 -49.27
N LEU A 33 -43.59 23.95 -48.22
CA LEU A 33 -42.68 22.87 -47.88
C LEU A 33 -43.42 21.76 -47.11
N HIS A 34 -42.87 20.55 -47.19
CA HIS A 34 -43.45 19.38 -46.54
C HIS A 34 -42.58 18.95 -45.37
N ASN A 35 -43.24 18.55 -44.29
CA ASN A 35 -42.59 17.92 -43.13
C ASN A 35 -41.61 18.86 -42.44
N VAL A 36 -41.91 20.15 -42.44
CA VAL A 36 -41.14 21.13 -41.67
C VAL A 36 -42.00 21.62 -40.51
N SER A 37 -41.36 22.31 -39.57
CA SER A 37 -42.04 22.75 -38.35
C SER A 37 -41.49 24.10 -37.91
N ILE A 38 -42.33 25.13 -37.97
CA ILE A 38 -41.98 26.43 -37.41
C ILE A 38 -41.61 26.29 -35.94
N SER A 39 -42.41 25.52 -35.19
CA SER A 39 -42.13 25.34 -33.77
C SER A 39 -40.75 24.74 -33.54
N GLN A 40 -40.37 23.75 -34.35
CA GLN A 40 -39.07 23.11 -34.19
C GLN A 40 -37.94 24.12 -34.35
N VAL A 41 -38.02 24.97 -35.37
CA VAL A 41 -36.97 25.95 -35.63
C VAL A 41 -36.82 26.91 -34.47
N GLU A 42 -37.94 27.39 -33.91
CA GLU A 42 -37.87 28.35 -32.83
C GLU A 42 -37.28 27.73 -31.56
N LEU A 43 -37.69 26.51 -31.22
CA LEU A 43 -37.22 25.90 -29.98
C LEU A 43 -35.77 25.45 -30.09
N ARG A 44 -35.37 24.96 -31.27
CA ARG A 44 -33.99 24.55 -31.49
C ARG A 44 -33.05 25.73 -31.68
N SER A 45 -33.58 26.93 -31.87
CA SER A 45 -32.72 28.11 -31.94
C SER A 45 -32.08 28.41 -30.59
N HIS A 46 -32.75 28.05 -29.49
CA HIS A 46 -32.30 28.37 -28.13
C HIS A 46 -31.92 29.84 -28.03
N ILE A 47 -32.73 30.69 -28.65
CA ILE A 47 -32.41 32.10 -28.82
C ILE A 47 -32.48 32.79 -27.46
N GLN A 48 -31.37 33.41 -27.06
CA GLN A 48 -31.24 34.07 -25.76
C GLN A 48 -31.58 35.55 -25.92
N PHE A 49 -32.74 35.95 -25.39
CA PHE A 49 -33.18 37.33 -25.50
C PHE A 49 -32.55 38.20 -24.42
N TYR A 50 -31.92 39.30 -24.84
CA TYR A 50 -31.44 40.32 -23.93
C TYR A 50 -31.92 41.68 -24.43
N ASP A 51 -32.09 42.62 -23.51
CA ASP A 51 -32.57 43.95 -23.88
C ASP A 51 -31.56 44.63 -24.79
N GLY A 52 -32.00 45.02 -25.98
CA GLY A 52 -31.12 45.62 -26.96
C GLY A 52 -30.54 44.65 -27.95
N ILE A 53 -31.11 43.45 -28.08
CA ILE A 53 -30.56 42.42 -28.96
C ILE A 53 -30.70 42.84 -30.41
N LYS A 54 -29.63 42.67 -31.18
CA LYS A 54 -29.66 43.00 -32.60
C LYS A 54 -30.65 42.09 -33.33
N THR A 55 -31.44 42.69 -34.23
CA THR A 55 -32.39 41.91 -35.01
C THR A 55 -31.68 41.03 -36.03
N SER A 56 -30.45 41.38 -36.42
CA SER A 56 -29.70 40.56 -37.36
C SER A 56 -29.15 39.31 -36.68
N ASP A 57 -28.75 39.43 -35.41
CA ASP A 57 -28.31 38.26 -34.66
C ASP A 57 -29.45 37.28 -34.44
N ILE A 58 -30.67 37.80 -34.23
CA ILE A 58 -31.83 36.95 -34.10
C ILE A 58 -32.04 36.15 -35.39
N HIS A 59 -32.00 36.84 -36.54
CA HIS A 59 -32.28 36.16 -37.80
C HIS A 59 -31.16 35.18 -38.16
N GLU A 60 -29.91 35.56 -37.92
CA GLU A 60 -28.80 34.68 -38.25
C GLU A 60 -28.82 33.41 -37.41
N THR A 61 -29.39 33.48 -36.20
CA THR A 61 -29.48 32.30 -35.36
C THR A 61 -30.51 31.32 -35.87
N ILE A 62 -31.69 31.81 -36.29
CA ILE A 62 -32.73 30.92 -36.77
C ILE A 62 -32.36 30.35 -38.13
N ILE A 63 -31.45 30.99 -38.87
CA ILE A 63 -30.94 30.39 -40.09
C ILE A 63 -30.13 29.14 -39.75
N LYS A 64 -29.16 29.27 -38.84
CA LYS A 64 -28.38 28.13 -38.39
C LYS A 64 -29.29 27.03 -37.82
N ALA A 65 -30.34 27.43 -37.10
CA ALA A 65 -31.25 26.46 -36.50
C ALA A 65 -31.99 25.65 -37.56
N ALA A 66 -32.58 26.33 -38.53
CA ALA A 66 -33.27 25.62 -39.60
C ALA A 66 -32.30 24.86 -40.49
N ALA A 67 -31.06 25.35 -40.62
CA ALA A 67 -30.07 24.66 -41.42
C ALA A 67 -29.67 23.33 -40.81
N ASP A 68 -29.63 23.25 -39.48
CA ASP A 68 -29.23 22.03 -38.80
C ASP A 68 -30.33 20.98 -38.78
N LEU A 69 -31.55 21.34 -39.18
CA LEU A 69 -32.66 20.40 -39.26
C LEU A 69 -32.76 19.72 -40.63
N ILE A 70 -31.89 20.08 -41.57
CA ILE A 70 -31.86 19.42 -42.86
C ILE A 70 -31.53 17.95 -42.63
N SER A 71 -32.46 17.07 -42.99
CA SER A 71 -32.27 15.64 -42.73
C SER A 71 -32.91 14.83 -43.84
N ARG A 72 -32.70 13.52 -43.77
CA ARG A 72 -33.35 12.61 -44.72
C ARG A 72 -34.85 12.61 -44.56
N ASP A 73 -35.34 12.62 -43.31
CA ASP A 73 -36.78 12.59 -43.06
C ASP A 73 -37.44 13.92 -43.41
N ALA A 74 -36.72 15.02 -43.25
CA ALA A 74 -37.24 16.36 -43.55
C ALA A 74 -36.27 17.06 -44.49
N PRO A 75 -36.26 16.67 -45.77
CA PRO A 75 -35.30 17.27 -46.71
C PRO A 75 -35.67 18.68 -47.11
N ASP A 76 -36.95 19.08 -47.04
CA ASP A 76 -37.36 20.40 -47.49
C ASP A 76 -36.82 21.52 -46.63
N TYR A 77 -36.14 21.21 -45.52
CA TYR A 77 -35.47 22.24 -44.74
C TYR A 77 -34.35 22.90 -45.52
N GLN A 78 -33.84 22.24 -46.57
CA GLN A 78 -32.83 22.86 -47.41
C GLN A 78 -33.36 24.12 -48.06
N TYR A 79 -34.68 24.18 -48.29
CA TYR A 79 -35.31 25.34 -48.88
C TYR A 79 -35.81 26.32 -47.83
N LEU A 80 -36.20 25.83 -46.66
CA LEU A 80 -36.57 26.74 -45.57
C LEU A 80 -35.39 27.60 -45.15
N ALA A 81 -34.24 26.95 -44.89
CA ALA A 81 -33.06 27.70 -44.48
C ALA A 81 -32.53 28.56 -45.61
N ALA A 82 -32.73 28.15 -46.86
CA ALA A 82 -32.28 28.97 -47.98
C ALA A 82 -33.09 30.26 -48.09
N ARG A 83 -34.42 30.15 -47.97
CA ARG A 83 -35.26 31.33 -48.07
C ARG A 83 -34.99 32.30 -46.93
N LEU A 84 -34.69 31.78 -45.74
CA LEU A 84 -34.30 32.66 -44.64
C LEU A 84 -32.99 33.37 -44.94
N ALA A 85 -32.07 32.67 -45.61
CA ALA A 85 -30.76 33.26 -45.92
C ALA A 85 -30.84 34.22 -47.11
N ILE A 86 -31.61 33.89 -48.14
CA ILE A 86 -31.82 34.85 -49.23
C ILE A 86 -32.45 36.12 -48.69
N PHE A 87 -33.46 35.98 -47.83
CA PHE A 87 -34.07 37.13 -47.17
C PHE A 87 -33.04 37.92 -46.39
N HIS A 88 -32.14 37.24 -45.68
CA HIS A 88 -31.11 37.91 -44.92
C HIS A 88 -30.16 38.69 -45.82
N LEU A 89 -29.79 38.10 -46.97
CA LEU A 89 -28.85 38.76 -47.86
C LEU A 89 -29.47 39.96 -48.58
N ARG A 90 -30.79 39.94 -48.79
CA ARG A 90 -31.44 41.10 -49.38
C ARG A 90 -31.32 42.32 -48.46
N LYS A 91 -31.59 42.12 -47.17
CA LYS A 91 -31.50 43.23 -46.23
C LYS A 91 -30.05 43.71 -46.08
N LYS A 92 -29.11 42.77 -46.03
CA LYS A 92 -27.70 43.13 -45.84
C LYS A 92 -27.20 44.04 -46.95
N ALA A 93 -27.71 43.86 -48.17
CA ALA A 93 -27.21 44.61 -49.31
C ALA A 93 -28.10 45.79 -49.70
N TYR A 94 -29.40 45.72 -49.44
CA TYR A 94 -30.34 46.72 -49.93
C TYR A 94 -31.12 47.44 -48.85
N GLY A 95 -31.17 46.92 -47.63
CA GLY A 95 -32.00 47.50 -46.59
C GLY A 95 -33.46 47.13 -46.69
N GLN A 96 -33.86 46.43 -47.75
CA GLN A 96 -35.22 45.97 -47.93
C GLN A 96 -35.16 44.61 -48.60
N PHE A 97 -36.32 44.08 -48.99
CA PHE A 97 -36.33 42.83 -49.73
C PHE A 97 -36.23 43.06 -51.23
N GLU A 98 -37.03 43.97 -51.76
CA GLU A 98 -37.07 44.20 -53.21
C GLU A 98 -35.77 44.82 -53.69
N PRO A 99 -35.11 44.24 -54.71
CA PRO A 99 -33.85 44.80 -55.16
C PRO A 99 -34.09 46.04 -55.99
N PRO A 100 -33.12 46.96 -56.06
CA PRO A 100 -33.29 48.15 -56.88
C PRO A 100 -33.25 47.83 -58.37
N ALA A 101 -33.38 48.86 -59.21
CA ALA A 101 -33.25 48.66 -60.64
C ALA A 101 -31.82 48.27 -61.01
N LEU A 102 -31.69 47.54 -62.12
CA LEU A 102 -30.37 47.09 -62.57
C LEU A 102 -29.45 48.27 -62.84
N TYR A 103 -29.99 49.34 -63.45
CA TYR A 103 -29.16 50.49 -63.76
C TYR A 103 -28.76 51.24 -62.49
N ASP A 104 -29.73 51.52 -61.62
CA ASP A 104 -29.44 52.26 -60.38
C ASP A 104 -28.36 51.56 -59.56
N HIS A 105 -28.37 50.22 -59.54
CA HIS A 105 -27.40 49.49 -58.74
C HIS A 105 -25.99 49.60 -59.34
N VAL A 106 -25.87 49.39 -60.65
CA VAL A 106 -24.56 49.44 -61.30
C VAL A 106 -23.92 50.81 -61.13
N VAL A 107 -24.73 51.87 -61.22
CA VAL A 107 -24.20 53.23 -61.05
C VAL A 107 -23.58 53.40 -59.67
N LYS A 108 -24.30 52.99 -58.62
CA LYS A 108 -23.80 53.14 -57.26
C LYS A 108 -22.55 52.30 -57.03
N MET A 109 -22.50 51.10 -57.60
CA MET A 109 -21.39 50.18 -57.32
C MET A 109 -20.11 50.60 -58.03
N VAL A 110 -20.22 51.06 -59.28
CA VAL A 110 -19.03 51.54 -59.99
C VAL A 110 -18.45 52.76 -59.27
N GLU A 111 -19.32 53.61 -58.72
CA GLU A 111 -18.85 54.77 -57.97
C GLU A 111 -18.07 54.37 -56.73
N MET A 112 -18.48 53.27 -56.08
CA MET A 112 -17.80 52.78 -54.89
C MET A 112 -16.58 51.93 -55.22
N GLY A 113 -16.28 51.71 -56.50
CA GLY A 113 -15.15 50.90 -56.90
C GLY A 113 -15.36 49.42 -56.76
N LYS A 114 -16.59 48.97 -56.54
CA LYS A 114 -16.86 47.55 -56.38
C LYS A 114 -17.11 46.86 -57.72
N TYR A 115 -17.62 47.58 -58.70
CA TYR A 115 -17.77 47.07 -60.07
C TYR A 115 -16.72 47.69 -60.97
N ASP A 116 -16.45 47.01 -62.08
CA ASP A 116 -15.50 47.53 -63.05
C ASP A 116 -16.07 48.76 -63.73
N ASN A 117 -15.18 49.70 -64.07
CA ASN A 117 -15.60 50.98 -64.64
C ASN A 117 -16.24 50.80 -66.01
N HIS A 118 -15.84 49.76 -66.76
CA HIS A 118 -16.25 49.61 -68.15
C HIS A 118 -17.73 49.30 -68.31
N LEU A 119 -18.40 48.79 -67.26
CA LEU A 119 -19.80 48.44 -67.40
C LEU A 119 -20.64 49.64 -67.81
N LEU A 120 -20.34 50.81 -67.25
CA LEU A 120 -21.06 52.03 -67.61
C LEU A 120 -20.63 52.58 -68.97
N GLU A 121 -19.44 52.21 -69.46
CA GLU A 121 -18.97 52.74 -70.73
C GLU A 121 -19.51 51.93 -71.91
N ASP A 122 -19.57 50.61 -71.77
CA ASP A 122 -19.96 49.74 -72.87
C ASP A 122 -21.47 49.53 -72.99
N TYR A 123 -22.25 49.93 -71.99
CA TYR A 123 -23.70 49.79 -72.01
C TYR A 123 -24.35 51.13 -71.68
N THR A 124 -25.43 51.43 -72.39
CA THR A 124 -26.22 52.63 -72.16
C THR A 124 -27.27 52.39 -71.09
N GLU A 125 -27.84 53.48 -70.57
CA GLU A 125 -28.92 53.35 -69.60
C GLU A 125 -30.14 52.67 -70.21
N GLU A 126 -30.37 52.89 -71.51
CA GLU A 126 -31.48 52.22 -72.17
C GLU A 126 -31.24 50.71 -72.26
N GLU A 127 -29.98 50.31 -72.42
CA GLU A 127 -29.65 48.88 -72.45
C GLU A 127 -29.70 48.26 -71.06
N PHE A 128 -29.30 49.01 -70.03
CA PHE A 128 -29.35 48.49 -68.67
C PHE A 128 -30.79 48.23 -68.24
N LYS A 129 -31.69 49.18 -68.49
CA LYS A 129 -33.10 48.96 -68.15
C LYS A 129 -33.69 47.82 -68.98
N GLN A 130 -33.11 47.56 -70.15
CA GLN A 130 -33.60 46.46 -71.00
C GLN A 130 -33.13 45.10 -70.48
N MET A 131 -31.95 45.05 -69.87
CA MET A 131 -31.50 43.82 -69.23
C MET A 131 -32.21 43.58 -67.91
N ASP A 132 -32.72 44.63 -67.28
CA ASP A 132 -33.49 44.47 -66.04
C ASP A 132 -34.75 43.65 -66.28
N THR A 133 -35.29 43.67 -67.50
CA THR A 133 -36.44 42.84 -67.80
C THR A 133 -36.06 41.38 -67.96
N PHE A 134 -34.78 41.11 -68.28
CA PHE A 134 -34.32 39.71 -68.30
C PHE A 134 -34.31 39.12 -66.90
N ILE A 135 -33.95 39.93 -65.90
CA ILE A 135 -33.74 39.42 -64.55
C ILE A 135 -35.03 38.88 -63.97
N ASP A 136 -34.96 37.70 -63.37
CA ASP A 136 -36.05 37.11 -62.60
C ASP A 136 -35.54 36.94 -61.17
N HIS A 137 -35.81 37.93 -60.33
CA HIS A 137 -35.34 37.86 -58.95
C HIS A 137 -35.99 36.72 -58.17
N ASP A 138 -37.09 36.15 -58.67
CA ASP A 138 -37.69 35.01 -58.01
C ASP A 138 -36.87 33.73 -58.19
N ARG A 139 -35.88 33.73 -59.09
CA ARG A 139 -35.01 32.58 -59.23
C ARG A 139 -34.08 32.42 -58.02
N ASP A 140 -33.96 33.45 -57.18
CA ASP A 140 -33.28 33.31 -55.90
C ASP A 140 -33.99 32.33 -54.98
N MET A 141 -35.24 31.97 -55.30
CA MET A 141 -36.01 31.03 -54.51
C MET A 141 -35.84 29.59 -54.96
N THR A 142 -34.83 29.33 -55.79
CA THR A 142 -34.54 27.97 -56.24
C THR A 142 -33.19 27.46 -55.73
N PHE A 143 -32.47 28.27 -54.96
CA PHE A 143 -31.24 27.79 -54.37
C PHE A 143 -31.56 26.94 -53.14
N SER A 144 -30.63 26.04 -52.81
CA SER A 144 -30.65 25.34 -51.54
C SER A 144 -29.77 26.09 -50.54
N TYR A 145 -29.84 25.66 -49.27
CA TYR A 145 -29.10 26.39 -48.23
C TYR A 145 -27.60 26.36 -48.49
N ALA A 146 -27.06 25.19 -48.87
CA ALA A 146 -25.65 25.13 -49.20
C ALA A 146 -25.30 26.10 -50.33
N ALA A 147 -26.16 26.21 -51.33
CA ALA A 147 -25.93 27.13 -52.44
C ALA A 147 -25.86 28.57 -51.95
N VAL A 148 -26.79 28.98 -51.09
CA VAL A 148 -26.82 30.36 -50.65
C VAL A 148 -25.60 30.69 -49.80
N LYS A 149 -25.17 29.74 -48.96
CA LYS A 149 -24.01 30.01 -48.11
C LYS A 149 -22.73 30.13 -48.93
N GLN A 150 -22.64 29.44 -50.06
CA GLN A 150 -21.48 29.65 -50.94
C GLN A 150 -21.57 31.01 -51.60
N LEU A 151 -22.77 31.43 -51.97
CA LEU A 151 -22.96 32.78 -52.51
C LEU A 151 -22.56 33.83 -51.49
N GLU A 152 -23.08 33.72 -50.26
CA GLU A 152 -22.75 34.69 -49.22
C GLU A 152 -21.27 34.62 -48.86
N GLY A 153 -20.70 33.41 -48.80
CA GLY A 153 -19.34 33.26 -48.33
C GLY A 153 -18.28 33.55 -49.37
N LYS A 154 -18.56 33.26 -50.63
CA LYS A 154 -17.49 33.30 -51.62
C LYS A 154 -17.78 34.17 -52.84
N TYR A 155 -19.00 34.11 -53.38
CA TYR A 155 -19.24 34.62 -54.73
C TYR A 155 -19.74 36.06 -54.75
N LEU A 156 -20.76 36.38 -53.94
CA LEU A 156 -21.31 37.73 -53.95
C LEU A 156 -20.26 38.76 -53.60
N VAL A 157 -20.26 39.88 -54.34
CA VAL A 157 -19.30 40.95 -54.10
C VAL A 157 -19.49 41.47 -52.68
N GLN A 158 -18.40 41.49 -51.92
CA GLN A 158 -18.48 41.84 -50.51
C GLN A 158 -17.16 42.47 -50.08
N ASN A 159 -17.10 42.83 -48.81
CA ASN A 159 -15.92 43.41 -48.19
C ASN A 159 -15.33 42.37 -47.24
N ARG A 160 -14.08 41.99 -47.49
CA ARG A 160 -13.45 40.93 -46.69
C ARG A 160 -12.93 41.42 -45.36
N VAL A 161 -13.01 42.73 -45.09
CA VAL A 161 -12.68 43.28 -43.78
C VAL A 161 -13.94 43.68 -43.02
N THR A 162 -14.93 44.23 -43.73
CA THR A 162 -16.18 44.64 -43.10
C THR A 162 -17.15 43.47 -42.96
N GLY A 163 -17.24 42.63 -43.97
CA GLY A 163 -18.28 41.63 -44.04
C GLY A 163 -19.54 42.13 -44.72
N GLU A 164 -19.47 43.30 -45.37
CA GLU A 164 -20.64 43.93 -45.93
C GLU A 164 -20.96 43.32 -47.29
N ILE A 165 -22.16 42.76 -47.42
CA ILE A 165 -22.62 42.16 -48.67
C ILE A 165 -23.23 43.25 -49.53
N TYR A 166 -22.85 43.28 -50.81
CA TYR A 166 -23.19 44.40 -51.68
C TYR A 166 -24.23 44.10 -52.75
N GLU A 167 -24.41 42.84 -53.15
CA GLU A 167 -25.24 42.52 -54.31
C GLU A 167 -26.19 41.37 -54.00
N SER A 168 -27.06 41.10 -54.97
CA SER A 168 -27.99 39.98 -54.96
C SER A 168 -27.45 38.88 -55.86
N ALA A 169 -28.15 37.73 -55.86
CA ALA A 169 -27.70 36.60 -56.66
C ALA A 169 -27.96 36.82 -58.14
N GLN A 170 -29.14 37.36 -58.49
CA GLN A 170 -29.47 37.58 -59.88
C GLN A 170 -28.70 38.73 -60.50
N PHE A 171 -28.20 39.66 -59.69
CA PHE A 171 -27.31 40.70 -60.21
C PHE A 171 -25.97 40.11 -60.62
N LEU A 172 -25.44 39.19 -59.81
CA LEU A 172 -24.22 38.48 -60.17
C LEU A 172 -24.36 37.81 -61.53
N TYR A 173 -25.45 37.06 -61.72
CA TYR A 173 -25.66 36.33 -62.98
C TYR A 173 -25.74 37.27 -64.17
N ILE A 174 -26.59 38.30 -64.07
CA ILE A 174 -26.83 39.16 -65.23
C ILE A 174 -25.58 39.97 -65.58
N LEU A 175 -24.73 40.27 -64.60
CA LEU A 175 -23.54 41.05 -64.88
C LEU A 175 -22.38 40.19 -65.38
N VAL A 176 -22.31 38.93 -64.96
CA VAL A 176 -21.35 38.01 -65.56
C VAL A 176 -21.66 37.81 -67.04
N ALA A 177 -22.95 37.77 -67.39
CA ALA A 177 -23.33 37.70 -68.80
C ALA A 177 -23.03 39.01 -69.51
N ALA A 178 -23.31 40.15 -68.85
CA ALA A 178 -23.09 41.44 -69.48
C ALA A 178 -21.61 41.67 -69.78
N CYS A 179 -20.75 41.41 -68.79
CA CYS A 179 -19.32 41.67 -68.97
C CYS A 179 -18.72 40.78 -70.05
N LEU A 180 -19.11 39.50 -70.09
CA LEU A 180 -18.47 38.57 -71.01
C LEU A 180 -18.83 38.88 -72.46
N PHE A 181 -20.08 39.24 -72.74
CA PHE A 181 -20.49 39.59 -74.09
C PHE A 181 -20.48 41.09 -74.33
N SER A 182 -19.74 41.84 -73.52
CA SER A 182 -19.75 43.30 -73.65
C SER A 182 -19.06 43.76 -74.93
N ASN A 183 -18.18 42.93 -75.50
CA ASN A 183 -17.45 43.27 -76.70
C ASN A 183 -18.13 42.75 -77.97
N TYR A 184 -19.27 42.07 -77.83
CA TYR A 184 -19.98 41.57 -78.98
C TYR A 184 -20.65 42.72 -79.74
N PRO A 185 -20.87 42.54 -81.04
CA PRO A 185 -21.60 43.56 -81.81
C PRO A 185 -23.01 43.76 -81.25
N ARG A 186 -23.49 45.00 -81.31
CA ARG A 186 -24.76 45.35 -80.69
C ARG A 186 -25.95 44.63 -81.32
N GLU A 187 -25.82 44.15 -82.56
CA GLU A 187 -26.95 43.47 -83.19
C GLU A 187 -27.25 42.13 -82.56
N THR A 188 -26.25 41.51 -81.91
CA THR A 188 -26.43 40.21 -81.29
C THR A 188 -26.03 40.21 -79.81
N ARG A 189 -25.55 41.34 -79.29
CA ARG A 189 -25.02 41.38 -77.94
C ARG A 189 -26.08 40.97 -76.92
N LEU A 190 -27.15 41.76 -76.81
CA LEU A 190 -28.18 41.48 -75.81
C LEU A 190 -28.87 40.14 -76.03
N GLN A 191 -28.89 39.63 -77.27
CA GLN A 191 -29.42 38.28 -77.49
C GLN A 191 -28.58 37.24 -76.74
N TYR A 192 -27.25 37.41 -76.75
CA TYR A 192 -26.39 36.51 -75.99
C TYR A 192 -26.49 36.81 -74.50
N VAL A 193 -26.49 38.09 -74.12
CA VAL A 193 -26.52 38.44 -72.70
C VAL A 193 -27.76 37.86 -72.03
N LYS A 194 -28.89 37.84 -72.74
CA LYS A 194 -30.09 37.21 -72.19
C LYS A 194 -29.93 35.70 -72.16
N ARG A 195 -29.49 35.12 -73.28
CA ARG A 195 -29.36 33.66 -73.35
C ARG A 195 -28.37 33.14 -72.32
N PHE A 196 -27.23 33.80 -72.16
CA PHE A 196 -26.25 33.33 -71.19
C PHE A 196 -26.73 33.52 -69.76
N TYR A 197 -27.47 34.59 -69.49
CA TYR A 197 -28.04 34.78 -68.16
C TYR A 197 -29.00 33.66 -67.81
N ASP A 198 -29.94 33.36 -68.72
CA ASP A 198 -30.89 32.29 -68.48
C ASP A 198 -30.19 30.94 -68.29
N ALA A 199 -29.11 30.71 -69.04
CA ALA A 199 -28.43 29.42 -68.96
C ALA A 199 -27.82 29.20 -67.57
N VAL A 200 -27.23 30.24 -66.98
CA VAL A 200 -26.56 30.07 -65.70
C VAL A 200 -27.50 30.24 -64.52
N SER A 201 -28.53 31.08 -64.64
CA SER A 201 -29.45 31.29 -63.53
C SER A 201 -30.51 30.19 -63.43
N THR A 202 -30.68 29.39 -64.48
CA THR A 202 -31.51 28.19 -64.41
C THR A 202 -30.66 26.93 -64.40
N PHE A 203 -29.36 27.08 -64.11
CA PHE A 203 -28.46 25.98 -63.79
C PHE A 203 -28.25 25.03 -64.97
N LYS A 204 -28.25 25.56 -66.20
CA LYS A 204 -27.84 24.77 -67.35
C LYS A 204 -26.32 24.73 -67.48
N ILE A 205 -25.66 25.85 -67.17
CA ILE A 205 -24.21 25.95 -67.22
C ILE A 205 -23.70 26.33 -65.84
N SER A 206 -22.60 25.71 -65.43
CA SER A 206 -21.98 25.98 -64.14
C SER A 206 -20.73 26.82 -64.33
N LEU A 207 -20.58 27.87 -63.50
CA LEU A 207 -19.46 28.79 -63.60
C LEU A 207 -18.52 28.63 -62.41
N PRO A 208 -17.20 28.74 -62.62
CA PRO A 208 -16.24 28.48 -61.54
C PRO A 208 -16.20 29.61 -60.54
N THR A 209 -15.51 29.34 -59.43
CA THR A 209 -15.35 30.32 -58.35
C THR A 209 -14.79 31.66 -58.82
N PRO A 210 -13.70 31.73 -59.59
CA PRO A 210 -13.20 33.05 -60.00
C PRO A 210 -14.15 33.79 -60.93
N ILE A 211 -14.90 33.07 -61.78
CA ILE A 211 -15.87 33.71 -62.66
C ILE A 211 -17.06 34.23 -61.85
N MET A 212 -17.58 33.41 -60.94
CA MET A 212 -18.71 33.83 -60.11
C MET A 212 -18.33 35.02 -59.24
N SER A 213 -17.18 34.93 -58.57
CA SER A 213 -16.76 35.96 -57.63
C SER A 213 -16.09 37.15 -58.28
N GLY A 214 -15.68 37.04 -59.55
CA GLY A 214 -14.83 38.07 -60.14
C GLY A 214 -15.38 38.87 -61.30
N VAL A 215 -16.09 38.22 -62.22
CA VAL A 215 -16.46 38.86 -63.49
C VAL A 215 -17.48 39.96 -63.25
N ARG A 216 -16.97 41.17 -62.96
CA ARG A 216 -17.69 42.45 -62.86
C ARG A 216 -16.88 43.41 -61.98
N THR A 217 -15.85 42.88 -61.32
CA THR A 217 -15.03 43.66 -60.41
C THR A 217 -13.80 44.19 -61.13
N PRO A 218 -13.17 45.24 -60.58
CA PRO A 218 -11.97 45.79 -61.23
C PRO A 218 -10.89 44.77 -61.54
N THR A 219 -10.52 43.92 -60.59
CA THR A 219 -9.42 42.98 -60.80
C THR A 219 -9.84 41.86 -61.74
N ARG A 220 -9.26 41.84 -62.95
CA ARG A 220 -9.67 40.90 -63.99
C ARG A 220 -8.69 39.74 -64.08
N GLN A 221 -8.98 38.67 -63.35
CA GLN A 221 -8.31 37.39 -63.52
C GLN A 221 -9.31 36.30 -63.16
N PHE A 222 -9.63 35.43 -64.13
CA PHE A 222 -10.72 34.49 -63.94
C PHE A 222 -10.40 33.08 -64.39
N SER A 223 -9.14 32.76 -64.68
CA SER A 223 -8.76 31.40 -65.04
C SER A 223 -8.41 30.64 -63.76
N SER A 224 -9.10 29.51 -63.53
CA SER A 224 -8.93 28.77 -62.29
C SER A 224 -7.55 28.12 -62.21
N CYS A 225 -7.02 27.67 -63.35
CA CYS A 225 -5.82 26.84 -63.38
C CYS A 225 -4.66 27.60 -64.03
N VAL A 226 -3.51 27.58 -63.36
CA VAL A 226 -2.27 28.19 -63.85
C VAL A 226 -1.17 27.16 -63.74
N LEU A 227 -0.52 26.85 -64.88
CA LEU A 227 0.54 25.86 -64.94
C LEU A 227 1.85 26.55 -65.24
N ILE A 228 2.81 26.44 -64.31
CA ILE A 228 4.13 27.03 -64.43
C ILE A 228 5.18 25.93 -64.42
N GLU A 229 6.10 25.99 -65.38
CA GLU A 229 7.22 25.06 -65.45
C GLU A 229 8.50 25.75 -64.99
N CYS A 230 9.29 25.06 -64.18
CA CYS A 230 10.49 25.62 -63.60
C CYS A 230 11.71 24.95 -64.20
N GLY A 231 12.67 25.77 -64.67
CA GLY A 231 13.94 25.27 -65.17
C GLY A 231 15.00 25.19 -64.07
N ASP A 232 16.09 24.48 -64.40
CA ASP A 232 17.13 24.18 -63.41
C ASP A 232 18.14 25.33 -63.30
N SER A 233 17.64 26.48 -62.87
CA SER A 233 18.48 27.67 -62.70
C SER A 233 17.86 28.57 -61.64
N LEU A 234 18.71 29.37 -60.99
CA LEU A 234 18.22 30.32 -59.99
C LEU A 234 17.33 31.38 -60.63
N ASP A 235 17.63 31.79 -61.87
CA ASP A 235 16.79 32.76 -62.57
C ASP A 235 15.39 32.19 -62.82
N SER A 236 15.32 30.91 -63.18
CA SER A 236 14.02 30.29 -63.44
C SER A 236 13.23 30.10 -62.14
N ILE A 237 13.90 29.66 -61.08
CA ILE A 237 13.23 29.49 -59.78
C ILE A 237 12.69 30.82 -59.29
N ASN A 238 13.48 31.90 -59.43
CA ASN A 238 13.00 33.22 -59.02
C ASN A 238 11.79 33.65 -59.83
N ALA A 239 11.83 33.44 -61.15
CA ALA A 239 10.69 33.79 -61.99
C ALA A 239 9.46 32.97 -61.62
N THR A 240 9.65 31.67 -61.38
CA THR A 240 8.55 30.80 -60.97
C THR A 240 7.90 31.31 -59.68
N SER A 241 8.72 31.63 -58.68
CA SER A 241 8.21 32.14 -57.42
C SER A 241 7.41 33.42 -57.63
N SER A 242 7.97 34.36 -58.39
CA SER A 242 7.29 35.63 -58.62
C SER A 242 5.97 35.43 -59.36
N ALA A 243 5.92 34.47 -60.29
CA ALA A 243 4.68 34.19 -61.00
C ALA A 243 3.63 33.60 -60.07
N ILE A 244 4.04 32.73 -59.15
CA ILE A 244 3.11 32.14 -58.19
C ILE A 244 2.46 33.22 -57.34
N VAL A 245 3.28 34.09 -56.75
CA VAL A 245 2.77 35.16 -55.88
C VAL A 245 1.72 35.98 -56.62
N LYS A 246 1.98 36.29 -57.89
CA LYS A 246 1.04 37.08 -58.67
C LYS A 246 -0.29 36.36 -58.84
N TYR A 247 -0.26 35.06 -59.14
CA TYR A 247 -1.48 34.35 -59.48
C TYR A 247 -2.24 33.81 -58.27
N VAL A 248 -1.59 33.56 -57.13
CA VAL A 248 -2.36 33.24 -55.94
C VAL A 248 -3.17 34.45 -55.51
N SER A 249 -2.59 35.64 -55.66
CA SER A 249 -3.28 36.87 -55.30
C SER A 249 -4.47 37.16 -56.19
N GLN A 250 -4.63 36.42 -57.29
CA GLN A 250 -5.73 36.65 -58.22
C GLN A 250 -6.46 35.34 -58.50
N ARG A 251 -6.95 34.69 -57.43
CA ARG A 251 -7.96 33.65 -57.48
C ARG A 251 -7.52 32.34 -58.13
N ALA A 252 -6.23 32.17 -58.44
CA ALA A 252 -5.84 31.05 -59.26
C ALA A 252 -5.23 29.91 -58.44
N GLY A 253 -5.30 28.70 -59.01
CA GLY A 253 -4.70 27.52 -58.42
C GLY A 253 -3.64 26.92 -59.33
N ILE A 254 -2.45 26.69 -58.77
CA ILE A 254 -1.24 26.46 -59.55
C ILE A 254 -0.88 24.99 -59.59
N GLY A 255 -0.30 24.58 -60.72
CA GLY A 255 0.44 23.33 -60.81
C GLY A 255 1.88 23.68 -61.15
N ILE A 256 2.83 23.24 -60.32
CA ILE A 256 4.23 23.60 -60.48
C ILE A 256 5.00 22.37 -60.94
N ASN A 257 5.89 22.55 -61.90
CA ASN A 257 6.76 21.48 -62.39
C ASN A 257 8.19 21.83 -62.01
N ALA A 258 8.65 21.27 -60.89
CA ALA A 258 10.02 21.44 -60.44
C ALA A 258 10.81 20.13 -60.59
N GLY A 259 10.42 19.31 -61.56
CA GLY A 259 11.12 18.07 -61.83
C GLY A 259 12.47 18.26 -62.49
N ARG A 260 12.67 19.42 -63.13
CA ARG A 260 13.94 19.72 -63.79
C ARG A 260 15.05 20.05 -62.81
N ILE A 261 14.72 20.44 -61.57
CA ILE A 261 15.74 20.81 -60.60
C ILE A 261 16.62 19.62 -60.29
N ARG A 262 17.93 19.82 -60.41
CA ARG A 262 18.89 18.75 -60.25
C ARG A 262 18.90 18.25 -58.80
N ALA A 263 19.36 17.02 -58.62
CA ALA A 263 19.23 16.34 -57.35
C ALA A 263 20.24 16.85 -56.33
N LEU A 264 19.98 16.52 -55.07
CA LEU A 264 20.88 16.88 -53.97
C LEU A 264 22.26 16.27 -54.20
N GLY A 265 23.29 17.08 -54.02
CA GLY A 265 24.66 16.63 -54.18
C GLY A 265 25.26 16.89 -55.53
N SER A 266 24.46 17.28 -56.53
CA SER A 266 24.99 17.56 -57.85
C SER A 266 25.91 18.78 -57.79
N PRO A 267 26.94 18.82 -58.65
CA PRO A 267 27.87 19.95 -58.62
C PRO A 267 27.24 21.24 -59.13
N ILE A 268 27.59 22.34 -58.47
CA ILE A 268 27.16 23.68 -58.86
C ILE A 268 28.37 24.42 -59.39
N ARG A 269 28.25 24.94 -60.61
CA ARG A 269 29.30 25.76 -61.22
C ARG A 269 30.62 24.98 -61.27
N GLY A 270 30.54 23.73 -61.74
CA GLY A 270 31.69 22.87 -61.87
C GLY A 270 32.14 22.18 -60.59
N GLY A 271 31.68 22.64 -59.44
CA GLY A 271 32.10 22.04 -58.18
C GLY A 271 32.40 23.08 -57.12
N GLU A 272 32.13 24.34 -57.44
CA GLU A 272 32.31 25.43 -56.48
C GLU A 272 31.34 25.33 -55.31
N ALA A 273 30.22 24.64 -55.47
CA ALA A 273 29.22 24.56 -54.42
C ALA A 273 28.53 23.21 -54.46
N PHE A 274 27.93 22.85 -53.32
CA PHE A 274 27.19 21.61 -53.13
C PHE A 274 25.70 21.93 -53.30
N HIS A 275 25.04 21.24 -54.23
CA HIS A 275 23.64 21.52 -54.48
C HIS A 275 22.80 21.08 -53.30
N THR A 276 22.09 22.03 -52.68
CA THR A 276 21.38 21.76 -51.45
C THR A 276 20.19 20.84 -51.65
N GLY A 277 19.71 20.69 -52.89
CA GLY A 277 18.64 19.76 -53.19
C GLY A 277 17.35 20.48 -53.57
N CYS A 278 16.33 19.67 -53.81
CA CYS A 278 15.02 20.19 -54.21
C CYS A 278 14.26 20.76 -53.02
N ILE A 279 14.38 20.11 -51.86
CA ILE A 279 13.53 20.47 -50.72
C ILE A 279 13.64 21.94 -50.32
N PRO A 280 14.84 22.53 -50.22
CA PRO A 280 14.91 23.97 -49.89
C PRO A 280 14.22 24.87 -50.89
N PHE A 281 14.06 24.43 -52.14
CA PHE A 281 13.33 25.21 -53.13
C PHE A 281 11.83 24.94 -53.08
N TYR A 282 11.43 23.69 -52.80
CA TYR A 282 10.02 23.42 -52.59
C TYR A 282 9.47 24.24 -51.43
N LYS A 283 10.25 24.35 -50.34
CA LYS A 283 9.85 25.20 -49.23
C LYS A 283 9.67 26.64 -49.69
N HIS A 284 10.50 27.11 -50.61
CA HIS A 284 10.34 28.46 -51.13
C HIS A 284 9.06 28.57 -51.96
N PHE A 285 8.74 27.52 -52.72
CA PHE A 285 7.49 27.51 -53.45
C PHE A 285 6.29 27.49 -52.52
N GLN A 286 6.41 26.81 -51.37
CA GLN A 286 5.27 26.71 -50.47
C GLN A 286 4.94 28.07 -49.85
N THR A 287 5.95 28.79 -49.36
CA THR A 287 5.69 30.09 -48.77
C THR A 287 5.15 31.07 -49.81
N ALA A 288 5.52 30.89 -51.08
CA ALA A 288 4.95 31.72 -52.13
C ALA A 288 3.46 31.48 -52.30
N VAL A 289 3.02 30.22 -52.22
CA VAL A 289 1.63 29.89 -52.45
C VAL A 289 0.75 30.38 -51.31
N LYS A 290 1.21 30.23 -50.07
CA LYS A 290 0.45 30.61 -48.89
C LYS A 290 0.76 32.04 -48.45
N SER A 291 1.35 32.85 -49.33
CA SER A 291 1.85 34.16 -48.92
C SER A 291 0.75 35.19 -48.75
N CYS A 292 -0.35 35.11 -49.51
CA CYS A 292 -1.20 36.29 -49.60
C CYS A 292 -2.68 36.02 -49.87
N SER A 293 -3.02 34.83 -50.35
CA SER A 293 -4.38 34.58 -50.83
C SER A 293 -5.34 34.07 -49.76
N GLN A 294 -4.88 33.95 -48.51
CA GLN A 294 -5.76 33.47 -47.45
C GLN A 294 -6.82 34.49 -47.05
N GLY A 295 -6.69 35.74 -47.48
CA GLY A 295 -7.69 36.74 -47.18
C GLY A 295 -8.77 36.88 -48.24
N GLY A 296 -8.47 36.42 -49.44
CA GLY A 296 -9.42 36.49 -50.53
C GLY A 296 -10.51 35.46 -50.41
N VAL A 297 -11.10 35.10 -51.56
CA VAL A 297 -12.18 34.12 -51.60
C VAL A 297 -11.73 32.80 -50.99
N ARG A 298 -10.57 32.31 -51.44
CA ARG A 298 -10.01 31.05 -51.01
C ARG A 298 -8.50 31.18 -50.96
N GLY A 299 -7.88 30.38 -50.09
CA GLY A 299 -6.43 30.39 -50.01
C GLY A 299 -5.78 29.85 -51.26
N GLY A 300 -4.48 30.16 -51.39
CA GLY A 300 -3.71 29.62 -52.50
C GLY A 300 -3.35 28.15 -52.26
N ALA A 301 -3.46 27.35 -53.31
CA ALA A 301 -3.10 25.94 -53.25
C ALA A 301 -2.36 25.56 -54.51
N ALA A 302 -1.40 24.66 -54.38
CA ALA A 302 -0.59 24.24 -55.52
C ALA A 302 -0.24 22.76 -55.40
N THR A 303 -0.06 22.12 -56.55
CA THR A 303 0.45 20.76 -56.65
C THR A 303 1.74 20.78 -57.46
N LEU A 304 2.80 20.20 -56.90
CA LEU A 304 4.11 20.18 -57.52
C LEU A 304 4.37 18.80 -58.13
N PHE A 305 5.00 18.79 -59.31
CA PHE A 305 5.18 17.57 -60.08
C PHE A 305 6.65 17.23 -60.25
N TYR A 306 6.96 15.93 -60.20
CA TYR A 306 8.30 15.42 -60.41
C TYR A 306 8.21 14.01 -60.98
N PRO A 307 9.19 13.61 -61.79
CA PRO A 307 9.18 12.25 -62.35
C PRO A 307 9.50 11.20 -61.29
N MET A 308 8.95 10.01 -61.48
CA MET A 308 9.17 8.91 -60.53
C MET A 308 10.64 8.51 -60.47
N TRP A 309 11.38 8.69 -61.56
CA TRP A 309 12.78 8.28 -61.61
C TRP A 309 13.74 9.35 -61.11
N HIS A 310 13.24 10.45 -60.54
CA HIS A 310 14.11 11.46 -59.98
C HIS A 310 14.94 10.87 -58.84
N LEU A 311 16.15 11.39 -58.66
CA LEU A 311 17.05 10.80 -57.67
C LEU A 311 16.54 11.02 -56.25
N GLU A 312 15.87 12.13 -55.99
CA GLU A 312 15.33 12.44 -54.67
C GLU A 312 13.92 11.90 -54.45
N VAL A 313 13.43 11.02 -55.34
CA VAL A 313 12.01 10.65 -55.31
C VAL A 313 11.64 10.02 -53.98
N GLU A 314 12.56 9.34 -53.31
CA GLU A 314 12.24 8.74 -52.02
C GLU A 314 12.11 9.80 -50.94
N SER A 315 12.82 10.92 -51.08
CA SER A 315 12.69 12.03 -50.14
C SER A 315 11.50 12.92 -50.47
N LEU A 316 11.03 12.90 -51.71
CA LEU A 316 9.93 13.75 -52.13
C LEU A 316 8.57 13.13 -51.83
N LEU A 317 8.48 11.80 -51.86
CA LEU A 317 7.20 11.12 -51.61
C LEU A 317 6.72 11.31 -50.18
N VAL A 318 7.62 11.58 -49.24
CA VAL A 318 7.26 11.66 -47.83
C VAL A 318 7.13 13.10 -47.36
N LEU A 319 7.06 14.06 -48.28
CA LEU A 319 7.05 15.46 -47.91
C LEU A 319 5.76 15.89 -47.21
N LYS A 320 4.67 15.11 -47.36
CA LYS A 320 3.42 15.45 -46.72
C LYS A 320 3.17 14.68 -45.43
N ASN A 321 3.87 13.56 -45.23
CA ASN A 321 3.69 12.76 -44.03
C ASN A 321 3.98 13.62 -42.80
N ASN A 322 3.11 13.51 -41.79
CA ASN A 322 3.17 14.39 -40.64
C ASN A 322 4.30 14.08 -39.67
N ARG A 323 5.00 12.96 -39.84
CA ARG A 323 6.13 12.63 -38.99
C ARG A 323 7.42 13.14 -39.62
N GLY A 324 8.54 12.93 -38.94
CA GLY A 324 9.81 13.46 -39.39
C GLY A 324 9.98 14.93 -39.00
N VAL A 325 11.20 15.42 -39.22
CA VAL A 325 11.57 16.78 -38.82
C VAL A 325 11.12 17.76 -39.91
N GLU A 326 11.12 19.05 -39.58
CA GLU A 326 10.68 20.07 -40.53
C GLU A 326 11.63 20.23 -41.70
N GLY A 327 12.90 19.85 -41.55
CA GLY A 327 13.86 20.05 -42.62
C GLY A 327 13.58 19.24 -43.87
N ASN A 328 12.93 18.09 -43.72
CA ASN A 328 12.63 17.21 -44.85
C ASN A 328 11.13 17.03 -45.03
N ARG A 329 10.33 18.03 -44.65
CA ARG A 329 8.89 17.98 -44.80
C ARG A 329 8.40 19.27 -45.43
N VAL A 330 7.60 19.13 -46.50
CA VAL A 330 6.90 20.26 -47.12
C VAL A 330 5.42 19.90 -47.21
N ARG A 331 4.69 20.09 -46.11
CA ARG A 331 3.38 19.47 -45.95
C ARG A 331 2.26 20.22 -46.68
N HIS A 332 2.35 21.55 -46.77
CA HIS A 332 1.22 22.37 -47.19
C HIS A 332 1.15 22.55 -48.71
N MET A 333 1.69 21.61 -49.47
CA MET A 333 1.48 21.52 -50.90
C MET A 333 1.16 20.08 -51.25
N ASP A 334 0.47 19.89 -52.37
CA ASP A 334 0.20 18.56 -52.89
C ASP A 334 1.21 18.18 -53.95
N TYR A 335 1.28 16.90 -54.27
CA TYR A 335 2.30 16.40 -55.19
C TYR A 335 1.72 15.39 -56.17
N GLY A 336 2.21 15.44 -57.40
CA GLY A 336 1.88 14.48 -58.42
C GLY A 336 3.10 13.75 -58.94
N VAL A 337 3.09 12.42 -58.84
CA VAL A 337 4.20 11.59 -59.31
C VAL A 337 3.96 11.24 -60.77
N GLN A 338 4.98 11.44 -61.60
CA GLN A 338 4.87 11.23 -63.04
C GLN A 338 5.41 9.85 -63.41
N ILE A 339 4.57 9.05 -64.06
CA ILE A 339 4.86 7.65 -64.36
C ILE A 339 4.56 7.39 -65.84
N ASN A 340 5.33 6.50 -66.45
CA ASN A 340 5.08 6.07 -67.83
C ASN A 340 5.07 4.54 -67.89
N LYS A 341 4.89 4.01 -69.10
CA LYS A 341 4.72 2.57 -69.28
C LYS A 341 5.95 1.79 -68.80
N LEU A 342 7.15 2.31 -69.06
CA LEU A 342 8.35 1.60 -68.65
C LEU A 342 8.41 1.43 -67.14
N MET A 343 7.98 2.45 -66.40
CA MET A 343 8.00 2.37 -64.94
C MET A 343 7.08 1.27 -64.45
N TYR A 344 5.85 1.21 -64.99
CA TYR A 344 4.92 0.15 -64.60
C TYR A 344 5.43 -1.23 -64.98
N THR A 345 6.12 -1.32 -66.12
CA THR A 345 6.64 -2.61 -66.58
C THR A 345 7.64 -3.19 -65.59
N ARG A 346 8.52 -2.34 -65.05
CA ARG A 346 9.48 -2.81 -64.05
C ARG A 346 8.78 -3.35 -62.82
N LEU A 347 7.59 -2.82 -62.50
CA LEU A 347 6.84 -3.33 -61.36
C LEU A 347 6.24 -4.70 -61.66
N LEU A 348 5.62 -4.86 -62.83
CA LEU A 348 4.99 -6.13 -63.17
C LEU A 348 6.01 -7.24 -63.26
N LYS A 349 7.18 -6.95 -63.84
CA LYS A 349 8.25 -7.93 -63.95
C LYS A 349 9.02 -8.11 -62.65
N GLY A 350 8.76 -7.28 -61.65
CA GLY A 350 9.45 -7.39 -60.38
C GLY A 350 10.91 -6.99 -60.45
N GLU A 351 11.27 -6.14 -61.38
CA GLU A 351 12.67 -5.73 -61.57
C GLU A 351 12.94 -4.46 -60.76
N ASP A 352 14.00 -3.74 -61.11
CA ASP A 352 14.41 -2.53 -60.40
C ASP A 352 14.04 -1.29 -61.21
N ILE A 353 14.13 -0.14 -60.54
CA ILE A 353 13.99 1.17 -61.17
C ILE A 353 15.23 1.98 -60.83
N THR A 354 15.90 2.50 -61.85
CA THR A 354 17.10 3.28 -61.65
C THR A 354 16.71 4.75 -61.53
N LEU A 355 17.26 5.42 -60.52
CA LEU A 355 16.95 6.81 -60.24
C LEU A 355 18.11 7.68 -60.71
N PHE A 356 17.78 8.74 -61.45
CA PHE A 356 18.77 9.65 -61.98
C PHE A 356 18.43 11.08 -61.57
N SER A 357 19.45 11.92 -61.52
CA SER A 357 19.21 13.36 -61.49
C SER A 357 18.98 13.86 -62.91
N PRO A 358 17.94 14.65 -63.17
CA PRO A 358 17.68 15.11 -64.54
C PRO A 358 18.83 15.90 -65.16
N SER A 359 19.80 16.36 -64.36
CA SER A 359 20.94 17.08 -64.90
C SER A 359 22.04 16.17 -65.40
N ASP A 360 22.01 14.88 -65.04
CA ASP A 360 23.05 13.93 -65.42
C ASP A 360 22.62 12.95 -66.51
N VAL A 361 21.47 13.17 -67.13
CA VAL A 361 20.96 12.25 -68.13
C VAL A 361 20.47 13.07 -69.32
N PRO A 362 21.36 13.43 -70.25
CA PRO A 362 21.00 14.37 -71.31
C PRO A 362 19.87 13.82 -72.19
N GLY A 363 18.84 14.66 -72.37
CA GLY A 363 17.73 14.32 -73.23
C GLY A 363 16.73 13.35 -72.64
N LEU A 364 16.99 12.81 -71.44
CA LEU A 364 16.07 11.84 -70.85
C LEU A 364 14.80 12.51 -70.38
N TYR A 365 14.90 13.73 -69.83
CA TYR A 365 13.72 14.38 -69.27
C TYR A 365 12.70 14.70 -70.35
N ASP A 366 13.13 15.32 -71.45
CA ASP A 366 12.18 15.67 -72.50
C ASP A 366 11.61 14.43 -73.17
N ALA A 367 12.43 13.38 -73.32
CA ALA A 367 11.96 12.14 -73.90
C ALA A 367 10.92 11.47 -73.00
N PHE A 368 11.01 11.69 -71.69
CA PHE A 368 10.08 11.08 -70.74
C PHE A 368 8.63 11.42 -71.05
N PHE A 369 8.37 12.53 -71.74
CA PHE A 369 7.03 12.94 -72.13
C PHE A 369 6.75 12.72 -73.61
N ALA A 370 7.65 13.18 -74.49
CA ALA A 370 7.34 13.25 -75.91
C ALA A 370 7.56 11.93 -76.63
N ASP A 371 8.66 11.23 -76.35
CA ASP A 371 9.08 10.07 -77.14
C ASP A 371 9.26 8.88 -76.20
N GLN A 372 8.26 8.00 -76.16
CA GLN A 372 8.35 6.83 -75.28
C GLN A 372 9.41 5.85 -75.75
N GLU A 373 9.61 5.73 -77.07
CA GLU A 373 10.67 4.86 -77.58
C GLU A 373 12.05 5.42 -77.25
N GLU A 374 12.25 6.71 -77.51
CA GLU A 374 13.54 7.33 -77.20
C GLU A 374 13.84 7.26 -75.70
N PHE A 375 12.79 7.28 -74.86
CA PHE A 375 13.01 7.15 -73.43
C PHE A 375 13.57 5.77 -73.07
N GLU A 376 12.93 4.70 -73.55
CA GLU A 376 13.43 3.36 -73.27
C GLU A 376 14.86 3.18 -73.76
N ARG A 377 15.20 3.81 -74.88
CA ARG A 377 16.57 3.76 -75.38
C ARG A 377 17.52 4.48 -74.42
N LEU A 378 17.24 5.76 -74.13
CA LEU A 378 18.13 6.54 -73.26
C LEU A 378 18.19 5.97 -71.85
N TYR A 379 17.04 5.51 -71.33
CA TYR A 379 16.99 4.99 -69.97
C TYR A 379 17.86 3.74 -69.84
N THR A 380 17.62 2.74 -70.71
CA THR A 380 18.38 1.49 -70.62
C THR A 380 19.87 1.71 -70.87
N LYS A 381 20.23 2.68 -71.72
CA LYS A 381 21.65 2.98 -71.93
C LYS A 381 22.26 3.58 -70.67
N TYR A 382 21.61 4.60 -70.11
CA TYR A 382 22.12 5.25 -68.91
C TYR A 382 22.16 4.31 -67.71
N GLU A 383 21.32 3.27 -67.71
CA GLU A 383 21.41 2.27 -66.64
C GLU A 383 22.74 1.51 -66.69
N LYS A 384 23.30 1.33 -67.88
CA LYS A 384 24.55 0.59 -68.04
C LYS A 384 25.78 1.48 -67.91
N ASP A 385 25.66 2.77 -68.19
CA ASP A 385 26.78 3.68 -67.98
C ASP A 385 27.08 3.76 -66.49
N ASP A 386 28.31 3.41 -66.12
CA ASP A 386 28.72 3.43 -64.72
C ASP A 386 29.38 4.75 -64.31
N SER A 387 29.70 5.61 -65.27
CA SER A 387 30.22 6.94 -64.95
C SER A 387 29.11 7.90 -64.54
N ILE A 388 27.86 7.56 -64.86
CA ILE A 388 26.70 8.39 -64.53
C ILE A 388 26.24 8.06 -63.12
N ARG A 389 26.02 9.08 -62.29
CA ARG A 389 25.51 8.88 -60.93
C ARG A 389 24.08 8.34 -60.97
N LYS A 390 23.86 7.20 -60.32
CA LYS A 390 22.57 6.55 -60.31
C LYS A 390 22.33 5.90 -58.94
N GLN A 391 21.13 5.37 -58.76
CA GLN A 391 20.76 4.66 -57.54
C GLN A 391 19.57 3.77 -57.88
N ARG A 392 19.74 2.46 -57.71
CA ARG A 392 18.69 1.51 -58.03
C ARG A 392 17.80 1.25 -56.82
N VAL A 393 16.50 1.13 -57.09
CA VAL A 393 15.51 0.76 -56.08
C VAL A 393 14.63 -0.31 -56.69
N LYS A 394 14.20 -1.28 -55.87
CA LYS A 394 13.22 -2.25 -56.33
C LYS A 394 11.94 -1.54 -56.70
N ALA A 395 11.48 -1.76 -57.93
CA ALA A 395 10.24 -1.11 -58.38
C ALA A 395 9.08 -1.40 -57.45
N VAL A 396 9.06 -2.61 -56.86
CA VAL A 396 8.02 -2.95 -55.90
C VAL A 396 8.09 -2.03 -54.69
N GLU A 397 9.29 -1.78 -54.17
CA GLU A 397 9.42 -0.95 -52.99
C GLU A 397 9.10 0.52 -53.30
N LEU A 398 9.57 1.03 -54.43
CA LEU A 398 9.31 2.42 -54.78
C LEU A 398 7.83 2.67 -54.98
N PHE A 399 7.14 1.78 -55.70
CA PHE A 399 5.71 1.90 -55.86
C PHE A 399 4.99 1.78 -54.53
N SER A 400 5.50 0.92 -53.65
CA SER A 400 4.88 0.76 -52.33
C SER A 400 5.04 2.03 -51.50
N LEU A 401 6.19 2.69 -51.58
CA LEU A 401 6.39 3.93 -50.86
C LEU A 401 5.42 5.00 -51.33
N MET A 402 5.27 5.14 -52.65
CA MET A 402 4.36 6.14 -53.21
C MET A 402 2.92 5.89 -52.78
N MET A 403 2.42 4.67 -53.00
CA MET A 403 1.04 4.36 -52.65
C MET A 403 0.80 4.42 -51.14
N GLN A 404 1.84 4.15 -50.33
CA GLN A 404 1.69 4.27 -48.88
C GLN A 404 1.48 5.72 -48.48
N GLU A 405 2.24 6.64 -49.07
CA GLU A 405 2.06 8.06 -48.81
C GLU A 405 0.79 8.59 -49.46
N ARG A 406 0.39 8.00 -50.60
CA ARG A 406 -0.85 8.42 -51.22
C ARG A 406 -2.06 8.04 -50.37
N ALA A 407 -2.02 6.87 -49.72
CA ALA A 407 -3.17 6.42 -48.96
C ALA A 407 -3.30 7.17 -47.65
N SER A 408 -2.17 7.47 -47.00
CA SER A 408 -2.23 8.09 -45.67
C SER A 408 -2.57 9.57 -45.76
N THR A 409 -2.01 10.28 -46.74
CA THR A 409 -2.27 11.71 -46.88
C THR A 409 -3.43 12.00 -47.83
N GLY A 410 -3.68 11.14 -48.80
CA GLY A 410 -4.74 11.34 -49.77
C GLY A 410 -4.43 12.36 -50.84
N ARG A 411 -3.24 12.97 -50.80
CA ARG A 411 -2.91 14.09 -51.68
C ARG A 411 -1.60 13.85 -52.44
N ILE A 412 -1.20 12.60 -52.64
CA ILE A 412 -0.11 12.25 -53.53
C ILE A 412 -0.74 11.69 -54.81
N TYR A 413 -0.64 12.45 -55.89
CA TYR A 413 -1.36 12.17 -57.13
C TYR A 413 -0.47 11.48 -58.16
N ILE A 414 -1.10 10.95 -59.21
CA ILE A 414 -0.44 10.20 -60.26
C ILE A 414 -0.75 10.86 -61.59
N GLN A 415 0.27 10.98 -62.46
CA GLN A 415 0.09 11.45 -63.83
C GLN A 415 0.81 10.53 -64.79
N ASN A 416 0.06 9.79 -65.61
CA ASN A 416 0.62 8.93 -66.65
C ASN A 416 1.01 9.81 -67.84
N VAL A 417 2.29 10.18 -67.92
CA VAL A 417 2.72 11.17 -68.88
C VAL A 417 2.67 10.64 -70.32
N ASP A 418 2.80 9.33 -70.51
CA ASP A 418 2.71 8.78 -71.87
C ASP A 418 1.28 8.90 -72.39
N HIS A 419 0.29 8.60 -71.54
CA HIS A 419 -1.10 8.82 -71.91
C HIS A 419 -1.40 10.30 -72.12
N CYS A 420 -0.75 11.17 -71.36
CA CYS A 420 -0.99 12.60 -71.50
C CYS A 420 -0.48 13.14 -72.83
N ASN A 421 0.27 12.35 -73.59
CA ASN A 421 0.83 12.80 -74.86
C ASN A 421 0.45 11.93 -76.06
N THR A 422 0.23 10.62 -75.87
CA THR A 422 -0.25 9.80 -76.98
C THR A 422 -1.72 10.06 -77.29
N HIS A 423 -2.48 10.54 -76.30
CA HIS A 423 -3.90 10.83 -76.46
C HIS A 423 -4.14 12.26 -75.97
N SER A 424 -3.61 13.23 -76.70
CA SER A 424 -3.69 14.63 -76.33
C SER A 424 -3.99 15.45 -77.58
N PRO A 425 -4.49 16.68 -77.41
CA PRO A 425 -4.67 17.56 -78.56
C PRO A 425 -3.40 18.27 -78.99
N PHE A 426 -2.23 17.79 -78.55
CA PHE A 426 -0.98 18.46 -78.84
C PHE A 426 0.05 17.49 -79.43
N ASP A 427 0.84 18.00 -80.38
CA ASP A 427 1.93 17.23 -80.97
C ASP A 427 3.12 17.22 -80.01
N PRO A 428 3.53 16.06 -79.50
CA PRO A 428 4.61 16.03 -78.50
C PRO A 428 5.91 16.66 -78.97
N ALA A 429 6.19 16.63 -80.28
CA ALA A 429 7.43 17.22 -80.78
C ALA A 429 7.42 18.74 -80.66
N ILE A 430 6.26 19.37 -80.81
CA ILE A 430 6.17 20.82 -80.83
C ILE A 430 5.70 21.38 -79.49
N ALA A 431 4.75 20.73 -78.83
CA ALA A 431 4.18 21.24 -77.59
C ALA A 431 3.79 20.07 -76.68
N PRO A 432 4.76 19.46 -76.03
CA PRO A 432 4.46 18.32 -75.16
C PRO A 432 3.77 18.75 -73.87
N VAL A 433 3.01 17.83 -73.30
CA VAL A 433 2.41 18.01 -71.98
C VAL A 433 3.36 17.41 -70.94
N ARG A 434 3.86 18.25 -70.02
CA ARG A 434 4.84 17.83 -69.04
C ARG A 434 4.38 17.92 -67.59
N GLN A 435 3.13 18.30 -67.33
CA GLN A 435 2.67 18.47 -65.96
C GLN A 435 1.15 18.51 -65.95
N SER A 436 0.59 18.80 -64.78
CA SER A 436 -0.85 18.97 -64.60
C SER A 436 -1.05 20.13 -63.62
N ASN A 437 -2.24 20.22 -63.03
CA ASN A 437 -2.56 21.35 -62.16
C ASN A 437 -2.91 20.92 -60.74
N LEU A 438 -3.64 21.78 -60.03
CA LEU A 438 -3.96 21.52 -58.62
C LEU A 438 -4.85 20.30 -58.46
N CYS A 439 -5.80 20.12 -59.37
CA CYS A 439 -6.80 19.06 -59.23
C CYS A 439 -6.68 18.01 -60.32
N LEU A 440 -5.61 18.02 -61.11
CA LEU A 440 -5.24 16.93 -62.02
C LEU A 440 -6.24 16.74 -63.15
N GLU A 441 -6.91 17.81 -63.59
CA GLU A 441 -7.80 17.73 -64.73
C GLU A 441 -7.29 18.52 -65.93
N ILE A 442 -6.19 19.26 -65.76
CA ILE A 442 -5.65 20.13 -66.80
C ILE A 442 -4.35 19.54 -67.31
N ALA A 443 -4.18 19.54 -68.63
CA ALA A 443 -2.96 19.05 -69.28
C ALA A 443 -2.65 19.98 -70.45
N LEU A 444 -1.70 20.87 -70.25
CA LEU A 444 -1.40 21.90 -71.23
C LEU A 444 0.12 22.04 -71.39
N PRO A 445 0.58 22.54 -72.53
CA PRO A 445 2.02 22.72 -72.71
C PRO A 445 2.54 23.89 -71.90
N THR A 446 3.83 23.80 -71.54
CA THR A 446 4.50 24.83 -70.75
C THR A 446 5.97 24.91 -71.15
N LYS A 447 6.57 26.09 -70.96
CA LYS A 447 8.01 26.30 -71.15
C LYS A 447 8.53 27.22 -70.05
N PRO A 448 9.62 26.84 -69.37
CA PRO A 448 10.09 27.63 -68.22
C PRO A 448 10.53 29.04 -68.60
N LEU A 449 10.64 29.89 -67.59
CA LEU A 449 10.97 31.30 -67.75
C LEU A 449 12.38 31.60 -67.24
N ASN A 450 13.00 32.63 -67.81
CA ASN A 450 14.28 33.16 -67.36
C ASN A 450 14.14 34.46 -66.57
N ASP A 451 12.98 35.10 -66.63
CA ASP A 451 12.67 36.27 -65.82
C ASP A 451 11.16 36.27 -65.61
N VAL A 452 10.72 37.13 -64.69
CA VAL A 452 9.28 37.26 -64.44
C VAL A 452 8.55 37.65 -65.72
N ASN A 453 9.18 38.47 -66.56
CA ASN A 453 8.59 38.93 -67.81
C ASN A 453 9.27 38.31 -69.03
N ASP A 454 9.88 37.14 -68.88
CA ASP A 454 10.51 36.45 -70.00
C ASP A 454 9.48 36.16 -71.09
N GLU A 455 9.70 36.74 -72.28
CA GLU A 455 8.75 36.59 -73.37
C GLU A 455 8.75 35.19 -73.96
N ASN A 456 9.86 34.46 -73.83
CA ASN A 456 10.01 33.16 -74.48
C ASN A 456 9.45 32.02 -73.65
N GLY A 457 9.11 32.26 -72.39
CA GLY A 457 8.45 31.24 -71.59
C GLY A 457 6.96 31.18 -71.85
N GLU A 458 6.35 30.06 -71.46
CA GLU A 458 4.92 29.87 -71.61
C GLU A 458 4.34 29.35 -70.30
N ILE A 459 3.40 30.10 -69.75
CA ILE A 459 2.61 29.67 -68.60
C ILE A 459 1.22 29.36 -69.11
N ALA A 460 0.75 28.13 -68.88
CA ALA A 460 -0.53 27.67 -69.39
C ALA A 460 -1.66 28.11 -68.46
N LEU A 461 -2.64 28.83 -69.01
CA LEU A 461 -3.86 29.19 -68.30
C LEU A 461 -5.02 28.35 -68.83
N CYS A 462 -5.98 28.09 -67.96
CA CYS A 462 -7.17 27.36 -68.36
C CYS A 462 -8.40 27.94 -67.65
N THR A 463 -9.42 28.26 -68.43
CA THR A 463 -10.67 28.78 -67.92
C THR A 463 -11.74 27.70 -68.00
N LEU A 464 -12.60 27.63 -66.98
CA LEU A 464 -13.47 26.49 -66.76
C LEU A 464 -14.95 26.88 -66.86
N SER A 465 -15.78 25.84 -66.95
CA SER A 465 -17.24 25.86 -66.91
C SER A 465 -17.69 24.41 -66.98
N ALA A 466 -18.97 24.17 -66.67
CA ALA A 466 -19.47 22.81 -66.60
C ALA A 466 -20.91 22.73 -67.10
N PHE A 467 -21.25 21.58 -67.68
CA PHE A 467 -22.63 21.26 -68.09
C PHE A 467 -23.33 20.49 -66.97
N ASN A 468 -24.52 20.95 -66.60
CA ASN A 468 -25.33 20.27 -65.59
C ASN A 468 -26.05 19.10 -66.25
N LEU A 469 -25.54 17.88 -66.06
CA LEU A 469 -26.16 16.72 -66.67
C LEU A 469 -27.57 16.44 -66.13
N GLY A 470 -27.89 16.97 -64.95
CA GLY A 470 -29.23 16.82 -64.42
C GLY A 470 -30.24 17.79 -64.98
N ALA A 471 -29.78 18.83 -65.67
CA ALA A 471 -30.66 19.85 -66.22
C ALA A 471 -31.01 19.63 -67.68
N ILE A 472 -30.35 18.72 -68.37
CA ILE A 472 -30.64 18.46 -69.78
C ILE A 472 -31.63 17.32 -69.91
N ASN A 473 -32.53 17.43 -70.88
CA ASN A 473 -33.52 16.40 -71.18
C ASN A 473 -33.22 15.64 -72.47
N ASN A 474 -32.24 16.09 -73.25
CA ASN A 474 -31.84 15.44 -74.48
C ASN A 474 -30.41 15.84 -74.80
N LEU A 475 -29.62 14.89 -75.29
CA LEU A 475 -28.21 15.18 -75.54
C LEU A 475 -28.01 16.28 -76.57
N ASP A 476 -28.99 16.47 -77.47
CA ASP A 476 -28.86 17.52 -78.47
C ASP A 476 -29.03 18.91 -77.90
N GLU A 477 -29.53 19.03 -76.66
CA GLU A 477 -29.54 20.32 -75.98
C GLU A 477 -28.14 20.84 -75.75
N LEU A 478 -27.14 19.94 -75.75
CA LEU A 478 -25.77 20.34 -75.55
C LEU A 478 -25.24 21.17 -76.71
N GLU A 479 -25.87 21.08 -77.89
CA GLU A 479 -25.44 21.86 -79.04
C GLU A 479 -25.53 23.35 -78.74
N GLU A 480 -26.73 23.80 -78.34
CA GLU A 480 -26.92 25.21 -78.01
C GLU A 480 -26.15 25.60 -76.75
N LEU A 481 -26.06 24.68 -75.79
CA LEU A 481 -25.36 24.98 -74.53
C LEU A 481 -23.85 25.07 -74.74
N ALA A 482 -23.29 24.28 -75.65
CA ALA A 482 -21.86 24.38 -75.92
C ALA A 482 -21.52 25.70 -76.60
N ILE A 483 -22.38 26.16 -77.52
CA ILE A 483 -22.16 27.45 -78.17
C ILE A 483 -22.11 28.56 -77.13
N LEU A 484 -23.06 28.57 -76.20
CA LEU A 484 -23.10 29.63 -75.20
C LEU A 484 -21.89 29.59 -74.28
N ALA A 485 -21.47 28.39 -73.87
CA ALA A 485 -20.37 28.27 -72.92
C ALA A 485 -19.04 28.62 -73.56
N VAL A 486 -18.78 28.09 -74.77
CA VAL A 486 -17.50 28.34 -75.44
C VAL A 486 -17.36 29.81 -75.80
N ARG A 487 -18.42 30.43 -76.32
CA ARG A 487 -18.34 31.84 -76.69
C ARG A 487 -18.07 32.72 -75.48
N ALA A 488 -18.69 32.40 -74.34
CA ALA A 488 -18.51 33.22 -73.15
C ALA A 488 -17.09 33.10 -72.61
N LEU A 489 -16.53 31.89 -72.63
CA LEU A 489 -15.17 31.70 -72.12
C LEU A 489 -14.13 32.25 -73.09
N ASP A 490 -14.34 32.07 -74.39
CA ASP A 490 -13.38 32.58 -75.36
C ASP A 490 -13.35 34.10 -75.35
N ALA A 491 -14.52 34.74 -75.19
CA ALA A 491 -14.56 36.18 -75.02
C ALA A 491 -13.93 36.61 -73.70
N LEU A 492 -13.99 35.74 -72.68
CA LEU A 492 -13.36 36.04 -71.40
C LEU A 492 -11.85 36.17 -71.53
N LEU A 493 -11.25 35.40 -72.44
CA LEU A 493 -9.79 35.45 -72.60
C LEU A 493 -9.33 36.82 -73.10
N ASP A 494 -10.10 37.43 -74.01
CA ASP A 494 -9.78 38.77 -74.46
C ASP A 494 -10.23 39.84 -73.47
N TYR A 495 -11.18 39.52 -72.60
CA TYR A 495 -11.73 40.48 -71.66
C TYR A 495 -10.86 40.65 -70.41
N GLN A 496 -10.18 39.59 -69.98
CA GLN A 496 -9.43 39.64 -68.73
C GLN A 496 -8.01 40.15 -68.97
N ASP A 497 -7.30 40.39 -67.87
CA ASP A 497 -5.92 40.83 -67.87
C ASP A 497 -5.00 39.67 -67.48
N TYR A 498 -3.70 39.93 -67.59
CA TYR A 498 -2.71 38.89 -67.33
C TYR A 498 -1.54 39.46 -66.56
N PRO A 499 -1.35 39.06 -65.29
CA PRO A 499 -0.25 39.65 -64.50
C PRO A 499 1.14 39.19 -64.94
N ILE A 500 1.26 38.05 -65.60
CA ILE A 500 2.55 37.51 -66.02
C ILE A 500 2.59 37.45 -67.54
N PRO A 501 3.51 38.16 -68.20
CA PRO A 501 3.57 38.15 -69.67
C PRO A 501 3.61 36.75 -70.28
N ALA A 502 4.34 35.83 -69.68
CA ALA A 502 4.42 34.47 -70.22
C ALA A 502 3.07 33.77 -70.19
N ALA A 503 2.20 34.16 -69.25
CA ALA A 503 0.88 33.53 -69.17
C ALA A 503 -0.03 34.01 -70.29
N LYS A 504 0.01 35.32 -70.59
CA LYS A 504 -0.74 35.85 -71.72
C LYS A 504 -0.32 35.19 -73.03
N ARG A 505 0.96 34.83 -73.15
CA ARG A 505 1.46 34.19 -74.36
C ARG A 505 0.73 32.90 -74.66
N GLY A 506 0.55 32.05 -73.64
CA GLY A 506 -0.15 30.79 -73.85
C GLY A 506 -1.64 30.97 -74.04
N ALA A 507 -2.26 31.83 -73.23
CA ALA A 507 -3.70 32.02 -73.29
C ALA A 507 -4.13 32.57 -74.64
N MET A 508 -3.39 33.54 -75.17
CA MET A 508 -3.74 34.12 -76.46
C MET A 508 -3.32 33.22 -77.62
N GLY A 509 -2.26 32.44 -77.44
CA GLY A 509 -1.80 31.56 -78.49
C GLY A 509 -2.64 30.31 -78.64
N ARG A 510 -3.02 29.71 -77.51
CA ARG A 510 -3.75 28.45 -77.53
C ARG A 510 -5.23 28.58 -77.19
N ARG A 511 -5.59 29.57 -76.37
CA ARG A 511 -6.99 29.79 -75.97
C ARG A 511 -7.59 28.51 -75.38
N THR A 512 -6.85 27.89 -74.48
CA THR A 512 -7.24 26.60 -73.94
C THR A 512 -8.39 26.74 -72.96
N LEU A 513 -9.45 25.97 -73.20
CA LEU A 513 -10.62 25.94 -72.34
C LEU A 513 -10.74 24.57 -71.67
N GLY A 514 -11.40 24.56 -70.52
CA GLY A 514 -11.62 23.34 -69.77
C GLY A 514 -13.04 23.23 -69.29
N ILE A 515 -13.94 22.72 -70.14
CA ILE A 515 -15.35 22.62 -69.81
C ILE A 515 -15.64 21.19 -69.37
N GLY A 516 -16.26 21.05 -68.21
CA GLY A 516 -16.56 19.75 -67.64
C GLY A 516 -18.04 19.51 -67.42
N VAL A 517 -18.38 18.63 -66.49
CA VAL A 517 -19.76 18.28 -66.21
C VAL A 517 -19.96 18.25 -64.69
N ILE A 518 -21.21 18.47 -64.27
CA ILE A 518 -21.63 18.27 -62.89
C ILE A 518 -22.94 17.47 -62.90
N ASN A 519 -23.33 17.00 -61.72
CA ASN A 519 -24.55 16.21 -61.53
C ASN A 519 -24.51 14.92 -62.35
N PHE A 520 -23.33 14.30 -62.42
CA PHE A 520 -23.23 13.03 -63.15
C PHE A 520 -23.87 11.88 -62.37
N ALA A 521 -23.73 11.90 -61.04
CA ALA A 521 -24.34 10.86 -60.23
C ALA A 521 -25.87 10.93 -60.33
N TYR A 522 -26.43 12.13 -60.21
CA TYR A 522 -27.86 12.31 -60.40
C TYR A 522 -28.30 11.92 -61.81
N TYR A 523 -27.43 12.16 -62.79
CA TYR A 523 -27.72 11.77 -64.16
C TYR A 523 -27.84 10.26 -64.30
N LEU A 524 -26.95 9.51 -63.64
CA LEU A 524 -27.03 8.05 -63.70
C LEU A 524 -28.25 7.52 -62.97
N ALA A 525 -28.69 8.19 -61.90
CA ALA A 525 -29.88 7.75 -61.20
C ALA A 525 -31.12 7.87 -62.09
N LYS A 526 -31.20 8.96 -62.86
CA LYS A 526 -32.35 9.15 -63.74
C LYS A 526 -32.41 8.09 -64.84
N HIS A 527 -31.27 7.54 -65.23
CA HIS A 527 -31.22 6.49 -66.25
C HIS A 527 -31.20 5.09 -65.63
N GLY A 528 -31.34 4.99 -64.32
CA GLY A 528 -31.35 3.70 -63.66
C GLY A 528 -30.08 2.90 -63.89
N LYS A 529 -28.93 3.56 -63.83
CA LYS A 529 -27.63 2.92 -63.96
C LYS A 529 -26.85 3.12 -62.67
N ARG A 530 -25.70 2.44 -62.58
CA ARG A 530 -24.86 2.51 -61.39
C ARG A 530 -23.40 2.57 -61.81
N TYR A 531 -22.56 3.00 -60.87
CA TYR A 531 -21.13 3.13 -61.14
C TYR A 531 -20.46 1.76 -61.20
N SER A 532 -20.67 0.93 -60.19
CA SER A 532 -19.81 -0.23 -59.97
C SER A 532 -20.10 -1.35 -60.97
N ASP A 533 -21.37 -1.62 -61.27
CA ASP A 533 -21.70 -2.79 -62.08
C ASP A 533 -21.29 -2.63 -63.54
N GLY A 534 -21.06 -1.41 -64.02
CA GLY A 534 -20.73 -1.19 -65.41
C GLY A 534 -21.92 -1.02 -66.32
N SER A 535 -23.12 -0.82 -65.77
CA SER A 535 -24.31 -0.61 -66.57
C SER A 535 -24.35 0.79 -67.20
N ALA A 536 -23.47 1.69 -66.78
CA ALA A 536 -23.42 3.04 -67.32
C ALA A 536 -22.35 3.19 -68.39
N ASN A 537 -21.64 2.11 -68.73
CA ASN A 537 -20.55 2.19 -69.69
C ASN A 537 -21.01 2.72 -71.04
N ASN A 538 -22.00 2.04 -71.65
CA ASN A 538 -22.49 2.47 -72.96
C ASN A 538 -23.15 3.85 -72.88
N LEU A 539 -23.86 4.12 -71.77
CA LEU A 539 -24.49 5.43 -71.59
C LEU A 539 -23.44 6.53 -71.48
N THR A 540 -22.35 6.28 -70.76
CA THR A 540 -21.28 7.26 -70.63
C THR A 540 -20.62 7.52 -71.97
N HIS A 541 -20.39 6.46 -72.76
CA HIS A 541 -19.82 6.63 -74.10
C HIS A 541 -20.71 7.49 -74.97
N LYS A 542 -22.02 7.22 -74.97
CA LYS A 542 -22.96 8.01 -75.76
C LYS A 542 -23.07 9.43 -75.21
N THR A 543 -23.01 9.60 -73.90
CA THR A 543 -23.16 10.92 -73.29
C THR A 543 -21.97 11.81 -73.59
N PHE A 544 -20.75 11.32 -73.31
CA PHE A 544 -19.56 12.15 -73.44
C PHE A 544 -19.08 12.31 -74.87
N GLU A 545 -19.52 11.45 -75.78
CA GLU A 545 -19.32 11.72 -77.20
C GLU A 545 -20.07 12.99 -77.61
N ALA A 546 -21.33 13.10 -77.20
CA ALA A 546 -22.13 14.28 -77.52
C ALA A 546 -21.55 15.52 -76.86
N ILE A 547 -20.99 15.38 -75.65
CA ILE A 547 -20.38 16.51 -74.96
C ILE A 547 -19.19 17.03 -75.76
N GLN A 548 -18.32 16.13 -76.19
CA GLN A 548 -17.12 16.55 -76.92
C GLN A 548 -17.46 17.03 -78.32
N TYR A 549 -18.41 16.35 -78.99
CA TYR A 549 -18.76 16.71 -80.37
C TYR A 549 -19.32 18.11 -80.45
N TYR A 550 -20.27 18.44 -79.58
CA TYR A 550 -20.90 19.76 -79.63
C TYR A 550 -19.97 20.85 -79.12
N LEU A 551 -18.99 20.48 -78.29
CA LEU A 551 -17.97 21.43 -77.87
C LEU A 551 -17.02 21.77 -79.02
N LEU A 552 -16.52 20.74 -79.71
CA LEU A 552 -15.67 20.97 -80.89
C LEU A 552 -16.42 21.74 -81.96
N LYS A 553 -17.65 21.31 -82.28
CA LYS A 553 -18.45 21.99 -83.28
C LYS A 553 -18.66 23.45 -82.92
N ALA A 554 -18.86 23.74 -81.63
CA ALA A 554 -19.03 25.13 -81.21
C ALA A 554 -17.75 25.94 -81.44
N SER A 555 -16.61 25.41 -81.00
CA SER A 555 -15.33 26.11 -81.21
C SER A 555 -14.91 26.12 -82.66
N ASN A 556 -15.39 25.17 -83.48
CA ASN A 556 -15.07 25.17 -84.90
C ASN A 556 -15.84 26.26 -85.63
N GLU A 557 -17.12 26.43 -85.31
CA GLU A 557 -17.90 27.51 -85.91
C GLU A 557 -17.35 28.86 -85.48
N LEU A 558 -16.90 28.95 -84.22
CA LEU A 558 -16.30 30.19 -83.75
C LEU A 558 -14.97 30.48 -84.45
N ALA A 559 -14.27 29.43 -84.88
CA ALA A 559 -13.04 29.63 -85.66
C ALA A 559 -13.35 30.23 -87.02
N LYS A 560 -14.47 29.86 -87.63
CA LYS A 560 -14.89 30.48 -88.88
C LYS A 560 -15.15 31.97 -88.68
N GLU A 561 -15.70 32.34 -87.52
CA GLU A 561 -16.11 33.72 -87.31
C GLU A 561 -14.94 34.64 -87.01
N GLN A 562 -14.00 34.21 -86.17
CA GLN A 562 -12.93 35.09 -85.72
C GLN A 562 -11.53 34.51 -85.93
N GLY A 563 -11.40 33.43 -86.69
CA GLY A 563 -10.11 32.83 -86.95
C GLY A 563 -9.69 31.86 -85.86
N ALA A 564 -9.01 30.79 -86.24
CA ALA A 564 -8.53 29.83 -85.27
C ALA A 564 -7.47 30.48 -84.37
N CYS A 565 -7.17 29.80 -83.26
CA CYS A 565 -6.17 30.32 -82.34
C CYS A 565 -4.81 30.33 -83.02
N PRO A 566 -3.97 31.33 -82.71
CA PRO A 566 -2.71 31.49 -83.43
C PRO A 566 -1.88 30.21 -83.54
N TRP A 567 -1.72 29.46 -82.44
CA TRP A 567 -0.84 28.30 -82.44
C TRP A 567 -1.58 27.00 -82.74
N PHE A 568 -2.67 27.07 -83.50
CA PHE A 568 -3.46 25.88 -83.79
C PHE A 568 -2.66 24.84 -84.58
N ASN A 569 -1.63 25.27 -85.31
CA ASN A 569 -0.81 24.35 -86.08
C ASN A 569 -0.06 23.37 -85.19
N GLU A 570 0.12 23.70 -83.92
CA GLU A 570 0.82 22.83 -82.98
C GLU A 570 -0.08 21.74 -82.40
N THR A 571 -1.36 21.74 -82.75
CA THR A 571 -2.32 20.77 -82.24
C THR A 571 -2.42 19.55 -83.16
N THR A 572 -2.82 18.42 -82.57
CA THR A 572 -3.09 17.24 -83.39
C THR A 572 -4.38 17.39 -84.18
N TYR A 573 -5.26 18.29 -83.77
CA TYR A 573 -6.45 18.58 -84.56
C TYR A 573 -6.08 19.14 -85.93
N ALA A 574 -5.02 19.96 -85.99
CA ALA A 574 -4.60 20.56 -87.24
C ALA A 574 -4.20 19.49 -88.26
N LYS A 575 -3.60 18.41 -87.80
CA LYS A 575 -3.24 17.29 -88.66
C LYS A 575 -4.43 16.39 -88.97
N GLY A 576 -5.63 16.78 -88.57
CA GLY A 576 -6.81 15.98 -88.83
C GLY A 576 -7.01 14.81 -87.90
N ILE A 577 -6.30 14.78 -86.77
CA ILE A 577 -6.39 13.68 -85.81
C ILE A 577 -7.36 14.07 -84.70
N LEU A 578 -8.31 13.19 -84.41
CA LEU A 578 -9.34 13.43 -83.41
C LEU A 578 -9.14 12.54 -82.18
N PRO A 579 -9.72 12.92 -81.04
CA PRO A 579 -9.64 12.04 -79.86
C PRO A 579 -10.18 10.65 -80.11
N ILE A 580 -11.10 10.48 -81.07
CA ILE A 580 -11.68 9.17 -81.35
C ILE A 580 -10.67 8.29 -82.05
N ASP A 581 -9.49 8.84 -82.37
CA ASP A 581 -8.41 8.11 -83.01
C ASP A 581 -7.32 7.68 -82.04
N THR A 582 -6.98 8.54 -81.09
CA THR A 582 -5.81 8.31 -80.23
C THR A 582 -6.18 7.71 -78.88
N TYR A 583 -7.45 7.40 -78.64
CA TYR A 583 -7.84 6.80 -77.37
C TYR A 583 -7.24 5.41 -77.24
N LYS A 584 -7.14 4.93 -76.00
CA LYS A 584 -6.54 3.63 -75.77
C LYS A 584 -7.50 2.53 -76.20
N LYS A 585 -7.03 1.65 -77.10
CA LYS A 585 -7.89 0.66 -77.74
C LYS A 585 -8.39 -0.41 -76.78
N ASP A 586 -7.89 -0.44 -75.54
CA ASP A 586 -8.46 -1.34 -74.55
C ASP A 586 -9.88 -0.95 -74.16
N LEU A 587 -10.26 0.31 -74.41
CA LEU A 587 -11.62 0.75 -74.09
C LEU A 587 -12.66 0.02 -74.91
N ASP A 588 -12.28 -0.58 -76.04
CA ASP A 588 -13.23 -1.29 -76.88
C ASP A 588 -13.75 -2.56 -76.21
N THR A 589 -13.12 -3.00 -75.13
CA THR A 589 -13.52 -4.20 -74.41
C THR A 589 -14.46 -3.90 -73.24
N ILE A 590 -14.78 -2.63 -73.00
CA ILE A 590 -15.68 -2.25 -71.90
C ILE A 590 -16.75 -1.32 -72.42
N ALA A 591 -16.79 -1.11 -73.75
CA ALA A 591 -17.82 -0.28 -74.34
C ALA A 591 -17.93 -0.64 -75.81
N ASN A 592 -19.11 -1.10 -76.23
CA ASN A 592 -19.38 -1.44 -77.61
C ASN A 592 -20.30 -0.43 -78.27
N GLU A 593 -20.51 0.72 -77.64
CA GLU A 593 -21.41 1.72 -78.19
C GLU A 593 -20.76 2.34 -79.43
N PRO A 594 -21.46 2.39 -80.56
CA PRO A 594 -20.90 3.03 -81.75
C PRO A 594 -20.99 4.54 -81.67
N LEU A 595 -20.19 5.20 -82.49
CA LEU A 595 -20.26 6.65 -82.57
C LEU A 595 -21.54 7.05 -83.29
N HIS A 596 -22.27 8.01 -82.70
CA HIS A 596 -23.58 8.41 -83.22
C HIS A 596 -23.58 9.76 -83.91
N TYR A 597 -22.47 10.50 -83.89
CA TYR A 597 -22.40 11.82 -84.49
C TYR A 597 -21.42 11.82 -85.65
N ASP A 598 -21.61 12.78 -86.56
CA ASP A 598 -20.81 12.86 -87.79
C ASP A 598 -19.45 13.45 -87.46
N TRP A 599 -18.55 12.57 -87.03
CA TRP A 599 -17.20 13.00 -86.68
C TRP A 599 -16.35 13.25 -87.92
N GLU A 600 -16.64 12.55 -89.02
CA GLU A 600 -15.84 12.73 -90.23
C GLU A 600 -16.09 14.09 -90.87
N ALA A 601 -17.34 14.57 -90.82
CA ALA A 601 -17.63 15.91 -91.32
C ALA A 601 -16.97 16.97 -90.45
N LEU A 602 -16.98 16.77 -89.13
CA LEU A 602 -16.28 17.68 -88.25
C LEU A 602 -14.77 17.62 -88.47
N ARG A 603 -14.23 16.41 -88.70
CA ARG A 603 -12.80 16.27 -88.97
C ARG A 603 -12.40 17.09 -90.18
N GLU A 604 -13.15 16.98 -91.27
CA GLU A 604 -12.88 17.79 -92.45
C GLU A 604 -13.07 19.27 -92.13
N SER A 605 -14.12 19.61 -91.38
CA SER A 605 -14.36 21.00 -91.03
C SER A 605 -13.25 21.55 -90.15
N ILE A 606 -12.67 20.71 -89.29
CA ILE A 606 -11.57 21.19 -88.44
C ILE A 606 -10.30 21.34 -89.27
N LYS A 607 -10.06 20.43 -90.22
CA LYS A 607 -8.92 20.58 -91.12
C LYS A 607 -9.00 21.91 -91.87
N THR A 608 -10.20 22.33 -92.25
CA THR A 608 -10.36 23.49 -93.10
C THR A 608 -10.35 24.79 -92.29
N HIS A 609 -11.22 24.89 -91.29
CA HIS A 609 -11.41 26.13 -90.56
C HIS A 609 -10.71 26.15 -89.20
N GLY A 610 -10.25 25.00 -88.71
CA GLY A 610 -9.56 24.94 -87.44
C GLY A 610 -10.46 25.00 -86.23
N LEU A 611 -9.83 25.24 -85.09
CA LEU A 611 -10.52 25.38 -83.82
C LEU A 611 -10.12 26.69 -83.17
N ARG A 612 -11.12 27.40 -82.63
CA ARG A 612 -10.86 28.62 -81.89
C ARG A 612 -10.06 28.37 -80.62
N ASN A 613 -10.14 27.15 -80.07
CA ASN A 613 -9.51 26.80 -78.80
C ASN A 613 -8.71 25.52 -78.96
N SER A 614 -7.51 25.49 -78.37
CA SER A 614 -6.66 24.31 -78.50
C SER A 614 -7.22 23.14 -77.71
N THR A 615 -7.75 23.39 -76.51
CA THR A 615 -8.44 22.40 -75.72
C THR A 615 -9.82 22.91 -75.35
N LEU A 616 -10.71 21.98 -75.01
CA LEU A 616 -12.09 22.35 -74.69
C LEU A 616 -12.63 21.66 -73.46
N SER A 617 -12.42 20.35 -73.35
CA SER A 617 -13.07 19.55 -72.31
C SER A 617 -12.05 19.12 -71.26
N ALA A 618 -12.46 19.25 -70.00
CA ALA A 618 -11.70 18.76 -68.86
C ALA A 618 -12.67 18.62 -67.69
N LEU A 619 -12.64 17.47 -67.02
CA LEU A 619 -13.60 17.15 -65.97
C LEU A 619 -12.99 17.54 -64.64
N MET A 620 -13.33 18.75 -64.15
CA MET A 620 -12.84 19.26 -62.88
C MET A 620 -13.73 18.78 -61.75
N PRO A 621 -13.24 18.79 -60.51
CA PRO A 621 -14.06 18.29 -59.39
C PRO A 621 -15.25 19.18 -59.07
N SER A 622 -15.15 20.49 -59.29
CA SER A 622 -16.23 21.44 -59.01
C SER A 622 -16.74 21.30 -57.57
N GLU A 623 -15.79 21.23 -56.63
CA GLU A 623 -16.15 21.05 -55.22
C GLU A 623 -17.09 22.14 -54.72
N THR A 624 -16.82 23.39 -55.08
CA THR A 624 -17.58 24.54 -54.59
C THR A 624 -18.66 25.00 -55.55
N SER A 625 -18.31 25.14 -56.84
CA SER A 625 -19.22 25.76 -57.80
C SER A 625 -20.47 24.92 -58.05
N SER A 626 -20.36 23.59 -57.92
CA SER A 626 -21.49 22.72 -58.19
C SER A 626 -22.58 22.84 -57.14
N GLN A 627 -22.23 23.31 -55.94
CA GLN A 627 -23.22 23.45 -54.87
C GLN A 627 -24.28 24.50 -55.21
N ILE A 628 -23.99 25.42 -56.14
CA ILE A 628 -24.96 26.46 -56.48
C ILE A 628 -26.24 25.85 -57.02
N SER A 629 -26.13 24.86 -57.91
CA SER A 629 -27.30 24.17 -58.41
C SER A 629 -27.66 22.95 -57.56
N ASN A 630 -27.10 22.85 -56.35
CA ASN A 630 -27.33 21.73 -55.44
C ASN A 630 -27.04 20.38 -56.10
N ALA A 631 -26.18 20.40 -57.11
CA ALA A 631 -25.83 19.22 -57.90
C ALA A 631 -24.85 18.33 -57.15
N THR A 632 -24.80 17.05 -57.55
CA THR A 632 -23.73 16.19 -57.10
C THR A 632 -22.44 16.57 -57.83
N ASN A 633 -21.38 16.89 -57.09
CA ASN A 633 -20.21 17.52 -57.67
C ASN A 633 -19.54 16.62 -58.70
N GLY A 634 -19.30 17.18 -59.89
CA GLY A 634 -18.55 16.51 -60.94
C GLY A 634 -19.08 15.13 -61.28
N ILE A 635 -18.13 14.21 -61.51
CA ILE A 635 -18.49 12.82 -61.82
C ILE A 635 -18.52 11.96 -60.58
N GLU A 636 -18.24 12.53 -59.40
CA GLU A 636 -18.14 11.76 -58.18
C GLU A 636 -19.53 11.39 -57.66
N PRO A 637 -19.70 10.20 -57.10
CA PRO A 637 -20.96 9.85 -56.43
C PRO A 637 -21.03 10.52 -55.07
N PRO A 638 -22.22 10.95 -54.64
CA PRO A 638 -22.34 11.65 -53.37
C PRO A 638 -21.97 10.76 -52.19
N ARG A 639 -21.42 11.38 -51.14
CA ARG A 639 -21.05 10.62 -49.95
C ARG A 639 -22.27 10.12 -49.19
N GLY A 640 -23.38 10.84 -49.27
CA GLY A 640 -24.62 10.41 -48.65
C GLY A 640 -25.79 11.18 -49.22
N TYR A 641 -27.00 10.69 -48.91
CA TYR A 641 -28.20 11.41 -49.33
C TYR A 641 -28.20 12.83 -48.80
N VAL A 642 -27.72 13.02 -47.57
CA VAL A 642 -27.40 14.34 -47.03
C VAL A 642 -25.89 14.35 -46.83
N SER A 643 -25.19 15.09 -47.67
CA SER A 643 -23.74 15.19 -47.60
C SER A 643 -23.31 16.40 -46.77
N ILE A 644 -22.22 16.24 -46.05
CA ILE A 644 -21.64 17.30 -45.23
C ILE A 644 -20.46 17.90 -45.96
N LYS A 645 -20.54 19.18 -46.30
CA LYS A 645 -19.48 19.87 -47.00
C LYS A 645 -19.04 21.07 -46.19
N ALA A 646 -17.77 21.46 -46.37
CA ALA A 646 -17.18 22.50 -45.53
C ALA A 646 -17.55 23.88 -46.06
N SER A 647 -17.49 24.86 -45.16
CA SER A 647 -17.80 26.24 -45.51
C SER A 647 -17.16 27.19 -44.51
N LYS A 648 -17.24 28.48 -44.82
CA LYS A 648 -16.66 29.51 -43.96
C LYS A 648 -17.37 29.56 -42.61
N ASP A 649 -18.70 29.54 -42.61
CA ASP A 649 -19.45 29.57 -41.35
C ASP A 649 -19.32 28.24 -40.61
N GLY A 650 -19.44 27.14 -41.33
CA GLY A 650 -19.41 25.83 -40.69
C GLY A 650 -19.74 24.75 -41.70
N ILE A 651 -20.25 23.64 -41.19
CA ILE A 651 -20.62 22.54 -42.06
C ILE A 651 -21.94 22.87 -42.73
N LEU A 652 -22.12 22.36 -43.94
CA LEU A 652 -23.35 22.53 -44.70
C LEU A 652 -23.91 21.15 -45.00
N ARG A 653 -25.22 21.01 -44.88
CA ARG A 653 -25.92 19.78 -45.22
C ARG A 653 -26.52 19.95 -46.60
N GLN A 654 -26.14 19.08 -47.53
CA GLN A 654 -26.60 19.18 -48.91
C GLN A 654 -27.36 17.91 -49.27
N VAL A 655 -28.61 18.08 -49.70
CA VAL A 655 -29.45 16.97 -50.11
C VAL A 655 -29.21 16.69 -51.58
N VAL A 656 -29.20 15.42 -51.95
CA VAL A 656 -29.05 15.03 -53.35
C VAL A 656 -30.28 15.48 -54.12
N PRO A 657 -30.13 15.87 -55.39
CA PRO A 657 -31.30 16.32 -56.15
C PRO A 657 -32.32 15.21 -56.30
N ASP A 658 -33.60 15.56 -56.12
CA ASP A 658 -34.71 14.64 -56.30
C ASP A 658 -34.56 13.43 -55.37
N TYR A 659 -34.27 13.73 -54.09
CA TYR A 659 -34.03 12.68 -53.12
C TYR A 659 -35.26 11.81 -52.91
N GLU A 660 -36.43 12.44 -52.71
CA GLU A 660 -37.62 11.69 -52.36
C GLU A 660 -38.01 10.69 -53.44
N HIS A 661 -37.72 11.00 -54.71
CA HIS A 661 -38.09 10.10 -55.79
C HIS A 661 -36.98 9.16 -56.23
N LEU A 662 -35.70 9.52 -56.03
CA LEU A 662 -34.61 8.75 -56.61
C LEU A 662 -33.60 8.26 -55.58
N HIS A 663 -33.95 8.23 -54.29
CA HIS A 663 -32.96 7.84 -53.30
C HIS A 663 -32.52 6.38 -53.47
N ASP A 664 -33.33 5.56 -54.14
CA ASP A 664 -32.92 4.18 -54.39
C ASP A 664 -32.03 4.05 -55.61
N ALA A 665 -32.21 4.92 -56.60
CA ALA A 665 -31.41 4.85 -57.82
C ALA A 665 -29.97 5.25 -57.58
N TYR A 666 -29.72 6.09 -56.57
CA TYR A 666 -28.37 6.53 -56.27
C TYR A 666 -27.53 5.37 -55.76
N GLU A 667 -26.27 5.34 -56.19
CA GLU A 667 -25.25 4.49 -55.58
C GLU A 667 -24.28 5.42 -54.84
N LEU A 668 -24.32 5.37 -53.52
CA LEU A 668 -23.49 6.26 -52.72
C LEU A 668 -22.03 5.82 -52.81
N LEU A 669 -21.15 6.72 -52.36
CA LEU A 669 -19.71 6.52 -52.55
C LEU A 669 -19.25 5.22 -51.91
N TRP A 670 -19.69 4.94 -50.69
CA TRP A 670 -19.24 3.75 -49.97
C TRP A 670 -20.16 2.56 -50.19
N GLU A 671 -21.20 2.70 -51.00
CA GLU A 671 -21.99 1.56 -51.43
C GLU A 671 -21.37 0.82 -52.60
N MET A 672 -20.22 1.29 -53.09
CA MET A 672 -19.51 0.69 -54.22
C MET A 672 -18.61 -0.43 -53.74
N PRO A 673 -18.66 -1.61 -54.37
CA PRO A 673 -17.74 -2.69 -53.95
C PRO A 673 -16.28 -2.37 -54.16
N GLY A 674 -15.95 -1.65 -55.22
CA GLY A 674 -14.58 -1.31 -55.52
C GLY A 674 -14.49 -0.16 -56.49
N ASN A 675 -13.30 0.01 -57.07
CA ASN A 675 -13.03 1.12 -57.98
C ASN A 675 -13.13 0.75 -59.46
N ASP A 676 -13.22 -0.55 -59.79
CA ASP A 676 -13.15 -0.95 -61.19
C ASP A 676 -14.30 -0.37 -62.00
N GLY A 677 -15.50 -0.32 -61.43
CA GLY A 677 -16.63 0.26 -62.14
C GLY A 677 -16.46 1.75 -62.39
N TYR A 678 -16.00 2.48 -61.37
CA TYR A 678 -15.77 3.91 -61.52
C TYR A 678 -14.62 4.18 -62.49
N LEU A 679 -13.50 3.49 -62.32
CA LEU A 679 -12.33 3.75 -63.16
C LEU A 679 -12.63 3.46 -64.63
N GLN A 680 -13.52 2.51 -64.92
CA GLN A 680 -13.89 2.27 -66.31
C GLN A 680 -14.65 3.46 -66.88
N LEU A 681 -15.55 4.04 -66.09
CA LEU A 681 -16.28 5.22 -66.57
C LEU A 681 -15.33 6.38 -66.79
N VAL A 682 -14.31 6.53 -65.93
CA VAL A 682 -13.30 7.57 -66.15
C VAL A 682 -12.54 7.30 -67.43
N GLY A 683 -12.22 6.04 -67.69
CA GLY A 683 -11.54 5.69 -68.93
C GLY A 683 -12.40 5.98 -70.16
N ILE A 684 -13.69 5.65 -70.07
CA ILE A 684 -14.60 5.92 -71.19
C ILE A 684 -14.73 7.41 -71.43
N MET A 685 -14.83 8.19 -70.35
CA MET A 685 -14.88 9.65 -70.50
C MET A 685 -13.62 10.17 -71.17
N GLN A 686 -12.45 9.68 -70.75
CA GLN A 686 -11.17 10.17 -71.26
C GLN A 686 -11.02 9.95 -72.76
N LYS A 687 -11.79 9.03 -73.34
CA LYS A 687 -11.76 8.84 -74.79
C LYS A 687 -12.07 10.14 -75.52
N PHE A 688 -12.97 10.96 -74.97
CA PHE A 688 -13.38 12.19 -75.62
C PHE A 688 -12.85 13.44 -74.94
N ILE A 689 -12.48 13.37 -73.66
CA ILE A 689 -12.03 14.56 -72.94
C ILE A 689 -10.67 14.97 -73.47
N ASP A 690 -10.52 16.27 -73.79
CA ASP A 690 -9.26 16.79 -74.29
C ASP A 690 -8.14 16.61 -73.27
N GLN A 691 -8.32 17.17 -72.07
CA GLN A 691 -7.28 17.11 -71.04
C GLN A 691 -7.47 15.88 -70.15
N SER A 692 -7.62 16.09 -68.85
CA SER A 692 -7.76 14.93 -67.96
C SER A 692 -9.01 15.03 -67.08
N ILE A 693 -9.10 14.13 -66.09
CA ILE A 693 -10.26 14.01 -65.21
C ILE A 693 -9.75 13.85 -63.78
N SER A 694 -10.32 14.61 -62.85
CA SER A 694 -9.95 14.51 -61.44
C SER A 694 -10.52 13.24 -60.82
N ALA A 695 -10.03 12.09 -61.26
CA ALA A 695 -10.57 10.80 -60.82
C ALA A 695 -10.10 10.47 -59.42
N ASN A 696 -11.04 10.09 -58.55
CA ASN A 696 -10.74 9.63 -57.20
C ASN A 696 -10.69 8.11 -57.16
N THR A 697 -9.96 7.58 -56.18
CA THR A 697 -10.03 6.18 -55.81
C THR A 697 -10.41 6.11 -54.33
N ASN A 698 -11.33 5.22 -53.99
CA ASN A 698 -11.89 5.18 -52.65
C ASN A 698 -11.75 3.78 -52.06
N TYR A 699 -11.52 3.70 -50.76
CA TYR A 699 -11.29 2.42 -50.11
C TYR A 699 -11.93 2.41 -48.72
N ASP A 700 -12.69 1.34 -48.43
CA ASP A 700 -13.32 1.13 -47.14
C ASP A 700 -12.57 0.05 -46.38
N PRO A 701 -11.81 0.38 -45.34
CA PRO A 701 -11.00 -0.65 -44.65
C PRO A 701 -11.82 -1.80 -44.11
N SER A 702 -13.08 -1.57 -43.75
CA SER A 702 -13.91 -2.64 -43.20
C SER A 702 -14.31 -3.68 -44.24
N ARG A 703 -14.23 -3.35 -45.52
CA ARG A 703 -14.55 -4.31 -46.58
C ARG A 703 -13.43 -5.31 -46.84
N PHE A 704 -12.32 -5.23 -46.12
CA PHE A 704 -11.19 -6.10 -46.35
C PHE A 704 -10.91 -6.97 -45.13
N PRO A 705 -10.35 -8.17 -45.33
CA PRO A 705 -10.02 -9.02 -44.18
C PRO A 705 -9.02 -8.33 -43.25
N SER A 706 -9.22 -8.54 -41.95
CA SER A 706 -8.40 -7.97 -40.88
C SER A 706 -8.50 -6.45 -40.81
N GLY A 707 -9.42 -5.84 -41.54
CA GLY A 707 -9.68 -4.41 -41.42
C GLY A 707 -8.58 -3.51 -41.93
N LYS A 708 -7.66 -4.02 -42.75
CA LYS A 708 -6.61 -3.19 -43.34
C LYS A 708 -6.65 -3.33 -44.85
N VAL A 709 -6.40 -2.24 -45.55
CA VAL A 709 -6.50 -2.17 -47.01
C VAL A 709 -5.24 -2.74 -47.64
N PRO A 710 -5.33 -3.76 -48.48
CA PRO A 710 -4.13 -4.41 -49.00
C PRO A 710 -3.40 -3.54 -50.02
N MET A 711 -2.07 -3.56 -49.95
CA MET A 711 -1.25 -2.89 -50.96
C MET A 711 -1.45 -3.52 -52.33
N GLN A 712 -1.82 -4.81 -52.38
CA GLN A 712 -2.08 -5.47 -53.65
C GLN A 712 -3.21 -4.79 -54.41
N GLN A 713 -4.29 -4.43 -53.72
CA GLN A 713 -5.43 -3.80 -54.40
C GLN A 713 -5.15 -2.36 -54.78
N LEU A 714 -4.36 -1.65 -53.97
CA LEU A 714 -3.94 -0.30 -54.34
C LEU A 714 -3.19 -0.32 -55.67
N LEU A 715 -2.35 -1.33 -55.88
CA LEU A 715 -1.60 -1.43 -57.12
C LEU A 715 -2.44 -1.98 -58.26
N LYS A 716 -3.30 -2.97 -57.98
CA LYS A 716 -4.14 -3.52 -59.03
C LYS A 716 -5.07 -2.45 -59.60
N ASP A 717 -5.59 -1.59 -58.72
CA ASP A 717 -6.43 -0.48 -59.20
C ASP A 717 -5.61 0.54 -59.96
N LEU A 718 -4.39 0.83 -59.49
CA LEU A 718 -3.52 1.76 -60.20
C LEU A 718 -3.18 1.24 -61.59
N LEU A 719 -3.01 -0.08 -61.72
CA LEU A 719 -2.74 -0.67 -63.02
C LEU A 719 -4.01 -0.71 -63.88
N THR A 720 -5.15 -1.03 -63.27
CA THR A 720 -6.42 -1.01 -64.00
C THR A 720 -6.68 0.38 -64.58
N ALA A 721 -6.35 1.43 -63.84
CA ALA A 721 -6.52 2.79 -64.36
C ALA A 721 -5.66 3.03 -65.59
N TYR A 722 -4.40 2.58 -65.56
CA TYR A 722 -3.53 2.78 -66.72
C TYR A 722 -4.00 1.97 -67.92
N LYS A 723 -4.52 0.75 -67.69
CA LYS A 723 -4.94 -0.10 -68.79
C LYS A 723 -5.99 0.58 -69.67
N PHE A 724 -6.87 1.38 -69.08
CA PHE A 724 -7.95 2.03 -69.80
C PHE A 724 -7.65 3.48 -70.12
N GLY A 725 -6.37 3.87 -70.07
CA GLY A 725 -5.96 5.18 -70.54
C GLY A 725 -6.25 6.31 -69.59
N VAL A 726 -6.48 6.04 -68.31
CA VAL A 726 -6.69 7.13 -67.36
C VAL A 726 -5.41 7.94 -67.26
N LYS A 727 -5.54 9.26 -67.43
CA LYS A 727 -4.36 10.11 -67.48
C LYS A 727 -3.83 10.41 -66.09
N THR A 728 -4.72 10.78 -65.16
CA THR A 728 -4.30 11.20 -63.83
C THR A 728 -5.20 10.58 -62.77
N LEU A 729 -4.68 10.53 -61.55
CA LEU A 729 -5.44 10.10 -60.37
C LEU A 729 -5.38 11.20 -59.32
N TYR A 730 -6.55 11.62 -58.86
CA TYR A 730 -6.68 12.71 -57.89
C TYR A 730 -6.69 12.15 -56.47
N TYR A 731 -7.72 12.51 -55.69
CA TYR A 731 -7.82 12.11 -54.30
C TYR A 731 -7.85 10.59 -54.16
N GLN A 732 -7.35 10.09 -53.04
CA GLN A 732 -7.62 8.73 -52.59
C GLN A 732 -8.34 8.84 -51.25
N ASN A 733 -9.65 8.59 -51.26
CA ASN A 733 -10.47 8.69 -50.06
C ASN A 733 -10.45 7.36 -49.31
N THR A 734 -10.16 7.42 -48.02
CA THR A 734 -10.18 6.25 -47.15
C THR A 734 -11.22 6.48 -46.06
N ARG A 735 -12.15 5.54 -45.92
CA ARG A 735 -13.29 5.73 -45.03
C ARG A 735 -12.84 5.80 -43.57
N ASP A 736 -13.57 6.59 -42.79
CA ASP A 736 -13.25 6.85 -41.38
C ASP A 736 -11.89 7.54 -41.26
N LEU B 5 51.45 -6.02 -40.33
CA LEU B 5 50.36 -5.23 -40.91
C LEU B 5 50.85 -4.36 -42.07
N LEU B 6 49.93 -3.98 -42.95
CA LEU B 6 50.25 -3.17 -44.12
C LEU B 6 49.56 -1.82 -44.03
N VAL B 7 50.24 -0.78 -44.48
CA VAL B 7 49.65 0.55 -44.62
C VAL B 7 49.61 0.87 -46.11
N THR B 8 48.60 1.63 -46.51
CA THR B 8 48.43 2.04 -47.90
C THR B 8 48.91 3.48 -48.05
N LYS B 9 49.98 3.68 -48.82
CA LYS B 9 50.56 5.00 -49.01
C LYS B 9 49.61 5.88 -49.83
N ARG B 10 49.99 7.16 -49.96
CA ARG B 10 49.19 8.09 -50.74
C ARG B 10 49.16 7.71 -52.21
N ASP B 11 50.25 7.12 -52.69
CA ASP B 11 50.38 6.73 -54.09
C ASP B 11 49.84 5.34 -54.37
N GLY B 12 48.92 4.84 -53.54
CA GLY B 12 48.28 3.57 -53.77
C GLY B 12 49.07 2.36 -53.33
N SER B 13 50.39 2.47 -53.27
CA SER B 13 51.23 1.35 -52.89
C SER B 13 51.08 1.03 -51.41
N THR B 14 51.53 -0.16 -51.03
CA THR B 14 51.43 -0.63 -49.66
C THR B 14 52.81 -1.03 -49.15
N GLU B 15 53.01 -0.86 -47.84
CA GLU B 15 54.26 -1.27 -47.21
C GLU B 15 53.99 -1.67 -45.78
N ARG B 16 55.03 -2.23 -45.15
CA ARG B 16 54.96 -2.64 -43.76
C ARG B 16 54.72 -1.43 -42.86
N ILE B 17 53.91 -1.63 -41.82
CA ILE B 17 53.72 -0.58 -40.83
C ILE B 17 55.05 -0.26 -40.18
N ASN B 18 55.42 1.02 -40.14
CA ASN B 18 56.70 1.45 -39.59
C ASN B 18 56.46 2.70 -38.75
N LEU B 19 56.57 2.57 -37.42
CA LEU B 19 56.28 3.68 -36.53
C LEU B 19 57.28 4.83 -36.65
N ASP B 20 58.48 4.58 -37.17
CA ASP B 20 59.46 5.67 -37.30
C ASP B 20 59.01 6.72 -38.29
N LYS B 21 58.19 6.34 -39.28
CA LYS B 21 57.61 7.33 -40.18
C LYS B 21 56.74 8.31 -39.42
N ILE B 22 55.98 7.82 -38.43
CA ILE B 22 55.14 8.68 -37.60
C ILE B 22 56.01 9.51 -36.66
N HIS B 23 57.08 8.90 -36.13
CA HIS B 23 57.99 9.63 -35.24
C HIS B 23 58.61 10.83 -35.96
N ARG B 24 59.09 10.63 -37.19
CA ARG B 24 59.80 11.70 -37.90
C ARG B 24 58.88 12.89 -38.16
N VAL B 25 57.64 12.63 -38.58
CA VAL B 25 56.69 13.70 -38.86
C VAL B 25 56.45 14.53 -37.60
N LEU B 26 56.19 13.86 -36.48
CA LEU B 26 55.92 14.56 -35.24
C LEU B 26 57.15 15.31 -34.74
N ASP B 27 58.31 14.66 -34.76
CA ASP B 27 59.54 15.33 -34.35
C ASP B 27 59.80 16.56 -35.19
N TRP B 28 59.51 16.48 -36.49
CA TRP B 28 59.65 17.64 -37.36
C TRP B 28 58.69 18.76 -36.95
N ALA B 29 57.44 18.41 -36.66
CA ALA B 29 56.44 19.42 -36.35
C ALA B 29 56.69 20.08 -34.99
N ALA B 30 57.33 19.37 -34.07
CA ALA B 30 57.57 19.91 -32.73
C ALA B 30 58.88 20.68 -32.62
N GLU B 31 59.66 20.78 -33.70
CA GLU B 31 60.94 21.46 -33.64
C GLU B 31 60.78 22.94 -33.28
N GLY B 32 61.58 23.39 -32.32
CA GLY B 32 61.54 24.77 -31.87
C GLY B 32 60.43 25.11 -30.92
N LEU B 33 59.43 24.25 -30.78
CA LEU B 33 58.30 24.51 -29.91
C LEU B 33 58.65 24.15 -28.46
N HIS B 34 57.96 24.79 -27.53
CA HIS B 34 58.17 24.57 -26.10
C HIS B 34 57.00 23.81 -25.51
N ASN B 35 57.31 22.89 -24.58
CA ASN B 35 56.31 22.22 -23.75
C ASN B 35 55.36 21.36 -24.58
N VAL B 36 55.84 20.75 -25.65
CA VAL B 36 55.07 19.80 -26.43
C VAL B 36 55.60 18.40 -26.18
N SER B 37 54.85 17.39 -26.63
CA SER B 37 55.19 16.00 -26.38
C SER B 37 54.79 15.16 -27.58
N ILE B 38 55.79 14.59 -28.26
CA ILE B 38 55.52 13.60 -29.30
C ILE B 38 54.74 12.43 -28.72
N SER B 39 55.16 11.96 -27.54
CA SER B 39 54.52 10.82 -26.89
C SER B 39 53.04 11.10 -26.61
N GLN B 40 52.73 12.31 -26.12
CA GLN B 40 51.34 12.65 -25.84
C GLN B 40 50.49 12.56 -27.10
N VAL B 41 50.98 13.11 -28.21
CA VAL B 41 50.23 13.10 -29.46
C VAL B 41 49.96 11.67 -29.92
N GLU B 42 50.97 10.80 -29.80
CA GLU B 42 50.80 9.42 -30.23
C GLU B 42 49.81 8.68 -29.35
N LEU B 43 49.89 8.89 -28.03
CA LEU B 43 49.03 8.17 -27.10
C LEU B 43 47.59 8.68 -27.15
N ARG B 44 47.41 9.99 -27.33
CA ARG B 44 46.07 10.56 -27.46
C ARG B 44 45.44 10.27 -28.81
N SER B 45 46.22 9.82 -29.80
CA SER B 45 45.64 9.45 -31.08
C SER B 45 44.80 8.20 -30.99
N HIS B 46 45.16 7.27 -30.10
CA HIS B 46 44.49 5.97 -29.99
C HIS B 46 44.32 5.32 -31.35
N ILE B 47 45.35 5.44 -32.19
CA ILE B 47 45.27 5.02 -33.58
C ILE B 47 45.22 3.49 -33.65
N GLN B 48 44.16 2.97 -34.26
CA GLN B 48 43.95 1.52 -34.38
C GLN B 48 44.46 1.07 -35.74
N PHE B 49 45.57 0.34 -35.75
CA PHE B 49 46.16 -0.12 -37.00
C PHE B 49 45.44 -1.37 -37.50
N TYR B 50 45.01 -1.34 -38.75
CA TYR B 50 44.46 -2.51 -39.42
C TYR B 50 45.15 -2.67 -40.77
N ASP B 51 45.17 -3.90 -41.28
CA ASP B 51 45.85 -4.17 -42.54
C ASP B 51 45.18 -3.41 -43.68
N GLY B 52 45.96 -2.58 -44.37
CA GLY B 52 45.44 -1.77 -45.44
C GLY B 52 45.01 -0.37 -45.03
N ILE B 53 45.41 0.10 -43.86
CA ILE B 53 44.97 1.40 -43.38
C ILE B 53 45.57 2.50 -44.24
N LYS B 54 44.73 3.45 -44.65
CA LYS B 54 45.20 4.56 -45.47
C LYS B 54 46.21 5.40 -44.69
N THR B 55 47.30 5.78 -45.37
CA THR B 55 48.31 6.60 -44.74
C THR B 55 47.84 8.03 -44.50
N SER B 56 46.85 8.50 -45.25
CA SER B 56 46.32 9.84 -45.02
C SER B 56 45.43 9.90 -43.79
N ASP B 57 44.69 8.83 -43.51
CA ASP B 57 43.90 8.76 -42.30
C ASP B 57 44.78 8.73 -41.05
N ILE B 58 45.95 8.09 -41.15
CA ILE B 58 46.91 8.11 -40.05
C ILE B 58 47.30 9.55 -39.72
N HIS B 59 47.59 10.33 -40.76
CA HIS B 59 48.00 11.72 -40.53
C HIS B 59 46.83 12.55 -40.02
N GLU B 60 45.62 12.32 -40.54
CA GLU B 60 44.47 13.09 -40.09
C GLU B 60 44.13 12.80 -38.63
N THR B 61 44.48 11.62 -38.13
CA THR B 61 44.23 11.31 -36.73
C THR B 61 45.21 12.06 -35.82
N ILE B 62 46.49 12.10 -36.18
CA ILE B 62 47.48 12.75 -35.34
C ILE B 62 47.37 14.27 -35.38
N ILE B 63 46.75 14.83 -36.42
CA ILE B 63 46.51 16.28 -36.43
C ILE B 63 45.48 16.63 -35.36
N LYS B 64 44.34 15.94 -35.37
CA LYS B 64 43.31 16.15 -34.35
C LYS B 64 43.88 15.93 -32.94
N ALA B 65 44.76 14.95 -32.78
CA ALA B 65 45.31 14.64 -31.46
C ALA B 65 46.10 15.83 -30.91
N ALA B 66 47.00 16.40 -31.71
CA ALA B 66 47.72 17.58 -31.26
C ALA B 66 46.79 18.77 -31.12
N ALA B 67 45.72 18.80 -31.90
CA ALA B 67 44.77 19.92 -31.81
C ALA B 67 44.04 19.93 -30.48
N ASP B 68 43.72 18.74 -29.95
CA ASP B 68 43.01 18.65 -28.69
C ASP B 68 43.90 18.82 -27.47
N LEU B 69 45.21 18.88 -27.67
CA LEU B 69 46.16 19.12 -26.59
C LEU B 69 46.45 20.61 -26.40
N ILE B 70 45.87 21.46 -27.24
CA ILE B 70 46.03 22.91 -27.11
C ILE B 70 45.46 23.35 -25.76
N SER B 71 46.32 23.90 -24.90
CA SER B 71 45.89 24.27 -23.56
C SER B 71 46.65 25.50 -23.10
N ARG B 72 46.25 26.01 -21.93
CA ARG B 72 46.97 27.12 -21.29
C ARG B 72 48.38 26.70 -20.91
N ASP B 73 48.53 25.47 -20.40
CA ASP B 73 49.83 25.00 -19.95
C ASP B 73 50.77 24.72 -21.11
N ALA B 74 50.23 24.29 -22.25
CA ALA B 74 51.01 23.97 -23.44
C ALA B 74 50.42 24.70 -24.64
N PRO B 75 50.65 26.01 -24.75
CA PRO B 75 50.05 26.77 -25.85
C PRO B 75 50.68 26.50 -27.20
N ASP B 76 51.94 26.04 -27.25
CA ASP B 76 52.61 25.83 -28.52
C ASP B 76 52.04 24.66 -29.31
N TYR B 77 51.08 23.91 -28.77
CA TYR B 77 50.40 22.90 -29.57
C TYR B 77 49.61 23.53 -30.70
N GLN B 78 49.29 24.83 -30.60
CA GLN B 78 48.60 25.50 -31.70
C GLN B 78 49.45 25.54 -32.96
N TYR B 79 50.78 25.54 -32.79
CA TYR B 79 51.68 25.55 -33.95
C TYR B 79 52.07 24.15 -34.39
N LEU B 80 52.15 23.21 -33.45
CA LEU B 80 52.41 21.82 -33.83
C LEU B 80 51.31 21.27 -34.72
N ALA B 81 50.06 21.44 -34.29
CA ALA B 81 48.94 20.96 -35.09
C ALA B 81 48.78 21.76 -36.38
N ALA B 82 49.21 23.04 -36.37
CA ALA B 82 49.18 23.84 -37.58
C ALA B 82 50.18 23.34 -38.60
N ARG B 83 51.40 23.03 -38.16
CA ARG B 83 52.41 22.52 -39.07
C ARG B 83 52.02 21.17 -39.65
N LEU B 84 51.37 20.33 -38.85
CA LEU B 84 50.87 19.05 -39.34
C LEU B 84 49.78 19.23 -40.38
N ALA B 85 48.93 20.25 -40.20
CA ALA B 85 47.83 20.47 -41.14
C ALA B 85 48.32 21.12 -42.43
N ILE B 86 49.27 22.05 -42.33
CA ILE B 86 49.89 22.63 -43.52
C ILE B 86 50.56 21.53 -44.36
N PHE B 87 51.29 20.64 -43.70
CA PHE B 87 51.89 19.49 -44.38
C PHE B 87 50.83 18.64 -45.06
N HIS B 88 49.71 18.40 -44.37
CA HIS B 88 48.63 17.61 -44.95
C HIS B 88 48.00 18.32 -46.14
N LEU B 89 47.83 19.64 -46.06
CA LEU B 89 47.19 20.40 -47.13
C LEU B 89 48.08 20.49 -48.37
N ARG B 90 49.41 20.46 -48.17
CA ARG B 90 50.31 20.44 -49.33
C ARG B 90 50.12 19.18 -50.15
N LYS B 91 50.03 18.02 -49.48
CA LYS B 91 49.87 16.75 -50.19
C LYS B 91 48.54 16.71 -50.92
N LYS B 92 47.48 17.22 -50.29
CA LYS B 92 46.15 17.17 -50.90
C LYS B 92 46.09 17.96 -52.21
N ALA B 93 46.87 19.04 -52.31
CA ALA B 93 46.80 19.92 -53.47
C ALA B 93 47.90 19.68 -54.50
N TYR B 94 49.06 19.19 -54.07
CA TYR B 94 50.22 19.07 -54.96
C TYR B 94 50.78 17.67 -55.11
N GLY B 95 50.44 16.74 -54.21
CA GLY B 95 51.06 15.43 -54.23
C GLY B 95 52.45 15.39 -53.63
N GLN B 96 53.01 16.54 -53.28
CA GLN B 96 54.32 16.64 -52.65
C GLN B 96 54.26 17.80 -51.64
N PHE B 97 55.41 18.17 -51.08
CA PHE B 97 55.44 19.31 -50.17
C PHE B 97 55.67 20.63 -50.89
N GLU B 98 56.69 20.69 -51.74
CA GLU B 98 57.07 21.95 -52.38
C GLU B 98 56.02 22.38 -53.40
N PRO B 99 55.45 23.58 -53.30
CA PRO B 99 54.45 24.00 -54.27
C PRO B 99 55.09 24.26 -55.62
N PRO B 100 54.33 24.12 -56.71
CA PRO B 100 54.90 24.41 -58.04
C PRO B 100 55.12 25.90 -58.27
N ALA B 101 55.60 26.24 -59.46
CA ALA B 101 55.76 27.64 -59.83
C ALA B 101 54.40 28.31 -59.95
N LEU B 102 54.36 29.62 -59.69
CA LEU B 102 53.11 30.35 -59.75
C LEU B 102 52.48 30.28 -61.13
N TYR B 103 53.30 30.36 -62.19
CA TYR B 103 52.75 30.33 -63.54
C TYR B 103 52.22 28.93 -63.89
N ASP B 104 53.03 27.90 -63.63
CA ASP B 104 52.61 26.53 -63.93
C ASP B 104 51.31 26.19 -63.22
N HIS B 105 51.14 26.69 -62.00
CA HIS B 105 49.94 26.41 -61.21
C HIS B 105 48.71 27.10 -61.80
N VAL B 106 48.85 28.38 -62.15
CA VAL B 106 47.72 29.13 -62.70
C VAL B 106 47.23 28.50 -64.01
N VAL B 107 48.17 28.03 -64.84
CA VAL B 107 47.79 27.42 -66.12
C VAL B 107 46.93 26.19 -65.89
N LYS B 108 47.36 25.29 -65.02
CA LYS B 108 46.59 24.07 -64.76
C LYS B 108 45.23 24.42 -64.16
N MET B 109 45.18 25.42 -63.28
CA MET B 109 43.94 25.76 -62.59
C MET B 109 42.96 26.49 -63.49
N VAL B 110 43.46 27.41 -64.33
CA VAL B 110 42.59 28.11 -65.26
C VAL B 110 41.99 27.14 -66.27
N GLU B 111 42.76 26.15 -66.71
CA GLU B 111 42.24 25.17 -67.66
C GLU B 111 41.14 24.32 -67.04
N MET B 112 41.23 24.03 -65.75
CA MET B 112 40.20 23.25 -65.06
C MET B 112 39.00 24.09 -64.66
N GLY B 113 39.01 25.39 -64.95
CA GLY B 113 37.91 26.25 -64.58
C GLY B 113 37.85 26.64 -63.13
N LYS B 114 38.91 26.38 -62.36
CA LYS B 114 38.90 26.73 -60.95
C LYS B 114 39.35 28.16 -60.71
N TYR B 115 40.19 28.69 -61.59
CA TYR B 115 40.60 30.09 -61.54
C TYR B 115 39.90 30.89 -62.63
N ASP B 116 39.86 32.21 -62.43
CA ASP B 116 39.28 33.10 -63.42
C ASP B 116 40.15 33.15 -64.67
N ASN B 117 39.49 33.30 -65.82
CA ASN B 117 40.20 33.29 -67.09
C ASN B 117 41.13 34.49 -67.26
N HIS B 118 40.79 35.63 -66.64
CA HIS B 118 41.49 36.88 -66.89
C HIS B 118 42.93 36.89 -66.37
N LEU B 119 43.26 36.00 -65.43
CA LEU B 119 44.61 36.02 -64.85
C LEU B 119 45.67 35.82 -65.92
N LEU B 120 45.42 34.96 -66.89
CA LEU B 120 46.38 34.74 -67.97
C LEU B 120 46.41 35.88 -68.97
N GLU B 121 45.34 36.68 -69.05
CA GLU B 121 45.26 37.76 -70.02
C GLU B 121 45.87 39.06 -69.50
N ASP B 122 45.68 39.37 -68.21
CA ASP B 122 46.15 40.63 -67.66
C ASP B 122 47.59 40.55 -67.16
N TYR B 123 48.16 39.35 -67.05
CA TYR B 123 49.54 39.17 -66.62
C TYR B 123 50.27 38.26 -67.60
N THR B 124 51.51 38.62 -67.91
CA THR B 124 52.36 37.83 -68.78
C THR B 124 53.10 36.77 -67.98
N GLU B 125 53.66 35.78 -68.67
CA GLU B 125 54.45 34.76 -68.00
C GLU B 125 55.66 35.35 -67.30
N GLU B 126 56.23 36.42 -67.88
CA GLU B 126 57.35 37.09 -67.24
C GLU B 126 56.94 37.78 -65.94
N GLU B 127 55.72 38.31 -65.90
CA GLU B 127 55.20 38.96 -64.69
C GLU B 127 54.81 37.93 -63.63
N PHE B 128 54.29 36.77 -64.05
CA PHE B 128 53.91 35.73 -63.10
C PHE B 128 55.14 35.21 -62.36
N LYS B 129 56.24 34.96 -63.08
CA LYS B 129 57.47 34.53 -62.43
C LYS B 129 58.00 35.60 -61.50
N GLN B 130 57.67 36.87 -61.77
CA GLN B 130 58.10 37.97 -60.91
C GLN B 130 57.28 38.05 -59.63
N MET B 131 56.00 37.67 -59.68
CA MET B 131 55.21 37.57 -58.46
C MET B 131 55.54 36.32 -57.65
N ASP B 132 56.04 35.27 -58.33
CA ASP B 132 56.45 34.06 -57.62
C ASP B 132 57.61 34.33 -56.67
N THR B 133 58.43 35.34 -56.97
CA THR B 133 59.52 35.72 -56.07
C THR B 133 59.03 36.48 -54.84
N PHE B 134 57.86 37.13 -54.93
CA PHE B 134 57.28 37.78 -53.77
C PHE B 134 56.86 36.76 -52.72
N ILE B 135 56.38 35.59 -53.17
CA ILE B 135 55.80 34.61 -52.28
C ILE B 135 56.86 34.10 -51.31
N ASP B 136 56.48 34.05 -50.03
CA ASP B 136 57.28 33.42 -48.97
C ASP B 136 56.45 32.27 -48.44
N HIS B 137 56.65 31.07 -48.98
CA HIS B 137 55.87 29.91 -48.55
C HIS B 137 56.14 29.51 -47.10
N ASP B 138 57.22 30.01 -46.50
CA ASP B 138 57.45 29.77 -45.08
C ASP B 138 56.50 30.53 -44.18
N ARG B 139 55.76 31.50 -44.73
CA ARG B 139 54.74 32.17 -43.95
C ARG B 139 53.55 31.26 -43.67
N ASP B 140 53.44 30.14 -44.38
CA ASP B 140 52.49 29.11 -44.03
C ASP B 140 52.81 28.47 -42.68
N MET B 141 54.03 28.65 -42.18
CA MET B 141 54.44 28.14 -40.88
C MET B 141 54.25 29.16 -39.78
N THR B 142 53.48 30.22 -40.03
CA THR B 142 53.18 31.24 -39.03
C THR B 142 51.72 31.26 -38.63
N PHE B 143 50.90 30.38 -39.19
CA PHE B 143 49.51 30.24 -38.78
C PHE B 143 49.39 29.42 -37.50
N SER B 144 48.27 29.61 -36.80
CA SER B 144 47.88 28.72 -35.72
C SER B 144 46.94 27.64 -36.27
N TYR B 145 46.63 26.66 -35.42
CA TYR B 145 45.78 25.56 -35.87
C TYR B 145 44.41 26.05 -36.27
N ALA B 146 43.82 26.94 -35.48
CA ALA B 146 42.52 27.51 -35.83
C ALA B 146 42.57 28.20 -37.18
N ALA B 147 43.66 28.90 -37.46
CA ALA B 147 43.81 29.57 -38.76
C ALA B 147 43.80 28.58 -39.91
N VAL B 148 44.55 27.49 -39.77
CA VAL B 148 44.69 26.54 -40.88
C VAL B 148 43.37 25.81 -41.15
N LYS B 149 42.62 25.48 -40.08
CA LYS B 149 41.37 24.78 -40.28
C LYS B 149 40.33 25.66 -40.98
N GLN B 150 40.39 26.98 -40.76
CA GLN B 150 39.52 27.88 -41.49
C GLN B 150 39.93 27.99 -42.96
N LEU B 151 41.24 27.96 -43.23
CA LEU B 151 41.69 27.94 -44.61
C LEU B 151 41.21 26.68 -45.32
N GLU B 152 41.44 25.51 -44.70
CA GLU B 152 41.02 24.26 -45.31
C GLU B 152 39.51 24.18 -45.47
N GLY B 153 38.77 24.67 -44.47
CA GLY B 153 37.32 24.50 -44.48
C GLY B 153 36.59 25.51 -45.33
N LYS B 154 37.09 26.73 -45.42
CA LYS B 154 36.29 27.77 -46.06
C LYS B 154 37.01 28.48 -47.20
N TYR B 155 38.29 28.80 -47.04
CA TYR B 155 38.95 29.80 -47.89
C TYR B 155 39.66 29.21 -49.11
N LEU B 156 40.50 28.20 -48.91
CA LEU B 156 41.25 27.63 -50.03
C LEU B 156 40.31 27.09 -51.09
N VAL B 157 40.64 27.36 -52.36
CA VAL B 157 39.82 26.89 -53.47
C VAL B 157 39.77 25.37 -53.46
N GLN B 158 38.56 24.82 -53.49
CA GLN B 158 38.37 23.38 -53.33
C GLN B 158 37.13 22.93 -54.10
N ASN B 159 36.86 21.63 -54.01
CA ASN B 159 35.70 21.01 -54.63
C ASN B 159 34.72 20.61 -53.53
N ARG B 160 33.50 21.16 -53.60
CA ARG B 160 32.50 20.93 -52.56
C ARG B 160 31.76 19.60 -52.73
N VAL B 161 32.00 18.88 -53.82
CA VAL B 161 31.45 17.54 -54.02
C VAL B 161 32.52 16.47 -53.83
N THR B 162 33.74 16.75 -54.31
CA THR B 162 34.85 15.82 -54.18
C THR B 162 35.55 15.95 -52.83
N GLY B 163 35.73 17.18 -52.35
CA GLY B 163 36.57 17.43 -51.20
C GLY B 163 38.01 17.70 -51.55
N GLU B 164 38.29 17.92 -52.84
CA GLU B 164 39.65 18.07 -53.34
C GLU B 164 40.14 19.49 -53.10
N ILE B 165 41.23 19.63 -52.34
CA ILE B 165 41.85 20.92 -52.09
C ILE B 165 42.81 21.22 -53.23
N TYR B 166 42.75 22.45 -53.77
CA TYR B 166 43.45 22.78 -55.00
C TYR B 166 44.65 23.71 -54.84
N GLU B 167 44.71 24.53 -53.79
CA GLU B 167 45.74 25.56 -53.70
C GLU B 167 46.35 25.58 -52.30
N SER B 168 47.37 26.43 -52.15
CA SER B 168 48.02 26.72 -50.88
C SER B 168 47.54 28.07 -50.35
N ALA B 169 48.00 28.40 -49.13
CA ALA B 169 47.60 29.66 -48.53
C ALA B 169 48.30 30.85 -49.17
N GLN B 170 49.60 30.70 -49.47
CA GLN B 170 50.34 31.81 -50.06
C GLN B 170 49.93 32.03 -51.52
N PHE B 171 49.43 30.99 -52.19
CA PHE B 171 48.88 31.20 -53.53
C PHE B 171 47.58 31.97 -53.47
N LEU B 172 46.74 31.66 -52.47
CA LEU B 172 45.54 32.44 -52.23
C LEU B 172 45.88 33.92 -52.04
N TYR B 173 46.86 34.21 -51.19
CA TYR B 173 47.24 35.59 -50.92
C TYR B 173 47.72 36.31 -52.17
N ILE B 174 48.66 35.71 -52.90
CA ILE B 174 49.30 36.42 -54.01
C ILE B 174 48.30 36.68 -55.14
N LEU B 175 47.29 35.83 -55.30
CA LEU B 175 46.31 36.04 -56.35
C LEU B 175 45.23 37.02 -55.94
N VAL B 176 44.88 37.06 -54.65
CA VAL B 176 43.99 38.11 -54.17
C VAL B 176 44.62 39.48 -54.36
N ALA B 177 45.94 39.57 -54.17
CA ALA B 177 46.63 40.82 -54.46
C ALA B 177 46.68 41.09 -55.96
N ALA B 178 46.94 40.05 -56.76
CA ALA B 178 47.04 40.21 -58.20
C ALA B 178 45.71 40.63 -58.82
N CYS B 179 44.63 39.92 -58.47
CA CYS B 179 43.34 40.18 -59.08
C CYS B 179 42.83 41.57 -58.73
N LEU B 180 43.02 42.01 -57.49
CA LEU B 180 42.46 43.30 -57.07
C LEU B 180 43.17 44.46 -57.77
N PHE B 181 44.48 44.38 -57.92
CA PHE B 181 45.25 45.42 -58.59
C PHE B 181 45.53 45.12 -60.05
N SER B 182 44.72 44.26 -60.68
CA SER B 182 44.97 43.86 -62.05
C SER B 182 44.77 45.00 -63.05
N ASN B 183 43.96 46.00 -62.71
CA ASN B 183 43.68 47.11 -63.60
C ASN B 183 44.56 48.32 -63.37
N TYR B 184 45.50 48.23 -62.43
CA TYR B 184 46.39 49.36 -62.17
C TYR B 184 47.40 49.50 -63.33
N PRO B 185 47.92 50.71 -63.55
CA PRO B 185 48.95 50.88 -64.58
C PRO B 185 50.19 50.05 -64.26
N ARG B 186 50.83 49.54 -65.30
CA ARG B 186 51.96 48.63 -65.13
C ARG B 186 53.16 49.29 -64.47
N GLU B 187 53.24 50.62 -64.48
CA GLU B 187 54.37 51.29 -63.85
C GLU B 187 54.32 51.21 -62.33
N THR B 188 53.14 51.01 -61.75
CA THR B 188 53.00 50.89 -60.31
C THR B 188 52.26 49.63 -59.87
N ARG B 189 51.79 48.80 -60.82
CA ARG B 189 50.96 47.65 -60.49
C ARG B 189 51.67 46.66 -59.58
N LEU B 190 52.74 46.03 -60.06
CA LEU B 190 53.43 45.03 -59.26
C LEU B 190 54.03 45.63 -58.00
N GLN B 191 54.24 46.94 -57.97
CA GLN B 191 54.65 47.60 -56.73
C GLN B 191 53.55 47.47 -55.68
N TYR B 192 52.28 47.62 -56.08
CA TYR B 192 51.18 47.43 -55.15
C TYR B 192 50.95 45.96 -54.85
N VAL B 193 51.01 45.10 -55.88
CA VAL B 193 50.72 43.68 -55.69
C VAL B 193 51.65 43.07 -54.65
N LYS B 194 52.92 43.50 -54.63
CA LYS B 194 53.83 43.01 -53.59
C LYS B 194 53.47 43.60 -52.24
N ARG B 195 53.27 44.91 -52.18
CA ARG B 195 52.99 45.58 -50.90
C ARG B 195 51.71 45.04 -50.27
N PHE B 196 50.66 44.84 -51.07
CA PHE B 196 49.41 44.32 -50.53
C PHE B 196 49.54 42.86 -50.13
N TYR B 197 50.32 42.08 -50.87
CA TYR B 197 50.54 40.69 -50.49
C TYR B 197 51.22 40.59 -49.12
N ASP B 198 52.28 41.37 -48.92
CA ASP B 198 52.97 41.37 -47.62
C ASP B 198 52.03 41.80 -46.50
N ALA B 199 51.13 42.73 -46.78
CA ALA B 199 50.24 43.24 -45.73
C ALA B 199 49.31 42.15 -45.21
N VAL B 200 48.79 41.31 -46.10
CA VAL B 200 47.82 40.30 -45.68
C VAL B 200 48.51 39.00 -45.24
N SER B 201 49.68 38.69 -45.79
CA SER B 201 50.40 37.47 -45.42
C SER B 201 51.20 37.63 -44.14
N THR B 202 51.43 38.86 -43.68
CA THR B 202 52.02 39.11 -42.37
C THR B 202 51.01 39.67 -41.38
N PHE B 203 49.72 39.55 -41.70
CA PHE B 203 48.62 39.81 -40.78
C PHE B 203 48.55 41.27 -40.34
N LYS B 204 48.93 42.19 -41.23
CA LYS B 204 48.69 43.60 -40.99
C LYS B 204 47.26 43.99 -41.36
N ILE B 205 46.75 43.39 -42.43
CA ILE B 205 45.40 43.62 -42.92
C ILE B 205 44.66 42.29 -42.95
N SER B 206 43.39 42.31 -42.52
CA SER B 206 42.54 41.13 -42.48
C SER B 206 41.53 41.15 -43.62
N LEU B 207 41.36 40.01 -44.29
CA LEU B 207 40.43 39.96 -45.41
C LEU B 207 39.21 39.11 -45.06
N PRO B 208 38.01 39.53 -45.49
CA PRO B 208 36.78 38.82 -45.09
C PRO B 208 36.62 37.50 -45.82
N THR B 209 35.64 36.72 -45.35
CA THR B 209 35.35 35.42 -45.93
C THR B 209 35.13 35.44 -47.44
N PRO B 210 34.28 36.31 -48.01
CA PRO B 210 34.08 36.25 -49.46
C PRO B 210 35.32 36.64 -50.26
N ILE B 211 36.15 37.54 -49.72
CA ILE B 211 37.39 37.89 -50.41
C ILE B 211 38.38 36.74 -50.37
N MET B 212 38.52 36.10 -49.21
CA MET B 212 39.44 34.97 -49.08
C MET B 212 39.04 33.81 -49.98
N SER B 213 37.76 33.45 -49.97
CA SER B 213 37.30 32.28 -50.72
C SER B 213 37.00 32.56 -52.19
N GLY B 214 36.90 33.83 -52.60
CA GLY B 214 36.41 34.12 -53.93
C GLY B 214 37.34 34.82 -54.90
N VAL B 215 38.13 35.79 -54.43
CA VAL B 215 38.88 36.67 -55.34
C VAL B 215 39.99 35.91 -56.05
N ARG B 216 39.64 35.31 -57.20
CA ARG B 216 40.50 34.68 -58.20
C ARG B 216 39.69 33.64 -58.96
N THR B 217 38.48 33.40 -58.50
CA THR B 217 37.56 32.42 -59.06
C THR B 217 36.61 33.07 -60.07
N PRO B 218 36.03 32.25 -60.96
CA PRO B 218 35.10 32.82 -61.96
C PRO B 218 33.98 33.68 -61.38
N THR B 219 33.26 33.18 -60.37
CA THR B 219 32.12 33.92 -59.83
C THR B 219 32.60 35.10 -59.00
N ARG B 220 32.36 36.32 -59.50
CA ARG B 220 32.87 37.53 -58.88
C ARG B 220 31.76 38.21 -58.07
N GLN B 221 31.71 37.88 -56.78
CA GLN B 221 30.89 38.62 -55.82
C GLN B 221 31.60 38.56 -54.48
N PHE B 222 31.98 39.74 -53.96
CA PHE B 222 32.83 39.78 -52.78
C PHE B 222 32.40 40.82 -51.76
N SER B 223 31.19 41.37 -51.87
CA SER B 223 30.65 42.27 -50.86
C SER B 223 29.96 41.43 -49.79
N SER B 224 30.41 41.55 -48.54
CA SER B 224 29.90 40.71 -47.48
C SER B 224 28.46 41.05 -47.11
N CYS B 225 28.10 42.33 -47.18
CA CYS B 225 26.83 42.83 -46.67
C CYS B 225 25.94 43.31 -47.81
N VAL B 226 24.68 42.88 -47.80
CA VAL B 226 23.67 43.28 -48.79
C VAL B 226 22.45 43.79 -48.04
N LEU B 227 22.05 45.03 -48.32
CA LEU B 227 20.90 45.65 -47.68
C LEU B 227 19.79 45.85 -48.71
N ILE B 228 18.66 45.19 -48.49
CA ILE B 228 17.51 45.28 -49.39
C ILE B 228 16.34 45.89 -48.63
N GLU B 229 15.70 46.89 -49.24
CA GLU B 229 14.51 47.51 -48.69
C GLU B 229 13.30 47.07 -49.49
N CYS B 230 12.22 46.72 -48.78
CA CYS B 230 11.02 46.17 -49.39
C CYS B 230 9.87 47.17 -49.29
N GLY B 231 9.22 47.44 -50.42
CA GLY B 231 8.04 48.27 -50.46
C GLY B 231 6.76 47.48 -50.28
N ASP B 232 5.66 48.21 -50.05
CA ASP B 232 4.38 47.60 -49.72
C ASP B 232 3.61 47.20 -50.98
N SER B 233 4.22 46.29 -51.75
CA SER B 233 3.60 45.79 -52.96
C SER B 233 4.13 44.40 -53.26
N LEU B 234 3.32 43.61 -53.96
CA LEU B 234 3.76 42.29 -54.39
C LEU B 234 4.95 42.39 -55.34
N ASP B 235 4.99 43.43 -56.17
CA ASP B 235 6.12 43.63 -57.06
C ASP B 235 7.42 43.82 -56.27
N SER B 236 7.35 44.57 -55.17
CA SER B 236 8.54 44.79 -54.37
C SER B 236 8.93 43.54 -53.60
N ILE B 237 7.95 42.84 -53.03
CA ILE B 237 8.23 41.60 -52.31
C ILE B 237 8.85 40.57 -53.26
N ASN B 238 8.30 40.45 -54.47
CA ASN B 238 8.88 39.54 -55.46
C ASN B 238 10.30 39.95 -55.84
N ALA B 239 10.51 41.26 -56.05
CA ALA B 239 11.86 41.74 -56.35
C ALA B 239 12.81 41.48 -55.20
N THR B 240 12.35 41.72 -53.97
CA THR B 240 13.18 41.49 -52.79
C THR B 240 13.60 40.03 -52.69
N SER B 241 12.64 39.11 -52.82
CA SER B 241 12.93 37.69 -52.70
C SER B 241 13.94 37.24 -53.76
N SER B 242 13.73 37.66 -55.01
CA SER B 242 14.64 37.27 -56.09
C SER B 242 16.04 37.83 -55.85
N ALA B 243 16.13 39.05 -55.32
CA ALA B 243 17.44 39.64 -55.02
C ALA B 243 18.12 38.89 -53.88
N ILE B 244 17.35 38.46 -52.87
CA ILE B 244 17.91 37.68 -51.77
C ILE B 244 18.51 36.38 -52.30
N VAL B 245 17.74 35.64 -53.09
CA VAL B 245 18.21 34.35 -53.62
C VAL B 245 19.53 34.52 -54.37
N LYS B 246 19.63 35.57 -55.19
CA LYS B 246 20.86 35.79 -55.96
C LYS B 246 22.06 36.04 -55.06
N TYR B 247 21.90 36.88 -54.05
CA TYR B 247 23.07 37.29 -53.28
C TYR B 247 23.44 36.31 -52.18
N VAL B 248 22.49 35.52 -51.68
CA VAL B 248 22.88 34.46 -50.75
C VAL B 248 23.71 33.40 -51.47
N SER B 249 23.38 33.12 -52.73
CA SER B 249 24.12 32.16 -53.53
C SER B 249 25.53 32.62 -53.85
N GLN B 250 25.86 33.87 -53.56
CA GLN B 250 27.17 34.43 -53.87
C GLN B 250 27.77 35.05 -52.61
N ARG B 251 27.88 34.24 -51.57
CA ARG B 251 28.70 34.46 -50.38
C ARG B 251 28.24 35.62 -49.50
N ALA B 252 27.07 36.20 -49.75
CA ALA B 252 26.68 37.43 -49.08
C ALA B 252 25.72 37.16 -47.92
N GLY B 253 25.68 38.11 -46.99
CA GLY B 253 24.77 38.08 -45.87
C GLY B 253 23.82 39.26 -45.91
N ILE B 254 22.51 38.98 -45.79
CA ILE B 254 21.47 39.91 -46.18
C ILE B 254 20.91 40.63 -44.96
N GLY B 255 20.54 41.89 -45.15
CA GLY B 255 19.68 42.61 -44.23
C GLY B 255 18.41 43.05 -44.93
N ILE B 256 17.24 42.65 -44.42
CA ILE B 256 15.95 42.91 -45.05
C ILE B 256 15.20 43.95 -44.24
N ASN B 257 14.59 44.91 -44.93
CA ASN B 257 13.75 45.93 -44.31
C ASN B 257 12.33 45.71 -44.78
N ALA B 258 11.53 45.01 -43.96
CA ALA B 258 10.13 44.75 -44.27
C ALA B 258 9.20 45.53 -43.35
N GLY B 259 9.64 46.69 -42.85
CA GLY B 259 8.79 47.49 -42.01
C GLY B 259 7.67 48.21 -42.74
N ARG B 260 7.81 48.37 -44.06
CA ARG B 260 6.81 49.06 -44.86
C ARG B 260 5.56 48.24 -45.11
N ILE B 261 5.64 46.91 -44.99
CA ILE B 261 4.51 46.03 -45.28
C ILE B 261 3.37 46.32 -44.30
N ARG B 262 2.17 46.51 -44.86
CA ARG B 262 1.02 46.86 -44.04
C ARG B 262 0.63 45.71 -43.10
N ALA B 263 -0.07 46.08 -42.03
CA ALA B 263 -0.34 45.16 -40.94
C ALA B 263 -1.45 44.17 -41.28
N LEU B 264 -1.53 43.12 -40.49
CA LEU B 264 -2.57 42.11 -40.63
C LEU B 264 -3.95 42.73 -40.45
N GLY B 265 -4.87 42.40 -41.35
CA GLY B 265 -6.22 42.90 -41.29
C GLY B 265 -6.49 44.13 -42.13
N SER B 266 -5.46 44.78 -42.65
CA SER B 266 -5.65 45.95 -43.47
C SER B 266 -6.38 45.59 -44.77
N PRO B 267 -7.17 46.52 -45.31
CA PRO B 267 -7.90 46.23 -46.55
C PRO B 267 -6.96 46.14 -47.76
N ILE B 268 -7.27 45.21 -48.66
CA ILE B 268 -6.55 45.05 -49.92
C ILE B 268 -7.47 45.47 -51.05
N ARG B 269 -7.00 46.39 -51.89
CA ARG B 269 -7.72 46.83 -53.08
C ARG B 269 -9.12 47.35 -52.72
N GLY B 270 -9.17 48.20 -51.71
CA GLY B 270 -10.42 48.77 -51.25
C GLY B 270 -11.22 47.90 -50.31
N GLY B 271 -10.90 46.61 -50.23
CA GLY B 271 -11.62 45.69 -49.37
C GLY B 271 -11.90 44.38 -50.07
N GLU B 272 -11.33 44.21 -51.28
CA GLU B 272 -11.49 42.97 -52.02
C GLU B 272 -10.85 41.79 -51.31
N ALA B 273 -9.89 42.02 -50.42
CA ALA B 273 -9.20 40.94 -49.74
C ALA B 273 -8.79 41.37 -48.34
N PHE B 274 -8.57 40.38 -47.50
CA PHE B 274 -8.13 40.54 -46.12
C PHE B 274 -6.62 40.35 -46.10
N HIS B 275 -5.87 41.35 -45.64
CA HIS B 275 -4.42 41.27 -45.69
C HIS B 275 -3.92 40.23 -44.68
N THR B 276 -3.21 39.21 -45.18
CA THR B 276 -2.82 38.09 -44.34
C THR B 276 -1.76 38.47 -43.31
N GLY B 277 -1.07 39.59 -43.49
CA GLY B 277 -0.12 40.08 -42.51
C GLY B 277 1.31 39.97 -42.99
N CYS B 278 2.23 40.38 -42.10
CA CYS B 278 3.65 40.34 -42.41
C CYS B 278 4.20 38.92 -42.32
N ILE B 279 3.74 38.14 -41.34
CA ILE B 279 4.33 36.82 -41.09
C ILE B 279 4.30 35.91 -42.33
N PRO B 280 3.20 35.81 -43.07
CA PRO B 280 3.23 34.96 -44.28
C PRO B 280 4.25 35.42 -45.30
N PHE B 281 4.63 36.69 -45.30
CA PHE B 281 5.67 37.19 -46.19
C PHE B 281 7.06 37.01 -45.59
N TYR B 282 7.17 37.17 -44.26
CA TYR B 282 8.44 36.89 -43.59
C TYR B 282 8.85 35.44 -43.81
N LYS B 283 7.88 34.52 -43.75
CA LYS B 283 8.18 33.13 -44.07
C LYS B 283 8.73 32.99 -45.48
N HIS B 284 8.22 33.80 -46.41
CA HIS B 284 8.73 33.76 -47.79
C HIS B 284 10.16 34.28 -47.87
N PHE B 285 10.48 35.31 -47.10
CA PHE B 285 11.84 35.82 -47.07
C PHE B 285 12.81 34.81 -46.50
N GLN B 286 12.36 34.00 -45.52
CA GLN B 286 13.26 33.03 -44.90
C GLN B 286 13.64 31.91 -45.85
N THR B 287 12.66 31.33 -46.56
CA THR B 287 12.97 30.24 -47.48
C THR B 287 13.89 30.70 -48.59
N ALA B 288 13.85 31.99 -48.94
CA ALA B 288 14.79 32.52 -49.91
C ALA B 288 16.22 32.48 -49.38
N VAL B 289 16.41 32.80 -48.10
CA VAL B 289 17.76 32.87 -47.54
C VAL B 289 18.38 31.49 -47.43
N LYS B 290 17.61 30.51 -47.00
CA LYS B 290 18.11 29.15 -46.78
C LYS B 290 17.96 28.28 -48.02
N SER B 291 17.71 28.87 -49.19
CA SER B 291 17.31 28.08 -50.36
C SER B 291 18.48 27.35 -51.01
N CYS B 292 19.68 27.91 -50.98
CA CYS B 292 20.70 27.41 -51.92
C CYS B 292 22.14 27.52 -51.44
N SER B 293 22.42 28.36 -50.45
CA SER B 293 23.79 28.66 -50.10
C SER B 293 24.37 27.71 -49.05
N GLN B 294 23.60 26.72 -48.59
CA GLN B 294 24.08 25.85 -47.52
C GLN B 294 25.17 24.90 -48.00
N GLY B 295 25.20 24.61 -49.30
CA GLY B 295 26.23 23.75 -49.87
C GLY B 295 27.52 24.46 -50.20
N GLY B 296 27.48 25.78 -50.35
CA GLY B 296 28.66 26.56 -50.66
C GLY B 296 29.58 26.75 -49.47
N VAL B 297 30.35 27.84 -49.51
CA VAL B 297 31.32 28.11 -48.45
C VAL B 297 30.62 28.19 -47.10
N ARG B 298 29.55 28.97 -47.01
CA ARG B 298 28.82 29.18 -45.78
C ARG B 298 27.35 29.32 -46.10
N GLY B 299 26.50 28.96 -45.13
CA GLY B 299 25.07 29.10 -45.33
C GLY B 299 24.62 30.54 -45.41
N GLY B 300 23.43 30.71 -45.99
CA GLY B 300 22.81 32.03 -46.05
C GLY B 300 22.19 32.42 -44.72
N ALA B 301 22.39 33.68 -44.34
CA ALA B 301 21.80 34.22 -43.12
C ALA B 301 21.31 35.63 -43.39
N ALA B 302 20.20 36.00 -42.74
CA ALA B 302 19.60 37.30 -42.93
C ALA B 302 19.02 37.82 -41.63
N THR B 303 19.00 39.15 -41.51
CA THR B 303 18.35 39.84 -40.39
C THR B 303 17.27 40.77 -40.94
N LEU B 304 16.07 40.65 -40.40
CA LEU B 304 14.91 41.43 -40.84
C LEU B 304 14.63 42.55 -39.84
N PHE B 305 14.26 43.71 -40.35
CA PHE B 305 14.08 44.92 -39.55
C PHE B 305 12.64 45.42 -39.63
N TYR B 306 12.14 45.93 -38.51
CA TYR B 306 10.81 46.52 -38.46
C TYR B 306 10.79 47.57 -37.36
N PRO B 307 9.97 48.62 -37.50
CA PRO B 307 9.88 49.63 -36.45
C PRO B 307 9.16 49.11 -35.22
N MET B 308 9.52 49.68 -34.06
CA MET B 308 8.89 49.27 -32.79
C MET B 308 7.41 49.60 -32.77
N TRP B 309 6.98 50.64 -33.48
CA TRP B 309 5.60 51.07 -33.47
C TRP B 309 4.74 50.36 -34.51
N HIS B 310 5.27 49.35 -35.18
CA HIS B 310 4.47 48.59 -36.14
C HIS B 310 3.32 47.90 -35.41
N LEU B 311 2.20 47.73 -36.11
CA LEU B 311 1.00 47.20 -35.46
C LEU B 311 1.18 45.76 -35.03
N GLU B 312 1.94 44.97 -35.78
CA GLU B 312 2.19 43.57 -35.47
C GLU B 312 3.39 43.35 -34.56
N VAL B 313 3.93 44.42 -33.94
CA VAL B 313 5.22 44.32 -33.26
C VAL B 313 5.18 43.29 -32.14
N GLU B 314 4.02 43.09 -31.52
CA GLU B 314 3.92 42.09 -30.46
C GLU B 314 4.01 40.68 -31.01
N SER B 315 3.56 40.49 -32.26
CA SER B 315 3.67 39.20 -32.91
C SER B 315 5.05 38.97 -33.52
N LEU B 316 5.78 40.04 -33.81
CA LEU B 316 7.08 39.91 -34.46
C LEU B 316 8.20 39.64 -33.46
N LEU B 317 8.07 40.14 -32.22
CA LEU B 317 9.11 39.96 -31.22
C LEU B 317 9.28 38.49 -30.83
N VAL B 318 8.25 37.66 -31.02
CA VAL B 318 8.30 36.28 -30.58
C VAL B 318 8.54 35.32 -31.74
N LEU B 319 8.95 35.83 -32.91
CA LEU B 319 9.09 34.97 -34.08
C LEU B 319 10.24 33.97 -33.95
N LYS B 320 11.18 34.21 -33.03
CA LYS B 320 12.30 33.29 -32.83
C LYS B 320 12.10 32.35 -31.65
N ASN B 321 11.18 32.69 -30.75
CA ASN B 321 10.90 31.87 -29.59
C ASN B 321 10.49 30.46 -30.01
N ASN B 322 11.05 29.45 -29.32
CA ASN B 322 10.84 28.07 -29.71
C ASN B 322 9.47 27.52 -29.33
N ARG B 323 8.64 28.29 -28.64
CA ARG B 323 7.29 27.87 -28.33
C ARG B 323 6.32 28.37 -29.41
N GLY B 324 5.04 28.06 -29.24
CA GLY B 324 4.03 28.44 -30.20
C GLY B 324 4.06 27.55 -31.44
N VAL B 325 3.03 27.72 -32.27
CA VAL B 325 2.87 26.90 -33.46
C VAL B 325 3.70 27.45 -34.60
N GLU B 326 3.85 26.64 -35.66
CA GLU B 326 4.66 27.03 -36.81
C GLU B 326 4.07 28.19 -37.60
N GLY B 327 2.75 28.41 -37.52
CA GLY B 327 2.11 29.45 -38.31
C GLY B 327 2.53 30.85 -37.93
N ASN B 328 2.92 31.05 -36.67
CA ASN B 328 3.33 32.37 -36.17
C ASN B 328 4.77 32.36 -35.70
N ARG B 329 5.60 31.49 -36.29
CA ARG B 329 7.02 31.40 -35.97
C ARG B 329 7.84 31.40 -37.25
N VAL B 330 8.83 32.29 -37.33
CA VAL B 330 9.81 32.33 -38.40
C VAL B 330 11.19 32.32 -37.75
N ARG B 331 11.66 31.12 -37.36
CA ARG B 331 12.75 31.02 -36.40
C ARG B 331 14.13 31.24 -37.01
N HIS B 332 14.34 30.84 -38.27
CA HIS B 332 15.68 30.77 -38.84
C HIS B 332 16.15 32.09 -39.44
N MET B 333 15.60 33.21 -38.98
CA MET B 333 16.11 34.54 -39.33
C MET B 333 16.25 35.35 -38.06
N ASP B 334 17.13 36.35 -38.09
CA ASP B 334 17.29 37.28 -36.99
C ASP B 334 16.47 38.54 -37.25
N TYR B 335 16.26 39.31 -36.19
CA TYR B 335 15.42 40.49 -36.28
C TYR B 335 16.04 41.65 -35.54
N GLY B 336 15.90 42.84 -36.12
CA GLY B 336 16.35 44.07 -35.49
C GLY B 336 15.21 45.04 -35.26
N VAL B 337 14.99 45.44 -34.01
CA VAL B 337 13.92 46.39 -33.69
C VAL B 337 14.46 47.81 -33.81
N GLN B 338 13.71 48.67 -34.52
CA GLN B 338 14.12 50.04 -34.78
C GLN B 338 13.43 50.96 -33.77
N ILE B 339 14.25 51.72 -33.03
CA ILE B 339 13.77 52.53 -31.91
C ILE B 339 14.35 53.94 -32.06
N ASN B 340 13.59 54.94 -31.60
CA ASN B 340 14.05 56.32 -31.59
C ASN B 340 13.84 56.92 -30.20
N LYS B 341 14.18 58.21 -30.08
CA LYS B 341 14.15 58.88 -28.78
C LYS B 341 12.75 58.89 -28.19
N LEU B 342 11.73 59.14 -29.01
CA LEU B 342 10.37 59.24 -28.49
C LEU B 342 9.93 57.94 -27.84
N MET B 343 10.32 56.80 -28.41
CA MET B 343 9.98 55.51 -27.83
C MET B 343 10.60 55.35 -26.45
N TYR B 344 11.89 55.71 -26.30
CA TYR B 344 12.52 55.63 -24.99
C TYR B 344 11.87 56.58 -24.00
N THR B 345 11.41 57.75 -24.47
CA THR B 345 10.76 58.70 -23.56
C THR B 345 9.49 58.12 -22.97
N ARG B 346 8.69 57.43 -23.79
CA ARG B 346 7.47 56.79 -23.28
C ARG B 346 7.79 55.72 -22.23
N LEU B 347 8.94 55.08 -22.35
CA LEU B 347 9.33 54.08 -21.34
C LEU B 347 9.72 54.76 -20.03
N LEU B 348 10.55 55.81 -20.11
CA LEU B 348 10.99 56.50 -18.89
C LEU B 348 9.83 57.14 -18.16
N LYS B 349 8.87 57.70 -18.89
CA LYS B 349 7.68 58.29 -18.30
C LYS B 349 6.67 57.25 -17.85
N GLY B 350 6.84 55.99 -18.22
CA GLY B 350 5.88 54.97 -17.87
C GLY B 350 4.55 55.11 -18.58
N GLU B 351 4.53 55.75 -19.75
CA GLU B 351 3.30 55.98 -20.49
C GLU B 351 3.09 54.85 -21.49
N ASP B 352 2.27 55.08 -22.52
CA ASP B 352 1.92 54.07 -23.51
C ASP B 352 2.68 54.31 -24.82
N ILE B 353 2.61 53.32 -25.70
CA ILE B 353 3.09 53.41 -27.07
C ILE B 353 1.97 52.99 -28.00
N THR B 354 1.64 53.82 -28.98
CA THR B 354 0.57 53.52 -29.92
C THR B 354 1.13 52.81 -31.16
N LEU B 355 0.45 51.76 -31.58
CA LEU B 355 0.84 50.95 -32.73
C LEU B 355 -0.06 51.27 -33.91
N PHE B 356 0.55 51.50 -35.07
CA PHE B 356 -0.18 51.80 -36.29
C PHE B 356 0.26 50.84 -37.39
N SER B 357 -0.62 50.66 -38.36
CA SER B 357 -0.19 50.06 -39.62
C SER B 357 0.46 51.14 -40.48
N PRO B 358 1.66 50.91 -41.02
CA PRO B 358 2.34 51.95 -41.79
C PRO B 358 1.56 52.43 -43.02
N SER B 359 0.54 51.70 -43.44
CA SER B 359 -0.30 52.13 -44.57
C SER B 359 -1.38 53.10 -44.16
N ASP B 360 -1.65 53.24 -42.86
CA ASP B 360 -2.71 54.11 -42.35
C ASP B 360 -2.18 55.38 -41.70
N VAL B 361 -0.88 55.67 -41.84
CA VAL B 361 -0.28 56.82 -41.17
C VAL B 361 0.63 57.56 -42.15
N PRO B 362 0.11 58.49 -42.94
CA PRO B 362 0.91 59.13 -43.99
C PRO B 362 2.10 59.88 -43.42
N GLY B 363 3.28 59.62 -43.98
CA GLY B 363 4.50 60.31 -43.63
C GLY B 363 5.15 59.88 -42.33
N LEU B 364 4.52 58.97 -41.58
CA LEU B 364 5.09 58.57 -40.30
C LEU B 364 6.32 57.69 -40.49
N TYR B 365 6.30 56.81 -41.49
CA TYR B 365 7.41 55.89 -41.70
C TYR B 365 8.68 56.63 -42.08
N ASP B 366 8.60 57.52 -43.07
CA ASP B 366 9.78 58.25 -43.53
C ASP B 366 10.31 59.21 -42.47
N ALA B 367 9.40 59.83 -41.71
CA ALA B 367 9.83 60.71 -40.63
C ALA B 367 10.55 59.95 -39.53
N PHE B 368 10.20 58.67 -39.32
CA PHE B 368 10.79 57.86 -38.27
C PHE B 368 12.31 57.77 -38.41
N PHE B 369 12.84 57.95 -39.61
CA PHE B 369 14.27 57.92 -39.88
C PHE B 369 14.86 59.30 -40.13
N ALA B 370 14.22 60.08 -41.00
CA ALA B 370 14.84 61.32 -41.48
C ALA B 370 14.61 62.49 -40.53
N ASP B 371 13.38 62.67 -40.04
CA ASP B 371 12.96 63.89 -39.34
C ASP B 371 12.38 63.51 -37.98
N GLN B 372 13.18 63.66 -36.92
CA GLN B 372 12.72 63.31 -35.58
C GLN B 372 11.65 64.26 -35.07
N GLU B 373 11.72 65.54 -35.42
CA GLU B 373 10.69 66.49 -35.00
C GLU B 373 9.37 66.23 -35.74
N GLU B 374 9.44 66.06 -37.06
CA GLU B 374 8.22 65.80 -37.82
C GLU B 374 7.56 64.50 -37.38
N PHE B 375 8.36 63.54 -36.94
CA PHE B 375 7.80 62.29 -36.42
C PHE B 375 7.00 62.55 -35.14
N GLU B 376 7.59 63.30 -34.20
CA GLU B 376 6.89 63.64 -32.96
C GLU B 376 5.59 64.37 -33.25
N ARG B 377 5.57 65.21 -34.30
CA ARG B 377 4.34 65.90 -34.68
C ARG B 377 3.30 64.92 -35.22
N LEU B 378 3.65 64.14 -36.25
CA LEU B 378 2.70 63.23 -36.86
C LEU B 378 2.24 62.14 -35.89
N TYR B 379 3.16 61.65 -35.04
CA TYR B 379 2.83 60.57 -34.12
C TYR B 379 1.75 61.00 -33.14
N THR B 380 1.98 62.12 -32.45
CA THR B 380 1.00 62.59 -31.47
C THR B 380 -0.34 62.96 -32.10
N LYS B 381 -0.32 63.45 -33.36
CA LYS B 381 -1.57 63.75 -34.04
C LYS B 381 -2.37 62.49 -34.31
N TYR B 382 -1.74 61.49 -34.94
CA TYR B 382 -2.43 60.25 -35.27
C TYR B 382 -2.84 59.48 -34.03
N GLU B 383 -2.15 59.67 -32.90
CA GLU B 383 -2.57 59.06 -31.65
C GLU B 383 -3.93 59.59 -31.19
N LYS B 384 -4.23 60.85 -31.55
CA LYS B 384 -5.48 61.49 -31.17
C LYS B 384 -6.58 61.28 -32.20
N ASP B 385 -6.21 61.01 -33.46
CA ASP B 385 -7.18 60.68 -34.49
C ASP B 385 -7.85 59.34 -34.17
N ASP B 386 -9.18 59.32 -34.12
CA ASP B 386 -9.93 58.12 -33.80
C ASP B 386 -10.36 57.31 -35.03
N SER B 387 -10.25 57.87 -36.23
CA SER B 387 -10.55 57.12 -37.43
C SER B 387 -9.42 56.19 -37.84
N ILE B 388 -8.22 56.38 -37.30
CA ILE B 388 -7.06 55.57 -37.65
C ILE B 388 -7.06 54.31 -36.79
N ARG B 389 -6.88 53.16 -37.43
CA ARG B 389 -6.75 51.91 -36.68
C ARG B 389 -5.47 51.93 -35.87
N LYS B 390 -5.59 51.72 -34.56
CA LYS B 390 -4.44 51.80 -33.66
C LYS B 390 -4.58 50.74 -32.56
N GLN B 391 -3.54 50.65 -31.74
CA GLN B 391 -3.50 49.71 -30.62
C GLN B 391 -2.50 50.24 -29.61
N ARG B 392 -2.97 50.54 -28.40
CA ARG B 392 -2.10 51.07 -27.35
C ARG B 392 -1.55 49.93 -26.50
N VAL B 393 -0.28 50.02 -26.16
CA VAL B 393 0.39 49.07 -25.26
C VAL B 393 1.18 49.88 -24.25
N LYS B 394 1.25 49.39 -23.02
CA LYS B 394 2.10 50.00 -22.00
C LYS B 394 3.55 49.95 -22.46
N ALA B 395 4.18 51.13 -22.53
CA ALA B 395 5.58 51.19 -22.98
C ALA B 395 6.48 50.30 -22.12
N VAL B 396 6.16 50.19 -20.82
CA VAL B 396 6.91 49.30 -19.95
C VAL B 396 6.79 47.86 -20.41
N GLU B 397 5.57 47.44 -20.77
CA GLU B 397 5.36 46.04 -21.15
C GLU B 397 5.99 45.73 -22.51
N LEU B 398 5.86 46.63 -23.47
CA LEU B 398 6.40 46.36 -24.81
C LEU B 398 7.92 46.21 -24.78
N PHE B 399 8.60 47.10 -24.05
CA PHE B 399 10.05 46.98 -23.92
C PHE B 399 10.43 45.69 -23.21
N SER B 400 9.62 45.26 -22.23
CA SER B 400 9.92 44.04 -21.50
C SER B 400 9.81 42.82 -22.42
N LEU B 401 8.81 42.79 -23.30
CA LEU B 401 8.69 41.69 -24.25
C LEU B 401 9.89 41.63 -25.18
N MET B 402 10.33 42.78 -25.70
CA MET B 402 11.47 42.82 -26.60
C MET B 402 12.73 42.29 -25.92
N MET B 403 13.07 42.86 -24.75
CA MET B 403 14.29 42.45 -24.07
C MET B 403 14.21 41.01 -23.57
N GLN B 404 13.01 40.53 -23.25
CA GLN B 404 12.87 39.13 -22.84
C GLN B 404 13.16 38.19 -24.01
N GLU B 405 12.66 38.51 -25.19
CA GLU B 405 12.97 37.70 -26.38
C GLU B 405 14.40 37.92 -26.84
N ARG B 406 14.96 39.11 -26.57
CA ARG B 406 16.37 39.32 -26.87
C ARG B 406 17.26 38.47 -25.96
N ALA B 407 16.86 38.32 -24.70
CA ALA B 407 17.69 37.59 -23.75
C ALA B 407 17.63 36.09 -24.00
N SER B 408 16.45 35.57 -24.34
CA SER B 408 16.30 34.13 -24.48
C SER B 408 16.90 33.63 -25.80
N THR B 409 16.74 34.38 -26.89
CA THR B 409 17.26 33.98 -28.18
C THR B 409 18.65 34.52 -28.47
N GLY B 410 18.98 35.70 -27.94
CA GLY B 410 20.25 36.32 -28.24
C GLY B 410 20.33 36.96 -29.60
N ARG B 411 19.26 36.91 -30.39
CA ARG B 411 19.28 37.35 -31.77
C ARG B 411 18.17 38.35 -32.08
N ILE B 412 17.66 39.05 -31.07
CA ILE B 412 16.75 40.18 -31.28
C ILE B 412 17.58 41.45 -31.08
N TYR B 413 17.86 42.15 -32.18
CA TYR B 413 18.79 43.26 -32.16
C TYR B 413 18.05 44.58 -32.12
N ILE B 414 18.79 45.64 -31.79
CA ILE B 414 18.24 46.97 -31.62
C ILE B 414 18.98 47.92 -32.56
N GLN B 415 18.24 48.80 -33.23
CA GLN B 415 18.82 49.85 -34.06
C GLN B 415 18.17 51.17 -33.70
N ASN B 416 18.96 52.08 -33.10
CA ASN B 416 18.49 53.42 -32.80
C ASN B 416 18.57 54.25 -34.08
N VAL B 417 17.44 54.35 -34.78
CA VAL B 417 17.44 54.94 -36.12
C VAL B 417 17.70 56.44 -36.09
N ASP B 418 17.38 57.12 -34.97
CA ASP B 418 17.67 58.54 -34.88
C ASP B 418 19.17 58.79 -34.81
N HIS B 419 19.90 57.97 -34.05
CA HIS B 419 21.35 58.06 -34.05
C HIS B 419 21.95 57.73 -35.41
N CYS B 420 21.32 56.80 -36.15
CA CYS B 420 21.83 56.37 -37.44
C CYS B 420 21.77 57.45 -38.51
N ASN B 421 21.08 58.57 -38.26
CA ASN B 421 20.95 59.63 -39.24
C ASN B 421 21.44 60.99 -38.75
N THR B 422 21.35 61.27 -37.45
CA THR B 422 21.91 62.51 -36.91
C THR B 422 23.44 62.45 -36.83
N HIS B 423 24.02 61.26 -36.77
CA HIS B 423 25.47 61.06 -36.75
C HIS B 423 25.83 60.05 -37.84
N SER B 424 25.67 60.46 -39.09
CA SER B 424 25.91 59.57 -40.21
C SER B 424 26.66 60.32 -41.31
N PRO B 425 27.32 59.59 -42.22
CA PRO B 425 27.94 60.25 -43.37
C PRO B 425 26.93 60.50 -44.50
N PHE B 426 25.63 60.47 -44.20
CA PHE B 426 24.61 60.67 -45.22
C PHE B 426 23.62 61.73 -44.74
N ASP B 427 23.16 62.56 -45.68
CA ASP B 427 22.16 63.57 -45.38
C ASP B 427 20.78 62.93 -45.32
N PRO B 428 20.10 62.93 -44.16
CA PRO B 428 18.80 62.26 -44.07
C PRO B 428 17.76 62.78 -45.06
N ALA B 429 17.87 64.05 -45.48
CA ALA B 429 16.89 64.60 -46.42
C ALA B 429 16.99 63.95 -47.79
N ILE B 430 18.19 63.58 -48.22
CA ILE B 430 18.41 63.02 -49.55
C ILE B 430 18.56 61.51 -49.53
N ALA B 431 19.24 60.98 -48.51
CA ALA B 431 19.54 59.54 -48.47
C ALA B 431 19.54 59.06 -47.02
N PRO B 432 18.36 58.88 -46.44
CA PRO B 432 18.30 58.41 -45.05
C PRO B 432 18.67 56.94 -44.94
N VAL B 433 19.17 56.57 -43.77
CA VAL B 433 19.47 55.19 -43.44
C VAL B 433 18.24 54.58 -42.77
N ARG B 434 17.69 53.53 -43.38
CA ARG B 434 16.45 52.93 -42.89
C ARG B 434 16.60 51.49 -42.43
N GLN B 435 17.79 50.90 -42.40
CA GLN B 435 17.94 49.51 -42.01
C GLN B 435 19.41 49.23 -41.69
N SER B 436 19.71 47.96 -41.43
CA SER B 436 21.07 47.49 -41.21
C SER B 436 21.19 46.11 -41.85
N ASN B 437 22.21 45.35 -41.44
CA ASN B 437 22.49 44.05 -42.06
C ASN B 437 22.40 42.90 -41.07
N LEU B 438 23.08 41.80 -41.40
CA LEU B 438 23.01 40.58 -40.59
C LEU B 438 23.64 40.78 -39.22
N CYS B 439 24.74 41.53 -39.15
CA CYS B 439 25.49 41.66 -37.91
C CYS B 439 25.47 43.08 -37.36
N LEU B 440 24.64 43.97 -37.92
CA LEU B 440 24.31 45.26 -37.32
C LEU B 440 25.51 46.20 -37.26
N GLU B 441 26.43 46.12 -38.21
CA GLU B 441 27.54 47.06 -38.29
C GLU B 441 27.48 47.97 -39.50
N ILE B 442 26.52 47.75 -40.40
CA ILE B 442 26.41 48.50 -41.65
C ILE B 442 25.19 49.41 -41.57
N ALA B 443 25.36 50.66 -42.04
CA ALA B 443 24.28 51.64 -42.07
C ALA B 443 24.38 52.41 -43.39
N LEU B 444 23.55 52.06 -44.35
CA LEU B 444 23.63 52.61 -45.71
C LEU B 444 22.23 52.92 -46.22
N PRO B 445 22.11 53.81 -47.20
CA PRO B 445 20.79 54.12 -47.77
C PRO B 445 20.25 53.00 -48.64
N THR B 446 18.93 52.95 -48.75
CA THR B 446 18.24 51.94 -49.55
C THR B 446 16.99 52.55 -50.18
N LYS B 447 16.58 52.00 -51.31
CA LYS B 447 15.33 52.36 -51.97
C LYS B 447 14.65 51.09 -52.50
N PRO B 448 13.37 50.89 -52.21
CA PRO B 448 12.70 49.65 -52.63
C PRO B 448 12.66 49.50 -54.15
N LEU B 449 12.44 48.27 -54.58
CA LEU B 449 12.42 47.92 -55.99
C LEU B 449 11.01 47.63 -56.46
N ASN B 450 10.75 47.88 -57.74
CA ASN B 450 9.48 47.50 -58.37
C ASN B 450 9.61 46.26 -59.25
N ASP B 451 10.84 45.87 -59.56
CA ASP B 451 11.11 44.63 -60.28
C ASP B 451 12.50 44.18 -59.85
N VAL B 452 12.82 42.92 -60.19
CA VAL B 452 14.16 42.40 -59.90
C VAL B 452 15.23 43.26 -60.54
N ASN B 453 14.94 43.80 -61.73
CA ASN B 453 15.89 44.63 -62.48
C ASN B 453 15.48 46.09 -62.48
N ASP B 454 14.70 46.51 -61.49
CA ASP B 454 14.30 47.91 -61.39
C ASP B 454 15.53 48.79 -61.26
N GLU B 455 15.71 49.67 -62.25
CA GLU B 455 16.87 50.56 -62.24
C GLU B 455 16.78 51.63 -61.16
N ASN B 456 15.56 51.96 -60.74
CA ASN B 456 15.32 53.06 -59.81
C ASN B 456 15.39 52.66 -58.34
N GLY B 457 15.46 51.35 -58.04
CA GLY B 457 15.70 50.93 -56.69
C GLY B 457 17.17 50.92 -56.35
N GLU B 458 17.47 50.90 -55.05
CA GLU B 458 18.86 50.85 -54.58
C GLU B 458 19.02 49.76 -53.52
N ILE B 459 19.91 48.82 -53.79
CA ILE B 459 20.35 47.81 -52.82
C ILE B 459 21.76 48.19 -52.41
N ALA B 460 21.97 48.37 -51.10
CA ALA B 460 23.26 48.81 -50.59
C ALA B 460 24.21 47.63 -50.43
N LEU B 461 25.38 47.71 -51.06
CA LEU B 461 26.45 46.75 -50.86
C LEU B 461 27.57 47.37 -50.04
N CYS B 462 28.27 46.52 -49.29
CA CYS B 462 29.43 46.95 -48.52
C CYS B 462 30.49 45.88 -48.54
N THR B 463 31.74 46.27 -48.83
CA THR B 463 32.89 45.39 -48.86
C THR B 463 33.76 45.64 -47.64
N LEU B 464 34.33 44.58 -47.07
CA LEU B 464 34.94 44.65 -45.74
C LEU B 464 36.44 44.35 -45.81
N SER B 465 37.11 44.70 -44.70
CA SER B 465 38.51 44.42 -44.38
C SER B 465 38.75 44.97 -42.98
N ALA B 466 39.90 44.59 -42.39
CA ALA B 466 40.16 44.95 -41.00
C ALA B 466 41.63 45.25 -40.78
N PHE B 467 41.88 46.14 -39.82
CA PHE B 467 43.24 46.46 -39.34
C PHE B 467 43.56 45.61 -38.12
N ASN B 468 44.71 44.93 -38.16
CA ASN B 468 45.18 44.14 -37.02
C ASN B 468 45.87 45.08 -36.04
N LEU B 469 45.17 45.43 -34.95
CA LEU B 469 45.74 46.33 -33.95
C LEU B 469 46.90 45.69 -33.19
N GLY B 470 46.99 44.36 -33.20
CA GLY B 470 48.11 43.70 -32.56
C GLY B 470 49.37 43.64 -33.40
N ALA B 471 49.27 43.95 -34.70
CA ALA B 471 50.40 43.91 -35.62
C ALA B 471 51.06 45.27 -35.83
N ILE B 472 50.43 46.35 -35.39
CA ILE B 472 51.00 47.68 -35.53
C ILE B 472 51.75 48.04 -34.26
N ASN B 473 52.87 48.75 -34.42
CA ASN B 473 53.66 49.24 -33.30
C ASN B 473 53.54 50.73 -33.10
N ASN B 474 52.89 51.44 -34.03
CA ASN B 474 52.68 52.88 -33.94
C ASN B 474 51.46 53.22 -34.78
N LEU B 475 50.65 54.16 -34.26
CA LEU B 475 49.40 54.51 -34.94
C LEU B 475 49.64 55.09 -36.33
N ASP B 476 50.81 55.70 -36.56
CA ASP B 476 51.11 56.28 -37.87
C ASP B 476 51.42 55.23 -38.92
N GLU B 477 51.68 53.98 -38.52
CA GLU B 477 51.80 52.92 -39.50
C GLU B 477 50.49 52.68 -40.23
N LEU B 478 49.37 53.08 -39.63
CA LEU B 478 48.05 52.91 -40.23
C LEU B 478 47.85 53.77 -41.46
N GLU B 479 48.62 54.85 -41.61
CA GLU B 479 48.48 55.70 -42.79
C GLU B 479 48.77 54.94 -44.07
N GLU B 480 49.93 54.27 -44.12
CA GLU B 480 50.27 53.49 -45.31
C GLU B 480 49.34 52.29 -45.45
N LEU B 481 48.92 51.69 -44.34
CA LEU B 481 48.01 50.54 -44.41
C LEU B 481 46.62 50.96 -44.85
N ALA B 482 46.18 52.18 -44.49
CA ALA B 482 44.88 52.66 -44.95
C ALA B 482 44.88 52.84 -46.46
N ILE B 483 45.98 53.34 -47.01
CA ILE B 483 46.10 53.48 -48.46
C ILE B 483 45.94 52.13 -49.13
N LEU B 484 46.63 51.10 -48.63
CA LEU B 484 46.60 49.78 -49.26
C LEU B 484 45.21 49.15 -49.17
N ALA B 485 44.53 49.28 -48.04
CA ALA B 485 43.24 48.62 -47.88
C ALA B 485 42.17 49.29 -48.73
N VAL B 486 42.10 50.63 -48.68
CA VAL B 486 41.07 51.34 -49.43
C VAL B 486 41.26 51.16 -50.92
N ARG B 487 42.51 51.23 -51.39
CA ARG B 487 42.77 51.07 -52.82
C ARG B 487 42.36 49.68 -53.29
N ALA B 488 42.62 48.65 -52.48
CA ALA B 488 42.29 47.28 -52.89
C ALA B 488 40.78 47.06 -52.90
N LEU B 489 40.07 47.62 -51.92
CA LEU B 489 38.63 47.45 -51.88
C LEU B 489 37.94 48.30 -52.94
N ASP B 490 38.45 49.51 -53.19
CA ASP B 490 37.86 50.35 -54.21
C ASP B 490 38.07 49.76 -55.60
N ALA B 491 39.25 49.18 -55.84
CA ALA B 491 39.48 48.46 -57.08
C ALA B 491 38.62 47.21 -57.18
N LEU B 492 38.32 46.59 -56.03
CA LEU B 492 37.44 45.42 -56.02
C LEU B 492 36.04 45.76 -56.52
N LEU B 493 35.57 46.98 -56.25
CA LEU B 493 34.22 47.36 -56.66
C LEU B 493 34.06 47.33 -58.17
N ASP B 494 35.08 47.78 -58.90
CA ASP B 494 35.04 47.76 -60.36
C ASP B 494 35.38 46.39 -60.93
N TYR B 495 36.05 45.53 -60.16
CA TYR B 495 36.52 44.25 -60.65
C TYR B 495 35.43 43.18 -60.64
N GLN B 496 34.51 43.23 -59.67
CA GLN B 496 33.51 42.19 -59.48
C GLN B 496 32.26 42.43 -60.33
N ASP B 497 31.35 41.46 -60.30
CA ASP B 497 30.10 41.51 -61.03
C ASP B 497 28.94 41.87 -60.09
N TYR B 498 27.79 42.13 -60.69
CA TYR B 498 26.61 42.50 -59.92
C TYR B 498 25.38 41.82 -60.50
N PRO B 499 24.84 40.81 -59.82
CA PRO B 499 23.68 40.09 -60.36
C PRO B 499 22.38 40.87 -60.35
N ILE B 500 22.26 41.88 -59.50
CA ILE B 500 21.03 42.66 -59.37
C ILE B 500 21.33 44.09 -59.80
N PRO B 501 20.64 44.61 -60.82
CA PRO B 501 20.93 45.98 -61.30
C PRO B 501 20.90 47.04 -60.21
N ALA B 502 19.93 46.97 -59.30
CA ALA B 502 19.82 47.98 -58.25
C ALA B 502 21.02 47.95 -57.30
N ALA B 503 21.66 46.78 -57.15
CA ALA B 503 22.80 46.69 -56.25
C ALA B 503 24.03 47.35 -56.85
N LYS B 504 24.29 47.12 -58.14
CA LYS B 504 25.37 47.82 -58.82
C LYS B 504 25.17 49.33 -58.78
N ARG B 505 23.91 49.78 -58.82
CA ARG B 505 23.63 51.21 -58.78
C ARG B 505 24.16 51.84 -57.50
N GLY B 506 23.91 51.20 -56.36
CA GLY B 506 24.38 51.75 -55.10
C GLY B 506 25.89 51.59 -54.92
N ALA B 507 26.42 50.41 -55.29
CA ALA B 507 27.85 50.18 -55.11
C ALA B 507 28.69 51.11 -55.97
N MET B 508 28.27 51.35 -57.22
CA MET B 508 29.02 52.23 -58.09
C MET B 508 28.75 53.70 -57.78
N GLY B 509 27.56 54.02 -57.28
CA GLY B 509 27.21 55.39 -56.98
C GLY B 509 27.83 55.91 -55.70
N ARG B 510 27.84 55.07 -54.66
CA ARG B 510 28.35 55.47 -53.35
C ARG B 510 29.71 54.89 -53.01
N ARG B 511 30.05 53.73 -53.56
CA ARG B 511 31.34 53.08 -53.29
C ARG B 511 31.57 52.90 -51.79
N THR B 512 30.54 52.40 -51.11
CA THR B 512 30.58 52.29 -49.65
C THR B 512 31.49 51.16 -49.22
N LEU B 513 32.44 51.47 -48.35
CA LEU B 513 33.38 50.50 -47.80
C LEU B 513 33.12 50.31 -46.30
N GLY B 514 33.55 49.16 -45.79
CA GLY B 514 33.43 48.84 -44.38
C GLY B 514 34.67 48.23 -43.77
N ILE B 515 35.62 49.08 -43.36
CA ILE B 515 36.88 48.63 -42.80
C ILE B 515 36.81 48.73 -41.28
N GLY B 516 37.13 47.63 -40.60
CA GLY B 516 37.06 47.57 -39.16
C GLY B 516 38.39 47.24 -38.51
N VAL B 517 38.35 46.67 -37.31
CA VAL B 517 39.56 46.34 -36.55
C VAL B 517 39.43 44.94 -35.98
N ILE B 518 40.59 44.30 -35.76
CA ILE B 518 40.65 43.04 -35.03
C ILE B 518 41.78 43.15 -34.00
N ASN B 519 41.81 42.17 -33.09
CA ASN B 519 42.82 42.10 -32.04
C ASN B 519 42.79 43.33 -31.13
N PHE B 520 41.59 43.83 -30.84
CA PHE B 520 41.48 44.98 -29.95
C PHE B 520 41.74 44.59 -28.51
N ALA B 521 41.28 43.41 -28.09
CA ALA B 521 41.54 42.96 -26.73
C ALA B 521 43.03 42.75 -26.50
N TYR B 522 43.71 42.10 -27.45
CA TYR B 522 45.17 41.97 -27.37
C TYR B 522 45.85 43.33 -27.43
N TYR B 523 45.27 44.27 -28.18
CA TYR B 523 45.81 45.62 -28.22
C TYR B 523 45.73 46.28 -26.85
N LEU B 524 44.61 46.10 -26.16
CA LEU B 524 44.49 46.65 -24.81
C LEU B 524 45.45 45.94 -23.85
N ALA B 525 45.70 44.65 -24.08
CA ALA B 525 46.65 43.93 -23.24
C ALA B 525 48.06 44.49 -23.40
N LYS B 526 48.45 44.82 -24.62
CA LYS B 526 49.78 45.37 -24.85
C LYS B 526 49.95 46.74 -24.19
N HIS B 527 48.86 47.50 -24.05
CA HIS B 527 48.89 48.80 -23.40
C HIS B 527 48.43 48.75 -21.95
N GLY B 528 48.21 47.55 -21.41
CA GLY B 528 47.79 47.42 -20.02
C GLY B 528 46.51 48.14 -19.66
N LYS B 529 45.50 48.03 -20.53
CA LYS B 529 44.20 48.65 -20.29
C LYS B 529 43.14 47.56 -20.20
N ARG B 530 41.92 47.96 -19.83
CA ARG B 530 40.83 47.02 -19.64
C ARG B 530 39.53 47.62 -20.18
N TYR B 531 38.55 46.74 -20.39
CA TYR B 531 37.24 47.18 -20.88
C TYR B 531 36.43 47.85 -19.78
N SER B 532 36.27 47.17 -18.65
CA SER B 532 35.24 47.54 -17.67
C SER B 532 35.62 48.77 -16.86
N ASP B 533 36.88 48.89 -16.43
CA ASP B 533 37.24 49.97 -15.51
C ASP B 533 37.27 51.34 -16.18
N GLY B 534 37.36 51.40 -17.50
CA GLY B 534 37.45 52.66 -18.20
C GLY B 534 38.85 53.19 -18.38
N SER B 535 39.87 52.38 -18.14
CA SER B 535 41.25 52.80 -18.36
C SER B 535 41.60 52.87 -19.85
N ALA B 536 40.74 52.33 -20.71
CA ALA B 536 40.94 52.36 -22.15
C ALA B 536 40.13 53.46 -22.83
N ASN B 537 39.38 54.25 -22.06
CA ASN B 537 38.54 55.29 -22.66
C ASN B 537 39.37 56.27 -23.48
N ASN B 538 40.37 56.89 -22.84
CA ASN B 538 41.19 57.86 -23.56
C ASN B 538 42.03 57.19 -24.64
N LEU B 539 42.53 55.97 -24.37
CA LEU B 539 43.29 55.25 -25.40
C LEU B 539 42.41 54.92 -26.60
N THR B 540 41.15 54.54 -26.36
CA THR B 540 40.24 54.26 -27.46
C THR B 540 40.00 55.52 -28.29
N HIS B 541 39.82 56.66 -27.62
CA HIS B 541 39.65 57.92 -28.35
C HIS B 541 40.86 58.22 -29.20
N LYS B 542 42.06 58.03 -28.65
CA LYS B 542 43.29 58.24 -29.40
C LYS B 542 43.44 57.24 -30.53
N THR B 543 43.04 55.99 -30.31
CA THR B 543 43.25 54.94 -31.31
C THR B 543 42.33 55.12 -32.51
N PHE B 544 41.03 55.26 -32.28
CA PHE B 544 40.08 55.28 -33.38
C PHE B 544 40.01 56.62 -34.11
N GLU B 545 40.52 57.70 -33.51
CA GLU B 545 40.71 58.93 -34.27
C GLU B 545 41.70 58.72 -35.40
N ALA B 546 42.84 58.07 -35.09
CA ALA B 546 43.84 57.81 -36.11
C ALA B 546 43.32 56.87 -37.19
N ILE B 547 42.47 55.91 -36.81
CA ILE B 547 41.90 54.98 -37.78
C ILE B 547 41.03 55.74 -38.78
N GLN B 548 40.14 56.59 -38.27
CA GLN B 548 39.23 57.32 -39.15
C GLN B 548 39.96 58.38 -39.94
N TYR B 549 40.93 59.06 -39.32
CA TYR B 549 41.67 60.10 -40.02
C TYR B 549 42.42 59.54 -41.23
N TYR B 550 43.16 58.45 -41.03
CA TYR B 550 43.94 57.89 -42.13
C TYR B 550 43.07 57.19 -43.16
N LEU B 551 41.88 56.74 -42.78
CA LEU B 551 40.93 56.22 -43.77
C LEU B 551 40.35 57.34 -44.62
N LEU B 552 39.93 58.43 -43.97
CA LEU B 552 39.44 59.59 -44.72
C LEU B 552 40.51 60.15 -45.63
N LYS B 553 41.72 60.35 -45.10
CA LYS B 553 42.81 60.89 -45.90
C LYS B 553 43.11 59.99 -47.10
N ALA B 554 43.07 58.67 -46.89
CA ALA B 554 43.32 57.74 -47.98
C ALA B 554 42.26 57.86 -49.07
N SER B 555 40.98 57.83 -48.68
CA SER B 555 39.91 57.97 -49.64
C SER B 555 39.85 59.36 -50.26
N ASN B 556 40.37 60.38 -49.56
CA ASN B 556 40.40 61.73 -50.12
C ASN B 556 41.50 61.88 -51.18
N GLU B 557 42.68 61.31 -50.93
CA GLU B 557 43.74 61.34 -51.94
C GLU B 557 43.34 60.53 -53.17
N LEU B 558 42.63 59.42 -52.97
CA LEU B 558 42.15 58.63 -54.10
C LEU B 558 41.08 59.39 -54.89
N ALA B 559 40.36 60.30 -54.24
CA ALA B 559 39.42 61.14 -54.97
C ALA B 559 40.17 62.09 -55.91
N LYS B 560 41.34 62.58 -55.49
CA LYS B 560 42.15 63.39 -56.38
C LYS B 560 42.61 62.58 -57.59
N GLU B 561 42.91 61.30 -57.39
CA GLU B 561 43.48 60.48 -58.45
C GLU B 561 42.42 60.02 -59.45
N GLN B 562 41.25 59.60 -58.96
CA GLN B 562 40.24 59.00 -59.83
C GLN B 562 38.87 59.64 -59.69
N GLY B 563 38.77 60.80 -59.03
CA GLY B 563 37.48 61.47 -58.89
C GLY B 563 36.64 60.92 -57.75
N ALA B 564 35.89 61.78 -57.08
CA ALA B 564 35.03 61.32 -56.00
C ALA B 564 33.92 60.43 -56.55
N CYS B 565 33.26 59.71 -55.63
CA CYS B 565 32.18 58.81 -56.01
C CYS B 565 31.01 59.59 -56.59
N PRO B 566 30.27 59.01 -57.55
CA PRO B 566 29.20 59.76 -58.23
C PRO B 566 28.22 60.45 -57.30
N TRP B 567 27.74 59.76 -56.27
CA TRP B 567 26.72 60.30 -55.38
C TRP B 567 27.31 60.94 -54.13
N PHE B 568 28.54 61.46 -54.24
CA PHE B 568 29.20 62.07 -53.09
C PHE B 568 28.45 63.31 -52.60
N ASN B 569 27.68 63.97 -53.48
CA ASN B 569 26.93 65.16 -53.10
C ASN B 569 25.87 64.86 -52.05
N GLU B 570 25.45 63.61 -51.93
CA GLU B 570 24.42 63.21 -50.97
C GLU B 570 24.98 62.94 -49.58
N THR B 571 26.29 63.04 -49.40
CA THR B 571 26.91 62.78 -48.11
C THR B 571 27.00 64.05 -47.27
N THR B 572 27.04 63.87 -45.94
CA THR B 572 27.29 65.00 -45.06
C THR B 572 28.73 65.48 -45.16
N TYR B 573 29.63 64.64 -45.67
CA TYR B 573 30.99 65.09 -45.95
C TYR B 573 30.98 66.17 -47.01
N ALA B 574 30.10 66.07 -48.01
CA ALA B 574 30.04 67.06 -49.07
C ALA B 574 29.71 68.44 -48.53
N LYS B 575 28.85 68.51 -47.51
CA LYS B 575 28.52 69.78 -46.87
C LYS B 575 29.58 70.23 -45.88
N GLY B 576 30.72 69.53 -45.82
CA GLY B 576 31.81 69.88 -44.91
C GLY B 576 31.64 69.42 -43.48
N ILE B 577 30.70 68.50 -43.22
CA ILE B 577 30.43 68.01 -41.88
C ILE B 577 31.21 66.73 -41.65
N LEU B 578 31.92 66.66 -40.53
CA LEU B 578 32.74 65.52 -40.16
C LEU B 578 32.11 64.76 -38.99
N PRO B 579 32.48 63.48 -38.80
CA PRO B 579 31.97 62.74 -37.63
C PRO B 579 32.26 63.42 -36.30
N ILE B 580 33.35 64.18 -36.22
CA ILE B 580 33.78 64.83 -34.98
C ILE B 580 32.85 66.00 -34.64
N ASP B 581 31.89 66.29 -35.51
CA ASP B 581 30.93 67.36 -35.31
C ASP B 581 29.58 66.85 -34.83
N THR B 582 29.10 65.73 -35.37
CA THR B 582 27.74 65.25 -35.11
C THR B 582 27.68 64.14 -34.07
N TYR B 583 28.81 63.83 -33.42
CA TYR B 583 28.81 62.78 -32.40
C TYR B 583 28.00 63.24 -31.19
N LYS B 584 27.58 62.26 -30.38
CA LYS B 584 26.75 62.57 -29.21
C LYS B 584 27.62 63.20 -28.13
N LYS B 585 27.23 64.40 -27.70
CA LYS B 585 28.08 65.20 -26.81
C LYS B 585 28.16 64.65 -25.39
N ASP B 586 27.38 63.62 -25.04
CA ASP B 586 27.56 62.99 -23.74
C ASP B 586 28.91 62.29 -23.62
N LEU B 587 29.55 61.95 -24.75
CA LEU B 587 30.85 61.30 -24.74
C LEU B 587 31.93 62.19 -24.14
N ASP B 588 31.70 63.50 -24.05
CA ASP B 588 32.69 64.41 -23.50
C ASP B 588 32.92 64.19 -22.01
N THR B 589 32.02 63.47 -21.32
CA THR B 589 32.12 63.22 -19.90
C THR B 589 32.83 61.91 -19.56
N ILE B 590 33.28 61.16 -20.57
CA ILE B 590 33.93 59.88 -20.33
C ILE B 590 35.25 59.77 -21.09
N ALA B 591 35.66 60.86 -21.73
CA ALA B 591 36.93 60.87 -22.47
C ALA B 591 37.41 62.31 -22.63
N ASN B 592 38.61 62.59 -22.13
CA ASN B 592 39.21 63.91 -22.23
C ASN B 592 40.40 63.91 -23.19
N GLU B 593 40.53 62.90 -24.03
CA GLU B 593 41.66 62.84 -24.95
C GLU B 593 41.48 63.88 -26.05
N PRO B 594 42.47 64.74 -26.30
CA PRO B 594 42.35 65.72 -27.36
C PRO B 594 42.63 65.10 -28.74
N LEU B 595 42.15 65.81 -29.77
CA LEU B 595 42.46 65.39 -31.14
C LEU B 595 43.92 65.67 -31.45
N HIS B 596 44.59 64.68 -32.05
CA HIS B 596 46.01 64.79 -32.33
C HIS B 596 46.31 65.01 -33.80
N TYR B 597 45.31 64.95 -34.68
CA TYR B 597 45.51 65.09 -36.11
C TYR B 597 44.78 66.33 -36.61
N ASP B 598 45.26 66.87 -37.73
CA ASP B 598 44.74 68.12 -38.30
C ASP B 598 43.44 67.84 -39.02
N TRP B 599 42.35 67.87 -38.28
CA TRP B 599 41.03 67.62 -38.86
C TRP B 599 40.52 68.80 -39.68
N GLU B 600 40.93 70.02 -39.35
CA GLU B 600 40.47 71.17 -40.11
C GLU B 600 41.09 71.21 -41.50
N ALA B 601 42.36 70.81 -41.61
CA ALA B 601 42.99 70.69 -42.93
C ALA B 601 42.36 69.57 -43.74
N LEU B 602 42.02 68.46 -43.08
CA LEU B 602 41.34 67.36 -43.76
C LEU B 602 39.92 67.78 -44.17
N ARG B 603 39.22 68.52 -43.32
CA ARG B 603 37.90 69.03 -43.67
C ARG B 603 37.97 69.90 -44.92
N GLU B 604 38.94 70.81 -44.96
CA GLU B 604 39.13 71.66 -46.13
C GLU B 604 39.44 70.83 -47.36
N SER B 605 40.29 69.81 -47.22
CA SER B 605 40.62 68.96 -48.35
C SER B 605 39.42 68.17 -48.84
N ILE B 606 38.53 67.76 -47.95
CA ILE B 606 37.34 67.02 -48.37
C ILE B 606 36.35 67.95 -49.07
N LYS B 607 36.22 69.18 -48.58
CA LYS B 607 35.39 70.19 -49.27
C LYS B 607 35.87 70.40 -50.69
N THR B 608 37.18 70.31 -50.92
CA THR B 608 37.75 70.63 -52.22
C THR B 608 37.68 69.44 -53.18
N HIS B 609 38.23 68.29 -52.77
CA HIS B 609 38.33 67.13 -53.65
C HIS B 609 37.33 66.02 -53.36
N GLY B 610 36.64 66.06 -52.22
CA GLY B 610 35.67 65.03 -51.91
C GLY B 610 36.31 63.74 -51.45
N LEU B 611 35.49 62.68 -51.43
CA LEU B 611 35.92 61.35 -51.03
C LEU B 611 35.55 60.34 -52.10
N ARG B 612 36.47 59.42 -52.39
CA ARG B 612 36.21 58.34 -53.33
C ARG B 612 35.12 57.39 -52.83
N ASN B 613 34.93 57.30 -51.51
CA ASN B 613 34.00 56.35 -50.92
C ASN B 613 33.10 57.07 -49.93
N SER B 614 31.80 56.73 -49.96
CA SER B 614 30.83 57.38 -49.08
C SER B 614 31.00 56.93 -47.63
N THR B 615 31.30 55.65 -47.41
CA THR B 615 31.62 55.14 -46.08
C THR B 615 32.96 54.45 -46.10
N LEU B 616 33.57 54.33 -44.92
CA LEU B 616 34.90 53.75 -44.82
C LEU B 616 35.04 52.79 -43.65
N SER B 617 34.57 53.19 -42.47
CA SER B 617 34.81 52.45 -41.23
C SER B 617 33.53 51.79 -40.75
N ALA B 618 33.65 50.52 -40.36
CA ALA B 618 32.56 49.79 -39.72
C ALA B 618 33.19 48.62 -38.97
N LEU B 619 32.82 48.45 -37.70
CA LEU B 619 33.46 47.43 -36.85
C LEU B 619 32.62 46.17 -36.90
N MET B 620 32.99 45.26 -37.80
CA MET B 620 32.32 43.97 -37.90
C MET B 620 32.95 42.99 -36.94
N PRO B 621 32.23 41.91 -36.58
CA PRO B 621 32.79 40.97 -35.60
C PRO B 621 33.99 40.20 -36.11
N SER B 622 34.08 39.92 -37.41
CA SER B 622 35.19 39.16 -37.98
C SER B 622 35.33 37.81 -37.29
N GLU B 623 34.19 37.12 -37.15
CA GLU B 623 34.15 35.86 -36.42
C GLU B 623 35.15 34.86 -37.00
N THR B 624 35.24 34.79 -38.32
CA THR B 624 36.11 33.84 -38.99
C THR B 624 37.43 34.44 -39.44
N SER B 625 37.40 35.63 -40.07
CA SER B 625 38.59 36.18 -40.70
C SER B 625 39.68 36.50 -39.68
N SER B 626 39.30 36.85 -38.45
CA SER B 626 40.31 37.16 -37.45
C SER B 626 41.08 35.93 -36.99
N GLN B 627 40.49 34.74 -37.14
CA GLN B 627 41.17 33.52 -36.75
C GLN B 627 42.39 33.24 -37.61
N ILE B 628 42.46 33.81 -38.82
CA ILE B 628 43.61 33.62 -39.68
C ILE B 628 44.87 34.18 -39.01
N SER B 629 44.76 35.36 -38.43
CA SER B 629 45.85 35.98 -37.68
C SER B 629 45.84 35.60 -36.20
N ASN B 630 45.07 34.59 -35.82
CA ASN B 630 44.92 34.16 -34.43
C ASN B 630 44.54 35.33 -33.53
N ALA B 631 43.89 36.34 -34.11
CA ALA B 631 43.52 37.55 -33.40
C ALA B 631 42.25 37.34 -32.58
N THR B 632 42.08 38.19 -31.57
CA THR B 632 40.81 38.25 -30.86
C THR B 632 39.79 38.95 -31.74
N ASN B 633 38.66 38.28 -32.01
CA ASN B 633 37.75 38.74 -33.05
C ASN B 633 37.17 40.12 -32.72
N GLY B 634 37.28 41.03 -33.67
CA GLY B 634 36.71 42.36 -33.57
C GLY B 634 37.12 43.07 -32.30
N ILE B 635 36.16 43.78 -31.71
CA ILE B 635 36.39 44.49 -30.46
C ILE B 635 36.00 43.67 -29.25
N GLU B 636 35.51 42.44 -29.43
CA GLU B 636 35.04 41.64 -28.31
C GLU B 636 36.21 41.06 -27.53
N PRO B 637 36.11 41.00 -26.21
CA PRO B 637 37.13 40.32 -25.40
C PRO B 637 36.97 38.81 -25.50
N PRO B 638 38.08 38.06 -25.51
CA PRO B 638 37.99 36.61 -25.67
C PRO B 638 37.26 35.95 -24.51
N ARG B 639 36.60 34.83 -24.82
CA ARG B 639 35.87 34.11 -23.79
C ARG B 639 36.81 33.42 -22.81
N GLY B 640 38.00 33.03 -23.26
CA GLY B 640 38.98 32.43 -22.37
C GLY B 640 40.36 32.43 -23.01
N TYR B 641 41.36 32.13 -22.18
CA TYR B 641 42.72 32.01 -22.68
C TYR B 641 42.80 30.97 -23.80
N VAL B 642 42.08 29.87 -23.65
CA VAL B 642 41.85 28.92 -24.74
C VAL B 642 40.36 29.00 -25.05
N SER B 643 40.03 29.60 -26.19
CA SER B 643 38.65 29.78 -26.63
C SER B 643 38.25 28.65 -27.57
N ILE B 644 36.99 28.23 -27.47
CA ILE B 644 36.46 27.18 -28.33
C ILE B 644 35.58 27.82 -29.39
N LYS B 645 35.96 27.65 -30.65
CA LYS B 645 35.22 28.21 -31.78
C LYS B 645 34.83 27.10 -32.74
N ALA B 646 33.72 27.33 -33.45
CA ALA B 646 33.13 26.32 -34.32
C ALA B 646 33.84 26.30 -35.67
N SER B 647 33.68 25.17 -36.36
CA SER B 647 34.28 24.98 -37.68
C SER B 647 33.48 23.93 -38.43
N LYS B 648 33.83 23.74 -39.70
CA LYS B 648 33.13 22.76 -40.53
C LYS B 648 33.35 21.35 -39.99
N ASP B 649 34.60 21.00 -39.66
CA ASP B 649 34.88 19.67 -39.12
C ASP B 649 34.41 19.52 -37.68
N GLY B 650 34.68 20.53 -36.84
CA GLY B 650 34.34 20.42 -35.44
C GLY B 650 34.85 21.64 -34.66
N ILE B 651 35.06 21.43 -33.36
CA ILE B 651 35.50 22.51 -32.50
C ILE B 651 36.99 22.77 -32.71
N LEU B 652 37.37 24.03 -32.52
CA LEU B 652 38.75 24.47 -32.59
C LEU B 652 39.15 25.13 -31.28
N ARG B 653 40.36 24.86 -30.81
CA ARG B 653 40.91 25.50 -29.64
C ARG B 653 41.82 26.64 -30.09
N GLN B 654 41.50 27.86 -29.67
CA GLN B 654 42.23 29.05 -30.09
C GLN B 654 42.82 29.73 -28.86
N VAL B 655 44.13 29.91 -28.85
CA VAL B 655 44.83 30.60 -27.77
C VAL B 655 44.85 32.09 -28.07
N VAL B 656 44.72 32.90 -27.03
CA VAL B 656 44.83 34.35 -27.19
C VAL B 656 46.26 34.67 -27.60
N PRO B 657 46.50 35.69 -28.41
CA PRO B 657 47.87 36.00 -28.83
C PRO B 657 48.75 36.42 -27.67
N ASP B 658 49.97 35.88 -27.65
CA ASP B 658 50.99 36.24 -26.66
C ASP B 658 50.52 35.92 -25.24
N TYR B 659 49.99 34.71 -25.06
CA TYR B 659 49.45 34.29 -23.77
C TYR B 659 50.53 34.27 -22.69
N GLU B 660 51.69 33.69 -23.00
CA GLU B 660 52.71 33.46 -21.99
C GLU B 660 53.18 34.76 -21.34
N HIS B 661 53.18 35.86 -22.08
CA HIS B 661 53.62 37.14 -21.53
C HIS B 661 52.47 38.01 -21.02
N LEU B 662 51.26 37.84 -21.56
CA LEU B 662 50.17 38.78 -21.33
C LEU B 662 48.92 38.14 -20.74
N HIS B 663 49.02 36.94 -20.18
CA HIS B 663 47.82 36.28 -19.67
C HIS B 663 47.18 37.04 -18.52
N ASP B 664 47.92 37.89 -17.81
CA ASP B 664 47.33 38.69 -16.76
C ASP B 664 46.73 40.00 -17.27
N ALA B 665 47.28 40.56 -18.35
CA ALA B 665 46.78 41.83 -18.86
C ALA B 665 45.40 41.67 -19.49
N TYR B 666 45.08 40.48 -19.99
CA TYR B 666 43.79 40.25 -20.61
C TYR B 666 42.67 40.35 -19.59
N GLU B 667 41.54 40.93 -20.01
CA GLU B 667 40.28 40.88 -19.28
C GLU B 667 39.33 40.00 -20.10
N LEU B 668 39.06 38.81 -19.58
CA LEU B 668 38.20 37.86 -20.29
C LEU B 668 36.74 38.32 -20.25
N LEU B 669 35.93 37.69 -21.11
CA LEU B 669 34.54 38.11 -21.29
C LEU B 669 33.75 38.04 -19.98
N TRP B 670 33.87 36.94 -19.26
CA TRP B 670 33.09 36.75 -18.05
C TRP B 670 33.79 37.24 -16.79
N GLU B 671 34.99 37.79 -16.92
CA GLU B 671 35.65 38.49 -15.82
C GLU B 671 35.19 39.94 -15.71
N MET B 672 34.27 40.37 -16.57
CA MET B 672 33.81 41.75 -16.57
C MET B 672 32.71 41.95 -15.51
N PRO B 673 32.81 42.99 -14.68
CA PRO B 673 31.73 43.23 -13.71
C PRO B 673 30.41 43.56 -14.36
N GLY B 674 30.42 44.30 -15.45
CA GLY B 674 29.19 44.66 -16.13
C GLY B 674 29.43 45.10 -17.55
N ASN B 675 28.41 45.76 -18.12
CA ASN B 675 28.43 46.22 -19.50
C ASN B 675 28.82 47.68 -19.63
N ASP B 676 28.87 48.42 -18.52
CA ASP B 676 29.08 49.87 -18.59
C ASP B 676 30.44 50.20 -19.22
N GLY B 677 31.48 49.44 -18.86
CA GLY B 677 32.79 49.71 -19.43
C GLY B 677 32.86 49.43 -20.91
N TYR B 678 32.26 48.32 -21.36
CA TYR B 678 32.28 47.97 -22.78
C TYR B 678 31.45 48.97 -23.60
N LEU B 679 30.23 49.27 -23.15
CA LEU B 679 29.37 50.17 -23.90
C LEU B 679 29.96 51.56 -24.03
N GLN B 680 30.71 52.01 -23.02
CA GLN B 680 31.37 53.31 -23.11
C GLN B 680 32.43 53.32 -24.20
N LEU B 681 33.21 52.25 -24.31
CA LEU B 681 34.22 52.17 -25.35
C LEU B 681 33.60 52.13 -26.74
N VAL B 682 32.47 51.43 -26.88
CA VAL B 682 31.77 51.41 -28.16
C VAL B 682 31.27 52.80 -28.53
N GLY B 683 30.77 53.55 -27.55
CA GLY B 683 30.35 54.91 -27.82
C GLY B 683 31.49 55.80 -28.26
N ILE B 684 32.66 55.64 -27.64
CA ILE B 684 33.84 56.40 -28.02
C ILE B 684 34.27 56.05 -29.44
N MET B 685 34.26 54.75 -29.77
CA MET B 685 34.55 54.32 -31.13
C MET B 685 33.55 54.92 -32.12
N GLN B 686 32.27 54.87 -31.78
CA GLN B 686 31.22 55.33 -32.68
C GLN B 686 31.33 56.82 -33.01
N LYS B 687 32.04 57.59 -32.17
CA LYS B 687 32.30 58.99 -32.48
C LYS B 687 32.98 59.15 -33.82
N PHE B 688 33.88 58.23 -34.17
CA PHE B 688 34.63 58.31 -35.42
C PHE B 688 34.18 57.30 -36.47
N ILE B 689 33.53 56.20 -36.07
CA ILE B 689 33.12 55.19 -37.03
C ILE B 689 31.98 55.73 -37.88
N ASP B 690 32.11 55.61 -39.20
CA ASP B 690 31.08 56.09 -40.12
C ASP B 690 29.76 55.36 -39.89
N GLN B 691 29.78 54.04 -39.99
CA GLN B 691 28.56 53.23 -39.87
C GLN B 691 28.32 52.83 -38.42
N SER B 692 28.21 51.53 -38.15
CA SER B 692 27.94 51.10 -36.78
C SER B 692 28.94 50.06 -36.29
N ILE B 693 28.66 49.47 -35.14
CA ILE B 693 29.55 48.52 -34.47
C ILE B 693 28.72 47.35 -33.97
N SER B 694 29.21 46.13 -34.22
CA SER B 694 28.52 44.92 -33.75
C SER B 694 28.70 44.74 -32.24
N ALA B 695 28.15 45.64 -31.45
CA ALA B 695 28.35 45.61 -30.01
C ALA B 695 27.49 44.52 -29.38
N ASN B 696 28.12 43.69 -28.56
CA ASN B 696 27.45 42.66 -27.78
C ASN B 696 27.15 43.17 -26.38
N THR B 697 26.13 42.58 -25.76
CA THR B 697 25.88 42.75 -24.34
C THR B 697 25.92 41.38 -23.69
N ASN B 698 26.56 41.30 -22.52
CA ASN B 698 26.80 40.02 -21.86
C ASN B 698 26.26 40.09 -20.43
N TYR B 699 25.74 38.95 -19.96
CA TYR B 699 25.17 38.87 -18.63
C TYR B 699 25.50 37.51 -18.04
N ASP B 700 26.01 37.52 -16.81
CA ASP B 700 26.35 36.30 -16.09
C ASP B 700 25.30 36.09 -15.01
N PRO B 701 24.38 35.14 -15.17
CA PRO B 701 23.31 34.98 -14.17
C PRO B 701 23.82 34.72 -12.76
N SER B 702 24.99 34.08 -12.61
CA SER B 702 25.52 33.81 -11.28
C SER B 702 25.99 35.07 -10.57
N ARG B 703 26.24 36.16 -11.30
CA ARG B 703 26.62 37.43 -10.70
C ARG B 703 25.43 38.20 -10.14
N PHE B 704 24.22 37.67 -10.26
CA PHE B 704 23.01 38.34 -9.82
C PHE B 704 22.32 37.54 -8.72
N PRO B 705 21.60 38.20 -7.83
CA PRO B 705 20.89 37.48 -6.77
C PRO B 705 19.85 36.53 -7.34
N SER B 706 19.75 35.35 -6.72
CA SER B 706 18.84 34.27 -7.10
C SER B 706 19.13 33.72 -8.49
N GLY B 707 20.26 34.07 -9.09
CA GLY B 707 20.66 33.50 -10.36
C GLY B 707 19.85 33.89 -11.56
N LYS B 708 19.07 34.96 -11.48
CA LYS B 708 18.29 35.45 -12.62
C LYS B 708 18.62 36.91 -12.88
N VAL B 709 18.71 37.27 -14.15
CA VAL B 709 19.11 38.61 -14.59
C VAL B 709 17.91 39.55 -14.54
N PRO B 710 18.00 40.67 -13.83
CA PRO B 710 16.83 41.55 -13.69
C PRO B 710 16.52 42.29 -14.97
N MET B 711 15.23 42.44 -15.24
CA MET B 711 14.80 43.27 -16.37
C MET B 711 15.24 44.72 -16.19
N GLN B 712 15.40 45.16 -14.93
CA GLN B 712 15.85 46.52 -14.66
C GLN B 712 17.23 46.78 -15.27
N GLN B 713 18.14 45.81 -15.14
CA GLN B 713 19.50 45.99 -15.66
C GLN B 713 19.53 45.89 -17.17
N LEU B 714 18.71 45.02 -17.75
CA LEU B 714 18.61 44.95 -19.21
C LEU B 714 18.16 46.28 -19.79
N LEU B 715 17.23 46.95 -19.11
CA LEU B 715 16.74 48.24 -19.57
C LEU B 715 17.74 49.35 -19.27
N LYS B 716 18.38 49.28 -18.10
CA LYS B 716 19.39 50.28 -17.75
C LYS B 716 20.55 50.25 -18.74
N ASP B 717 20.97 49.06 -19.16
CA ASP B 717 22.05 48.96 -20.14
C ASP B 717 21.58 49.40 -21.52
N LEU B 718 20.35 49.05 -21.90
CA LEU B 718 19.82 49.50 -23.19
C LEU B 718 19.72 51.02 -23.25
N LEU B 719 19.37 51.65 -22.12
CA LEU B 719 19.34 53.11 -22.05
C LEU B 719 20.75 53.69 -21.95
N THR B 720 21.63 53.04 -21.18
CA THR B 720 23.02 53.49 -21.10
C THR B 720 23.67 53.51 -22.48
N ALA B 721 23.38 52.50 -23.31
CA ALA B 721 23.93 52.46 -24.66
C ALA B 721 23.44 53.64 -25.49
N TYR B 722 22.15 53.98 -25.37
CA TYR B 722 21.62 55.11 -26.11
C TYR B 722 22.23 56.43 -25.64
N LYS B 723 22.51 56.54 -24.33
CA LYS B 723 23.05 57.78 -23.79
C LYS B 723 24.36 58.16 -24.46
N PHE B 724 25.19 57.17 -24.81
CA PHE B 724 26.50 57.43 -25.40
C PHE B 724 26.52 57.24 -26.91
N GLY B 725 25.35 57.26 -27.56
CA GLY B 725 25.30 57.29 -29.00
C GLY B 725 25.55 55.98 -29.72
N VAL B 726 25.40 54.85 -29.05
CA VAL B 726 25.55 53.57 -29.72
C VAL B 726 24.44 53.41 -30.75
N LYS B 727 24.81 53.06 -31.98
CA LYS B 727 23.83 53.00 -33.05
C LYS B 727 23.02 51.71 -33.00
N THR B 728 23.67 50.56 -32.82
CA THR B 728 23.00 49.28 -32.85
C THR B 728 23.53 48.38 -31.74
N LEU B 729 22.74 47.36 -31.39
CA LEU B 729 23.12 46.33 -30.43
C LEU B 729 22.97 44.97 -31.07
N TYR B 730 24.05 44.18 -31.06
CA TYR B 730 24.10 42.86 -31.69
C TYR B 730 23.72 41.76 -30.71
N TYR B 731 24.60 40.76 -30.55
CA TYR B 731 24.34 39.61 -29.70
C TYR B 731 24.09 40.02 -28.25
N GLN B 732 23.28 39.23 -27.56
CA GLN B 732 23.21 39.24 -26.10
C GLN B 732 23.63 37.85 -25.62
N ASN B 733 24.84 37.74 -25.10
CA ASN B 733 25.37 36.46 -24.65
C ASN B 733 24.95 36.19 -23.21
N THR B 734 24.40 35.00 -22.97
CA THR B 734 24.04 34.54 -21.64
C THR B 734 24.86 33.30 -21.33
N ARG B 735 25.56 33.32 -20.19
CA ARG B 735 26.52 32.27 -19.89
C ARG B 735 25.83 30.94 -19.65
N ASP B 736 26.48 29.87 -20.09
CA ASP B 736 25.99 28.49 -19.97
C ASP B 736 24.66 28.30 -20.70
N ASN C 4 42.83 0.30 52.72
CA ASN C 4 41.93 1.10 51.89
C ASN C 4 40.46 0.79 52.21
N LEU C 5 39.92 -0.25 51.58
CA LEU C 5 38.56 -0.71 51.83
C LEU C 5 38.52 -1.69 53.00
N LEU C 6 37.35 -1.81 53.61
CA LEU C 6 37.14 -2.67 54.75
C LEU C 6 36.18 -3.79 54.39
N VAL C 7 36.43 -4.98 54.95
CA VAL C 7 35.51 -6.10 54.87
C VAL C 7 35.01 -6.37 56.28
N THR C 8 33.78 -6.86 56.38
CA THR C 8 33.17 -7.16 57.67
C THR C 8 33.27 -8.67 57.92
N LYS C 9 34.01 -9.06 58.96
CA LYS C 9 34.23 -10.46 59.27
C LYS C 9 32.93 -11.11 59.75
N ARG C 10 32.98 -12.44 59.93
CA ARG C 10 31.81 -13.16 60.41
C ARG C 10 31.43 -12.74 61.81
N ASP C 11 32.41 -12.34 62.62
CA ASP C 11 32.20 -11.95 64.01
C ASP C 11 31.90 -10.46 64.15
N GLY C 12 31.42 -9.81 63.09
CA GLY C 12 31.03 -8.41 63.13
C GLY C 12 32.15 -7.42 62.99
N SER C 13 33.37 -7.80 63.36
CA SER C 13 34.49 -6.89 63.27
C SER C 13 34.88 -6.68 61.80
N THR C 14 35.66 -5.63 61.56
CA THR C 14 36.09 -5.28 60.22
C THR C 14 37.60 -5.14 60.15
N GLU C 15 38.17 -5.43 58.98
CA GLU C 15 39.60 -5.26 58.75
C GLU C 15 39.83 -4.92 57.28
N ARG C 16 41.07 -4.57 56.97
CA ARG C 16 41.45 -4.21 55.60
C ARG C 16 41.27 -5.38 54.63
N ILE C 17 40.80 -5.05 53.43
CA ILE C 17 40.69 -6.05 52.38
C ILE C 17 42.07 -6.61 52.06
N ASN C 18 42.18 -7.93 52.07
CA ASN C 18 43.45 -8.61 51.82
C ASN C 18 43.19 -9.80 50.90
N LEU C 19 43.65 -9.69 49.66
CA LEU C 19 43.38 -10.75 48.67
C LEU C 19 44.09 -12.05 49.02
N ASP C 20 45.14 -12.00 49.85
CA ASP C 20 45.81 -13.25 50.22
C ASP C 20 44.90 -14.13 51.06
N LYS C 21 43.95 -13.53 51.78
CA LYS C 21 42.92 -14.32 52.47
C LYS C 21 42.10 -15.12 51.46
N ILE C 22 41.77 -14.51 50.32
CA ILE C 22 41.02 -15.20 49.27
C ILE C 22 41.90 -16.23 48.58
N HIS C 23 43.18 -15.90 48.35
CA HIS C 23 44.10 -16.84 47.73
C HIS C 23 44.26 -18.10 48.56
N ARG C 24 44.44 -17.95 49.87
CA ARG C 24 44.70 -19.10 50.74
C ARG C 24 43.52 -20.07 50.73
N VAL C 25 42.30 -19.56 50.82
CA VAL C 25 41.12 -20.42 50.82
C VAL C 25 41.07 -21.25 49.54
N LEU C 26 41.23 -20.58 48.39
CA LEU C 26 41.13 -21.29 47.13
C LEU C 26 42.27 -22.29 46.94
N ASP C 27 43.49 -21.89 47.28
CA ASP C 27 44.61 -22.82 47.19
C ASP C 27 44.39 -24.06 48.06
N TRP C 28 43.77 -23.87 49.24
CA TRP C 28 43.46 -24.99 50.11
C TRP C 28 42.45 -25.92 49.45
N ALA C 29 41.40 -25.36 48.86
CA ALA C 29 40.35 -26.18 48.26
C ALA C 29 40.84 -26.88 46.99
N ALA C 30 41.76 -26.25 46.26
CA ALA C 30 42.28 -26.81 45.02
C ALA C 30 43.50 -27.70 45.23
N GLU C 31 43.95 -27.86 46.47
CA GLU C 31 45.13 -28.67 46.75
C GLU C 31 44.91 -30.11 46.31
N GLY C 32 45.86 -30.65 45.55
CA GLY C 32 45.77 -32.01 45.07
C GLY C 32 44.86 -32.22 43.87
N LEU C 33 44.02 -31.26 43.54
CA LEU C 33 43.11 -31.41 42.42
C LEU C 33 43.84 -31.13 41.11
N HIS C 34 43.33 -31.70 40.03
CA HIS C 34 43.93 -31.58 38.71
C HIS C 34 43.10 -30.68 37.82
N ASN C 35 43.79 -29.88 37.00
CA ASN C 35 43.17 -29.11 35.93
C ASN C 35 42.19 -28.06 36.47
N VAL C 36 42.49 -27.54 37.66
CA VAL C 36 41.72 -26.45 38.23
C VAL C 36 42.56 -25.19 38.19
N SER C 37 41.93 -24.05 38.46
CA SER C 37 42.61 -22.76 38.38
C SER C 37 42.05 -21.83 39.45
N ILE C 38 42.90 -21.46 40.41
CA ILE C 38 42.55 -20.42 41.37
C ILE C 38 42.21 -19.13 40.64
N SER C 39 43.02 -18.78 39.63
CA SER C 39 42.78 -17.56 38.88
C SER C 39 41.40 -17.55 38.24
N GLN C 40 40.99 -18.68 37.65
CA GLN C 40 39.68 -18.76 37.01
C GLN C 40 38.57 -18.51 38.01
N VAL C 41 38.64 -19.12 39.18
CA VAL C 41 37.58 -18.94 40.18
C VAL C 41 37.50 -17.47 40.59
N GLU C 42 38.64 -16.81 40.77
CA GLU C 42 38.64 -15.41 41.17
C GLU C 42 38.10 -14.52 40.06
N LEU C 43 38.53 -14.75 38.82
CA LEU C 43 38.11 -13.88 37.72
C LEU C 43 36.65 -14.13 37.35
N ARG C 44 36.20 -15.39 37.42
CA ARG C 44 34.82 -15.66 37.13
C ARG C 44 33.89 -15.27 38.26
N SER C 45 34.42 -14.99 39.45
CA SER C 45 33.58 -14.49 40.53
C SER C 45 33.08 -13.08 40.26
N HIS C 46 33.87 -12.29 39.52
CA HIS C 46 33.56 -10.88 39.28
C HIS C 46 33.19 -10.16 40.56
N ILE C 47 33.92 -10.45 41.63
CA ILE C 47 33.56 -9.95 42.95
C ILE C 47 33.82 -8.45 42.99
N GLN C 48 32.77 -7.68 43.27
CA GLN C 48 32.81 -6.23 43.31
C GLN C 48 32.96 -5.78 44.77
N PHE C 49 34.13 -5.26 45.11
CA PHE C 49 34.45 -4.87 46.47
C PHE C 49 33.88 -3.49 46.80
N TYR C 50 33.16 -3.40 47.92
CA TYR C 50 32.73 -2.14 48.48
C TYR C 50 33.11 -2.09 49.95
N ASP C 51 33.29 -0.88 50.47
CA ASP C 51 33.67 -0.72 51.88
C ASP C 51 32.56 -1.24 52.78
N GLY C 52 32.91 -2.20 53.64
CA GLY C 52 31.96 -2.85 54.51
C GLY C 52 31.38 -4.13 53.96
N ILE C 53 31.99 -4.70 52.92
CA ILE C 53 31.46 -5.90 52.29
C ILE C 53 31.57 -7.06 53.25
N LYS C 54 30.48 -7.81 53.41
CA LYS C 54 30.50 -8.96 54.31
C LYS C 54 31.46 -10.03 53.79
N THR C 55 32.23 -10.60 54.70
CA THR C 55 33.15 -11.67 54.33
C THR C 55 32.43 -12.95 53.96
N SER C 56 31.20 -13.15 54.45
CA SER C 56 30.44 -14.34 54.08
C SER C 56 29.90 -14.22 52.67
N ASP C 57 29.51 -13.01 52.26
CA ASP C 57 29.09 -12.79 50.89
C ASP C 57 30.24 -13.00 49.91
N ILE C 58 31.45 -12.63 50.32
CA ILE C 58 32.63 -12.89 49.50
C ILE C 58 32.77 -14.39 49.26
N HIS C 59 32.63 -15.17 50.34
CA HIS C 59 32.85 -16.61 50.23
C HIS C 59 31.77 -17.29 49.39
N GLU C 60 30.52 -16.88 49.58
CA GLU C 60 29.44 -17.50 48.81
C GLU C 60 29.55 -17.20 47.32
N THR C 61 30.18 -16.07 46.97
CA THR C 61 30.36 -15.74 45.56
C THR C 61 31.41 -16.65 44.92
N ILE C 62 32.53 -16.89 45.62
CA ILE C 62 33.57 -17.73 45.06
C ILE C 62 33.16 -19.20 45.05
N ILE C 63 32.19 -19.58 45.88
CA ILE C 63 31.65 -20.94 45.82
C ILE C 63 30.89 -21.13 44.51
N LYS C 64 29.95 -20.23 44.22
CA LYS C 64 29.20 -20.29 42.98
C LYS C 64 30.12 -20.28 41.76
N ALA C 65 31.19 -19.49 41.82
CA ALA C 65 32.11 -19.40 40.69
C ALA C 65 32.76 -20.75 40.40
N ALA C 66 33.29 -21.39 41.44
CA ALA C 66 33.91 -22.70 41.26
C ALA C 66 32.87 -23.75 40.87
N ALA C 67 31.64 -23.60 41.32
CA ALA C 67 30.60 -24.58 40.99
C ALA C 67 30.26 -24.53 39.50
N ASP C 68 30.25 -23.33 38.90
CA ASP C 68 29.88 -23.21 37.50
C ASP C 68 31.02 -23.58 36.57
N LEU C 69 32.22 -23.83 37.10
CA LEU C 69 33.36 -24.28 36.31
C LEU C 69 33.42 -25.79 36.18
N ILE C 70 32.50 -26.50 36.83
CA ILE C 70 32.41 -27.94 36.68
C ILE C 70 32.09 -28.27 35.23
N SER C 71 33.01 -28.98 34.58
CA SER C 71 32.86 -29.30 33.17
C SER C 71 33.50 -30.66 32.90
N ARG C 72 33.35 -31.13 31.66
CA ARG C 72 34.01 -32.37 31.27
C ARG C 72 35.52 -32.21 31.29
N ASP C 73 36.02 -31.06 30.83
CA ASP C 73 37.45 -30.84 30.75
C ASP C 73 38.07 -30.65 32.12
N ALA C 74 37.33 -30.08 33.06
CA ALA C 74 37.84 -29.86 34.42
C ALA C 74 36.83 -30.42 35.42
N PRO C 75 36.75 -31.74 35.56
CA PRO C 75 35.76 -32.31 36.49
C PRO C 75 36.12 -32.14 37.95
N ASP C 76 37.39 -31.97 38.29
CA ASP C 76 37.79 -31.87 39.69
C ASP C 76 37.29 -30.60 40.36
N TYR C 77 36.68 -29.68 39.62
CA TYR C 77 36.03 -28.55 40.25
C TYR C 77 34.89 -28.98 41.15
N GLN C 78 34.37 -30.19 40.95
CA GLN C 78 33.33 -30.72 41.83
C GLN C 78 33.85 -30.86 43.25
N TYR C 79 35.16 -31.06 43.41
CA TYR C 79 35.74 -31.16 44.74
C TYR C 79 36.21 -29.82 45.27
N LEU C 80 36.64 -28.92 44.38
CA LEU C 80 37.00 -27.57 44.81
C LEU C 80 35.80 -26.85 45.41
N ALA C 81 34.66 -26.83 44.70
CA ALA C 81 33.48 -26.14 45.18
C ALA C 81 32.88 -26.83 46.41
N ALA C 82 33.03 -28.14 46.53
CA ALA C 82 32.52 -28.83 47.71
C ALA C 82 33.29 -28.42 48.96
N ARG C 83 34.63 -28.38 48.85
CA ARG C 83 35.46 -28.00 49.99
C ARG C 83 35.19 -26.56 50.41
N LEU C 84 34.94 -25.68 49.43
CA LEU C 84 34.57 -24.31 49.76
C LEU C 84 33.23 -24.28 50.49
N ALA C 85 32.31 -25.17 50.10
CA ALA C 85 30.98 -25.20 50.71
C ALA C 85 30.99 -25.90 52.06
N ILE C 86 31.76 -26.98 52.21
CA ILE C 86 31.92 -27.60 53.52
C ILE C 86 32.54 -26.62 54.50
N PHE C 87 33.58 -25.90 54.07
CA PHE C 87 34.17 -24.86 54.90
C PHE C 87 33.13 -23.82 55.29
N HIS C 88 32.28 -23.43 54.35
CA HIS C 88 31.24 -22.45 54.63
C HIS C 88 30.22 -23.00 55.63
N LEU C 89 29.84 -24.27 55.48
CA LEU C 89 28.85 -24.84 56.38
C LEU C 89 29.42 -25.07 57.77
N ARG C 90 30.74 -25.28 57.88
CA ARG C 90 31.36 -25.40 59.19
C ARG C 90 31.20 -24.09 59.96
N LYS C 91 31.45 -22.97 59.29
CA LYS C 91 31.31 -21.67 59.96
C LYS C 91 29.84 -21.39 60.30
N LYS C 92 28.93 -21.70 59.38
CA LYS C 92 27.51 -21.40 59.59
C LYS C 92 26.95 -22.10 60.81
N ALA C 93 27.41 -23.31 61.12
CA ALA C 93 26.86 -24.09 62.22
C ALA C 93 27.67 -23.99 63.49
N TYR C 94 28.97 -23.72 63.40
CA TYR C 94 29.86 -23.76 64.55
C TYR C 94 30.59 -22.45 64.82
N GLY C 95 30.62 -21.52 63.88
CA GLY C 95 31.38 -20.30 64.02
C GLY C 95 32.87 -20.46 63.80
N GLN C 96 33.33 -21.69 63.62
CA GLN C 96 34.72 -22.00 63.37
C GLN C 96 34.75 -23.16 62.38
N PHE C 97 35.94 -23.70 62.12
CA PHE C 97 36.01 -24.85 61.24
C PHE C 97 35.90 -26.17 62.00
N GLU C 98 36.68 -26.35 63.05
CA GLU C 98 36.71 -27.63 63.75
C GLU C 98 35.41 -27.85 64.52
N PRO C 99 34.75 -29.00 64.33
CA PRO C 99 33.48 -29.22 65.02
C PRO C 99 33.70 -29.44 66.51
N PRO C 100 32.69 -29.15 67.33
CA PRO C 100 32.83 -29.40 68.77
C PRO C 100 32.83 -30.87 69.11
N ALA C 101 32.91 -31.18 70.40
CA ALA C 101 32.79 -32.57 70.82
C ALA C 101 31.38 -33.08 70.55
N LEU C 102 31.27 -34.38 70.32
CA LEU C 102 29.96 -34.97 70.04
C LEU C 102 29.00 -34.75 71.20
N TYR C 103 29.51 -34.86 72.44
CA TYR C 103 28.65 -34.72 73.60
C TYR C 103 28.17 -33.28 73.76
N ASP C 104 29.08 -32.31 73.72
CA ASP C 104 28.69 -30.91 73.84
C ASP C 104 27.67 -30.54 72.77
N HIS C 105 27.80 -31.11 71.58
CA HIS C 105 26.88 -30.80 70.49
C HIS C 105 25.48 -31.34 70.80
N VAL C 106 25.39 -32.60 71.22
CA VAL C 106 24.09 -33.21 71.50
C VAL C 106 23.39 -32.48 72.65
N VAL C 107 24.15 -32.12 73.69
CA VAL C 107 23.55 -31.42 74.84
C VAL C 107 22.95 -30.10 74.40
N LYS C 108 23.71 -29.30 73.65
CA LYS C 108 23.22 -28.00 73.22
C LYS C 108 22.00 -28.13 72.32
N MET C 109 22.00 -29.13 71.43
CA MET C 109 20.91 -29.27 70.48
C MET C 109 19.65 -29.82 71.13
N VAL C 110 19.78 -30.78 72.04
CA VAL C 110 18.62 -31.30 72.74
C VAL C 110 17.97 -30.21 73.57
N GLU C 111 18.78 -29.34 74.17
CA GLU C 111 18.24 -28.21 74.91
C GLU C 111 17.48 -27.25 74.00
N MET C 112 17.95 -27.09 72.76
CA MET C 112 17.28 -26.22 71.82
C MET C 112 16.06 -26.87 71.15
N GLY C 113 15.78 -28.12 71.48
CA GLY C 113 14.66 -28.82 70.86
C GLY C 113 14.89 -29.24 69.43
N LYS C 114 16.12 -29.15 68.94
CA LYS C 114 16.43 -29.54 67.57
C LYS C 114 16.77 -31.02 67.45
N TYR C 115 17.33 -31.62 68.50
CA TYR C 115 17.58 -33.06 68.54
C TYR C 115 16.55 -33.73 69.44
N ASP C 116 16.38 -35.04 69.23
CA ASP C 116 15.44 -35.80 70.02
C ASP C 116 15.94 -35.93 71.46
N ASN C 117 14.98 -35.96 72.39
CA ASN C 117 15.31 -35.99 73.80
C ASN C 117 16.01 -37.29 74.21
N HIS C 118 15.71 -38.39 73.53
CA HIS C 118 16.17 -39.71 73.96
C HIS C 118 17.68 -39.89 73.83
N LEU C 119 18.36 -39.07 73.02
CA LEU C 119 19.79 -39.26 72.82
C LEU C 119 20.55 -39.14 74.14
N LEU C 120 20.16 -38.18 74.99
CA LEU C 120 20.83 -38.01 76.27
C LEU C 120 20.42 -39.07 77.29
N GLU C 121 19.27 -39.71 77.10
CA GLU C 121 18.79 -40.71 78.05
C GLU C 121 19.34 -42.10 77.77
N ASP C 122 19.47 -42.46 76.50
CA ASP C 122 19.89 -43.80 76.12
C ASP C 122 21.40 -43.95 76.02
N TYR C 123 22.15 -42.85 76.01
CA TYR C 123 23.61 -42.90 75.93
C TYR C 123 24.21 -42.06 77.03
N THR C 124 25.29 -42.56 77.62
CA THR C 124 26.03 -41.85 78.65
C THR C 124 27.05 -40.92 78.02
N GLU C 125 27.57 -39.99 78.83
CA GLU C 125 28.60 -39.09 78.32
C GLU C 125 29.84 -39.85 77.89
N GLU C 126 30.16 -40.95 78.56
CA GLU C 126 31.30 -41.77 78.17
C GLU C 126 31.04 -42.46 76.83
N GLU C 127 29.79 -42.86 76.57
CA GLU C 127 29.47 -43.49 75.30
C GLU C 127 29.46 -42.48 74.16
N PHE C 128 29.02 -41.25 74.45
CA PHE C 128 29.03 -40.20 73.43
C PHE C 128 30.47 -39.86 73.01
N LYS C 129 31.35 -39.70 74.00
CA LYS C 129 32.75 -39.42 73.69
C LYS C 129 33.40 -40.58 72.94
N GLN C 130 32.90 -41.80 73.15
CA GLN C 130 33.46 -42.95 72.46
C GLN C 130 32.99 -43.01 71.01
N MET C 131 31.79 -42.51 70.72
CA MET C 131 31.36 -42.40 69.33
C MET C 131 32.04 -41.24 68.63
N ASP C 132 32.48 -40.22 69.39
CA ASP C 132 33.22 -39.13 68.80
C ASP C 132 34.53 -39.63 68.21
N THR C 133 35.07 -40.71 68.77
CA THR C 133 36.28 -41.32 68.21
C THR C 133 35.99 -42.10 66.94
N PHE C 134 34.74 -42.56 66.74
CA PHE C 134 34.37 -43.18 65.47
C PHE C 134 34.39 -42.15 64.35
N ILE C 135 33.97 -40.92 64.66
CA ILE C 135 33.78 -39.90 63.65
C ILE C 135 35.11 -39.57 62.99
N ASP C 136 35.10 -39.53 61.66
CA ASP C 136 36.22 -39.03 60.87
C ASP C 136 35.66 -37.83 60.12
N HIS C 137 35.83 -36.64 60.72
CA HIS C 137 35.29 -35.43 60.13
C HIS C 137 35.94 -35.09 58.79
N ASP C 138 37.06 -35.72 58.45
CA ASP C 138 37.69 -35.51 57.15
C ASP C 138 36.90 -36.14 56.02
N ARG C 139 35.93 -37.00 56.32
CA ARG C 139 35.07 -37.54 55.28
C ARG C 139 34.16 -36.48 54.69
N ASP C 140 34.01 -35.34 55.37
CA ASP C 140 33.34 -34.20 54.77
C ASP C 140 34.08 -33.68 53.53
N MET C 141 35.34 -34.08 53.37
CA MET C 141 36.16 -33.71 52.23
C MET C 141 36.08 -34.74 51.12
N THR C 142 35.11 -35.64 51.17
CA THR C 142 34.92 -36.66 50.15
C THR C 142 33.64 -36.48 49.36
N PHE C 143 32.84 -35.47 49.66
CA PHE C 143 31.63 -35.20 48.89
C PHE C 143 31.96 -34.44 47.61
N SER C 144 31.06 -34.54 46.63
CA SER C 144 31.08 -33.68 45.47
C SER C 144 30.20 -32.46 45.73
N TYR C 145 30.25 -31.48 44.83
CA TYR C 145 29.52 -30.24 45.08
C TYR C 145 28.01 -30.49 45.17
N ALA C 146 27.46 -31.27 44.23
CA ALA C 146 26.04 -31.57 44.27
C ALA C 146 25.66 -32.23 45.60
N ALA C 147 26.52 -33.09 46.12
CA ALA C 147 26.25 -33.74 47.40
C ALA C 147 26.11 -32.72 48.52
N VAL C 148 27.02 -31.74 48.57
CA VAL C 148 27.02 -30.76 49.66
C VAL C 148 25.79 -29.88 49.58
N LYS C 149 25.38 -29.50 48.37
CA LYS C 149 24.23 -28.61 48.22
C LYS C 149 22.94 -29.30 48.65
N GLN C 150 22.86 -30.63 48.46
CA GLN C 150 21.71 -31.36 48.97
C GLN C 150 21.77 -31.46 50.50
N LEU C 151 22.99 -31.61 51.05
CA LEU C 151 23.13 -31.58 52.50
C LEU C 151 22.70 -30.25 53.06
N GLU C 152 23.21 -29.15 52.49
CA GLU C 152 22.83 -27.83 52.98
C GLU C 152 21.34 -27.55 52.75
N GLY C 153 20.81 -27.96 51.61
CA GLY C 153 19.46 -27.59 51.26
C GLY C 153 18.37 -28.43 51.89
N LYS C 154 18.63 -29.72 52.11
CA LYS C 154 17.55 -30.62 52.54
C LYS C 154 17.86 -31.40 53.81
N TYR C 155 19.08 -31.91 53.96
CA TYR C 155 19.32 -32.97 54.94
C TYR C 155 19.79 -32.45 56.30
N LEU C 156 20.78 -31.57 56.33
CA LEU C 156 21.31 -31.06 57.60
C LEU C 156 20.21 -30.35 58.38
N VAL C 157 20.15 -30.62 59.70
CA VAL C 157 19.14 -30.02 60.56
C VAL C 157 19.28 -28.50 60.52
N GLN C 158 18.17 -27.82 60.25
CA GLN C 158 18.21 -26.37 60.02
C GLN C 158 16.88 -25.76 60.43
N ASN C 159 16.78 -24.45 60.24
CA ASN C 159 15.57 -23.68 60.49
C ASN C 159 14.99 -23.27 59.15
N ARG C 160 13.76 -23.68 58.87
CA ARG C 160 13.13 -23.41 57.58
C ARG C 160 12.54 -22.01 57.50
N VAL C 161 12.58 -21.24 58.59
CA VAL C 161 12.16 -19.85 58.59
C VAL C 161 13.35 -18.91 58.66
N THR C 162 14.37 -19.26 59.45
CA THR C 162 15.57 -18.44 59.58
C THR C 162 16.57 -18.73 58.46
N GLY C 163 16.71 -20.00 58.08
CA GLY C 163 17.77 -20.44 57.21
C GLY C 163 19.02 -20.87 57.95
N GLU C 164 18.93 -21.05 59.26
CA GLU C 164 20.08 -21.32 60.11
C GLU C 164 20.45 -22.80 60.03
N ILE C 165 21.66 -23.10 59.58
CA ILE C 165 22.18 -24.47 59.55
C ILE C 165 22.79 -24.77 60.90
N TYR C 166 22.47 -25.95 61.46
CA TYR C 166 22.85 -26.25 62.84
C TYR C 166 23.94 -27.31 62.99
N GLU C 167 24.13 -28.19 62.00
CA GLU C 167 25.02 -29.34 62.21
C GLU C 167 25.95 -29.54 61.02
N SER C 168 26.85 -30.52 61.18
CA SER C 168 27.75 -30.98 60.14
C SER C 168 27.25 -32.30 59.56
N ALA C 169 27.94 -32.77 58.52
CA ALA C 169 27.53 -34.01 57.84
C ALA C 169 27.88 -35.24 58.66
N GLN C 170 29.06 -35.27 59.28
CA GLN C 170 29.46 -36.45 60.04
C GLN C 170 28.68 -36.60 61.34
N PHE C 171 28.15 -35.50 61.88
CA PHE C 171 27.24 -35.60 63.02
C PHE C 171 25.91 -36.20 62.60
N LEU C 172 25.42 -35.79 61.42
CA LEU C 172 24.23 -36.41 60.85
C LEU C 172 24.41 -37.92 60.76
N TYR C 173 25.53 -38.35 60.18
CA TYR C 173 25.78 -39.78 60.00
C TYR C 173 25.83 -40.52 61.34
N ILE C 174 26.63 -40.02 62.29
CA ILE C 174 26.84 -40.77 63.53
C ILE C 174 25.58 -40.82 64.38
N LEU C 175 24.72 -39.80 64.29
CA LEU C 175 23.50 -39.81 65.08
C LEU C 175 22.40 -40.64 64.43
N VAL C 176 22.38 -40.71 63.09
CA VAL C 176 21.51 -41.66 62.43
C VAL C 176 21.91 -43.08 62.83
N ALA C 177 23.22 -43.32 62.98
CA ALA C 177 23.68 -44.60 63.47
C ALA C 177 23.33 -44.78 64.95
N ALA C 178 23.51 -43.73 65.75
CA ALA C 178 23.24 -43.84 67.18
C ALA C 178 21.75 -44.07 67.44
N CYS C 179 20.88 -43.27 66.81
CA CYS C 179 19.44 -43.37 67.07
C CYS C 179 18.88 -44.71 66.59
N LEU C 180 19.29 -45.18 65.42
CA LEU C 180 18.69 -46.40 64.89
C LEU C 180 19.06 -47.61 65.75
N PHE C 181 20.31 -47.67 66.20
CA PHE C 181 20.76 -48.76 67.05
C PHE C 181 20.71 -48.40 68.54
N SER C 182 19.88 -47.42 68.91
CA SER C 182 19.85 -46.96 70.30
C SER C 182 19.25 -47.99 71.25
N ASN C 183 18.42 -48.91 70.76
CA ASN C 183 17.79 -49.91 71.61
C ASN C 183 18.54 -51.24 71.60
N TYR C 184 19.66 -51.34 70.89
CA TYR C 184 20.41 -52.58 70.86
C TYR C 184 21.08 -52.83 72.21
N PRO C 185 21.35 -54.09 72.54
CA PRO C 185 22.06 -54.39 73.79
C PRO C 185 23.42 -53.72 73.84
N ARG C 186 23.83 -53.31 75.04
CA ARG C 186 25.06 -52.54 75.20
C ARG C 186 26.31 -53.36 74.85
N GLU C 187 26.23 -54.69 74.87
CA GLU C 187 27.40 -55.48 74.53
C GLU C 187 27.70 -55.45 73.03
N THR C 188 26.71 -55.12 72.19
CA THR C 188 26.91 -55.05 70.75
C THR C 188 26.48 -53.72 70.14
N ARG C 189 25.93 -52.79 70.93
CA ARG C 189 25.35 -51.57 70.38
C ARG C 189 26.40 -50.75 69.64
N LEU C 190 27.42 -50.25 70.35
CA LEU C 190 28.40 -49.39 69.71
C LEU C 190 29.17 -50.09 68.61
N GLN C 191 29.24 -51.43 68.64
CA GLN C 191 29.82 -52.16 67.52
C GLN C 191 29.03 -51.92 66.25
N TYR C 192 27.70 -51.91 66.36
CA TYR C 192 26.86 -51.61 65.21
C TYR C 192 26.93 -50.12 64.87
N VAL C 193 26.91 -49.26 65.89
CA VAL C 193 26.90 -47.82 65.66
C VAL C 193 28.14 -47.42 64.86
N LYS C 194 29.29 -48.04 65.16
CA LYS C 194 30.48 -47.77 64.37
C LYS C 194 30.38 -48.38 62.98
N ARG C 195 29.98 -49.65 62.90
CA ARG C 195 29.92 -50.32 61.60
C ARG C 195 28.94 -49.63 60.66
N PHE C 196 27.77 -49.25 61.17
CA PHE C 196 26.78 -48.59 60.32
C PHE C 196 27.21 -47.18 59.95
N TYR C 197 27.89 -46.48 60.86
CA TYR C 197 28.42 -45.16 60.53
C TYR C 197 29.44 -45.25 59.40
N ASP C 198 30.39 -46.19 59.50
CA ASP C 198 31.37 -46.35 58.42
C ASP C 198 30.70 -46.71 57.10
N ALA C 199 29.64 -47.50 57.16
CA ALA C 199 29.00 -47.96 55.92
C ALA C 199 28.39 -46.80 55.15
N VAL C 200 27.72 -45.87 55.84
CA VAL C 200 27.04 -44.80 55.14
C VAL C 200 27.94 -43.60 54.89
N SER C 201 28.92 -43.36 55.77
CA SER C 201 29.80 -42.21 55.59
C SER C 201 30.90 -42.47 54.58
N THR C 202 31.13 -43.73 54.22
CA THR C 202 32.03 -44.09 53.13
C THR C 202 31.26 -44.56 51.90
N PHE C 203 29.96 -44.27 51.86
CA PHE C 203 29.11 -44.44 50.68
C PHE C 203 28.93 -45.90 50.26
N LYS C 204 28.91 -46.82 51.23
CA LYS C 204 28.50 -48.18 50.92
C LYS C 204 26.98 -48.32 50.91
N ILE C 205 26.31 -47.62 51.82
CA ILE C 205 24.86 -47.64 51.92
C ILE C 205 24.35 -46.22 51.74
N SER C 206 23.26 -46.10 50.96
CA SER C 206 22.64 -44.82 50.70
C SER C 206 21.36 -44.72 51.52
N LEU C 207 21.16 -43.58 52.17
CA LEU C 207 19.99 -43.41 53.02
C LEU C 207 19.00 -42.42 52.40
N PRO C 208 17.70 -42.66 52.54
CA PRO C 208 16.71 -41.83 51.86
C PRO C 208 16.55 -40.47 52.53
N THR C 209 15.86 -39.58 51.82
CA THR C 209 15.62 -38.23 52.30
C THR C 209 15.03 -38.17 53.71
N PRO C 210 13.96 -38.89 54.04
CA PRO C 210 13.42 -38.75 55.41
C PRO C 210 14.36 -39.29 56.48
N ILE C 211 15.19 -40.29 56.16
CA ILE C 211 16.16 -40.78 57.14
C ILE C 211 17.28 -39.77 57.32
N MET C 212 17.81 -39.24 56.22
CA MET C 212 18.89 -38.26 56.30
C MET C 212 18.43 -36.99 57.02
N SER C 213 17.25 -36.49 56.66
CA SER C 213 16.79 -35.22 57.22
C SER C 213 16.12 -35.37 58.57
N GLY C 214 15.74 -36.59 58.97
CA GLY C 214 14.89 -36.72 60.14
C GLY C 214 15.44 -37.46 61.33
N VAL C 215 16.19 -38.55 61.11
CA VAL C 215 16.57 -39.45 62.19
C VAL C 215 17.57 -38.79 63.13
N ARG C 216 17.04 -38.11 64.16
CA ARG C 216 17.72 -37.51 65.30
C ARG C 216 16.90 -36.33 65.81
N THR C 217 15.84 -35.99 65.07
CA THR C 217 14.97 -34.87 65.36
C THR C 217 13.77 -35.33 66.17
N PRO C 218 13.10 -34.40 66.88
CA PRO C 218 11.93 -34.80 67.69
C PRO C 218 10.84 -35.58 66.97
N THR C 219 10.34 -35.10 65.83
CA THR C 219 9.26 -35.77 65.11
C THR C 219 9.80 -36.99 64.38
N ARG C 220 9.37 -38.19 64.80
CA ARG C 220 9.93 -39.45 64.29
C ARG C 220 9.00 -40.04 63.23
N GLN C 221 9.27 -39.71 61.96
CA GLN C 221 8.62 -40.38 60.84
C GLN C 221 9.60 -40.40 59.68
N PHE C 222 9.97 -41.61 59.25
CA PHE C 222 11.05 -41.76 58.29
C PHE C 222 10.75 -42.75 57.18
N SER C 223 9.50 -43.16 57.00
CA SER C 223 9.12 -44.06 55.92
C SER C 223 8.81 -43.23 54.67
N SER C 224 9.54 -43.51 53.59
CA SER C 224 9.43 -42.69 52.38
C SER C 224 8.08 -42.89 51.69
N CYS C 225 7.56 -44.10 51.70
CA CYS C 225 6.38 -44.44 50.91
C CYS C 225 5.21 -44.77 51.82
N VAL C 226 4.06 -44.17 51.54
CA VAL C 226 2.82 -44.40 52.27
C VAL C 226 1.76 -44.76 51.25
N LEU C 227 1.15 -45.94 51.41
CA LEU C 227 0.13 -46.44 50.49
C LEU C 227 -1.20 -46.49 51.21
N ILE C 228 -2.18 -45.71 50.73
CA ILE C 228 -3.52 -45.64 51.31
C ILE C 228 -4.52 -46.12 50.28
N GLU C 229 -5.42 -47.01 50.70
CA GLU C 229 -6.51 -47.51 49.86
C GLU C 229 -7.82 -46.88 50.32
N CYS C 230 -8.62 -46.41 49.36
CA CYS C 230 -9.85 -45.69 49.66
C CYS C 230 -11.05 -46.56 49.30
N GLY C 231 -11.98 -46.70 50.25
CA GLY C 231 -13.21 -47.42 49.98
C GLY C 231 -14.30 -46.52 49.43
N ASP C 232 -15.35 -47.16 48.90
CA ASP C 232 -16.41 -46.44 48.19
C ASP C 232 -17.45 -45.91 49.17
N SER C 233 -16.98 -45.04 50.07
CA SER C 233 -17.83 -44.45 51.09
C SER C 233 -17.27 -43.11 51.53
N LEU C 234 -18.15 -42.24 52.01
CA LEU C 234 -17.70 -40.96 52.57
C LEU C 234 -16.84 -41.15 53.80
N ASP C 235 -17.15 -42.17 54.62
CA ASP C 235 -16.32 -42.43 55.80
C ASP C 235 -14.89 -42.78 55.39
N SER C 236 -14.73 -43.57 54.32
CA SER C 236 -13.39 -43.94 53.88
C SER C 236 -12.68 -42.75 53.21
N ILE C 237 -13.40 -41.99 52.38
CA ILE C 237 -12.81 -40.81 51.76
C ILE C 237 -12.33 -39.83 52.81
N ASN C 238 -13.14 -39.61 53.85
CA ASN C 238 -12.73 -38.72 54.93
C ASN C 238 -11.49 -39.23 55.63
N ALA C 239 -11.44 -40.54 55.92
CA ALA C 239 -10.27 -41.11 56.57
C ALA C 239 -9.05 -41.01 55.68
N THR C 240 -9.21 -41.30 54.38
CA THR C 240 -8.09 -41.23 53.45
C THR C 240 -7.48 -39.84 53.42
N SER C 241 -8.31 -38.81 53.30
CA SER C 241 -7.79 -37.44 53.26
C SER C 241 -7.01 -37.11 54.52
N SER C 242 -7.56 -37.45 55.69
CA SER C 242 -6.89 -37.13 56.94
C SER C 242 -5.55 -37.86 57.05
N ALA C 243 -5.49 -39.10 56.56
CA ALA C 243 -4.23 -39.84 56.54
C ALA C 243 -3.25 -39.20 55.58
N ILE C 244 -3.73 -38.72 54.43
CA ILE C 244 -2.87 -38.03 53.48
C ILE C 244 -2.27 -36.79 54.13
N VAL C 245 -3.14 -35.94 54.72
CA VAL C 245 -2.68 -34.71 55.36
C VAL C 245 -1.63 -34.99 56.42
N LYS C 246 -1.86 -36.02 57.25
CA LYS C 246 -0.92 -36.35 58.31
C LYS C 246 0.45 -36.75 57.76
N TYR C 247 0.48 -37.58 56.71
CA TYR C 247 1.75 -38.12 56.28
C TYR C 247 2.52 -37.21 55.32
N VAL C 248 1.86 -36.33 54.58
CA VAL C 248 2.62 -35.36 53.80
C VAL C 248 3.32 -34.39 54.74
N SER C 249 2.68 -34.07 55.88
CA SER C 249 3.31 -33.20 56.86
C SER C 249 4.52 -33.85 57.53
N GLN C 250 4.74 -35.15 57.32
CA GLN C 250 5.84 -35.86 57.97
C GLN C 250 6.68 -36.59 56.93
N ARG C 251 7.20 -35.82 55.96
CA ARG C 251 8.27 -36.22 55.06
C ARG C 251 7.90 -37.32 54.06
N ALA C 252 6.63 -37.72 54.00
CA ALA C 252 6.26 -38.91 53.24
C ALA C 252 5.65 -38.56 51.89
N GLY C 253 5.71 -39.55 50.99
CA GLY C 253 5.12 -39.47 49.66
C GLY C 253 4.05 -40.52 49.48
N ILE C 254 2.88 -40.12 48.99
CA ILE C 254 1.67 -40.92 49.11
C ILE C 254 1.36 -41.66 47.83
N GLY C 255 0.80 -42.86 47.98
CA GLY C 255 0.12 -43.56 46.90
C GLY C 255 -1.34 -43.78 47.28
N ILE C 256 -2.26 -43.30 46.44
CA ILE C 256 -3.69 -43.37 46.72
C ILE C 256 -4.33 -44.35 45.75
N ASN C 257 -5.21 -45.20 46.26
CA ASN C 257 -5.98 -46.14 45.45
C ASN C 257 -7.44 -45.72 45.52
N ALA C 258 -7.89 -44.99 44.51
CA ALA C 258 -9.29 -44.56 44.42
C ALA C 258 -10.03 -45.26 43.29
N GLY C 259 -9.62 -46.50 42.96
CA GLY C 259 -10.32 -47.24 41.93
C GLY C 259 -11.65 -47.80 42.37
N ARG C 260 -11.86 -47.95 43.68
CA ARG C 260 -13.12 -48.49 44.19
C ARG C 260 -14.26 -47.47 44.14
N ILE C 261 -13.96 -46.18 44.05
CA ILE C 261 -15.00 -45.17 44.06
C ILE C 261 -15.91 -45.37 42.87
N ARG C 262 -17.21 -45.43 43.12
CA ARG C 262 -18.18 -45.71 42.06
C ARG C 262 -18.24 -44.55 41.07
N ALA C 263 -18.67 -44.87 39.85
CA ALA C 263 -18.57 -43.95 38.73
C ALA C 263 -19.66 -42.87 38.81
N LEU C 264 -19.45 -41.83 38.00
CA LEU C 264 -20.41 -40.73 37.90
C LEU C 264 -21.77 -41.24 37.44
N GLY C 265 -22.82 -40.80 38.12
CA GLY C 265 -24.17 -41.19 37.77
C GLY C 265 -24.71 -42.37 38.53
N SER C 266 -23.88 -43.08 39.29
CA SER C 266 -24.34 -44.23 40.04
C SER C 266 -25.36 -43.79 41.08
N PRO C 267 -26.33 -44.64 41.41
CA PRO C 267 -27.32 -44.26 42.42
C PRO C 267 -26.72 -44.24 43.82
N ILE C 268 -27.12 -43.24 44.60
CA ILE C 268 -26.73 -43.12 46.00
C ILE C 268 -27.97 -43.34 46.85
N ARG C 269 -27.88 -44.26 47.81
CA ARG C 269 -28.97 -44.53 48.75
C ARG C 269 -30.25 -44.91 48.01
N GLY C 270 -30.09 -45.81 47.03
CA GLY C 270 -31.20 -46.27 46.23
C GLY C 270 -31.63 -45.34 45.11
N GLY C 271 -31.22 -44.08 45.16
CA GLY C 271 -31.63 -43.10 44.17
C GLY C 271 -31.98 -41.78 44.80
N GLU C 272 -31.73 -41.65 46.11
CA GLU C 272 -31.96 -40.38 46.78
C GLU C 272 -31.03 -39.28 46.29
N ALA C 273 -29.88 -39.64 45.71
CA ALA C 273 -28.93 -38.65 45.24
C ALA C 273 -28.20 -39.17 44.01
N PHE C 274 -27.65 -38.23 43.24
CA PHE C 274 -26.89 -38.48 42.03
C PHE C 274 -25.40 -38.44 42.38
N HIS C 275 -24.68 -39.53 42.10
CA HIS C 275 -23.26 -39.58 42.44
C HIS C 275 -22.49 -38.64 41.55
N THR C 276 -21.81 -37.67 42.16
CA THR C 276 -21.14 -36.60 41.42
C THR C 276 -19.92 -37.09 40.64
N GLY C 277 -19.40 -38.27 40.96
CA GLY C 277 -18.30 -38.86 40.22
C GLY C 277 -17.02 -38.93 41.04
N CYS C 278 -15.97 -39.45 40.39
CA CYS C 278 -14.66 -39.59 41.02
C CYS C 278 -13.90 -38.27 41.06
N ILE C 279 -13.99 -37.47 39.99
CA ILE C 279 -13.13 -36.29 39.87
C ILE C 279 -13.28 -35.33 41.05
N PRO C 280 -14.49 -34.97 41.51
CA PRO C 280 -14.57 -34.07 42.67
C PRO C 280 -13.93 -34.61 43.93
N PHE C 281 -13.79 -35.92 44.05
CA PHE C 281 -13.09 -36.50 45.18
C PHE C 281 -11.59 -36.53 44.95
N TYR C 282 -11.16 -36.76 43.71
CA TYR C 282 -9.75 -36.64 43.38
C TYR C 282 -9.25 -35.23 43.69
N LYS C 283 -10.05 -34.22 43.37
CA LYS C 283 -9.71 -32.85 43.71
C LYS C 283 -9.52 -32.68 45.22
N HIS C 284 -10.34 -33.39 46.01
CA HIS C 284 -10.19 -33.32 47.46
C HIS C 284 -8.90 -34.00 47.91
N PHE C 285 -8.53 -35.11 47.28
CA PHE C 285 -7.27 -35.77 47.60
C PHE C 285 -6.08 -34.90 47.22
N GLN C 286 -6.21 -34.14 46.13
CA GLN C 286 -5.08 -33.31 45.70
C GLN C 286 -4.82 -32.19 46.69
N THR C 287 -5.89 -31.50 47.13
CA THR C 287 -5.70 -30.43 48.10
C THR C 287 -5.18 -30.98 49.42
N ALA C 288 -5.50 -32.24 49.73
CA ALA C 288 -4.92 -32.87 50.92
C ALA C 288 -3.42 -33.02 50.76
N VAL C 289 -2.98 -33.36 49.55
CA VAL C 289 -1.55 -33.58 49.30
C VAL C 289 -0.78 -32.27 49.34
N LYS C 290 -1.32 -31.23 48.71
CA LYS C 290 -0.65 -29.94 48.60
C LYS C 290 -0.99 -28.98 49.73
N SER C 291 -1.52 -29.49 50.83
CA SER C 291 -2.07 -28.62 51.86
C SER C 291 -1.00 -27.95 52.71
N CYS C 292 0.15 -28.60 52.95
CA CYS C 292 0.97 -28.12 54.05
C CYS C 292 2.48 -28.37 53.98
N SER C 293 2.93 -29.29 53.13
CA SER C 293 4.32 -29.75 53.23
C SER C 293 5.31 -28.96 52.38
N GLN C 294 4.87 -27.90 51.69
CA GLN C 294 5.80 -27.15 50.84
C GLN C 294 6.86 -26.40 51.64
N GLY C 295 6.70 -26.29 52.96
CA GLY C 295 7.68 -25.61 53.79
C GLY C 295 8.73 -26.54 54.35
N GLY C 296 8.42 -27.83 54.39
CA GLY C 296 9.34 -28.83 54.90
C GLY C 296 10.45 -29.17 53.91
N VAL C 297 10.98 -30.39 54.07
CA VAL C 297 12.07 -30.85 53.22
C VAL C 297 11.64 -30.83 51.76
N ARG C 298 10.49 -31.41 51.46
CA ARG C 298 9.97 -31.52 50.11
C ARG C 298 8.46 -31.38 50.15
N GLY C 299 7.88 -30.91 49.04
CA GLY C 299 6.44 -30.80 48.96
C GLY C 299 5.78 -32.16 48.97
N GLY C 300 4.47 -32.16 49.25
CA GLY C 300 3.71 -33.39 49.19
C GLY C 300 3.43 -33.77 47.74
N ALA C 301 3.60 -35.06 47.46
CA ALA C 301 3.33 -35.60 46.13
C ALA C 301 2.63 -36.95 46.29
N ALA C 302 1.71 -37.23 45.38
CA ALA C 302 0.95 -38.48 45.41
C ALA C 302 0.70 -38.98 43.99
N THR C 303 0.55 -40.29 43.88
CA THR C 303 0.10 -40.93 42.65
C THR C 303 -1.18 -41.69 42.93
N LEU C 304 -2.21 -41.43 42.12
CA LEU C 304 -3.52 -42.04 42.29
C LEU C 304 -3.70 -43.17 41.29
N PHE C 305 -4.34 -44.25 41.73
CA PHE C 305 -4.46 -45.46 40.93
C PHE C 305 -5.93 -45.78 40.67
N TYR C 306 -6.21 -46.27 39.47
CA TYR C 306 -7.54 -46.73 39.08
C TYR C 306 -7.38 -47.82 38.04
N PRO C 307 -8.29 -48.77 37.98
CA PRO C 307 -8.21 -49.79 36.92
C PRO C 307 -8.57 -49.21 35.58
N MET C 308 -7.97 -49.79 34.53
CA MET C 308 -8.21 -49.32 33.17
C MET C 308 -9.67 -49.49 32.76
N TRP C 309 -10.35 -50.49 33.32
CA TRP C 309 -11.72 -50.79 32.93
C TRP C 309 -12.75 -49.99 33.73
N HIS C 310 -12.31 -49.03 34.54
CA HIS C 310 -13.25 -48.19 35.27
C HIS C 310 -14.10 -47.39 34.30
N LEU C 311 -15.33 -47.08 34.71
CA LEU C 311 -16.28 -46.45 33.80
C LEU C 311 -15.85 -45.05 33.41
N GLU C 312 -15.22 -44.30 34.32
CA GLU C 312 -14.79 -42.94 34.02
C GLU C 312 -13.39 -42.87 33.43
N VAL C 313 -12.81 -43.99 33.01
CA VAL C 313 -11.39 -44.04 32.68
C VAL C 313 -11.02 -43.07 31.55
N GLU C 314 -11.94 -42.80 30.62
CA GLU C 314 -11.61 -41.89 29.53
C GLU C 314 -11.49 -40.45 30.01
N SER C 315 -12.25 -40.07 31.03
CA SER C 315 -12.12 -38.74 31.62
C SER C 315 -10.97 -38.67 32.62
N LEU C 316 -10.55 -39.81 33.18
CA LEU C 316 -9.49 -39.80 34.19
C LEU C 316 -8.12 -39.73 33.57
N LEU C 317 -7.93 -40.31 32.37
CA LEU C 317 -6.64 -40.30 31.72
C LEU C 317 -6.18 -38.90 31.34
N VAL C 318 -7.12 -37.96 31.19
CA VAL C 318 -6.79 -36.63 30.72
C VAL C 318 -6.75 -35.62 31.86
N LEU C 319 -6.71 -36.08 33.11
CA LEU C 319 -6.77 -35.18 34.25
C LEU C 319 -5.53 -34.31 34.39
N LYS C 320 -4.42 -34.68 33.76
CA LYS C 320 -3.19 -33.91 33.82
C LYS C 320 -2.97 -33.01 32.62
N ASN C 321 -3.67 -33.26 31.52
CA ASN C 321 -3.51 -32.47 30.31
C ASN C 321 -3.79 -30.99 30.60
N ASN C 322 -2.94 -30.12 30.05
CA ASN C 322 -2.99 -28.70 30.35
C ASN C 322 -4.12 -27.96 29.64
N ARG C 323 -4.89 -28.64 28.79
CA ARG C 323 -6.05 -28.00 28.18
C ARG C 323 -7.29 -28.33 29.01
N GLY C 324 -8.44 -27.86 28.54
CA GLY C 324 -9.69 -28.08 29.24
C GLY C 324 -9.84 -27.16 30.45
N VAL C 325 -11.06 -27.16 31.00
CA VAL C 325 -11.41 -26.30 32.12
C VAL C 325 -11.00 -26.93 33.44
N GLU C 326 -11.03 -26.14 34.51
CA GLU C 326 -10.60 -26.64 35.83
C GLU C 326 -11.54 -27.71 36.38
N GLY C 327 -12.80 -27.74 35.92
CA GLY C 327 -13.77 -28.69 36.47
C GLY C 327 -13.47 -30.14 36.15
N ASN C 328 -12.78 -30.41 35.05
CA ASN C 328 -12.45 -31.77 34.63
C ASN C 328 -10.95 -31.98 34.56
N ARG C 329 -10.19 -31.23 35.34
CA ARG C 329 -8.73 -31.37 35.39
C ARG C 329 -8.27 -31.42 36.84
N VAL C 330 -7.46 -32.43 37.15
CA VAL C 330 -6.80 -32.54 38.45
C VAL C 330 -5.30 -32.73 38.18
N ARG C 331 -4.61 -31.60 37.94
CA ARG C 331 -3.30 -31.65 37.29
C ARG C 331 -2.15 -32.00 38.23
N HIS C 332 -2.23 -31.60 39.50
CA HIS C 332 -1.06 -31.62 40.38
C HIS C 332 -0.89 -32.95 41.10
N MET C 333 -1.39 -34.04 40.53
CA MET C 333 -1.09 -35.38 41.00
C MET C 333 -0.70 -36.25 39.81
N ASP C 334 0.04 -37.30 40.08
CA ASP C 334 0.37 -38.29 39.07
C ASP C 334 -0.62 -39.44 39.17
N TYR C 335 -0.67 -40.25 38.11
CA TYR C 335 -1.68 -41.29 38.03
C TYR C 335 -1.05 -42.59 37.53
N GLY C 336 -1.50 -43.70 38.09
CA GLY C 336 -1.09 -45.00 37.63
C GLY C 336 -2.27 -45.82 37.16
N VAL C 337 -2.26 -46.23 35.89
CA VAL C 337 -3.34 -47.03 35.32
C VAL C 337 -3.03 -48.49 35.54
N GLN C 338 -4.02 -49.24 36.02
CA GLN C 338 -3.87 -50.64 36.38
C GLN C 338 -4.37 -51.50 35.22
N ILE C 339 -3.49 -52.36 34.70
CA ILE C 339 -3.76 -53.17 33.51
C ILE C 339 -3.37 -54.61 33.81
N ASN C 340 -4.09 -55.55 33.21
CA ASN C 340 -3.77 -56.96 33.33
C ASN C 340 -3.72 -57.59 31.94
N LYS C 341 -3.45 -58.90 31.90
CA LYS C 341 -3.23 -59.58 30.62
C LYS C 341 -4.47 -59.49 29.72
N LEU C 342 -5.66 -59.61 30.31
CA LEU C 342 -6.88 -59.59 29.50
C LEU C 342 -7.02 -58.27 28.76
N MET C 343 -6.66 -57.16 29.41
CA MET C 343 -6.72 -55.86 28.75
C MET C 343 -5.77 -55.81 27.57
N TYR C 344 -4.54 -56.28 27.75
CA TYR C 344 -3.60 -56.32 26.63
C TYR C 344 -4.08 -57.26 25.53
N THR C 345 -4.74 -58.35 25.90
CA THR C 345 -5.25 -59.29 24.91
C THR C 345 -6.30 -58.63 24.01
N ARG C 346 -7.20 -57.83 24.60
CA ARG C 346 -8.16 -57.10 23.79
C ARG C 346 -7.46 -56.16 22.83
N LEU C 347 -6.28 -55.64 23.20
CA LEU C 347 -5.54 -54.77 22.29
C LEU C 347 -4.96 -55.56 21.13
N LEU C 348 -4.32 -56.69 21.42
CA LEU C 348 -3.68 -57.47 20.36
C LEU C 348 -4.70 -58.02 19.38
N LYS C 349 -5.86 -58.46 19.88
CA LYS C 349 -6.92 -58.98 19.03
C LYS C 349 -7.70 -57.89 18.32
N GLY C 350 -7.49 -56.62 18.65
CA GLY C 350 -8.25 -55.55 18.02
C GLY C 350 -9.71 -55.54 18.43
N GLU C 351 -10.03 -56.07 19.60
CA GLU C 351 -11.39 -56.14 20.08
C GLU C 351 -11.70 -54.89 20.92
N ASP C 352 -12.74 -54.95 21.74
CA ASP C 352 -13.15 -53.83 22.58
C ASP C 352 -12.77 -54.07 24.03
N ILE C 353 -12.94 -53.02 24.83
CA ILE C 353 -12.81 -53.09 26.28
C ILE C 353 -14.10 -52.54 26.86
N THR C 354 -14.73 -53.31 27.74
CA THR C 354 -15.97 -52.88 28.38
C THR C 354 -15.64 -52.17 29.68
N LEU C 355 -16.28 -51.02 29.90
CA LEU C 355 -16.06 -50.20 31.08
C LEU C 355 -17.21 -50.37 32.06
N PHE C 356 -16.88 -50.65 33.31
CA PHE C 356 -17.87 -50.82 34.37
C PHE C 356 -17.58 -49.89 35.53
N SER C 357 -18.62 -49.56 36.27
CA SER C 357 -18.43 -48.99 37.59
C SER C 357 -18.16 -50.12 38.58
N PRO C 358 -17.13 -50.00 39.42
CA PRO C 358 -16.82 -51.12 40.34
C PRO C 358 -17.97 -51.48 41.26
N SER C 359 -18.99 -50.62 41.37
CA SER C 359 -20.16 -50.90 42.19
C SER C 359 -21.18 -51.78 41.48
N ASP C 360 -21.09 -51.94 40.16
CA ASP C 360 -22.06 -52.70 39.38
C ASP C 360 -21.55 -54.05 38.92
N VAL C 361 -20.39 -54.49 39.42
CA VAL C 361 -19.79 -55.74 38.98
C VAL C 361 -19.26 -56.52 40.19
N PRO C 362 -20.10 -57.32 40.85
CA PRO C 362 -19.69 -57.97 42.10
C PRO C 362 -18.52 -58.91 41.91
N GLY C 363 -17.50 -58.74 42.75
CA GLY C 363 -16.33 -59.59 42.77
C GLY C 363 -15.32 -59.34 41.65
N LEU C 364 -15.63 -58.43 40.73
CA LEU C 364 -14.72 -58.18 39.61
C LEU C 364 -13.48 -57.45 40.06
N TYR C 365 -13.63 -56.50 40.99
CA TYR C 365 -12.49 -55.68 41.41
C TYR C 365 -11.44 -56.53 42.13
N ASP C 366 -11.88 -57.34 43.10
CA ASP C 366 -10.93 -58.17 43.84
C ASP C 366 -10.28 -59.21 42.93
N ALA C 367 -11.05 -59.74 41.97
CA ALA C 367 -10.49 -60.70 41.02
C ALA C 367 -9.47 -60.03 40.11
N PHE C 368 -9.66 -58.75 39.81
CA PHE C 368 -8.75 -58.03 38.92
C PHE C 368 -7.31 -58.06 39.41
N PHE C 369 -7.10 -58.23 40.71
CA PHE C 369 -5.77 -58.32 41.29
C PHE C 369 -5.40 -59.74 41.72
N ALA C 370 -6.29 -60.41 42.47
CA ALA C 370 -5.94 -61.66 43.12
C ALA C 370 -6.10 -62.87 42.21
N ASP C 371 -7.20 -62.93 41.44
CA ASP C 371 -7.59 -64.14 40.70
C ASP C 371 -7.78 -63.78 39.23
N GLN C 372 -6.77 -64.06 38.41
CA GLN C 372 -6.87 -63.75 36.99
C GLN C 372 -7.91 -64.62 36.29
N GLU C 373 -8.08 -65.86 36.75
CA GLU C 373 -9.11 -66.73 36.15
C GLU C 373 -10.50 -66.22 36.48
N GLU C 374 -10.76 -65.93 37.76
CA GLU C 374 -12.08 -65.44 38.15
C GLU C 374 -12.40 -64.13 37.46
N PHE C 375 -11.39 -63.31 37.18
CA PHE C 375 -11.63 -62.07 36.44
C PHE C 375 -12.09 -62.38 35.03
N GLU C 376 -11.38 -63.28 34.34
CA GLU C 376 -11.78 -63.69 33.00
C GLU C 376 -13.21 -64.22 32.99
N ARG C 377 -13.60 -64.94 34.04
CA ARG C 377 -14.97 -65.41 34.14
C ARG C 377 -15.95 -64.25 34.34
N LEU C 378 -15.74 -63.46 35.40
CA LEU C 378 -16.67 -62.40 35.73
C LEU C 378 -16.72 -61.32 34.66
N TYR C 379 -15.58 -60.97 34.07
CA TYR C 379 -15.55 -59.90 33.08
C TYR C 379 -16.38 -60.26 31.85
N THR C 380 -16.07 -61.40 31.24
CA THR C 380 -16.83 -61.82 30.07
C THR C 380 -18.29 -62.07 30.41
N LYS C 381 -18.57 -62.52 31.63
CA LYS C 381 -19.96 -62.72 32.04
C LYS C 381 -20.69 -61.38 32.13
N TYR C 382 -20.12 -60.43 32.87
CA TYR C 382 -20.75 -59.13 33.03
C TYR C 382 -20.83 -58.35 31.72
N GLU C 383 -19.95 -58.64 30.76
CA GLU C 383 -20.04 -58.00 29.46
C GLU C 383 -21.32 -58.38 28.74
N LYS C 384 -21.83 -59.59 28.99
CA LYS C 384 -23.02 -60.08 28.32
C LYS C 384 -24.31 -59.73 29.06
N ASP C 385 -24.24 -59.51 30.37
CA ASP C 385 -25.41 -59.05 31.11
C ASP C 385 -25.80 -57.66 30.61
N ASP C 386 -27.05 -57.52 30.19
CA ASP C 386 -27.54 -56.25 29.68
C ASP C 386 -28.15 -55.37 30.77
N SER C 387 -28.37 -55.90 31.97
CA SER C 387 -28.87 -55.10 33.08
C SER C 387 -27.77 -54.26 33.73
N ILE C 388 -26.51 -54.60 33.52
CA ILE C 388 -25.39 -53.89 34.12
C ILE C 388 -25.04 -52.68 33.27
N ARG C 389 -24.90 -51.51 33.91
CA ARG C 389 -24.46 -50.33 33.20
C ARG C 389 -23.03 -50.53 32.74
N LYS C 390 -22.79 -50.40 31.44
CA LYS C 390 -21.47 -50.65 30.88
C LYS C 390 -21.23 -49.67 29.74
N GLN C 391 -20.02 -49.71 29.20
CA GLN C 391 -19.66 -48.86 28.08
C GLN C 391 -18.47 -49.50 27.37
N ARG C 392 -18.64 -49.82 26.09
CA ARG C 392 -17.58 -50.44 25.32
C ARG C 392 -16.74 -49.38 24.62
N VAL C 393 -15.43 -49.60 24.61
CA VAL C 393 -14.48 -48.75 23.91
C VAL C 393 -13.53 -49.64 23.13
N LYS C 394 -13.14 -49.20 21.94
CA LYS C 394 -12.12 -49.92 21.17
C LYS C 394 -10.80 -49.91 21.95
N ALA C 395 -10.26 -51.10 22.20
CA ALA C 395 -9.02 -51.21 22.97
C ALA C 395 -7.89 -50.40 22.34
N VAL C 396 -7.86 -50.32 21.01
CA VAL C 396 -6.85 -49.51 20.33
C VAL C 396 -6.99 -48.05 20.73
N GLU C 397 -8.22 -47.54 20.78
CA GLU C 397 -8.41 -46.13 21.11
C GLU C 397 -8.08 -45.85 22.57
N LEU C 398 -8.49 -46.72 23.48
CA LEU C 398 -8.24 -46.50 24.91
C LEU C 398 -6.74 -46.54 25.21
N PHE C 399 -6.03 -47.55 24.68
CA PHE C 399 -4.58 -47.59 24.86
C PHE C 399 -3.92 -46.39 24.21
N SER C 400 -4.42 -45.95 23.07
CA SER C 400 -3.84 -44.80 22.40
C SER C 400 -4.04 -43.53 23.23
N LEU C 401 -5.22 -43.37 23.84
CA LEU C 401 -5.43 -42.23 24.72
C LEU C 401 -4.49 -42.27 25.91
N MET C 402 -4.36 -43.44 26.54
CA MET C 402 -3.49 -43.56 27.71
C MET C 402 -2.04 -43.25 27.35
N MET C 403 -1.50 -43.93 26.34
CA MET C 403 -0.10 -43.72 25.96
C MET C 403 0.14 -42.32 25.43
N GLN C 404 -0.86 -41.69 24.82
CA GLN C 404 -0.71 -40.33 24.33
C GLN C 404 -0.59 -39.35 25.48
N GLU C 405 -1.41 -39.50 26.51
CA GLU C 405 -1.30 -38.64 27.69
C GLU C 405 -0.07 -39.00 28.52
N ARG C 406 0.36 -40.26 28.46
CA ARG C 406 1.62 -40.62 29.11
C ARG C 406 2.80 -39.94 28.43
N ALA C 407 2.73 -39.79 27.11
CA ALA C 407 3.84 -39.19 26.38
C ALA C 407 3.88 -37.67 26.56
N SER C 408 2.71 -37.03 26.62
CA SER C 408 2.68 -35.57 26.67
C SER C 408 3.00 -35.06 28.07
N THR C 409 2.50 -35.71 29.12
CA THR C 409 2.79 -35.29 30.47
C THR C 409 3.99 -36.01 31.08
N GLY C 410 4.26 -37.24 30.66
CA GLY C 410 5.33 -38.03 31.23
C GLY C 410 5.02 -38.63 32.57
N ARG C 411 3.81 -38.40 33.10
CA ARG C 411 3.47 -38.79 34.46
C ARG C 411 2.20 -39.63 34.51
N ILE C 412 1.85 -40.31 33.42
CA ILE C 412 0.78 -41.30 33.43
C ILE C 412 1.46 -42.67 33.46
N TYR C 413 1.37 -43.36 34.59
CA TYR C 413 2.14 -44.57 34.82
C TYR C 413 1.28 -45.82 34.60
N ILE C 414 1.98 -46.95 34.50
CA ILE C 414 1.37 -48.25 34.22
C ILE C 414 1.73 -49.22 35.33
N GLN C 415 0.75 -50.00 35.78
CA GLN C 415 0.98 -51.07 36.75
C GLN C 415 0.31 -52.34 36.26
N ASN C 416 1.11 -53.34 35.91
CA ASN C 416 0.60 -54.65 35.51
C ASN C 416 0.25 -55.42 36.79
N VAL C 417 -1.04 -55.38 37.17
CA VAL C 417 -1.45 -55.90 38.47
C VAL C 417 -1.35 -57.42 38.52
N ASP C 418 -1.46 -58.09 37.37
CA ASP C 418 -1.31 -59.55 37.37
C ASP C 418 0.12 -59.96 37.68
N HIS C 419 1.10 -59.24 37.11
CA HIS C 419 2.48 -59.50 37.48
C HIS C 419 2.75 -59.18 38.93
N CYS C 420 2.08 -58.14 39.47
CA CYS C 420 2.29 -57.74 40.85
C CYS C 420 1.77 -58.75 41.86
N ASN C 421 1.02 -59.77 41.44
CA ASN C 421 0.46 -60.75 42.35
C ASN C 421 0.84 -62.19 42.02
N THR C 422 1.07 -62.53 40.75
CA THR C 422 1.58 -63.85 40.43
C THR C 422 3.07 -63.98 40.76
N HIS C 423 3.80 -62.87 40.81
CA HIS C 423 5.22 -62.83 41.15
C HIS C 423 5.41 -61.82 42.27
N SER C 424 4.89 -62.15 43.46
CA SER C 424 4.95 -61.25 44.59
C SER C 424 5.29 -62.05 45.84
N PRO C 425 5.79 -61.40 46.89
CA PRO C 425 6.03 -62.11 48.14
C PRO C 425 4.79 -62.28 48.98
N PHE C 426 3.61 -62.09 48.39
CA PHE C 426 2.36 -62.14 49.13
C PHE C 426 1.37 -63.09 48.47
N ASP C 427 0.59 -63.77 49.29
CA ASP C 427 -0.46 -64.64 48.81
C ASP C 427 -1.64 -63.77 48.37
N PRO C 428 -2.00 -63.76 47.08
CA PRO C 428 -3.10 -62.89 46.65
C PRO C 428 -4.41 -63.14 47.36
N ALA C 429 -4.63 -64.38 47.83
CA ALA C 429 -5.85 -64.70 48.55
C ALA C 429 -5.92 -64.01 49.91
N ILE C 430 -4.77 -63.83 50.56
CA ILE C 430 -4.74 -63.31 51.93
C ILE C 430 -4.39 -61.83 51.96
N ALA C 431 -3.44 -61.41 51.12
CA ALA C 431 -2.96 -60.02 51.15
C ALA C 431 -2.52 -59.63 49.75
N PRO C 432 -3.48 -59.36 48.85
CA PRO C 432 -3.11 -58.99 47.50
C PRO C 432 -2.56 -57.57 47.44
N VAL C 433 -1.75 -57.33 46.42
CA VAL C 433 -1.26 -55.98 46.11
C VAL C 433 -2.21 -55.37 45.10
N ARG C 434 -2.85 -54.24 45.48
CA ARG C 434 -3.84 -53.62 44.62
C ARG C 434 -3.46 -52.22 44.17
N GLN C 435 -2.25 -51.76 44.46
CA GLN C 435 -1.86 -50.41 44.12
C GLN C 435 -0.33 -50.32 44.15
N SER C 436 0.18 -49.11 44.00
CA SER C 436 1.61 -48.85 44.11
C SER C 436 1.78 -47.51 44.80
N ASN C 437 2.96 -46.90 44.66
CA ASN C 437 3.25 -45.67 45.37
C ASN C 437 3.52 -44.49 44.44
N LEU C 438 4.23 -43.48 44.94
CA LEU C 438 4.46 -42.27 44.16
C LEU C 438 5.34 -42.53 42.95
N CYS C 439 6.34 -43.40 43.09
CA CYS C 439 7.32 -43.63 42.04
C CYS C 439 7.26 -45.04 41.47
N LEU C 440 6.22 -45.81 41.83
CA LEU C 440 5.89 -47.07 41.18
C LEU C 440 6.93 -48.16 41.43
N GLU C 441 7.61 -48.12 42.57
CA GLU C 441 8.54 -49.17 42.94
C GLU C 441 8.06 -49.98 44.13
N ILE C 442 6.95 -49.61 44.74
CA ILE C 442 6.44 -50.24 45.95
C ILE C 442 5.19 -51.03 45.60
N ALA C 443 5.09 -52.25 46.13
CA ALA C 443 3.93 -53.11 45.94
C ALA C 443 3.67 -53.82 47.27
N LEU C 444 2.69 -53.34 48.03
CA LEU C 444 2.42 -53.82 49.37
C LEU C 444 0.92 -53.97 49.58
N PRO C 445 0.51 -54.80 50.54
CA PRO C 445 -0.93 -54.97 50.80
C PRO C 445 -1.52 -53.75 51.48
N THR C 446 -2.84 -53.56 51.27
CA THR C 446 -3.59 -52.45 51.84
C THR C 446 -5.01 -52.89 52.14
N LYS C 447 -5.63 -52.20 53.12
CA LYS C 447 -7.05 -52.35 53.44
C LYS C 447 -7.61 -50.97 53.72
N PRO C 448 -8.73 -50.58 53.11
CA PRO C 448 -9.26 -49.22 53.32
C PRO C 448 -9.67 -48.98 54.77
N LEU C 449 -9.79 -47.71 55.12
CA LEU C 449 -10.11 -47.31 56.48
C LEU C 449 -11.55 -46.81 56.55
N ASN C 450 -12.16 -47.00 57.71
CA ASN C 450 -13.49 -46.49 57.99
C ASN C 450 -13.47 -45.27 58.90
N ASP C 451 -12.33 -45.00 59.54
CA ASP C 451 -12.13 -43.80 60.32
C ASP C 451 -10.63 -43.50 60.28
N VAL C 452 -10.26 -42.29 60.69
CA VAL C 452 -8.84 -41.95 60.73
C VAL C 452 -8.10 -42.93 61.62
N ASN C 453 -8.77 -43.40 62.67
CA ASN C 453 -8.17 -44.31 63.64
C ASN C 453 -8.76 -45.71 63.54
N ASP C 454 -9.31 -46.08 62.38
CA ASP C 454 -9.86 -47.41 62.20
C ASP C 454 -8.76 -48.46 62.43
N GLU C 455 -8.97 -49.30 63.44
CA GLU C 455 -7.96 -50.29 63.79
C GLU C 455 -7.87 -51.39 62.74
N ASN C 456 -8.95 -51.64 62.00
CA ASN C 456 -8.99 -52.75 61.05
C ASN C 456 -8.49 -52.39 59.67
N GLY C 457 -8.24 -51.12 59.39
CA GLY C 457 -7.67 -50.75 58.12
C GLY C 457 -6.17 -50.92 58.12
N GLU C 458 -5.59 -50.96 56.92
CA GLU C 458 -4.15 -51.11 56.76
C GLU C 458 -3.62 -50.07 55.78
N ILE C 459 -2.68 -49.25 56.26
CA ILE C 459 -1.91 -48.34 55.42
C ILE C 459 -0.51 -48.91 55.31
N ALA C 460 -0.06 -49.11 54.07
CA ALA C 460 1.24 -49.73 53.83
C ALA C 460 2.34 -48.68 53.94
N LEU C 461 3.30 -48.92 54.83
CA LEU C 461 4.51 -48.12 54.95
C LEU C 461 5.69 -48.90 54.41
N CYS C 462 6.65 -48.18 53.85
CA CYS C 462 7.87 -48.82 53.37
C CYS C 462 9.05 -47.91 53.63
N THR C 463 10.07 -48.46 54.27
CA THR C 463 11.30 -47.74 54.59
C THR C 463 12.40 -48.19 53.64
N LEU C 464 13.22 -47.24 53.19
CA LEU C 464 14.13 -47.47 52.08
C LEU C 464 15.58 -47.34 52.52
N SER C 465 16.47 -47.78 51.62
CA SER C 465 17.93 -47.68 51.68
C SER C 465 18.44 -48.25 50.36
N ALA C 466 19.71 -48.03 50.07
CA ALA C 466 20.25 -48.46 48.79
C ALA C 466 21.69 -48.94 48.94
N PHE C 467 22.05 -49.91 48.10
CA PHE C 467 23.42 -50.39 47.99
C PHE C 467 24.12 -49.63 46.88
N ASN C 468 25.29 -49.07 47.19
CA ASN C 468 26.09 -48.36 46.19
C ASN C 468 26.87 -49.40 45.39
N LEU C 469 26.41 -49.70 44.18
CA LEU C 469 27.10 -50.68 43.34
C LEU C 469 28.47 -50.21 42.90
N GLY C 470 28.73 -48.90 42.93
CA GLY C 470 30.06 -48.41 42.63
C GLY C 470 31.05 -48.52 43.76
N ALA C 471 30.58 -48.79 44.98
CA ALA C 471 31.44 -48.86 46.14
C ALA C 471 31.87 -50.27 46.50
N ILE C 472 31.27 -51.30 45.92
CA ILE C 472 31.66 -52.67 46.23
C ILE C 472 32.68 -53.13 45.22
N ASN C 473 33.63 -53.94 45.70
CA ASN C 473 34.65 -54.55 44.85
C ASN C 473 34.41 -56.02 44.62
N ASN C 474 33.45 -56.62 45.34
CA ASN C 474 33.10 -58.02 45.18
C ASN C 474 31.66 -58.17 45.68
N LEU C 475 30.88 -58.99 44.98
CA LEU C 475 29.47 -59.16 45.33
C LEU C 475 29.30 -59.72 46.74
N ASP C 476 30.31 -60.40 47.27
CA ASP C 476 30.19 -60.96 48.62
C ASP C 476 30.27 -59.90 49.70
N GLU C 477 30.69 -58.68 49.36
CA GLU C 477 30.61 -57.58 50.32
C GLU C 477 29.17 -57.28 50.69
N LEU C 478 28.21 -57.67 49.85
CA LEU C 478 26.80 -57.40 50.11
C LEU C 478 26.29 -58.14 51.33
N GLU C 479 26.97 -59.21 51.75
CA GLU C 479 26.54 -59.95 52.94
C GLU C 479 26.60 -59.06 54.18
N GLU C 480 27.75 -58.42 54.42
CA GLU C 480 27.88 -57.51 55.56
C GLU C 480 27.01 -56.27 55.38
N LEU C 481 26.89 -55.77 54.15
CA LEU C 481 26.10 -54.56 53.92
C LEU C 481 24.61 -54.81 54.09
N ALA C 482 24.13 -56.01 53.72
CA ALA C 482 22.72 -56.31 53.91
C ALA C 482 22.37 -56.42 55.38
N ILE C 483 23.24 -57.06 56.17
CA ILE C 483 23.01 -57.15 57.61
C ILE C 483 22.90 -55.75 58.22
N LEU C 484 23.80 -54.86 57.84
CA LEU C 484 23.77 -53.51 58.40
C LEU C 484 22.53 -52.75 57.96
N ALA C 485 22.15 -52.87 56.68
CA ALA C 485 21.02 -52.12 56.17
C ALA C 485 19.71 -52.67 56.72
N VAL C 486 19.55 -53.99 56.69
CA VAL C 486 18.33 -54.60 57.18
C VAL C 486 18.16 -54.37 58.68
N ARG C 487 19.22 -54.55 59.45
CA ARG C 487 19.12 -54.33 60.89
C ARG C 487 18.81 -52.88 61.22
N ALA C 488 19.41 -51.93 60.47
CA ALA C 488 19.19 -50.52 60.79
C ALA C 488 17.78 -50.09 60.44
N LEU C 489 17.25 -50.56 59.32
CA LEU C 489 15.90 -50.19 58.94
C LEU C 489 14.87 -50.92 59.80
N ASP C 490 15.14 -52.18 60.14
CA ASP C 490 14.18 -52.92 60.97
C ASP C 490 14.10 -52.33 62.37
N ALA C 491 15.23 -51.88 62.91
CA ALA C 491 15.21 -51.16 64.18
C ALA C 491 14.49 -49.83 64.05
N LEU C 492 14.55 -49.22 62.86
CA LEU C 492 13.85 -47.97 62.62
C LEU C 492 12.34 -48.14 62.78
N LEU C 493 11.80 -49.31 62.45
CA LEU C 493 10.36 -49.50 62.52
C LEU C 493 9.85 -49.37 63.95
N ASP C 494 10.59 -49.90 64.93
CA ASP C 494 10.20 -49.75 66.32
C ASP C 494 10.59 -48.40 66.89
N TYR C 495 11.56 -47.71 66.28
CA TYR C 495 12.05 -46.45 66.82
C TYR C 495 11.14 -45.28 66.47
N GLN C 496 10.51 -45.30 65.30
CA GLN C 496 9.72 -44.16 64.85
C GLN C 496 8.30 -44.24 65.40
N ASP C 497 7.56 -43.16 65.20
CA ASP C 497 6.17 -43.07 65.62
C ASP C 497 5.25 -43.20 64.40
N TYR C 498 3.96 -43.31 64.67
CA TYR C 498 3.00 -43.52 63.62
C TYR C 498 1.76 -42.65 63.84
N PRO C 499 1.55 -41.63 63.01
CA PRO C 499 0.39 -40.75 63.22
C PRO C 499 -0.95 -41.40 62.93
N ILE C 500 -0.99 -42.43 62.09
CA ILE C 500 -2.23 -43.09 61.73
C ILE C 500 -2.17 -44.53 62.22
N PRO C 501 -3.07 -44.96 63.11
CA PRO C 501 -3.02 -46.34 63.62
C PRO C 501 -2.98 -47.40 62.53
N ALA C 502 -3.71 -47.22 61.43
CA ALA C 502 -3.71 -48.24 60.38
C ALA C 502 -2.34 -48.40 59.75
N ALA C 503 -1.53 -47.34 59.75
CA ALA C 503 -0.20 -47.44 59.18
C ALA C 503 0.73 -48.22 60.11
N LYS C 504 0.67 -47.94 61.42
CA LYS C 504 1.42 -48.75 62.36
C LYS C 504 1.01 -50.21 62.28
N ARG C 505 -0.27 -50.46 62.01
CA ARG C 505 -0.75 -51.84 61.89
C ARG C 505 -0.01 -52.59 60.80
N GLY C 506 0.14 -51.95 59.62
CA GLY C 506 0.86 -52.60 58.55
C GLY C 506 2.36 -52.64 58.78
N ALA C 507 2.94 -51.54 59.27
CA ALA C 507 4.39 -51.49 59.48
C ALA C 507 4.83 -52.52 60.51
N MET C 508 4.09 -52.64 61.61
CA MET C 508 4.45 -53.62 62.63
C MET C 508 4.04 -55.03 62.23
N GLY C 509 3.01 -55.17 61.42
CA GLY C 509 2.53 -56.47 61.01
C GLY C 509 3.40 -57.13 59.94
N ARG C 510 3.83 -56.36 58.96
CA ARG C 510 4.61 -56.89 57.85
C ARG C 510 6.08 -56.52 57.89
N ARG C 511 6.42 -55.38 58.48
CA ARG C 511 7.79 -54.89 58.57
C ARG C 511 8.46 -54.85 57.20
N THR C 512 7.72 -54.29 56.23
CA THR C 512 8.17 -54.26 54.84
C THR C 512 9.28 -53.24 54.64
N LEU C 513 10.38 -53.69 54.05
CA LEU C 513 11.52 -52.84 53.73
C LEU C 513 11.66 -52.72 52.22
N GLY C 514 12.32 -51.65 51.79
CA GLY C 514 12.56 -51.43 50.37
C GLY C 514 13.98 -51.00 50.08
N ILE C 515 14.89 -51.96 49.96
CA ILE C 515 16.30 -51.68 49.74
C ILE C 515 16.61 -51.80 48.26
N GLY C 516 17.19 -50.75 47.68
CA GLY C 516 17.49 -50.71 46.26
C GLY C 516 18.96 -50.53 45.94
N VAL C 517 19.26 -49.99 44.76
CA VAL C 517 20.64 -49.81 44.32
C VAL C 517 20.80 -48.42 43.71
N ILE C 518 22.04 -47.93 43.77
CA ILE C 518 22.47 -46.72 43.07
C ILE C 518 23.78 -47.05 42.36
N ASN C 519 24.20 -46.14 41.48
CA ASN C 519 25.44 -46.28 40.72
C ASN C 519 25.43 -47.52 39.83
N PHE C 520 24.27 -47.83 39.24
CA PHE C 520 24.21 -49.00 38.36
C PHE C 520 24.88 -48.72 37.02
N ALA C 521 24.73 -47.51 36.48
CA ALA C 521 25.38 -47.17 35.22
C ALA C 521 26.89 -47.19 35.38
N TYR C 522 27.39 -46.57 36.45
CA TYR C 522 28.81 -46.63 36.75
C TYR C 522 29.25 -48.07 36.98
N TYR C 523 28.37 -48.90 37.56
CA TYR C 523 28.70 -50.31 37.75
C TYR C 523 28.91 -51.00 36.41
N LEU C 524 28.03 -50.74 35.44
CA LEU C 524 28.18 -51.32 34.12
C LEU C 524 29.38 -50.74 33.38
N ALA C 525 29.70 -49.47 33.62
CA ALA C 525 30.87 -48.89 32.97
C ALA C 525 32.14 -49.58 33.41
N LYS C 526 32.25 -49.88 34.71
CA LYS C 526 33.45 -50.54 35.23
C LYS C 526 33.62 -51.93 34.63
N HIS C 527 32.53 -52.59 34.26
CA HIS C 527 32.58 -53.92 33.68
C HIS C 527 32.54 -53.90 32.16
N GLY C 528 32.62 -52.72 31.55
CA GLY C 528 32.60 -52.63 30.10
C GLY C 528 31.36 -53.22 29.46
N LYS C 529 30.20 -52.97 30.05
CA LYS C 529 28.92 -53.44 29.52
C LYS C 529 28.05 -52.25 29.17
N ARG C 530 26.92 -52.52 28.53
CA ARG C 530 26.00 -51.47 28.10
C ARG C 530 24.56 -51.90 28.36
N TYR C 531 23.67 -50.92 28.30
CA TYR C 531 22.25 -51.19 28.49
C TYR C 531 21.62 -51.84 27.25
N SER C 532 21.79 -51.20 26.09
CA SER C 532 20.95 -51.52 24.93
C SER C 532 21.33 -52.82 24.26
N ASP C 533 22.63 -53.12 24.12
CA ASP C 533 23.04 -54.28 23.34
C ASP C 533 22.74 -55.59 24.04
N GLY C 534 22.52 -55.57 25.35
CA GLY C 534 22.32 -56.78 26.12
C GLY C 534 23.58 -57.41 26.67
N SER C 535 24.70 -56.69 26.67
CA SER C 535 25.92 -57.24 27.24
C SER C 535 25.90 -57.27 28.76
N ALA C 536 24.92 -56.62 29.40
CA ALA C 536 24.79 -56.61 30.84
C ALA C 536 23.73 -57.56 31.38
N ASN C 537 23.05 -58.31 30.51
CA ASN C 537 21.96 -59.19 30.94
C ASN C 537 22.44 -60.21 31.96
N ASN C 538 23.43 -61.02 31.60
CA ASN C 538 23.91 -62.03 32.54
C ASN C 538 24.56 -61.39 33.76
N LEU C 539 25.26 -60.28 33.58
CA LEU C 539 25.87 -59.59 34.72
C LEU C 539 24.81 -59.08 35.68
N THR C 540 23.70 -58.56 35.15
CA THR C 540 22.63 -58.11 36.01
C THR C 540 22.02 -59.27 36.78
N HIS C 541 21.82 -60.42 36.12
CA HIS C 541 21.31 -61.60 36.80
C HIS C 541 22.26 -62.02 37.92
N LYS C 542 23.56 -62.04 37.65
CA LYS C 542 24.53 -62.40 38.69
C LYS C 542 24.53 -61.37 39.81
N THR C 543 24.37 -60.09 39.46
CA THR C 543 24.43 -59.02 40.45
C THR C 543 23.22 -59.06 41.37
N PHE C 544 22.02 -59.10 40.80
CA PHE C 544 20.81 -59.00 41.60
C PHE C 544 20.43 -60.31 42.27
N GLU C 545 20.97 -61.45 41.81
CA GLU C 545 20.85 -62.65 42.61
C GLU C 545 21.54 -62.47 43.95
N ALA C 546 22.76 -61.93 43.93
CA ALA C 546 23.51 -61.70 45.16
C ALA C 546 22.84 -60.65 46.04
N ILE C 547 22.23 -59.63 45.43
CA ILE C 547 21.54 -58.61 46.21
C ILE C 547 20.37 -59.21 46.97
N GLN C 548 19.53 -59.97 46.28
CA GLN C 548 18.35 -60.54 46.92
C GLN C 548 18.73 -61.66 47.88
N TYR C 549 19.74 -62.46 47.52
CA TYR C 549 20.15 -63.57 48.39
C TYR C 549 20.63 -63.05 49.74
N TYR C 550 21.50 -62.04 49.74
CA TYR C 550 22.04 -61.54 50.98
C TYR C 550 21.02 -60.74 51.77
N LEU C 551 20.02 -60.16 51.10
CA LEU C 551 18.95 -59.49 51.82
C LEU C 551 18.07 -60.48 52.55
N LEU C 552 17.63 -61.54 51.85
CA LEU C 552 16.84 -62.59 52.49
C LEU C 552 17.63 -63.24 53.62
N LYS C 553 18.89 -63.61 53.35
CA LYS C 553 19.73 -64.23 54.36
C LYS C 553 19.88 -63.34 55.58
N ALA C 554 20.03 -62.03 55.38
CA ALA C 554 20.13 -61.11 56.51
C ALA C 554 18.83 -61.08 57.30
N SER C 555 17.71 -60.91 56.61
CA SER C 555 16.41 -60.88 57.27
C SER C 555 16.05 -62.22 57.88
N ASN C 556 16.64 -63.31 57.39
CA ASN C 556 16.38 -64.62 57.98
C ASN C 556 17.12 -64.76 59.32
N GLU C 557 18.37 -64.30 59.39
CA GLU C 557 19.10 -64.32 60.65
C GLU C 557 18.48 -63.37 61.65
N LEU C 558 18.00 -62.22 61.19
CA LEU C 558 17.33 -61.29 62.10
C LEU C 558 16.01 -61.87 62.58
N ALA C 559 15.37 -62.72 61.76
CA ALA C 559 14.17 -63.42 62.20
C ALA C 559 14.49 -64.45 63.28
N LYS C 560 15.64 -65.13 63.16
CA LYS C 560 16.05 -66.08 64.19
C LYS C 560 16.28 -65.39 65.52
N GLU C 561 16.83 -64.17 65.47
CA GLU C 561 17.25 -63.46 66.66
C GLU C 561 16.07 -62.82 67.39
N GLN C 562 15.14 -62.22 66.65
CA GLN C 562 14.07 -61.42 67.24
C GLN C 562 12.68 -61.88 66.82
N GLY C 563 12.57 -63.06 66.21
CA GLY C 563 11.27 -63.58 65.79
C GLY C 563 10.84 -63.03 64.45
N ALA C 564 10.17 -63.85 63.64
CA ALA C 564 9.68 -63.39 62.35
C ALA C 564 8.60 -62.32 62.54
N CYS C 565 8.30 -61.61 61.45
CA CYS C 565 7.27 -60.58 61.52
C CYS C 565 5.91 -61.23 61.79
N PRO C 566 5.03 -60.53 62.53
CA PRO C 566 3.75 -61.16 62.92
C PRO C 566 2.99 -61.79 61.78
N TRP C 567 2.83 -61.08 60.66
CA TRP C 567 1.99 -61.54 59.55
C TRP C 567 2.80 -62.27 58.47
N PHE C 568 3.91 -62.91 58.86
CA PHE C 568 4.75 -63.60 57.88
C PHE C 568 3.99 -64.75 57.22
N ASN C 569 2.99 -65.30 57.91
CA ASN C 569 2.20 -66.40 57.36
C ASN C 569 1.40 -65.97 56.12
N GLU C 570 1.19 -64.68 55.91
CA GLU C 570 0.47 -64.22 54.74
C GLU C 570 1.35 -64.10 53.50
N THR C 571 2.65 -64.36 53.63
CA THR C 571 3.60 -64.25 52.53
C THR C 571 3.74 -65.57 51.78
N THR C 572 4.18 -65.49 50.53
CA THR C 572 4.53 -66.70 49.80
C THR C 572 5.84 -67.29 50.30
N TYR C 573 6.67 -66.50 50.99
CA TYR C 573 7.87 -67.05 51.61
C TYR C 573 7.52 -68.09 52.66
N ALA C 574 6.44 -67.85 53.42
CA ALA C 574 6.04 -68.78 54.47
C ALA C 574 5.74 -70.15 53.89
N LYS C 575 5.17 -70.20 52.68
CA LYS C 575 4.90 -71.45 52.00
C LYS C 575 6.16 -72.05 51.37
N GLY C 576 7.32 -71.45 51.63
CA GLY C 576 8.56 -71.93 51.08
C GLY C 576 8.81 -71.51 49.65
N ILE C 577 8.07 -70.53 49.14
CA ILE C 577 8.18 -70.10 47.76
C ILE C 577 9.16 -68.93 47.68
N LEU C 578 10.12 -69.04 46.77
CA LEU C 578 11.12 -68.01 46.58
C LEU C 578 10.90 -67.28 45.27
N PRO C 579 11.42 -66.05 45.14
CA PRO C 579 11.26 -65.32 43.87
C PRO C 579 11.79 -66.07 42.66
N ILE C 580 12.77 -66.95 42.86
CA ILE C 580 13.40 -67.69 41.77
C ILE C 580 12.45 -68.74 41.22
N ASP C 581 11.28 -68.89 41.86
CA ASP C 581 10.27 -69.86 41.45
C ASP C 581 9.14 -69.23 40.66
N THR C 582 8.72 -68.02 41.03
CA THR C 582 7.53 -67.39 40.49
C THR C 582 7.84 -66.36 39.39
N TYR C 583 9.09 -66.22 38.98
CA TYR C 583 9.43 -65.24 37.95
C TYR C 583 8.86 -65.66 36.60
N LYS C 584 8.77 -64.68 35.70
CA LYS C 584 8.20 -64.92 34.38
C LYS C 584 9.22 -65.70 33.53
N LYS C 585 8.78 -66.85 32.99
CA LYS C 585 9.70 -67.75 32.30
C LYS C 585 10.22 -67.19 30.99
N ASP C 586 9.69 -66.06 30.51
CA ASP C 586 10.26 -65.43 29.33
C ASP C 586 11.67 -64.91 29.59
N LEU C 587 12.02 -64.68 30.85
CA LEU C 587 13.36 -64.24 31.19
C LEU C 587 14.41 -65.29 30.85
N ASP C 588 14.00 -66.56 30.67
CA ASP C 588 14.97 -67.59 30.34
C ASP C 588 15.54 -67.44 28.93
N THR C 589 14.90 -66.64 28.08
CA THR C 589 15.35 -66.45 26.70
C THR C 589 16.27 -65.25 26.53
N ILE C 590 16.56 -64.50 27.59
CA ILE C 590 17.40 -63.31 27.48
C ILE C 590 18.48 -63.35 28.55
N ALA C 591 18.58 -64.45 29.28
CA ALA C 591 19.59 -64.59 30.33
C ALA C 591 19.82 -66.06 30.60
N ASN C 592 21.07 -66.52 30.43
CA ASN C 592 21.46 -67.89 30.69
C ASN C 592 22.35 -68.01 31.93
N GLU C 593 22.36 -66.98 32.77
CA GLU C 593 23.24 -66.98 33.95
C GLU C 593 22.72 -67.97 34.99
N PRO C 594 23.55 -68.87 35.51
CA PRO C 594 23.10 -69.79 36.56
C PRO C 594 23.11 -69.11 37.93
N LEU C 595 22.34 -69.69 38.83
CA LEU C 595 22.34 -69.23 40.22
C LEU C 595 23.64 -69.66 40.89
N HIS C 596 24.27 -68.75 41.61
CA HIS C 596 25.56 -69.01 42.22
C HIS C 596 25.51 -69.17 43.72
N TYR C 597 24.36 -68.94 44.35
CA TYR C 597 24.24 -69.02 45.79
C TYR C 597 23.30 -70.17 46.18
N ASP C 598 23.46 -70.66 47.40
CA ASP C 598 22.72 -71.83 47.87
C ASP C 598 21.30 -71.41 48.26
N TRP C 599 20.43 -71.36 47.25
CA TRP C 599 19.06 -70.92 47.49
C TRP C 599 18.24 -72.00 48.18
N GLU C 600 18.57 -73.27 47.96
CA GLU C 600 17.80 -74.34 48.58
C GLU C 600 18.10 -74.43 50.08
N ALA C 601 19.35 -74.16 50.48
CA ALA C 601 19.63 -74.10 51.90
C ALA C 601 18.93 -72.89 52.52
N LEU C 602 18.89 -71.77 51.79
CA LEU C 602 18.16 -70.61 52.26
C LEU C 602 16.66 -70.89 52.34
N ARG C 603 16.13 -71.60 51.36
CA ARG C 603 14.71 -71.94 51.35
C ARG C 603 14.32 -72.72 52.59
N GLU C 604 15.13 -73.74 52.94
CA GLU C 604 14.86 -74.50 54.16
C GLU C 604 14.94 -73.60 55.39
N SER C 605 15.93 -72.72 55.44
CA SER C 605 16.06 -71.83 56.59
C SER C 605 14.90 -70.84 56.67
N ILE C 606 14.36 -70.41 55.53
CA ILE C 606 13.21 -69.51 55.55
C ILE C 606 11.96 -70.27 55.96
N LYS C 607 11.81 -71.51 55.47
CA LYS C 607 10.68 -72.34 55.88
C LYS C 607 10.63 -72.49 57.40
N THR C 608 11.79 -72.62 58.04
CA THR C 608 11.86 -72.91 59.46
C THR C 608 11.79 -71.65 60.32
N HIS C 609 12.64 -70.66 60.05
CA HIS C 609 12.75 -69.48 60.90
C HIS C 609 12.01 -68.27 60.36
N GLY C 610 11.61 -68.28 59.10
CA GLY C 610 10.87 -67.16 58.55
C GLY C 610 11.76 -65.99 58.21
N LEU C 611 11.10 -64.85 57.98
CA LEU C 611 11.77 -63.61 57.65
C LEU C 611 11.32 -62.52 58.61
N ARG C 612 12.28 -61.70 59.07
CA ARG C 612 11.93 -60.56 59.91
C ARG C 612 11.08 -59.56 59.16
N ASN C 613 11.21 -59.52 57.83
CA ASN C 613 10.59 -58.51 57.00
C ASN C 613 9.88 -59.19 55.84
N SER C 614 8.65 -58.73 55.54
CA SER C 614 7.88 -59.36 54.48
C SER C 614 8.46 -59.05 53.11
N THR C 615 8.93 -57.81 52.91
CA THR C 615 9.65 -57.42 51.70
C THR C 615 10.99 -56.83 52.10
N LEU C 616 11.91 -56.81 51.14
CA LEU C 616 13.27 -56.34 51.40
C LEU C 616 13.79 -55.44 50.28
N SER C 617 13.57 -55.84 49.03
CA SER C 617 14.16 -55.16 47.89
C SER C 617 13.11 -54.39 47.11
N ALA C 618 13.47 -53.16 46.71
CA ALA C 618 12.65 -52.33 45.84
C ALA C 618 13.58 -51.30 45.19
N LEU C 619 13.47 -51.14 43.88
CA LEU C 619 14.38 -50.28 43.12
C LEU C 619 13.73 -48.91 42.90
N MET C 620 14.04 -47.97 43.79
CA MET C 620 13.57 -46.59 43.73
C MET C 620 14.51 -45.72 42.91
N PRO C 621 14.03 -44.57 42.42
CA PRO C 621 14.90 -43.73 41.57
C PRO C 621 16.05 -43.08 42.31
N SER C 622 15.90 -42.77 43.61
CA SER C 622 16.94 -42.13 44.42
C SER C 622 17.42 -40.81 43.79
N GLU C 623 16.47 -39.96 43.41
CA GLU C 623 16.81 -38.68 42.77
C GLU C 623 17.75 -37.85 43.63
N THR C 624 17.47 -37.77 44.94
CA THR C 624 18.26 -36.92 45.83
C THR C 624 19.31 -37.69 46.60
N SER C 625 18.94 -38.84 47.19
CA SER C 625 19.84 -39.53 48.11
C SER C 625 21.09 -40.04 47.42
N SER C 626 21.01 -40.37 46.13
CA SER C 626 22.17 -40.86 45.41
C SER C 626 23.20 -39.77 45.16
N GLN C 627 22.78 -38.51 45.13
CA GLN C 627 23.72 -37.42 44.89
C GLN C 627 24.73 -37.27 46.02
N ILE C 628 24.44 -37.82 47.20
CA ILE C 628 25.36 -37.71 48.33
C ILE C 628 26.70 -38.36 48.00
N SER C 629 26.66 -39.55 47.41
CA SER C 629 27.86 -40.27 46.98
C SER C 629 28.27 -39.95 45.55
N ASN C 630 27.73 -38.88 44.96
CA ASN C 630 27.98 -38.51 43.57
C ASN C 630 27.65 -39.67 42.62
N ALA C 631 26.79 -40.57 43.03
CA ALA C 631 26.45 -41.75 42.26
C ALA C 631 25.45 -41.41 41.16
N THR C 632 25.43 -42.26 40.13
CA THR C 632 24.37 -42.19 39.13
C THR C 632 23.08 -42.73 39.72
N ASN C 633 22.01 -41.93 39.67
CA ASN C 633 20.79 -42.22 40.42
C ASN C 633 20.18 -43.55 40.01
N GLY C 634 19.93 -44.41 41.00
CA GLY C 634 19.23 -45.66 40.78
C GLY C 634 19.85 -46.49 39.67
N ILE C 635 18.98 -47.12 38.87
CA ILE C 635 19.43 -47.91 37.74
C ILE C 635 19.47 -47.12 36.43
N GLU C 636 19.09 -45.85 36.46
CA GLU C 636 19.01 -45.09 35.24
C GLU C 636 20.40 -44.69 34.74
N PRO C 637 20.61 -44.67 33.42
CA PRO C 637 21.85 -44.14 32.86
C PRO C 637 21.87 -42.63 32.92
N PRO C 638 23.03 -42.02 33.14
CA PRO C 638 23.09 -40.55 33.27
C PRO C 638 22.69 -39.88 31.98
N ARG C 639 22.10 -38.68 32.11
CA ARG C 639 21.67 -37.93 30.93
C ARG C 639 22.84 -37.39 30.14
N GLY C 640 23.96 -37.12 30.81
CA GLY C 640 25.18 -36.66 30.16
C GLY C 640 26.33 -36.84 31.12
N TYR C 641 27.55 -36.69 30.58
CA TYR C 641 28.74 -36.80 31.42
C TYR C 641 28.68 -35.81 32.59
N VAL C 642 28.21 -34.59 32.34
CA VAL C 642 27.86 -33.64 33.38
C VAL C 642 26.36 -33.42 33.31
N SER C 643 25.65 -33.92 34.30
CA SER C 643 24.20 -33.81 34.36
C SER C 643 23.79 -32.59 35.18
N ILE C 644 22.70 -31.95 34.77
CA ILE C 644 22.16 -30.79 35.47
C ILE C 644 20.97 -31.24 36.30
N LYS C 645 21.07 -31.08 37.61
CA LYS C 645 20.03 -31.52 38.53
C LYS C 645 19.55 -30.34 39.36
N ALA C 646 18.28 -30.41 39.78
CA ALA C 646 17.63 -29.29 40.43
C ALA C 646 17.98 -29.22 41.92
N SER C 647 17.84 -28.02 42.48
CA SER C 647 18.15 -27.77 43.88
C SER C 647 17.38 -26.54 44.35
N LYS C 648 17.44 -26.30 45.66
CA LYS C 648 16.76 -25.15 46.26
C LYS C 648 17.35 -23.84 45.75
N ASP C 649 18.68 -23.74 45.73
CA ASP C 649 19.34 -22.51 45.27
C ASP C 649 19.24 -22.37 43.75
N GLY C 650 19.48 -23.45 43.02
CA GLY C 650 19.52 -23.39 41.56
C GLY C 650 19.95 -24.71 40.98
N ILE C 651 20.52 -24.65 39.79
CA ILE C 651 20.97 -25.86 39.11
C ILE C 651 22.28 -26.34 39.71
N LEU C 652 22.48 -27.65 39.69
CA LEU C 652 23.71 -28.28 40.14
C LEU C 652 24.33 -29.07 39.00
N ARG C 653 25.64 -28.97 38.86
CA ARG C 653 26.40 -29.72 37.87
C ARG C 653 27.00 -30.95 38.54
N GLN C 654 26.64 -32.13 38.06
CA GLN C 654 27.10 -33.39 38.65
C GLN C 654 27.86 -34.18 37.59
N VAL C 655 29.09 -34.54 37.89
CA VAL C 655 29.92 -35.34 37.00
C VAL C 655 29.66 -36.81 37.28
N VAL C 656 29.69 -37.63 36.23
CA VAL C 656 29.55 -39.08 36.41
C VAL C 656 30.79 -39.56 37.14
N PRO C 657 30.68 -40.57 38.00
CA PRO C 657 31.85 -41.02 38.76
C PRO C 657 32.94 -41.59 37.85
N ASP C 658 34.18 -41.20 38.16
CA ASP C 658 35.38 -41.70 37.48
C ASP C 658 35.32 -41.38 35.99
N TYR C 659 34.97 -40.14 35.67
CA TYR C 659 34.76 -39.75 34.28
C TYR C 659 36.04 -39.86 33.47
N GLU C 660 37.16 -39.36 34.02
CA GLU C 660 38.38 -39.28 33.25
C GLU C 660 38.83 -40.65 32.75
N HIS C 661 38.54 -41.71 33.51
CA HIS C 661 38.95 -43.06 33.12
C HIS C 661 37.89 -43.83 32.34
N LEU C 662 36.61 -43.50 32.52
CA LEU C 662 35.53 -44.33 32.00
C LEU C 662 34.58 -43.58 31.07
N HIS C 663 35.02 -42.44 30.51
CA HIS C 663 34.12 -41.63 29.71
C HIS C 663 33.61 -42.36 28.47
N ASP C 664 34.32 -43.37 27.99
CA ASP C 664 33.85 -44.15 26.86
C ASP C 664 32.94 -45.30 27.26
N ALA C 665 33.14 -45.86 28.46
CA ALA C 665 32.36 -47.02 28.88
C ALA C 665 30.90 -46.67 29.15
N TYR C 666 30.62 -45.43 29.53
CA TYR C 666 29.25 -45.03 29.79
C TYR C 666 28.44 -45.04 28.50
N GLU C 667 27.19 -45.48 28.60
CA GLU C 667 26.20 -45.27 27.55
C GLU C 667 25.20 -44.25 28.09
N LEU C 668 25.22 -43.05 27.54
CA LEU C 668 24.33 -42.01 28.02
C LEU C 668 22.90 -42.31 27.59
N LEU C 669 21.95 -41.61 28.22
CA LEU C 669 20.53 -41.90 28.02
C LEU C 669 20.13 -41.78 26.56
N TRP C 670 20.56 -40.72 25.89
CA TRP C 670 20.16 -40.49 24.51
C TRP C 670 21.10 -41.10 23.49
N GLU C 671 22.14 -41.79 23.95
CA GLU C 671 22.94 -42.62 23.07
C GLU C 671 22.34 -44.00 22.87
N MET C 672 21.21 -44.29 23.53
CA MET C 672 20.59 -45.61 23.43
C MET C 672 19.69 -45.69 22.21
N PRO C 673 19.79 -46.75 21.41
CA PRO C 673 18.93 -46.87 20.22
C PRO C 673 17.44 -46.96 20.55
N GLY C 674 17.08 -47.67 21.61
CA GLY C 674 15.70 -47.81 21.98
C GLY C 674 15.56 -48.26 23.41
N ASN C 675 14.36 -48.73 23.75
CA ASN C 675 14.06 -49.14 25.11
C ASN C 675 14.19 -50.65 25.34
N ASP C 676 14.35 -51.43 24.27
CA ASP C 676 14.34 -52.88 24.41
C ASP C 676 15.49 -53.36 25.27
N GLY C 677 16.67 -52.76 25.13
CA GLY C 677 17.81 -53.16 25.94
C GLY C 677 17.63 -52.88 27.42
N TYR C 678 17.14 -51.68 27.75
CA TYR C 678 16.92 -51.32 29.15
C TYR C 678 15.81 -52.16 29.77
N LEU C 679 14.70 -52.32 29.06
CA LEU C 679 13.55 -53.05 29.61
C LEU C 679 13.91 -54.50 29.92
N GLN C 680 14.84 -55.08 29.17
CA GLN C 680 15.27 -56.44 29.50
C GLN C 680 16.01 -56.47 30.82
N LEU C 681 16.88 -55.49 31.07
CA LEU C 681 17.60 -55.45 32.34
C LEU C 681 16.64 -55.25 33.51
N VAL C 682 15.59 -54.44 33.32
CA VAL C 682 14.59 -54.29 34.36
C VAL C 682 13.88 -55.60 34.61
N GLY C 683 13.58 -56.34 33.54
CA GLY C 683 12.95 -57.65 33.70
C GLY C 683 13.84 -58.64 34.44
N ILE C 684 15.13 -58.64 34.13
CA ILE C 684 16.05 -59.53 34.83
C ILE C 684 16.15 -59.14 36.30
N MET C 685 16.22 -57.84 36.59
CA MET C 685 16.21 -57.38 37.97
C MET C 685 14.94 -57.83 38.68
N GLN C 686 13.78 -57.65 38.03
CA GLN C 686 12.50 -57.96 38.63
C GLN C 686 12.37 -59.42 39.01
N LYS C 687 13.19 -60.30 38.41
CA LYS C 687 13.20 -61.70 38.79
C LYS C 687 13.46 -61.87 40.29
N PHE C 688 14.30 -61.01 40.86
CA PHE C 688 14.69 -61.13 42.27
C PHE C 688 14.09 -60.06 43.17
N ILE C 689 13.66 -58.92 42.62
CA ILE C 689 13.16 -57.84 43.46
C ILE C 689 11.81 -58.21 44.05
N ASP C 690 11.67 -58.01 45.36
CA ASP C 690 10.40 -58.31 46.04
C ASP C 690 9.26 -57.46 45.49
N GLN C 691 9.42 -56.14 45.52
CA GLN C 691 8.37 -55.24 45.06
C GLN C 691 8.56 -54.92 43.58
N SER C 692 8.71 -53.64 43.24
CA SER C 692 8.83 -53.27 41.83
C SER C 692 10.07 -52.43 41.54
N ILE C 693 10.11 -51.86 40.33
CA ILE C 693 11.25 -51.08 39.85
C ILE C 693 10.71 -49.84 39.14
N SER C 694 11.27 -48.68 39.45
CA SER C 694 10.89 -47.41 38.84
C SER C 694 11.46 -47.29 37.42
N ALA C 695 10.98 -48.14 36.54
CA ALA C 695 11.51 -48.21 35.18
C ALA C 695 11.02 -47.04 34.34
N ASN C 696 11.94 -46.34 33.68
CA ASN C 696 11.61 -45.28 32.75
C ASN C 696 11.58 -45.80 31.32
N THR C 697 10.81 -45.12 30.47
CA THR C 697 10.89 -45.32 29.03
C THR C 697 11.24 -43.98 28.38
N ASN C 698 12.16 -44.03 27.42
CA ASN C 698 12.72 -42.82 26.83
C ASN C 698 12.55 -42.84 25.32
N TYR C 699 12.31 -41.66 24.75
CA TYR C 699 12.10 -41.53 23.31
C TYR C 699 12.73 -40.24 22.83
N ASP C 700 13.53 -40.36 21.77
CA ASP C 700 14.18 -39.22 21.13
C ASP C 700 13.47 -38.92 19.83
N PRO C 701 12.67 -37.86 19.74
CA PRO C 701 11.89 -37.61 18.52
C PRO C 701 12.73 -37.49 17.26
N SER C 702 13.98 -37.05 17.37
CA SER C 702 14.82 -36.91 16.20
C SER C 702 15.24 -38.26 15.62
N ARG C 703 15.14 -39.34 16.41
CA ARG C 703 15.47 -40.67 15.93
C ARG C 703 14.36 -41.30 15.09
N PHE C 704 13.22 -40.60 14.91
CA PHE C 704 12.09 -41.16 14.19
C PHE C 704 11.78 -40.33 12.94
N PRO C 705 11.19 -40.95 11.92
CA PRO C 705 10.82 -40.18 10.73
C PRO C 705 9.80 -39.09 11.06
N SER C 706 9.97 -37.94 10.42
CA SER C 706 9.15 -36.75 10.60
C SER C 706 9.25 -36.17 12.01
N GLY C 707 10.20 -36.65 12.82
CA GLY C 707 10.45 -36.07 14.12
C GLY C 707 9.36 -36.28 15.15
N LYS C 708 8.45 -37.22 14.93
CA LYS C 708 7.38 -37.54 15.86
C LYS C 708 7.41 -39.02 16.21
N VAL C 709 7.15 -39.33 17.48
CA VAL C 709 7.26 -40.68 18.00
C VAL C 709 6.00 -41.48 17.68
N PRO C 710 6.10 -42.61 17.00
CA PRO C 710 4.90 -43.33 16.58
C PRO C 710 4.20 -44.02 17.74
N MET C 711 2.87 -43.99 17.71
CA MET C 711 2.07 -44.73 18.68
C MET C 711 2.35 -46.22 18.61
N GLN C 712 2.76 -46.72 17.44
CA GLN C 712 3.11 -48.13 17.31
C GLN C 712 4.28 -48.49 18.23
N GLN C 713 5.28 -47.62 18.30
CA GLN C 713 6.45 -47.91 19.13
C GLN C 713 6.14 -47.73 20.61
N LEU C 714 5.28 -46.76 20.95
CA LEU C 714 4.85 -46.61 22.33
C LEU C 714 4.16 -47.88 22.83
N LEU C 715 3.35 -48.51 21.98
CA LEU C 715 2.64 -49.72 22.36
C LEU C 715 3.55 -50.94 22.32
N LYS C 716 4.43 -51.02 21.32
CA LYS C 716 5.33 -52.17 21.26
C LYS C 716 6.23 -52.23 22.47
N ASP C 717 6.71 -51.07 22.94
CA ASP C 717 7.54 -51.06 24.13
C ASP C 717 6.73 -51.39 25.38
N LEU C 718 5.49 -50.89 25.45
CA LEU C 718 4.62 -51.22 26.57
C LEU C 718 4.36 -52.71 26.64
N LEU C 719 4.23 -53.36 25.48
CA LEU C 719 4.05 -54.80 25.45
C LEU C 719 5.35 -55.53 25.74
N THR C 720 6.47 -55.01 25.23
CA THR C 720 7.76 -55.61 25.52
C THR C 720 8.02 -55.65 27.02
N ALA C 721 7.64 -54.58 27.74
CA ALA C 721 7.83 -54.56 29.18
C ALA C 721 7.02 -55.67 29.84
N TYR C 722 5.77 -55.87 29.41
CA TYR C 722 4.94 -56.91 30.00
C TYR C 722 5.48 -58.29 29.68
N LYS C 723 6.02 -58.49 28.47
CA LYS C 723 6.50 -59.81 28.08
C LYS C 723 7.55 -60.33 29.05
N PHE C 724 8.38 -59.45 29.59
CA PHE C 724 9.46 -59.84 30.48
C PHE C 724 9.13 -59.62 31.96
N GLY C 725 7.84 -59.47 32.28
CA GLY C 725 7.40 -59.46 33.67
C GLY C 725 7.61 -58.18 34.42
N VAL C 726 7.82 -57.06 33.73
CA VAL C 726 7.97 -55.78 34.42
C VAL C 726 6.65 -55.42 35.10
N LYS C 727 6.73 -55.06 36.38
CA LYS C 727 5.52 -54.81 37.16
C LYS C 727 4.93 -53.42 36.87
N THR C 728 5.79 -52.39 36.85
CA THR C 728 5.31 -51.03 36.68
C THR C 728 6.21 -50.27 35.70
N LEU C 729 5.67 -49.19 35.16
CA LEU C 729 6.39 -48.26 34.30
C LEU C 729 6.28 -46.86 34.89
N TYR C 730 7.44 -46.23 35.11
CA TYR C 730 7.50 -44.90 35.74
C TYR C 730 7.48 -43.80 34.67
N TYR C 731 8.46 -42.88 34.72
CA TYR C 731 8.50 -41.75 33.80
C TYR C 731 8.56 -42.22 32.35
N GLN C 732 8.02 -41.38 31.46
CA GLN C 732 8.30 -41.46 30.03
C GLN C 732 8.97 -40.15 29.64
N ASN C 733 10.28 -40.18 29.46
CA ASN C 733 11.06 -39.00 29.12
C ASN C 733 11.11 -38.81 27.60
N THR C 734 10.80 -37.60 27.16
CA THR C 734 10.89 -37.21 25.75
C THR C 734 11.90 -36.09 25.62
N ARG C 735 12.87 -36.29 24.73
CA ARG C 735 13.99 -35.35 24.62
C ARG C 735 13.53 -34.00 24.09
N ASP C 736 14.00 -32.93 24.74
CA ASP C 736 13.67 -31.56 24.38
C ASP C 736 14.41 -31.19 23.10
N GLY C 737 13.70 -31.25 21.97
CA GLY C 737 14.30 -31.02 20.66
C GLY C 737 15.07 -29.72 20.50
N ASN D 4 -54.74 -40.37 9.76
CA ASN D 4 -54.60 -39.66 11.03
C ASN D 4 -53.34 -40.10 11.79
N LEU D 5 -52.75 -39.17 12.51
CA LEU D 5 -51.59 -39.45 13.35
C LEU D 5 -52.04 -39.93 14.73
N LEU D 6 -51.15 -40.64 15.41
CA LEU D 6 -51.43 -41.25 16.71
C LEU D 6 -50.61 -40.59 17.80
N VAL D 7 -51.21 -40.49 18.98
CA VAL D 7 -50.53 -40.05 20.19
C VAL D 7 -50.46 -41.24 21.14
N THR D 8 -49.41 -41.28 21.94
CA THR D 8 -49.19 -42.36 22.90
C THR D 8 -49.62 -41.86 24.28
N LYS D 9 -50.67 -42.49 24.83
CA LYS D 9 -51.20 -42.10 26.13
C LYS D 9 -50.22 -42.45 27.25
N ARG D 10 -50.55 -42.02 28.46
CA ARG D 10 -49.69 -42.30 29.61
C ARG D 10 -49.59 -43.80 29.88
N ASP D 11 -50.66 -44.54 29.60
CA ASP D 11 -50.71 -45.97 29.83
C ASP D 11 -50.19 -46.78 28.64
N GLY D 12 -49.38 -46.16 27.77
CA GLY D 12 -48.78 -46.85 26.65
C GLY D 12 -49.65 -46.99 25.42
N SER D 13 -50.98 -46.97 25.57
CA SER D 13 -51.87 -47.15 24.45
C SER D 13 -51.86 -45.92 23.53
N THR D 14 -52.40 -46.11 22.32
CA THR D 14 -52.46 -45.07 21.30
C THR D 14 -53.88 -44.90 20.80
N GLU D 15 -54.21 -43.66 20.41
CA GLU D 15 -55.51 -43.35 19.82
C GLU D 15 -55.33 -42.18 18.86
N ARG D 16 -56.40 -41.89 18.11
CA ARG D 16 -56.38 -40.78 17.17
C ARG D 16 -56.16 -39.46 17.90
N ILE D 17 -55.35 -38.58 17.30
CA ILE D 17 -55.14 -37.25 17.86
C ILE D 17 -56.45 -36.48 17.89
N ASN D 18 -56.76 -35.90 19.04
CA ASN D 18 -58.00 -35.15 19.25
C ASN D 18 -57.66 -33.87 19.99
N LEU D 19 -57.75 -32.72 19.31
CA LEU D 19 -57.40 -31.45 19.92
C LEU D 19 -58.38 -31.05 21.01
N ASP D 20 -59.59 -31.61 21.02
CA ASP D 20 -60.55 -31.27 22.06
C ASP D 20 -60.08 -31.73 23.44
N LYS D 21 -59.25 -32.76 23.49
CA LYS D 21 -58.63 -33.15 24.76
C LYS D 21 -57.78 -32.02 25.30
N ILE D 22 -57.04 -31.33 24.42
CA ILE D 22 -56.21 -30.21 24.84
C ILE D 22 -57.06 -29.01 25.18
N HIS D 23 -58.14 -28.76 24.42
CA HIS D 23 -59.03 -27.65 24.72
C HIS D 23 -59.64 -27.80 26.12
N ARG D 24 -60.12 -28.99 26.45
CA ARG D 24 -60.78 -29.19 27.74
C ARG D 24 -59.83 -28.94 28.90
N VAL D 25 -58.59 -29.45 28.81
CA VAL D 25 -57.61 -29.25 29.88
C VAL D 25 -57.36 -27.77 30.11
N LEU D 26 -57.12 -27.04 29.03
CA LEU D 26 -56.82 -25.61 29.15
C LEU D 26 -58.02 -24.83 29.65
N ASP D 27 -59.22 -25.14 29.13
CA ASP D 27 -60.41 -24.47 29.64
C ASP D 27 -60.58 -24.71 31.13
N TRP D 28 -60.23 -25.92 31.59
CA TRP D 28 -60.26 -26.21 33.02
C TRP D 28 -59.26 -25.36 33.78
N ALA D 29 -58.03 -25.27 33.28
CA ALA D 29 -57.01 -24.53 34.00
C ALA D 29 -57.28 -23.03 33.98
N ALA D 30 -57.95 -22.54 32.94
CA ALA D 30 -58.25 -21.11 32.83
C ALA D 30 -59.60 -20.75 33.44
N GLU D 31 -60.34 -21.73 33.94
CA GLU D 31 -61.65 -21.47 34.51
C GLU D 31 -61.53 -20.54 35.72
N GLY D 32 -62.35 -19.50 35.75
CA GLY D 32 -62.34 -18.55 36.83
C GLY D 32 -61.22 -17.52 36.77
N LEU D 33 -60.22 -17.74 35.92
CA LEU D 33 -59.12 -16.79 35.80
C LEU D 33 -59.51 -15.62 34.91
N HIS D 34 -58.82 -14.50 35.10
CA HIS D 34 -59.08 -13.29 34.35
C HIS D 34 -57.96 -13.02 33.37
N ASN D 35 -58.32 -12.59 32.16
CA ASN D 35 -57.37 -12.10 31.15
C ASN D 35 -56.40 -13.19 30.69
N VAL D 36 -56.83 -14.44 30.63
CA VAL D 36 -56.04 -15.51 30.05
C VAL D 36 -56.67 -15.93 28.72
N SER D 37 -55.92 -16.71 27.95
CA SER D 37 -56.34 -17.08 26.59
C SER D 37 -55.92 -18.51 26.30
N ILE D 38 -56.90 -19.40 26.12
CA ILE D 38 -56.62 -20.75 25.65
C ILE D 38 -55.85 -20.71 24.35
N SER D 39 -56.29 -19.83 23.44
CA SER D 39 -55.65 -19.72 22.13
C SER D 39 -54.16 -19.39 22.25
N GLN D 40 -53.81 -18.48 23.16
CA GLN D 40 -52.42 -18.10 23.35
C GLN D 40 -51.56 -19.28 23.76
N VAL D 41 -52.03 -20.06 24.75
CA VAL D 41 -51.24 -21.17 25.27
C VAL D 41 -50.98 -22.20 24.19
N GLU D 42 -52.00 -22.50 23.38
CA GLU D 42 -51.83 -23.49 22.32
C GLU D 42 -50.87 -23.00 21.24
N LEU D 43 -51.01 -21.74 20.83
CA LEU D 43 -50.20 -21.21 19.74
C LEU D 43 -48.77 -20.96 20.18
N ARG D 44 -48.57 -20.53 21.43
CA ARG D 44 -47.21 -20.33 21.93
C ARG D 44 -46.51 -21.64 22.23
N SER D 45 -47.25 -22.75 22.25
CA SER D 45 -46.61 -24.05 22.44
C SER D 45 -45.77 -24.45 21.24
N HIS D 46 -46.17 -24.02 20.03
CA HIS D 46 -45.50 -24.42 18.80
C HIS D 46 -45.31 -25.94 18.79
N ILE D 47 -46.35 -26.64 19.25
CA ILE D 47 -46.28 -28.07 19.50
C ILE D 47 -46.19 -28.82 18.19
N GLN D 48 -45.14 -29.63 18.04
CA GLN D 48 -44.86 -30.38 16.81
C GLN D 48 -45.45 -31.78 16.94
N PHE D 49 -46.55 -32.03 16.23
CA PHE D 49 -47.18 -33.34 16.27
C PHE D 49 -46.49 -34.30 15.32
N TYR D 50 -46.09 -35.46 15.84
CA TYR D 50 -45.60 -36.56 15.03
C TYR D 50 -46.35 -37.82 15.46
N ASP D 51 -46.45 -38.78 14.54
CA ASP D 51 -47.18 -40.01 14.83
C ASP D 51 -46.51 -40.77 15.96
N GLY D 52 -47.27 -41.00 17.03
CA GLY D 52 -46.75 -41.67 18.20
C GLY D 52 -46.23 -40.76 19.29
N ILE D 53 -46.55 -39.47 19.24
CA ILE D 53 -45.99 -38.52 20.21
C ILE D 53 -46.55 -38.80 21.59
N LYS D 54 -45.66 -38.78 22.59
CA LYS D 54 -46.06 -39.03 23.97
C LYS D 54 -47.03 -37.96 24.43
N THR D 55 -48.10 -38.39 25.11
CA THR D 55 -49.07 -37.44 25.64
C THR D 55 -48.50 -36.64 26.82
N SER D 56 -47.48 -37.16 27.50
CA SER D 56 -46.87 -36.43 28.60
C SER D 56 -45.98 -35.30 28.09
N ASP D 57 -45.30 -35.52 26.96
CA ASP D 57 -44.51 -34.44 26.35
C ASP D 57 -45.40 -33.31 25.86
N ILE D 58 -46.60 -33.64 25.38
CA ILE D 58 -47.57 -32.63 24.96
C ILE D 58 -47.94 -31.74 26.15
N HIS D 59 -48.26 -32.36 27.29
CA HIS D 59 -48.70 -31.58 28.44
C HIS D 59 -47.56 -30.73 28.99
N GLU D 60 -46.34 -31.27 29.01
CA GLU D 60 -45.20 -30.50 29.51
C GLU D 60 -44.91 -29.30 28.61
N THR D 61 -45.29 -29.37 27.33
CA THR D 61 -45.07 -28.25 26.43
C THR D 61 -46.03 -27.11 26.73
N ILE D 62 -47.31 -27.41 26.97
CA ILE D 62 -48.27 -26.35 27.25
C ILE D 62 -48.04 -25.75 28.64
N ILE D 63 -47.37 -26.48 29.53
CA ILE D 63 -47.02 -25.89 30.82
C ILE D 63 -46.00 -24.77 30.63
N LYS D 64 -44.90 -25.06 29.93
CA LYS D 64 -43.90 -24.04 29.66
C LYS D 64 -44.50 -22.85 28.92
N ALA D 65 -45.40 -23.11 27.98
CA ALA D 65 -46.00 -22.03 27.21
C ALA D 65 -46.83 -21.11 28.09
N ALA D 66 -47.74 -21.68 28.88
CA ALA D 66 -48.55 -20.87 29.77
C ALA D 66 -47.72 -20.21 30.87
N ALA D 67 -46.62 -20.87 31.27
CA ALA D 67 -45.76 -20.29 32.30
C ALA D 67 -45.04 -19.05 31.80
N ASP D 68 -44.63 -19.04 30.53
CA ASP D 68 -43.90 -17.91 29.99
C ASP D 68 -44.80 -16.73 29.64
N LEU D 69 -46.12 -16.89 29.72
CA LEU D 69 -47.05 -15.80 29.47
C LEU D 69 -47.35 -15.00 30.71
N ILE D 70 -46.76 -15.36 31.85
CA ILE D 70 -46.90 -14.57 33.07
C ILE D 70 -46.35 -13.18 32.84
N SER D 71 -47.21 -12.17 32.97
CA SER D 71 -46.82 -10.79 32.71
C SER D 71 -47.58 -9.88 33.65
N ARG D 72 -47.22 -8.59 33.62
CA ARG D 72 -47.98 -7.61 34.38
C ARG D 72 -49.39 -7.48 33.85
N ASP D 73 -49.56 -7.52 32.53
CA ASP D 73 -50.88 -7.33 31.95
C ASP D 73 -51.78 -8.52 32.21
N ALA D 74 -51.20 -9.72 32.30
CA ALA D 74 -51.93 -10.96 32.55
C ALA D 74 -51.28 -11.68 33.72
N PRO D 75 -51.51 -11.21 34.94
CA PRO D 75 -50.87 -11.86 36.10
C PRO D 75 -51.44 -13.23 36.42
N ASP D 76 -52.69 -13.50 36.03
CA ASP D 76 -53.35 -14.75 36.39
C ASP D 76 -52.77 -15.98 35.69
N TYR D 77 -51.82 -15.81 34.77
CA TYR D 77 -51.17 -16.97 34.18
C TYR D 77 -50.39 -17.75 35.23
N GLN D 78 -50.07 -17.14 36.36
CA GLN D 78 -49.38 -17.86 37.43
C GLN D 78 -50.22 -19.01 37.96
N TYR D 79 -51.55 -18.89 37.89
CA TYR D 79 -52.43 -19.94 38.35
C TYR D 79 -52.80 -20.94 37.26
N LEU D 80 -52.87 -20.48 36.01
CA LEU D 80 -53.11 -21.41 34.91
C LEU D 80 -51.96 -22.40 34.79
N ALA D 81 -50.73 -21.89 34.75
CA ALA D 81 -49.58 -22.77 34.64
C ALA D 81 -49.39 -23.63 35.88
N ALA D 82 -49.82 -23.13 37.04
CA ALA D 82 -49.74 -23.93 38.26
C ALA D 82 -50.73 -25.10 38.22
N ARG D 83 -51.97 -24.82 37.81
CA ARG D 83 -52.97 -25.89 37.76
C ARG D 83 -52.61 -26.95 36.74
N LEU D 84 -52.04 -26.55 35.61
CA LEU D 84 -51.57 -27.51 34.62
C LEU D 84 -50.42 -28.36 35.17
N ALA D 85 -49.55 -27.75 35.99
CA ALA D 85 -48.41 -28.46 36.55
C ALA D 85 -48.84 -29.38 37.68
N ILE D 86 -49.78 -28.94 38.51
CA ILE D 86 -50.34 -29.80 39.54
C ILE D 86 -50.98 -31.03 38.91
N PHE D 87 -51.76 -30.82 37.85
CA PHE D 87 -52.36 -31.93 37.11
C PHE D 87 -51.31 -32.88 36.57
N HIS D 88 -50.23 -32.33 35.99
CA HIS D 88 -49.16 -33.18 35.48
C HIS D 88 -48.45 -33.93 36.59
N LEU D 89 -48.20 -33.29 37.73
CA LEU D 89 -47.48 -33.94 38.82
C LEU D 89 -48.33 -35.01 39.50
N ARG D 90 -49.66 -34.86 39.46
CA ARG D 90 -50.52 -35.94 39.96
C ARG D 90 -50.34 -37.20 39.14
N LYS D 91 -50.30 -37.07 37.82
CA LYS D 91 -50.13 -38.23 36.95
C LYS D 91 -48.76 -38.87 37.12
N LYS D 92 -47.71 -38.05 37.24
CA LYS D 92 -46.35 -38.58 37.35
C LYS D 92 -46.18 -39.52 38.54
N ALA D 93 -46.88 -39.25 39.64
CA ALA D 93 -46.70 -40.01 40.87
C ALA D 93 -47.77 -41.08 41.07
N TYR D 94 -48.97 -40.87 40.52
CA TYR D 94 -50.10 -41.76 40.78
C TYR D 94 -50.69 -42.41 39.54
N GLY D 95 -50.40 -41.89 38.35
CA GLY D 95 -51.05 -42.38 37.15
C GLY D 95 -52.46 -41.89 36.95
N GLN D 96 -53.02 -41.15 37.91
CA GLN D 96 -54.37 -40.61 37.83
C GLN D 96 -54.36 -39.23 38.49
N PHE D 97 -55.54 -38.63 38.63
CA PHE D 97 -55.65 -37.34 39.31
C PHE D 97 -55.87 -37.52 40.81
N GLU D 98 -56.83 -38.35 41.19
CA GLU D 98 -57.16 -38.54 42.60
C GLU D 98 -55.99 -39.19 43.33
N PRO D 99 -55.46 -38.59 44.39
CA PRO D 99 -54.38 -39.24 45.13
C PRO D 99 -54.91 -40.41 45.93
N PRO D 100 -54.07 -41.40 46.23
CA PRO D 100 -54.53 -42.55 47.03
C PRO D 100 -54.80 -42.18 48.48
N ALA D 101 -55.20 -43.17 49.28
CA ALA D 101 -55.33 -42.94 50.71
C ALA D 101 -53.95 -42.73 51.32
N LEU D 102 -53.91 -41.97 52.42
CA LEU D 102 -52.65 -41.69 53.07
C LEU D 102 -51.98 -42.98 53.53
N TYR D 103 -52.77 -43.93 54.05
CA TYR D 103 -52.19 -45.17 54.54
C TYR D 103 -51.66 -46.03 53.39
N ASP D 104 -52.48 -46.26 52.37
CA ASP D 104 -52.04 -47.08 51.23
C ASP D 104 -50.76 -46.53 50.63
N HIS D 105 -50.64 -45.20 50.57
CA HIS D 105 -49.45 -44.58 49.99
C HIS D 105 -48.24 -44.76 50.90
N VAL D 106 -48.39 -44.50 52.19
CA VAL D 106 -47.25 -44.61 53.11
C VAL D 106 -46.71 -46.03 53.14
N VAL D 107 -47.61 -47.03 53.12
CA VAL D 107 -47.17 -48.42 53.12
C VAL D 107 -46.32 -48.71 51.89
N LYS D 108 -46.82 -48.28 50.71
CA LYS D 108 -46.08 -48.51 49.48
C LYS D 108 -44.73 -47.81 49.49
N MET D 109 -44.68 -46.60 50.03
CA MET D 109 -43.45 -45.81 49.98
C MET D 109 -42.41 -46.31 50.99
N VAL D 110 -42.84 -46.67 52.20
CA VAL D 110 -41.91 -47.22 53.17
C VAL D 110 -41.36 -48.55 52.66
N GLU D 111 -42.20 -49.32 51.96
CA GLU D 111 -41.74 -50.57 51.37
C GLU D 111 -40.71 -50.33 50.27
N MET D 112 -40.84 -49.22 49.53
CA MET D 112 -39.90 -48.88 48.48
C MET D 112 -38.64 -48.18 48.99
N GLY D 113 -38.55 -47.95 50.31
CA GLY D 113 -37.39 -47.28 50.87
C GLY D 113 -37.34 -45.79 50.65
N LYS D 114 -38.42 -45.19 50.16
CA LYS D 114 -38.45 -43.74 49.91
C LYS D 114 -38.91 -42.95 51.14
N TYR D 115 -39.73 -43.55 51.99
CA TYR D 115 -40.15 -42.94 53.24
C TYR D 115 -39.41 -43.57 54.42
N ASP D 116 -39.40 -42.83 55.54
CA ASP D 116 -38.77 -43.31 56.76
C ASP D 116 -39.57 -44.45 57.37
N ASN D 117 -38.84 -45.36 58.02
CA ASN D 117 -39.43 -46.59 58.57
C ASN D 117 -40.38 -46.31 59.73
N HIS D 118 -40.12 -45.25 60.50
CA HIS D 118 -40.87 -45.02 61.73
C HIS D 118 -42.34 -44.68 61.48
N LEU D 119 -42.69 -44.26 60.26
CA LEU D 119 -44.05 -43.84 59.98
C LEU D 119 -45.05 -44.96 60.26
N LEU D 120 -44.71 -46.20 59.89
CA LEU D 120 -45.61 -47.31 60.15
C LEU D 120 -45.60 -47.76 61.60
N GLU D 121 -44.53 -47.46 62.34
CA GLU D 121 -44.42 -47.87 63.73
C GLU D 121 -45.10 -46.91 64.70
N ASP D 122 -45.00 -45.60 64.43
CA ASP D 122 -45.53 -44.60 65.34
C ASP D 122 -47.00 -44.26 65.10
N TYR D 123 -47.56 -44.67 63.96
CA TYR D 123 -48.96 -44.40 63.66
C TYR D 123 -49.65 -45.69 63.22
N THR D 124 -50.87 -45.87 63.72
CA THR D 124 -51.71 -47.00 63.37
C THR D 124 -52.49 -46.70 62.10
N GLU D 125 -53.06 -47.76 61.51
CA GLU D 125 -53.91 -47.54 60.35
C GLU D 125 -55.11 -46.68 60.69
N GLU D 126 -55.63 -46.80 61.92
CA GLU D 126 -56.72 -45.92 62.33
C GLU D 126 -56.27 -44.48 62.46
N GLU D 127 -55.01 -44.26 62.89
CA GLU D 127 -54.51 -42.90 62.99
C GLU D 127 -54.18 -42.32 61.62
N PHE D 128 -53.68 -43.15 60.69
CA PHE D 128 -53.38 -42.67 59.36
C PHE D 128 -54.63 -42.24 58.61
N LYS D 129 -55.69 -43.06 58.67
CA LYS D 129 -56.94 -42.69 58.02
C LYS D 129 -57.56 -41.45 58.65
N GLN D 130 -57.27 -41.20 59.93
CA GLN D 130 -57.83 -40.01 60.58
C GLN D 130 -57.09 -38.75 60.16
N MET D 131 -55.80 -38.85 59.86
CA MET D 131 -55.07 -37.71 59.33
C MET D 131 -55.43 -37.45 57.87
N ASP D 132 -55.86 -38.50 57.16
CA ASP D 132 -56.31 -38.33 55.78
C ASP D 132 -57.53 -37.43 55.70
N THR D 133 -58.32 -37.37 56.79
CA THR D 133 -59.46 -36.47 56.83
C THR D 133 -59.05 -35.01 57.03
N PHE D 134 -57.85 -34.78 57.58
CA PHE D 134 -57.31 -33.42 57.67
C PHE D 134 -56.96 -32.88 56.29
N ILE D 135 -56.46 -33.74 55.40
CA ILE D 135 -55.92 -33.32 54.13
C ILE D 135 -57.01 -32.69 53.27
N ASP D 136 -56.68 -31.53 52.69
CA ASP D 136 -57.50 -30.86 51.68
C ASP D 136 -56.66 -30.80 50.41
N HIS D 137 -56.83 -31.79 49.52
CA HIS D 137 -56.06 -31.82 48.29
C HIS D 137 -56.38 -30.66 47.36
N ASP D 138 -57.50 -29.95 47.57
CA ASP D 138 -57.82 -28.78 46.77
C ASP D 138 -56.92 -27.60 47.11
N ARG D 139 -56.17 -27.66 48.21
CA ARG D 139 -55.21 -26.61 48.51
C ARG D 139 -54.04 -26.62 47.54
N ASP D 140 -53.86 -27.71 46.80
CA ASP D 140 -52.91 -27.71 45.69
C ASP D 140 -53.31 -26.74 44.59
N MET D 141 -54.57 -26.27 44.59
CA MET D 141 -55.05 -25.32 43.61
C MET D 141 -54.90 -23.88 44.09
N THR D 142 -54.12 -23.64 45.14
CA THR D 142 -53.83 -22.30 45.61
C THR D 142 -52.37 -21.92 45.46
N PHE D 143 -51.54 -22.81 44.90
CA PHE D 143 -50.14 -22.49 44.63
C PHE D 143 -50.03 -21.62 43.39
N SER D 144 -48.93 -20.90 43.30
CA SER D 144 -48.56 -20.26 42.04
C SER D 144 -47.62 -21.18 41.28
N TYR D 145 -47.34 -20.82 40.02
CA TYR D 145 -46.52 -21.69 39.18
C TYR D 145 -45.12 -21.85 39.74
N ALA D 146 -44.50 -20.75 40.16
CA ALA D 146 -43.16 -20.83 40.74
C ALA D 146 -43.14 -21.78 41.93
N ALA D 147 -44.18 -21.76 42.76
CA ALA D 147 -44.24 -22.66 43.90
C ALA D 147 -44.23 -24.12 43.45
N VAL D 148 -45.00 -24.45 42.42
CA VAL D 148 -45.10 -25.83 41.96
C VAL D 148 -43.78 -26.31 41.37
N LYS D 149 -43.09 -25.44 40.62
CA LYS D 149 -41.82 -25.86 40.03
C LYS D 149 -40.76 -26.10 41.10
N GLN D 150 -40.84 -25.37 42.21
CA GLN D 150 -39.95 -25.67 43.33
C GLN D 150 -40.34 -26.96 44.02
N LEU D 151 -41.65 -27.25 44.10
CA LEU D 151 -42.09 -28.52 44.63
C LEU D 151 -41.59 -29.67 43.76
N GLU D 152 -41.82 -29.59 42.45
CA GLU D 152 -41.36 -30.65 41.56
C GLU D 152 -39.84 -30.75 41.56
N GLY D 153 -39.14 -29.61 41.56
CA GLY D 153 -37.71 -29.62 41.38
C GLY D 153 -36.92 -29.97 42.61
N LYS D 154 -37.40 -29.58 43.79
CA LYS D 154 -36.58 -29.72 44.99
C LYS D 154 -37.25 -30.48 46.12
N TYR D 155 -38.54 -30.26 46.37
CA TYR D 155 -39.12 -30.67 47.64
C TYR D 155 -39.79 -32.03 47.60
N LEU D 156 -40.64 -32.29 46.61
CA LEU D 156 -41.34 -33.56 46.53
C LEU D 156 -40.33 -34.71 46.45
N VAL D 157 -40.60 -35.78 47.20
CA VAL D 157 -39.70 -36.93 47.21
C VAL D 157 -39.62 -37.51 45.81
N GLN D 158 -38.39 -37.68 45.33
CA GLN D 158 -38.18 -38.07 43.94
C GLN D 158 -36.89 -38.87 43.83
N ASN D 159 -36.60 -39.30 42.61
CA ASN D 159 -35.39 -40.04 42.30
C ASN D 159 -34.47 -39.15 41.49
N ARG D 160 -33.27 -38.90 42.01
CA ARG D 160 -32.34 -37.99 41.33
C ARG D 160 -31.59 -38.66 40.19
N VAL D 161 -31.75 -39.96 40.01
CA VAL D 161 -31.18 -40.67 38.87
C VAL D 161 -32.25 -41.01 37.84
N THR D 162 -33.44 -41.40 38.31
CA THR D 162 -34.54 -41.73 37.41
C THR D 162 -35.32 -40.49 37.00
N GLY D 163 -35.54 -39.57 37.93
CA GLY D 163 -36.45 -38.47 37.71
C GLY D 163 -37.87 -38.76 38.14
N GLU D 164 -38.10 -39.85 38.85
CA GLU D 164 -39.44 -40.28 39.17
C GLU D 164 -39.99 -39.49 40.35
N ILE D 165 -41.10 -38.80 40.13
CA ILE D 165 -41.80 -38.07 41.18
C ILE D 165 -42.73 -39.04 41.88
N TYR D 166 -42.70 -39.05 43.22
CA TYR D 166 -43.37 -40.08 43.99
C TYR D 166 -44.60 -39.63 44.76
N GLU D 167 -44.72 -38.35 45.11
CA GLU D 167 -45.77 -37.92 46.03
C GLU D 167 -46.47 -36.66 45.52
N SER D 168 -47.50 -36.26 46.27
CA SER D 168 -48.23 -35.01 46.05
C SER D 168 -47.78 -33.97 47.07
N ALA D 169 -48.30 -32.75 46.92
CA ALA D 169 -47.90 -31.66 47.81
C ALA D 169 -48.54 -31.79 49.18
N GLN D 170 -49.82 -32.15 49.25
CA GLN D 170 -50.50 -32.25 50.54
C GLN D 170 -50.03 -33.45 51.36
N PHE D 171 -49.49 -34.48 50.70
CA PHE D 171 -48.88 -35.59 51.44
C PHE D 171 -47.59 -35.13 52.10
N LEU D 172 -46.80 -34.32 51.40
CA LEU D 172 -45.60 -33.74 51.99
C LEU D 172 -45.94 -32.97 53.27
N TYR D 173 -46.95 -32.11 53.21
CA TYR D 173 -47.33 -31.30 54.37
C TYR D 173 -47.76 -32.18 55.55
N ILE D 174 -48.68 -33.11 55.31
CA ILE D 174 -49.27 -33.86 56.41
C ILE D 174 -48.25 -34.80 57.04
N LEU D 175 -47.27 -35.27 56.28
CA LEU D 175 -46.29 -36.18 56.84
C LEU D 175 -45.18 -35.43 57.58
N VAL D 176 -44.83 -34.23 57.12
CA VAL D 176 -43.92 -33.40 57.89
C VAL D 176 -44.55 -33.03 59.22
N ALA D 177 -45.87 -32.84 59.23
CA ALA D 177 -46.56 -32.61 60.50
C ALA D 177 -46.58 -33.87 61.35
N ALA D 178 -46.84 -35.02 60.73
CA ALA D 178 -46.90 -36.28 61.49
C ALA D 178 -45.54 -36.64 62.06
N CYS D 179 -44.49 -36.57 61.24
CA CYS D 179 -43.15 -36.98 61.69
C CYS D 179 -42.64 -36.11 62.83
N LEU D 180 -42.85 -34.79 62.74
CA LEU D 180 -42.30 -33.89 63.74
C LEU D 180 -42.96 -34.08 65.10
N PHE D 181 -44.29 -34.27 65.11
CA PHE D 181 -45.03 -34.50 66.33
C PHE D 181 -45.25 -35.98 66.60
N SER D 182 -44.42 -36.85 66.01
CA SER D 182 -44.61 -38.29 66.15
C SER D 182 -44.33 -38.78 67.57
N ASN D 183 -43.53 -38.04 68.33
CA ASN D 183 -43.23 -38.41 69.70
C ASN D 183 -44.13 -37.71 70.72
N TYR D 184 -45.10 -36.93 70.25
CA TYR D 184 -46.02 -36.28 71.18
C TYR D 184 -46.99 -37.29 71.79
N PRO D 185 -47.49 -36.99 73.00
CA PRO D 185 -48.51 -37.84 73.61
C PRO D 185 -49.78 -37.91 72.78
N ARG D 186 -50.43 -39.08 72.82
CA ARG D 186 -51.60 -39.34 71.97
C ARG D 186 -52.80 -38.47 72.31
N GLU D 187 -52.91 -37.93 73.52
CA GLU D 187 -54.07 -37.10 73.82
C GLU D 187 -54.02 -35.75 73.14
N THR D 188 -52.83 -35.29 72.74
CA THR D 188 -52.69 -34.02 72.03
C THR D 188 -51.96 -34.13 70.71
N ARG D 189 -51.49 -35.31 70.32
CA ARG D 189 -50.67 -35.46 69.13
C ARG D 189 -51.42 -35.03 67.88
N LEU D 190 -52.48 -35.77 67.51
CA LEU D 190 -53.23 -35.42 66.30
C LEU D 190 -53.88 -34.05 66.41
N GLN D 191 -54.11 -33.57 67.64
CA GLN D 191 -54.57 -32.19 67.81
C GLN D 191 -53.55 -31.21 67.26
N TYR D 192 -52.27 -31.46 67.51
CA TYR D 192 -51.22 -30.63 66.93
C TYR D 192 -51.03 -30.94 65.45
N VAL D 193 -51.07 -32.22 65.08
CA VAL D 193 -50.81 -32.61 63.69
C VAL D 193 -51.76 -31.91 62.73
N LYS D 194 -53.01 -31.71 63.15
CA LYS D 194 -53.92 -30.95 62.30
C LYS D 194 -53.55 -29.48 62.26
N ARG D 195 -53.31 -28.88 63.43
CA ARG D 195 -53.01 -27.45 63.49
C ARG D 195 -51.75 -27.10 62.71
N PHE D 196 -50.69 -27.89 62.84
CA PHE D 196 -49.45 -27.58 62.12
C PHE D 196 -49.61 -27.81 60.63
N TYR D 197 -50.37 -28.84 60.25
CA TYR D 197 -50.65 -29.06 58.83
C TYR D 197 -51.43 -27.88 58.26
N ASP D 198 -52.49 -27.46 58.96
CA ASP D 198 -53.26 -26.31 58.50
C ASP D 198 -52.39 -25.07 58.43
N ALA D 199 -51.46 -24.92 59.38
CA ALA D 199 -50.62 -23.73 59.42
C ALA D 199 -49.73 -23.64 58.18
N VAL D 200 -49.15 -24.77 57.75
CA VAL D 200 -48.21 -24.72 56.64
C VAL D 200 -48.90 -24.86 55.28
N SER D 201 -50.03 -25.56 55.21
CA SER D 201 -50.73 -25.73 53.94
C SER D 201 -51.59 -24.54 53.59
N THR D 202 -51.85 -23.63 54.53
CA THR D 202 -52.49 -22.36 54.25
C THR D 202 -51.50 -21.19 54.34
N PHE D 203 -50.20 -21.51 54.33
CA PHE D 203 -49.12 -20.53 54.17
C PHE D 203 -49.04 -19.55 55.34
N LYS D 204 -49.39 -19.98 56.55
CA LYS D 204 -49.16 -19.16 57.73
C LYS D 204 -47.71 -19.29 58.20
N ILE D 205 -47.15 -20.49 58.09
CA ILE D 205 -45.78 -20.78 58.46
C ILE D 205 -45.07 -21.34 57.23
N SER D 206 -43.83 -20.89 57.00
CA SER D 206 -43.02 -21.33 55.88
C SER D 206 -41.93 -22.27 56.37
N LEU D 207 -41.73 -23.39 55.67
CA LEU D 207 -40.74 -24.36 56.10
C LEU D 207 -39.53 -24.34 55.17
N PRO D 208 -38.33 -24.52 55.71
CA PRO D 208 -37.13 -24.40 54.87
C PRO D 208 -36.96 -25.60 53.95
N THR D 209 -36.03 -25.44 53.00
CA THR D 209 -35.76 -26.48 52.00
C THR D 209 -35.46 -27.85 52.60
N PRO D 210 -34.56 -28.01 53.58
CA PRO D 210 -34.27 -29.37 54.06
C PRO D 210 -35.45 -30.01 54.76
N ILE D 211 -36.30 -29.24 55.41
CA ILE D 211 -37.49 -29.81 56.04
C ILE D 211 -38.47 -30.26 54.97
N MET D 212 -38.71 -29.42 53.96
CA MET D 212 -39.63 -29.77 52.89
C MET D 212 -39.16 -31.01 52.15
N SER D 213 -37.89 -31.05 51.78
CA SER D 213 -37.36 -32.14 50.96
C SER D 213 -36.99 -33.37 51.77
N GLY D 214 -36.91 -33.26 53.11
CA GLY D 214 -36.35 -34.35 53.89
C GLY D 214 -37.26 -35.02 54.90
N VAL D 215 -38.10 -34.25 55.61
CA VAL D 215 -38.82 -34.79 56.76
C VAL D 215 -39.90 -35.77 56.30
N ARG D 216 -39.49 -37.04 56.18
CA ARG D 216 -40.30 -38.23 55.93
C ARG D 216 -39.43 -39.27 55.23
N THR D 217 -38.20 -38.89 54.88
CA THR D 217 -37.24 -39.73 54.20
C THR D 217 -36.30 -40.40 55.20
N PRO D 218 -35.68 -41.52 54.81
CA PRO D 218 -34.75 -42.21 55.74
C PRO D 218 -33.65 -41.33 56.32
N THR D 219 -32.91 -40.61 55.50
CA THR D 219 -31.79 -39.81 55.99
C THR D 219 -32.32 -38.58 56.72
N ARG D 220 -32.13 -38.55 58.04
CA ARG D 220 -32.72 -37.52 58.89
C ARG D 220 -31.67 -36.46 59.17
N GLN D 221 -31.63 -35.44 58.32
CA GLN D 221 -30.86 -34.23 58.59
C GLN D 221 -31.61 -33.07 57.96
N PHE D 222 -32.02 -32.12 58.81
CA PHE D 222 -32.90 -31.05 58.36
C PHE D 222 -32.49 -29.68 58.87
N SER D 223 -31.28 -29.53 59.42
CA SER D 223 -30.79 -28.23 59.84
C SER D 223 -30.12 -27.54 58.66
N SER D 224 -30.61 -26.35 58.30
CA SER D 224 -30.09 -25.67 57.12
C SER D 224 -28.66 -25.20 57.33
N CYS D 225 -28.32 -24.77 58.54
CA CYS D 225 -27.06 -24.11 58.82
C CYS D 225 -26.19 -24.97 59.71
N VAL D 226 -24.93 -25.14 59.32
CA VAL D 226 -23.94 -25.87 60.09
C VAL D 226 -22.75 -24.95 60.24
N LEU D 227 -22.37 -24.65 61.48
CA LEU D 227 -21.29 -23.74 61.79
C LEU D 227 -20.14 -24.54 62.41
N ILE D 228 -19.01 -24.59 61.72
CA ILE D 228 -17.83 -25.32 62.16
C ILE D 228 -16.71 -24.32 62.42
N GLU D 229 -16.06 -24.45 63.58
CA GLU D 229 -14.91 -23.64 63.92
C GLU D 229 -13.65 -24.50 63.81
N CYS D 230 -12.62 -23.94 63.20
CA CYS D 230 -11.38 -24.66 62.92
C CYS D 230 -10.25 -24.12 63.79
N GLY D 231 -9.55 -25.03 64.47
CA GLY D 231 -8.39 -24.66 65.24
C GLY D 231 -7.11 -24.69 64.43
N ASP D 232 -6.05 -24.12 65.01
CA ASP D 232 -4.77 -23.97 64.31
C ASP D 232 -3.92 -25.24 64.45
N SER D 233 -4.47 -26.34 63.95
CA SER D 233 -3.77 -27.62 64.02
C SER D 233 -4.23 -28.51 62.88
N LEU D 234 -3.36 -29.43 62.47
CA LEU D 234 -3.74 -30.38 61.44
C LEU D 234 -4.87 -31.29 61.88
N ASP D 235 -4.91 -31.66 63.16
CA ASP D 235 -6.01 -32.48 63.64
C ASP D 235 -7.34 -31.77 63.49
N SER D 236 -7.38 -30.47 63.78
CA SER D 236 -8.61 -29.70 63.63
C SER D 236 -8.96 -29.49 62.17
N ILE D 237 -7.95 -29.17 61.35
CA ILE D 237 -8.20 -28.99 59.92
C ILE D 237 -8.77 -30.27 59.32
N ASN D 238 -8.22 -31.41 59.71
CA ASN D 238 -8.75 -32.69 59.24
C ASN D 238 -10.18 -32.91 59.74
N ALA D 239 -10.42 -32.62 61.02
CA ALA D 239 -11.77 -32.77 61.57
C ALA D 239 -12.75 -31.83 60.88
N THR D 240 -12.32 -30.59 60.64
CA THR D 240 -13.18 -29.63 59.95
C THR D 240 -13.58 -30.15 58.58
N SER D 241 -12.62 -30.66 57.82
CA SER D 241 -12.90 -31.17 56.48
C SER D 241 -13.92 -32.30 56.50
N SER D 242 -13.74 -33.27 57.40
CA SER D 242 -14.65 -34.41 57.46
C SER D 242 -16.06 -33.99 57.84
N ALA D 243 -16.20 -33.04 58.77
CA ALA D 243 -17.52 -32.59 59.15
C ALA D 243 -18.20 -31.87 57.99
N ILE D 244 -17.44 -31.08 57.24
CA ILE D 244 -18.00 -30.41 56.06
C ILE D 244 -18.49 -31.44 55.07
N VAL D 245 -17.65 -32.41 54.72
CA VAL D 245 -18.02 -33.44 53.73
C VAL D 245 -19.30 -34.13 54.16
N LYS D 246 -19.41 -34.48 55.44
CA LYS D 246 -20.60 -35.17 55.93
C LYS D 246 -21.84 -34.29 55.80
N TYR D 247 -21.72 -33.00 56.14
CA TYR D 247 -22.90 -32.16 56.21
C TYR D 247 -23.32 -31.57 54.87
N VAL D 248 -22.40 -31.41 53.92
CA VAL D 248 -22.84 -31.02 52.59
C VAL D 248 -23.63 -32.15 51.95
N SER D 249 -23.24 -33.39 52.22
CA SER D 249 -23.96 -34.53 51.69
C SER D 249 -25.36 -34.66 52.28
N GLN D 250 -25.67 -33.90 53.32
CA GLN D 250 -26.94 -33.99 54.01
C GLN D 250 -27.61 -32.62 54.09
N ARG D 251 -27.80 -32.00 52.92
CA ARG D 251 -28.69 -30.85 52.71
C ARG D 251 -28.23 -29.56 53.40
N ALA D 252 -27.04 -29.52 53.96
CA ALA D 252 -26.64 -28.40 54.81
C ALA D 252 -25.75 -27.40 54.06
N GLY D 253 -25.74 -26.18 54.58
CA GLY D 253 -24.89 -25.11 54.10
C GLY D 253 -23.96 -24.68 55.22
N ILE D 254 -22.66 -24.60 54.94
CA ILE D 254 -21.64 -24.58 55.98
C ILE D 254 -21.17 -23.15 56.24
N GLY D 255 -20.85 -22.87 57.50
CA GLY D 255 -20.06 -21.69 57.83
C GLY D 255 -18.77 -22.11 58.51
N ILE D 256 -17.63 -21.74 57.93
CA ILE D 256 -16.31 -22.16 58.43
C ILE D 256 -15.61 -20.96 59.05
N ASN D 257 -14.98 -21.19 60.20
CA ASN D 257 -14.17 -20.17 60.87
C ASN D 257 -12.72 -20.64 60.80
N ALA D 258 -11.98 -20.14 59.80
CA ALA D 258 -10.58 -20.48 59.63
C ALA D 258 -9.68 -19.30 59.96
N GLY D 259 -10.12 -18.42 60.86
CA GLY D 259 -9.30 -17.31 61.28
C GLY D 259 -8.18 -17.68 62.23
N ARG D 260 -8.29 -18.82 62.91
CA ARG D 260 -7.28 -19.23 63.87
C ARG D 260 -6.01 -19.73 63.21
N ILE D 261 -6.08 -20.15 61.95
CA ILE D 261 -4.93 -20.70 61.26
C ILE D 261 -3.84 -19.64 61.15
N ARG D 262 -2.64 -19.98 61.57
CA ARG D 262 -1.53 -19.03 61.59
C ARG D 262 -1.11 -18.64 60.18
N ALA D 263 -0.49 -17.47 60.07
CA ALA D 263 -0.25 -16.85 58.78
C ALA D 263 0.90 -17.51 58.03
N LEU D 264 0.99 -17.19 56.74
CA LEU D 264 2.05 -17.68 55.87
C LEU D 264 3.42 -17.25 56.39
N GLY D 265 4.35 -18.20 56.44
CA GLY D 265 5.69 -17.93 56.89
C GLY D 265 5.93 -18.19 58.35
N SER D 266 4.88 -18.42 59.13
CA SER D 266 5.03 -18.67 60.56
C SER D 266 5.82 -19.96 60.79
N PRO D 267 6.57 -20.03 61.88
CA PRO D 267 7.32 -21.26 62.17
C PRO D 267 6.39 -22.39 62.59
N ILE D 268 6.69 -23.59 62.10
CA ILE D 268 5.97 -24.80 62.48
C ILE D 268 6.92 -25.69 63.28
N ARG D 269 6.49 -26.09 64.47
CA ARG D 269 7.25 -27.02 65.29
C ARG D 269 8.65 -26.48 65.58
N GLY D 270 8.71 -25.21 65.98
CA GLY D 270 9.95 -24.57 66.32
C GLY D 270 10.76 -24.07 65.15
N GLY D 271 10.47 -24.52 63.93
CA GLY D 271 11.22 -24.10 62.77
C GLY D 271 11.54 -25.29 61.88
N GLU D 272 10.99 -26.45 62.24
CA GLU D 272 11.18 -27.63 61.41
C GLU D 272 10.52 -27.47 60.04
N ALA D 273 9.54 -26.58 59.91
CA ALA D 273 8.87 -26.38 58.64
C ALA D 273 8.44 -24.92 58.50
N PHE D 274 8.24 -24.53 57.24
CA PHE D 274 7.79 -23.19 56.86
C PHE D 274 6.28 -23.28 56.63
N HIS D 275 5.51 -22.46 57.34
CA HIS D 275 4.05 -22.58 57.23
C HIS D 275 3.58 -22.07 55.87
N THR D 276 2.92 -22.94 55.11
CA THR D 276 2.53 -22.62 53.75
C THR D 276 1.42 -21.57 53.67
N GLY D 277 0.70 -21.33 54.77
CA GLY D 277 -0.30 -20.27 54.80
C GLY D 277 -1.72 -20.82 54.88
N CYS D 278 -2.67 -19.88 54.87
CA CYS D 278 -4.08 -20.25 54.96
C CYS D 278 -4.63 -20.76 53.63
N ILE D 279 -4.22 -20.15 52.52
CA ILE D 279 -4.84 -20.46 51.22
C ILE D 279 -4.76 -21.94 50.85
N PRO D 280 -3.62 -22.63 51.02
CA PRO D 280 -3.63 -24.08 50.71
C PRO D 280 -4.61 -24.87 51.55
N PHE D 281 -4.99 -24.37 52.72
CA PHE D 281 -6.03 -25.03 53.51
C PHE D 281 -7.42 -24.60 53.08
N TYR D 282 -7.59 -23.33 52.67
CA TYR D 282 -8.86 -22.90 52.12
C TYR D 282 -9.22 -23.70 50.87
N LYS D 283 -8.22 -23.96 50.02
CA LYS D 283 -8.45 -24.81 48.86
C LYS D 283 -8.93 -26.20 49.28
N HIS D 284 -8.42 -26.70 50.42
CA HIS D 284 -8.85 -27.99 50.92
C HIS D 284 -10.29 -27.94 51.44
N PHE D 285 -10.66 -26.85 52.09
CA PHE D 285 -12.03 -26.69 52.55
C PHE D 285 -13.00 -26.58 51.37
N GLN D 286 -12.56 -25.99 50.27
CA GLN D 286 -13.45 -25.83 49.12
C GLN D 286 -13.79 -27.17 48.51
N THR D 287 -12.78 -28.02 48.30
CA THR D 287 -13.05 -29.33 47.71
C THR D 287 -13.94 -30.18 48.63
N ALA D 288 -13.87 -29.95 49.93
CA ALA D 288 -14.78 -30.63 50.84
C ALA D 288 -16.22 -30.18 50.60
N VAL D 289 -16.41 -28.89 50.33
CA VAL D 289 -17.75 -28.36 50.11
C VAL D 289 -18.31 -28.82 48.77
N LYS D 290 -17.47 -28.81 47.73
CA LYS D 290 -17.91 -29.15 46.38
C LYS D 290 -17.71 -30.63 46.05
N SER D 291 -17.51 -31.49 47.04
CA SER D 291 -17.13 -32.87 46.75
C SER D 291 -18.30 -33.73 46.29
N CYS D 292 -19.52 -33.49 46.80
CA CYS D 292 -20.53 -34.52 46.69
C CYS D 292 -21.98 -34.02 46.66
N SER D 293 -22.22 -32.76 47.04
CA SER D 293 -23.58 -32.30 47.25
C SER D 293 -24.26 -31.76 46.00
N GLN D 294 -23.56 -31.73 44.86
CA GLN D 294 -24.17 -31.26 43.62
C GLN D 294 -25.22 -32.24 43.10
N GLY D 295 -25.24 -33.48 43.60
CA GLY D 295 -26.26 -34.43 43.19
C GLY D 295 -27.54 -34.35 43.98
N GLY D 296 -27.50 -33.80 45.19
CA GLY D 296 -28.68 -33.66 46.03
C GLY D 296 -29.59 -32.53 45.62
N VAL D 297 -30.36 -32.05 46.59
CA VAL D 297 -31.33 -30.97 46.36
C VAL D 297 -30.63 -29.73 45.82
N ARG D 298 -29.53 -29.33 46.48
CA ARG D 298 -28.76 -28.15 46.11
C ARG D 298 -27.29 -28.47 46.34
N GLY D 299 -26.44 -27.79 45.58
CA GLY D 299 -25.01 -27.98 45.74
C GLY D 299 -24.51 -27.50 47.09
N GLY D 300 -23.32 -27.96 47.46
CA GLY D 300 -22.71 -27.50 48.69
C GLY D 300 -22.16 -26.09 48.54
N ALA D 301 -22.42 -25.27 49.56
CA ALA D 301 -21.93 -23.91 49.61
C ALA D 301 -21.47 -23.61 51.03
N ALA D 302 -20.42 -22.81 51.14
CA ALA D 302 -19.88 -22.43 52.44
C ALA D 302 -19.39 -21.00 52.37
N THR D 303 -19.42 -20.33 53.52
CA THR D 303 -18.83 -19.02 53.70
C THR D 303 -17.76 -19.11 54.78
N LEU D 304 -16.57 -18.63 54.47
CA LEU D 304 -15.44 -18.70 55.37
C LEU D 304 -15.19 -17.34 56.03
N PHE D 305 -14.84 -17.37 57.31
CA PHE D 305 -14.68 -16.16 58.10
C PHE D 305 -13.24 -16.05 58.59
N TYR D 306 -12.73 -14.82 58.62
CA TYR D 306 -11.41 -14.52 59.14
C TYR D 306 -11.45 -13.09 59.67
N PRO D 307 -10.64 -12.77 60.68
CA PRO D 307 -10.62 -11.39 61.18
C PRO D 307 -9.97 -10.44 60.18
N MET D 308 -10.42 -9.18 60.22
CA MET D 308 -9.88 -8.18 59.30
C MET D 308 -8.40 -7.94 59.54
N TRP D 309 -7.94 -8.14 60.77
CA TRP D 309 -6.55 -7.87 61.11
C TRP D 309 -5.65 -9.08 60.90
N HIS D 310 -6.14 -10.15 60.28
CA HIS D 310 -5.27 -11.28 59.98
C HIS D 310 -4.16 -10.84 59.03
N LEU D 311 -3.00 -11.48 59.17
CA LEU D 311 -1.83 -11.05 58.40
C LEU D 311 -2.02 -11.28 56.90
N GLU D 312 -2.75 -12.32 56.52
CA GLU D 312 -2.99 -12.61 55.12
C GLU D 312 -4.23 -11.92 54.56
N VAL D 313 -4.80 -10.95 55.29
CA VAL D 313 -6.11 -10.42 54.93
C VAL D 313 -6.10 -9.81 53.54
N GLU D 314 -4.97 -9.26 53.09
CA GLU D 314 -4.92 -8.68 51.75
C GLU D 314 -4.94 -9.75 50.68
N SER D 315 -4.43 -10.95 50.99
CA SER D 315 -4.51 -12.07 50.06
C SER D 315 -5.85 -12.78 50.10
N LEU D 316 -6.58 -12.67 51.22
CA LEU D 316 -7.85 -13.36 51.40
C LEU D 316 -9.02 -12.58 50.81
N LEU D 317 -8.94 -11.24 50.81
CA LEU D 317 -10.03 -10.44 50.27
C LEU D 317 -10.20 -10.64 48.77
N VAL D 318 -9.14 -11.06 48.08
CA VAL D 318 -9.15 -11.16 46.62
C VAL D 318 -9.32 -12.60 46.14
N LEU D 319 -9.72 -13.52 47.03
CA LEU D 319 -9.74 -14.93 46.66
C LEU D 319 -10.76 -15.25 45.59
N LYS D 320 -11.74 -14.37 45.34
CA LYS D 320 -12.78 -14.66 44.36
C LYS D 320 -12.59 -13.98 43.01
N ASN D 321 -11.82 -12.89 42.94
CA ASN D 321 -11.60 -12.19 41.67
C ASN D 321 -10.87 -13.08 40.66
N ASN D 322 -11.28 -12.98 39.39
CA ASN D 322 -10.73 -13.88 38.38
C ASN D 322 -9.31 -13.54 37.97
N ARG D 323 -8.79 -12.39 38.40
CA ARG D 323 -7.40 -12.07 38.12
C ARG D 323 -6.47 -12.90 39.00
N GLY D 324 -5.20 -12.95 38.63
CA GLY D 324 -4.23 -13.73 39.34
C GLY D 324 -4.29 -15.20 38.98
N VAL D 325 -3.29 -15.94 39.47
CA VAL D 325 -3.14 -17.36 39.15
C VAL D 325 -4.02 -18.20 40.05
N GLU D 326 -4.21 -19.46 39.68
CA GLU D 326 -5.08 -20.35 40.46
C GLU D 326 -4.51 -20.64 41.84
N GLY D 327 -3.19 -20.48 42.02
CA GLY D 327 -2.59 -20.77 43.30
C GLY D 327 -3.04 -19.83 44.40
N ASN D 328 -3.45 -18.62 44.04
CA ASN D 328 -3.88 -17.63 45.01
C ASN D 328 -5.35 -17.28 44.85
N ARG D 329 -6.14 -18.21 44.34
CA ARG D 329 -7.57 -17.98 44.17
C ARG D 329 -8.34 -19.18 44.70
N VAL D 330 -9.32 -18.92 45.56
CA VAL D 330 -10.26 -19.92 46.02
C VAL D 330 -11.65 -19.35 45.73
N ARG D 331 -12.10 -19.50 44.49
CA ARG D 331 -13.21 -18.69 44.00
C ARG D 331 -14.56 -19.21 44.46
N HIS D 332 -14.71 -20.52 44.63
CA HIS D 332 -16.01 -21.15 44.79
C HIS D 332 -16.46 -21.21 46.23
N MET D 333 -15.98 -20.31 47.08
CA MET D 333 -16.51 -20.12 48.41
C MET D 333 -16.71 -18.64 48.66
N ASP D 334 -17.62 -18.32 49.57
CA ASP D 334 -17.83 -16.94 49.98
C ASP D 334 -17.05 -16.65 51.25
N TYR D 335 -16.88 -15.37 51.55
CA TYR D 335 -16.05 -14.98 52.68
C TYR D 335 -16.72 -13.88 53.49
N GLY D 336 -16.57 -13.97 54.80
CA GLY D 336 -17.05 -12.95 55.70
C GLY D 336 -15.92 -12.32 56.49
N VAL D 337 -15.75 -11.01 56.35
CA VAL D 337 -14.70 -10.27 57.06
C VAL D 337 -15.26 -9.81 58.40
N GLN D 338 -14.50 -10.06 59.47
CA GLN D 338 -14.92 -9.76 60.83
C GLN D 338 -14.29 -8.43 61.27
N ILE D 339 -15.14 -7.50 61.67
CA ILE D 339 -14.74 -6.13 61.98
C ILE D 339 -15.34 -5.76 63.33
N ASN D 340 -14.65 -4.90 64.07
CA ASN D 340 -15.17 -4.38 65.32
C ASN D 340 -15.02 -2.86 65.32
N LYS D 341 -15.42 -2.23 66.43
CA LYS D 341 -15.43 -0.77 66.53
C LYS D 341 -14.05 -0.18 66.30
N LEU D 342 -13.01 -0.82 66.83
CA LEU D 342 -11.66 -0.29 66.70
C LEU D 342 -11.23 -0.19 65.24
N MET D 343 -11.59 -1.18 64.43
CA MET D 343 -11.23 -1.17 63.02
C MET D 343 -11.87 0.01 62.30
N TYR D 344 -13.16 0.23 62.54
CA TYR D 344 -13.84 1.37 61.94
C TYR D 344 -13.23 2.69 62.42
N THR D 345 -12.79 2.72 63.68
CA THR D 345 -12.17 3.94 64.21
C THR D 345 -10.90 4.30 63.46
N ARG D 346 -10.06 3.30 63.16
CA ARG D 346 -8.85 3.58 62.39
C ARG D 346 -9.15 4.14 61.02
N LEU D 347 -10.30 3.76 60.43
CA LEU D 347 -10.70 4.31 59.14
C LEU D 347 -11.15 5.76 59.27
N LEU D 348 -12.00 6.05 60.27
CA LEU D 348 -12.51 7.41 60.44
C LEU D 348 -11.39 8.37 60.77
N LYS D 349 -10.45 7.96 61.61
CA LYS D 349 -9.32 8.80 61.97
C LYS D 349 -8.26 8.86 60.88
N GLY D 350 -8.39 8.03 59.84
CA GLY D 350 -7.40 8.02 58.78
C GLY D 350 -6.07 7.46 59.22
N GLU D 351 -6.06 6.62 60.24
CA GLU D 351 -4.83 6.04 60.78
C GLU D 351 -4.56 4.71 60.07
N ASP D 352 -3.71 3.89 60.65
CA ASP D 352 -3.34 2.61 60.07
C ASP D 352 -4.04 1.47 60.79
N ILE D 353 -3.97 0.28 60.20
CA ILE D 353 -4.42 -0.95 60.84
C ILE D 353 -3.27 -1.94 60.81
N THR D 354 -2.92 -2.47 61.97
CA THR D 354 -1.81 -3.42 62.08
C THR D 354 -2.34 -4.84 61.93
N LEU D 355 -1.66 -5.63 61.11
CA LEU D 355 -2.04 -7.00 60.83
C LEU D 355 -1.13 -7.94 61.60
N PHE D 356 -1.73 -8.91 62.28
CA PHE D 356 -0.99 -9.89 63.05
C PHE D 356 -1.39 -11.29 62.63
N SER D 357 -0.49 -12.23 62.83
CA SER D 357 -0.91 -13.63 62.82
C SER D 357 -1.48 -13.99 64.18
N PRO D 358 -2.66 -14.60 64.25
CA PRO D 358 -3.25 -14.93 65.56
C PRO D 358 -2.37 -15.83 66.41
N SER D 359 -1.32 -16.42 65.83
CA SER D 359 -0.40 -17.25 66.59
C SER D 359 0.69 -16.43 67.29
N ASP D 360 0.85 -15.16 66.92
CA ASP D 360 1.89 -14.30 67.47
C ASP D 360 1.33 -13.26 68.43
N VAL D 361 0.04 -13.34 68.77
CA VAL D 361 -0.61 -12.34 69.61
C VAL D 361 -1.48 -13.07 70.63
N PRO D 362 -0.91 -13.48 71.77
CA PRO D 362 -1.66 -14.31 72.72
C PRO D 362 -2.90 -13.60 73.26
N GLY D 363 -4.04 -14.29 73.18
CA GLY D 363 -5.29 -13.80 73.72
C GLY D 363 -6.00 -12.75 72.90
N LEU D 364 -5.40 -12.30 71.79
CA LEU D 364 -6.02 -11.24 70.99
C LEU D 364 -7.24 -11.76 70.24
N TYR D 365 -7.18 -13.01 69.77
CA TYR D 365 -8.29 -13.55 69.00
C TYR D 365 -9.54 -13.68 69.86
N ASP D 366 -9.39 -14.25 71.06
CA ASP D 366 -10.55 -14.42 71.92
C ASP D 366 -11.11 -13.07 72.38
N ALA D 367 -10.22 -12.11 72.65
CA ALA D 367 -10.67 -10.78 73.04
C ALA D 367 -11.39 -10.07 71.90
N PHE D 368 -11.02 -10.40 70.65
CA PHE D 368 -11.63 -9.76 69.49
C PHE D 368 -13.14 -9.97 69.46
N PHE D 369 -13.65 -11.02 70.09
CA PHE D 369 -15.08 -11.30 70.16
C PHE D 369 -15.66 -11.02 71.53
N ALA D 370 -15.06 -11.55 72.60
CA ALA D 370 -15.70 -11.54 73.91
C ALA D 370 -15.52 -10.22 74.65
N ASP D 371 -14.32 -9.66 74.62
CA ASP D 371 -13.96 -8.52 75.48
C ASP D 371 -13.41 -7.40 74.61
N GLN D 372 -14.25 -6.41 74.29
CA GLN D 372 -13.79 -5.32 73.43
C GLN D 372 -12.76 -4.45 74.13
N GLU D 373 -12.85 -4.30 75.44
CA GLU D 373 -11.85 -3.51 76.17
C GLU D 373 -10.51 -4.23 76.19
N GLU D 374 -10.52 -5.53 76.52
CA GLU D 374 -9.28 -6.30 76.53
C GLU D 374 -8.61 -6.35 75.16
N PHE D 375 -9.42 -6.32 74.09
CA PHE D 375 -8.83 -6.33 72.75
C PHE D 375 -8.05 -5.05 72.48
N GLU D 376 -8.67 -3.89 72.71
CA GLU D 376 -7.97 -2.63 72.50
C GLU D 376 -6.70 -2.54 73.34
N ARG D 377 -6.73 -3.11 74.55
CA ARG D 377 -5.52 -3.15 75.37
C ARG D 377 -4.43 -3.96 74.68
N LEU D 378 -4.74 -5.22 74.38
CA LEU D 378 -3.76 -6.11 73.76
C LEU D 378 -3.34 -5.62 72.38
N TYR D 379 -4.27 -5.07 71.61
CA TYR D 379 -3.96 -4.62 70.26
C TYR D 379 -2.94 -3.49 70.29
N THR D 380 -3.23 -2.42 71.03
CA THR D 380 -2.29 -1.30 71.12
C THR D 380 -0.97 -1.72 71.76
N LYS D 381 -1.02 -2.70 72.67
CA LYS D 381 0.22 -3.21 73.27
C LYS D 381 1.07 -3.91 72.24
N TYR D 382 0.48 -4.89 71.54
CA TYR D 382 1.21 -5.66 70.55
C TYR D 382 1.62 -4.80 69.35
N GLU D 383 0.92 -3.71 69.08
CA GLU D 383 1.32 -2.80 68.01
C GLU D 383 2.66 -2.14 68.30
N LYS D 384 2.96 -1.94 69.58
CA LYS D 384 4.21 -1.29 69.99
C LYS D 384 5.33 -2.29 70.22
N ASP D 385 5.00 -3.54 70.52
CA ASP D 385 6.02 -4.58 70.66
C ASP D 385 6.72 -4.80 69.33
N ASP D 386 8.04 -4.69 69.35
CA ASP D 386 8.82 -4.84 68.11
C ASP D 386 9.24 -6.29 67.87
N SER D 387 9.09 -7.17 68.85
CA SER D 387 9.39 -8.58 68.65
C SER D 387 8.28 -9.32 67.92
N ILE D 388 7.08 -8.77 67.90
CA ILE D 388 5.92 -9.43 67.27
C ILE D 388 5.90 -9.11 65.79
N ARG D 389 5.76 -10.14 64.96
CA ARG D 389 5.64 -9.93 63.53
C ARG D 389 4.32 -9.25 63.22
N LYS D 390 4.39 -8.12 62.52
CA LYS D 390 3.21 -7.32 62.22
C LYS D 390 3.34 -6.75 60.82
N GLN D 391 2.28 -6.07 60.38
CA GLN D 391 2.27 -5.42 59.08
C GLN D 391 1.20 -4.34 59.13
N ARG D 392 1.60 -3.09 58.96
CA ARG D 392 0.66 -1.97 59.01
C ARG D 392 0.15 -1.66 57.61
N VAL D 393 -1.15 -1.39 57.51
CA VAL D 393 -1.79 -0.98 56.27
C VAL D 393 -2.67 0.22 56.56
N LYS D 394 -2.74 1.15 55.61
CA LYS D 394 -3.66 2.27 55.73
C LYS D 394 -5.09 1.75 55.80
N ALA D 395 -5.81 2.12 56.87
CA ALA D 395 -7.19 1.67 57.03
C ALA D 395 -8.04 2.05 55.83
N VAL D 396 -7.78 3.19 55.22
CA VAL D 396 -8.50 3.58 54.01
C VAL D 396 -8.27 2.56 52.90
N GLU D 397 -7.01 2.13 52.74
CA GLU D 397 -6.70 1.19 51.66
C GLU D 397 -7.26 -0.19 51.94
N LEU D 398 -7.16 -0.66 53.20
CA LEU D 398 -7.67 -2.00 53.52
C LEU D 398 -9.18 -2.06 53.32
N PHE D 399 -9.89 -1.05 53.83
CA PHE D 399 -11.34 -1.00 53.62
C PHE D 399 -11.71 -0.85 52.15
N SER D 400 -10.91 -0.08 51.40
CA SER D 400 -11.21 0.10 49.97
C SER D 400 -11.07 -1.21 49.21
N LEU D 401 -10.05 -2.00 49.55
CA LEU D 401 -9.89 -3.30 48.91
C LEU D 401 -11.08 -4.21 49.22
N MET D 402 -11.48 -4.27 50.49
CA MET D 402 -12.58 -5.13 50.89
C MET D 402 -13.87 -4.76 50.17
N MET D 403 -14.24 -3.47 50.23
CA MET D 403 -15.48 -3.03 49.60
C MET D 403 -15.42 -3.16 48.08
N GLN D 404 -14.22 -3.05 47.49
CA GLN D 404 -14.06 -3.24 46.07
C GLN D 404 -14.27 -4.70 45.68
N GLU D 405 -13.72 -5.63 46.47
CA GLU D 405 -13.95 -7.04 46.21
C GLU D 405 -15.37 -7.45 46.58
N ARG D 406 -15.97 -6.78 47.55
CA ARG D 406 -17.37 -7.02 47.84
C ARG D 406 -18.27 -6.57 46.69
N ALA D 407 -17.89 -5.47 46.03
CA ALA D 407 -18.75 -4.92 44.99
C ALA D 407 -18.70 -5.75 43.71
N SER D 408 -17.52 -6.23 43.32
CA SER D 408 -17.38 -6.92 42.04
C SER D 408 -17.92 -8.35 42.10
N THR D 409 -17.72 -9.04 43.21
CA THR D 409 -18.20 -10.40 43.36
C THR D 409 -19.59 -10.48 43.98
N GLY D 410 -19.92 -9.52 44.85
CA GLY D 410 -21.17 -9.56 45.57
C GLY D 410 -21.18 -10.52 46.74
N ARG D 411 -20.07 -11.22 47.01
CA ARG D 411 -20.07 -12.28 48.01
C ARG D 411 -18.96 -12.12 49.04
N ILE D 412 -18.47 -10.90 49.28
CA ILE D 412 -17.56 -10.63 50.39
C ILE D 412 -18.39 -9.97 51.48
N TYR D 413 -18.62 -10.71 52.56
CA TYR D 413 -19.57 -10.31 53.58
C TYR D 413 -18.86 -9.71 54.80
N ILE D 414 -19.65 -9.04 55.64
CA ILE D 414 -19.17 -8.33 56.82
C ILE D 414 -19.90 -8.87 58.04
N GLN D 415 -19.16 -9.10 59.13
CA GLN D 415 -19.73 -9.48 60.42
C GLN D 415 -19.13 -8.58 61.49
N ASN D 416 -19.94 -7.71 62.07
CA ASN D 416 -19.51 -6.85 63.18
C ASN D 416 -19.53 -7.69 64.45
N VAL D 417 -18.36 -8.21 64.83
CA VAL D 417 -18.29 -9.20 65.91
C VAL D 417 -18.62 -8.60 67.26
N ASP D 418 -18.38 -7.29 67.46
CA ASP D 418 -18.70 -6.70 68.75
C ASP D 418 -20.21 -6.63 68.96
N HIS D 419 -20.96 -6.25 67.93
CA HIS D 419 -22.41 -6.25 68.04
C HIS D 419 -22.95 -7.67 68.27
N CYS D 420 -22.31 -8.67 67.67
CA CYS D 420 -22.76 -10.05 67.82
C CYS D 420 -22.57 -10.60 69.22
N ASN D 421 -21.88 -9.87 70.10
CA ASN D 421 -21.63 -10.32 71.46
C ASN D 421 -22.12 -9.36 72.53
N THR D 422 -22.14 -8.06 72.24
CA THR D 422 -22.72 -7.10 73.17
C THR D 422 -24.24 -7.15 73.15
N HIS D 423 -24.84 -7.59 72.04
CA HIS D 423 -26.28 -7.69 71.89
C HIS D 423 -26.63 -9.09 71.35
N SER D 424 -26.43 -10.11 72.18
CA SER D 424 -26.66 -11.49 71.79
C SER D 424 -27.33 -12.22 72.94
N PRO D 425 -27.95 -13.37 72.67
CA PRO D 425 -28.49 -14.19 73.76
C PRO D 425 -27.43 -15.04 74.46
N PHE D 426 -26.15 -14.69 74.30
CA PHE D 426 -25.08 -15.49 74.88
C PHE D 426 -24.12 -14.61 75.67
N ASP D 427 -23.60 -15.19 76.76
CA ASP D 427 -22.60 -14.54 77.58
C ASP D 427 -21.26 -14.64 76.86
N PRO D 428 -20.67 -13.53 76.42
CA PRO D 428 -19.40 -13.61 75.68
C PRO D 428 -18.29 -14.28 76.46
N ALA D 429 -18.32 -14.19 77.79
CA ALA D 429 -17.31 -14.84 78.62
C ALA D 429 -17.46 -16.36 78.59
N ILE D 430 -18.69 -16.84 78.50
CA ILE D 430 -18.97 -18.27 78.60
C ILE D 430 -19.18 -18.92 77.24
N ALA D 431 -19.87 -18.24 76.32
CA ALA D 431 -20.18 -18.82 75.01
C ALA D 431 -20.23 -17.71 73.97
N PRO D 432 -19.07 -17.19 73.56
CA PRO D 432 -19.04 -16.09 72.60
C PRO D 432 -19.41 -16.56 71.21
N VAL D 433 -19.92 -15.62 70.42
CA VAL D 433 -20.17 -15.84 69.00
C VAL D 433 -18.93 -15.40 68.23
N ARG D 434 -18.30 -16.33 67.52
CA ARG D 434 -17.04 -16.06 66.85
C ARG D 434 -17.14 -16.13 65.33
N GLN D 435 -18.32 -16.35 64.78
CA GLN D 435 -18.46 -16.51 63.34
C GLN D 435 -19.93 -16.33 62.97
N SER D 436 -20.25 -16.62 61.71
CA SER D 436 -21.63 -16.62 61.24
C SER D 436 -21.75 -17.79 60.27
N ASN D 437 -22.78 -17.77 59.41
CA ASN D 437 -23.02 -18.92 58.53
C ASN D 437 -22.93 -18.54 57.06
N LEU D 438 -23.57 -19.35 56.20
CA LEU D 438 -23.46 -19.15 54.76
C LEU D 438 -24.11 -17.83 54.33
N CYS D 439 -25.23 -17.47 54.94
CA CYS D 439 -26.00 -16.31 54.52
C CYS D 439 -26.02 -15.21 55.58
N LEU D 440 -25.20 -15.35 56.61
CA LEU D 440 -24.92 -14.27 57.56
C LEU D 440 -26.15 -13.90 58.40
N GLU D 441 -27.03 -14.88 58.66
CA GLU D 441 -28.16 -14.68 59.56
C GLU D 441 -28.08 -15.50 60.83
N ILE D 442 -27.08 -16.37 60.97
CA ILE D 442 -26.94 -17.24 62.13
C ILE D 442 -25.74 -16.79 62.95
N ALA D 443 -25.92 -16.73 64.27
CA ALA D 443 -24.85 -16.36 65.20
C ALA D 443 -24.99 -17.24 66.43
N LEU D 444 -24.17 -18.27 66.52
CA LEU D 444 -24.27 -19.28 67.56
C LEU D 444 -22.86 -19.61 68.04
N PRO D 445 -22.73 -20.12 69.27
CA PRO D 445 -21.40 -20.44 69.79
C PRO D 445 -20.82 -21.68 69.11
N THR D 446 -19.48 -21.73 69.08
CA THR D 446 -18.73 -22.84 68.50
C THR D 446 -17.43 -23.03 69.28
N LYS D 447 -16.94 -24.26 69.28
CA LYS D 447 -15.63 -24.61 69.84
C LYS D 447 -14.97 -25.62 68.89
N PRO D 448 -13.71 -25.40 68.51
CA PRO D 448 -13.07 -26.26 67.51
C PRO D 448 -12.95 -27.71 67.94
N LEU D 449 -12.72 -28.58 66.95
CA LEU D 449 -12.65 -30.02 67.15
C LEU D 449 -11.22 -30.53 67.02
N ASN D 450 -10.93 -31.61 67.75
CA ASN D 450 -9.64 -32.30 67.62
C ASN D 450 -9.75 -33.61 66.85
N ASP D 451 -10.95 -34.13 66.66
CA ASP D 451 -11.20 -35.31 65.85
C ASP D 451 -12.61 -35.19 65.28
N VAL D 452 -12.91 -36.03 64.28
CA VAL D 452 -14.26 -36.05 63.72
C VAL D 452 -15.28 -36.38 64.81
N ASN D 453 -14.90 -37.22 65.78
CA ASN D 453 -15.79 -37.61 66.86
C ASN D 453 -15.37 -36.99 68.19
N ASP D 454 -14.64 -35.89 68.16
CA ASP D 454 -14.24 -35.21 69.39
C ASP D 454 -15.48 -34.79 70.17
N GLU D 455 -15.63 -35.34 71.38
CA GLU D 455 -16.80 -35.04 72.20
C GLU D 455 -16.77 -33.61 72.73
N ASN D 456 -15.59 -33.02 72.85
CA ASN D 456 -15.41 -31.71 73.49
C ASN D 456 -15.56 -30.54 72.53
N GLY D 457 -15.62 -30.76 71.23
CA GLY D 457 -15.89 -29.69 70.30
C GLY D 457 -17.37 -29.42 70.19
N GLU D 458 -17.70 -28.24 69.66
CA GLU D 458 -19.09 -27.86 69.43
C GLU D 458 -19.26 -27.34 68.03
N ILE D 459 -20.15 -27.97 67.26
CA ILE D 459 -20.57 -27.50 65.95
C ILE D 459 -21.98 -26.94 66.12
N ALA D 460 -22.17 -25.68 65.72
CA ALA D 460 -23.45 -25.02 65.91
C ALA D 460 -24.41 -25.40 64.78
N LEU D 461 -25.56 -25.97 65.13
CA LEU D 461 -26.64 -26.24 64.21
C LEU D 461 -27.78 -25.26 64.45
N CYS D 462 -28.52 -24.96 63.39
CA CYS D 462 -29.70 -24.12 63.52
C CYS D 462 -30.78 -24.62 62.55
N THR D 463 -31.99 -24.79 63.08
CA THR D 463 -33.13 -25.23 62.30
C THR D 463 -34.06 -24.04 62.07
N LEU D 464 -34.62 -23.95 60.87
CA LEU D 464 -35.29 -22.74 60.43
C LEU D 464 -36.77 -22.95 60.17
N SER D 465 -37.48 -21.82 60.05
CA SER D 465 -38.89 -21.69 59.66
C SER D 465 -39.17 -20.18 59.62
N ALA D 466 -40.33 -19.81 59.07
CA ALA D 466 -40.64 -18.41 58.87
C ALA D 466 -42.11 -18.13 59.08
N PHE D 467 -42.41 -16.92 59.56
CA PHE D 467 -43.77 -16.41 59.67
C PHE D 467 -44.11 -15.62 58.40
N ASN D 468 -45.23 -15.96 57.78
CA ASN D 468 -45.70 -15.24 56.61
C ASN D 468 -46.40 -13.97 57.06
N LEU D 469 -45.70 -12.83 56.96
CA LEU D 469 -46.29 -11.57 57.42
C LEU D 469 -47.48 -11.14 56.56
N GLY D 470 -47.59 -11.63 55.33
CA GLY D 470 -48.75 -11.29 54.55
C GLY D 470 -49.99 -12.10 54.86
N ALA D 471 -49.83 -13.21 55.57
CA ALA D 471 -50.93 -14.11 55.87
C ALA D 471 -51.59 -13.82 57.22
N ILE D 472 -50.98 -12.98 58.03
CA ILE D 472 -51.56 -12.63 59.32
C ILE D 472 -52.37 -11.36 59.15
N ASN D 473 -53.50 -11.28 59.85
CA ASN D 473 -54.36 -10.11 59.85
C ASN D 473 -54.27 -9.32 61.14
N ASN D 474 -53.61 -9.87 62.16
CA ASN D 474 -53.41 -9.19 63.43
C ASN D 474 -52.18 -9.79 64.09
N LEU D 475 -51.37 -8.94 64.72
CA LEU D 475 -50.12 -9.39 65.30
C LEU D 475 -50.32 -10.43 66.40
N ASP D 476 -51.49 -10.45 67.05
CA ASP D 476 -51.69 -11.44 68.10
C ASP D 476 -51.88 -12.84 67.55
N GLU D 477 -52.09 -12.97 66.24
CA GLU D 477 -52.09 -14.30 65.62
C GLU D 477 -50.73 -14.97 65.75
N LEU D 478 -49.68 -14.19 65.98
CA LEU D 478 -48.34 -14.76 66.14
C LEU D 478 -48.20 -15.59 67.41
N GLU D 479 -49.04 -15.36 68.42
CA GLU D 479 -48.97 -16.16 69.64
C GLU D 479 -49.21 -17.62 69.32
N GLU D 480 -50.32 -17.91 68.65
CA GLU D 480 -50.62 -19.28 68.24
C GLU D 480 -49.63 -19.79 67.19
N LEU D 481 -49.17 -18.91 66.29
CA LEU D 481 -48.25 -19.33 65.25
C LEU D 481 -46.87 -19.63 65.82
N ALA D 482 -46.43 -18.87 66.83
CA ALA D 482 -45.13 -19.13 67.45
C ALA D 482 -45.15 -20.44 68.23
N ILE D 483 -46.25 -20.73 68.92
CA ILE D 483 -46.37 -22.01 69.63
C ILE D 483 -46.21 -23.17 68.66
N LEU D 484 -46.90 -23.10 67.53
CA LEU D 484 -46.86 -24.20 66.57
C LEU D 484 -45.47 -24.35 65.95
N ALA D 485 -44.82 -23.22 65.61
CA ALA D 485 -43.53 -23.28 64.95
C ALA D 485 -42.43 -23.73 65.90
N VAL D 486 -42.39 -23.16 67.11
CA VAL D 486 -41.36 -23.53 68.06
C VAL D 486 -41.49 -24.98 68.47
N ARG D 487 -42.72 -25.44 68.73
CA ARG D 487 -42.93 -26.82 69.13
C ARG D 487 -42.52 -27.80 68.03
N ALA D 488 -42.82 -27.46 66.78
CA ALA D 488 -42.50 -28.36 65.67
C ALA D 488 -40.99 -28.45 65.44
N LEU D 489 -40.29 -27.32 65.55
CA LEU D 489 -38.85 -27.34 65.33
C LEU D 489 -38.11 -27.95 66.51
N ASP D 490 -38.55 -27.70 67.73
CA ASP D 490 -37.87 -28.26 68.89
C ASP D 490 -38.00 -29.78 68.90
N ALA D 491 -39.16 -30.30 68.51
CA ALA D 491 -39.30 -31.74 68.37
C ALA D 491 -38.42 -32.27 67.25
N LEU D 492 -38.18 -31.46 66.22
CA LEU D 492 -37.32 -31.88 65.13
C LEU D 492 -35.90 -32.14 65.60
N LEU D 493 -35.43 -31.39 66.60
CA LEU D 493 -34.06 -31.58 67.07
C LEU D 493 -33.86 -32.97 67.65
N ASP D 494 -34.86 -33.49 68.37
CA ASP D 494 -34.78 -34.84 68.91
C ASP D 494 -35.09 -35.90 67.86
N TYR D 495 -35.81 -35.52 66.79
CA TYR D 495 -36.24 -36.48 65.78
C TYR D 495 -35.15 -36.81 64.77
N GLN D 496 -34.29 -35.84 64.44
CA GLN D 496 -33.30 -36.03 63.39
C GLN D 496 -32.04 -36.69 63.94
N ASP D 497 -31.16 -37.07 63.02
CA ASP D 497 -29.90 -37.69 63.34
C ASP D 497 -28.75 -36.71 63.17
N TYR D 498 -27.58 -37.13 63.63
CA TYR D 498 -26.42 -36.25 63.61
C TYR D 498 -25.18 -37.02 63.19
N PRO D 499 -24.63 -36.77 62.00
CA PRO D 499 -23.45 -37.53 61.56
C PRO D 499 -22.19 -37.19 62.33
N ILE D 500 -22.12 -36.01 62.94
CA ILE D 500 -20.93 -35.55 63.65
C ILE D 500 -21.30 -35.37 65.12
N PRO D 501 -20.67 -36.12 66.04
CA PRO D 501 -21.02 -35.98 67.47
C PRO D 501 -20.96 -34.56 68.00
N ALA D 502 -19.98 -33.76 67.59
CA ALA D 502 -19.87 -32.40 68.09
C ALA D 502 -21.06 -31.55 67.69
N ALA D 503 -21.71 -31.88 66.57
CA ALA D 503 -22.88 -31.13 66.14
C ALA D 503 -24.10 -31.46 66.99
N LYS D 504 -24.32 -32.76 67.26
CA LYS D 504 -25.38 -33.15 68.18
C LYS D 504 -25.14 -32.56 69.56
N ARG D 505 -23.87 -32.43 69.95
CA ARG D 505 -23.54 -31.88 71.26
C ARG D 505 -24.09 -30.47 71.42
N GLY D 506 -23.91 -29.63 70.41
CA GLY D 506 -24.44 -28.27 70.47
C GLY D 506 -25.94 -28.21 70.27
N ALA D 507 -26.47 -29.00 69.32
CA ALA D 507 -27.90 -28.95 69.03
C ALA D 507 -28.73 -29.36 70.25
N MET D 508 -28.29 -30.41 70.94
CA MET D 508 -29.02 -30.86 72.12
C MET D 508 -28.76 -29.98 73.32
N GLY D 509 -27.59 -29.34 73.39
CA GLY D 509 -27.25 -28.52 74.53
C GLY D 509 -27.91 -27.16 74.52
N ARG D 510 -27.99 -26.54 73.35
CA ARG D 510 -28.56 -25.20 73.23
C ARG D 510 -29.93 -25.17 72.59
N ARG D 511 -30.25 -26.14 71.72
CA ARG D 511 -31.53 -26.23 71.03
C ARG D 511 -31.86 -24.92 70.31
N THR D 512 -30.88 -24.41 69.57
CA THR D 512 -31.02 -23.12 68.91
C THR D 512 -31.93 -23.21 67.69
N LEU D 513 -32.93 -22.32 67.65
CA LEU D 513 -33.86 -22.21 66.55
C LEU D 513 -33.65 -20.90 65.81
N GLY D 514 -34.05 -20.86 64.55
CA GLY D 514 -33.94 -19.67 63.73
C GLY D 514 -35.19 -19.37 62.92
N ILE D 515 -36.16 -18.71 63.53
CA ILE D 515 -37.43 -18.41 62.89
C ILE D 515 -37.40 -16.98 62.37
N GLY D 516 -37.70 -16.80 61.08
CA GLY D 516 -37.68 -15.51 60.43
C GLY D 516 -39.02 -15.13 59.84
N VAL D 517 -39.04 -14.26 58.84
CA VAL D 517 -40.27 -13.79 58.21
C VAL D 517 -40.12 -13.81 56.69
N ILE D 518 -41.26 -13.91 56.02
CA ILE D 518 -41.36 -13.72 54.58
C ILE D 518 -42.52 -12.78 54.30
N ASN D 519 -42.59 -12.32 53.04
CA ASN D 519 -43.65 -11.39 52.59
C ASN D 519 -43.60 -10.08 53.36
N PHE D 520 -42.39 -9.60 53.68
CA PHE D 520 -42.28 -8.33 54.39
C PHE D 520 -42.58 -7.15 53.48
N ALA D 521 -42.13 -7.22 52.22
CA ALA D 521 -42.42 -6.14 51.28
C ALA D 521 -43.91 -6.04 51.01
N TYR D 522 -44.57 -7.17 50.78
CA TYR D 522 -46.02 -7.19 50.65
C TYR D 522 -46.70 -6.72 51.94
N TYR D 523 -46.10 -7.03 53.09
CA TYR D 523 -46.63 -6.58 54.36
C TYR D 523 -46.61 -5.05 54.46
N LEU D 524 -45.51 -4.44 54.00
CA LEU D 524 -45.44 -2.98 53.98
C LEU D 524 -46.42 -2.39 52.97
N ALA D 525 -46.66 -3.08 51.86
CA ALA D 525 -47.63 -2.59 50.88
C ALA D 525 -49.04 -2.56 51.46
N LYS D 526 -49.41 -3.60 52.22
CA LYS D 526 -50.75 -3.64 52.80
C LYS D 526 -50.95 -2.52 53.82
N HIS D 527 -49.88 -2.06 54.47
CA HIS D 527 -49.98 -0.97 55.42
C HIS D 527 -49.61 0.37 54.80
N GLY D 528 -49.41 0.41 53.48
CA GLY D 528 -49.07 1.65 52.81
C GLY D 528 -47.82 2.32 53.33
N LYS D 529 -46.77 1.55 53.59
CA LYS D 529 -45.49 2.06 54.04
C LYS D 529 -44.44 1.73 52.98
N ARG D 530 -43.24 2.26 53.17
CA ARG D 530 -42.17 2.04 52.19
C ARG D 530 -40.85 1.80 52.91
N TYR D 531 -39.88 1.30 52.15
CA TYR D 531 -38.55 1.04 52.70
C TYR D 531 -37.77 2.35 52.87
N SER D 532 -37.65 3.13 51.80
CA SER D 532 -36.65 4.20 51.76
C SER D 532 -37.05 5.40 52.60
N ASP D 533 -38.32 5.80 52.58
CA ASP D 533 -38.70 7.05 53.23
C ASP D 533 -38.67 6.97 54.75
N GLY D 534 -38.69 5.77 55.33
CA GLY D 534 -38.71 5.64 56.77
C GLY D 534 -40.08 5.64 57.37
N SER D 535 -41.13 5.52 56.57
CA SER D 535 -42.50 5.45 57.07
C SER D 535 -42.81 4.10 57.72
N ALA D 536 -41.94 3.11 57.57
CA ALA D 536 -42.15 1.79 58.16
C ALA D 536 -41.36 1.60 59.45
N ASN D 537 -40.65 2.62 59.91
CA ASN D 537 -39.83 2.49 61.11
C ASN D 537 -40.66 2.06 62.31
N ASN D 538 -41.69 2.84 62.65
CA ASN D 538 -42.51 2.51 63.80
C ASN D 538 -43.29 1.21 63.58
N LEU D 539 -43.76 0.97 62.36
CA LEU D 539 -44.48 -0.27 62.08
C LEU D 539 -43.55 -1.48 62.21
N THR D 540 -42.31 -1.36 61.74
CA THR D 540 -41.36 -2.45 61.88
C THR D 540 -41.06 -2.73 63.34
N HIS D 541 -40.87 -1.67 64.14
CA HIS D 541 -40.62 -1.86 65.56
C HIS D 541 -41.79 -2.57 66.24
N LYS D 542 -43.02 -2.15 65.94
CA LYS D 542 -44.18 -2.80 66.53
C LYS D 542 -44.32 -4.24 66.05
N THR D 543 -43.98 -4.50 64.78
CA THR D 543 -44.14 -5.83 64.22
C THR D 543 -43.14 -6.80 64.83
N PHE D 544 -41.85 -6.43 64.83
CA PHE D 544 -40.83 -7.37 65.27
C PHE D 544 -40.74 -7.49 66.78
N GLU D 545 -41.29 -6.52 67.53
CA GLU D 545 -41.47 -6.75 68.97
C GLU D 545 -42.42 -7.91 69.22
N ALA D 546 -43.55 -7.94 68.50
CA ALA D 546 -44.51 -9.02 68.68
C ALA D 546 -43.91 -10.35 68.24
N ILE D 547 -43.08 -10.35 67.19
CA ILE D 547 -42.47 -11.59 66.72
C ILE D 547 -41.56 -12.17 67.80
N GLN D 548 -40.69 -11.35 68.36
CA GLN D 548 -39.76 -11.87 69.36
C GLN D 548 -40.49 -12.19 70.66
N TYR D 549 -41.47 -11.36 71.05
CA TYR D 549 -42.20 -11.59 72.29
C TYR D 549 -42.94 -12.91 72.25
N TYR D 550 -43.69 -13.16 71.17
CA TYR D 550 -44.45 -14.40 71.10
C TYR D 550 -43.56 -15.61 70.84
N LEU D 551 -42.37 -15.39 70.25
CA LEU D 551 -41.42 -16.49 70.12
C LEU D 551 -40.82 -16.85 71.47
N LEU D 552 -40.37 -15.83 72.22
CA LEU D 552 -39.86 -16.09 73.57
C LEU D 552 -40.92 -16.73 74.45
N LYS D 553 -42.14 -16.17 74.43
CA LYS D 553 -43.22 -16.71 75.24
C LYS D 553 -43.50 -18.17 74.89
N ALA D 554 -43.46 -18.52 73.61
CA ALA D 554 -43.72 -19.90 73.21
C ALA D 554 -42.65 -20.83 73.74
N SER D 555 -41.37 -20.49 73.53
CA SER D 555 -40.29 -21.31 74.05
C SER D 555 -40.23 -21.27 75.57
N ASN D 556 -40.79 -20.21 76.18
CA ASN D 556 -40.86 -20.15 77.63
C ASN D 556 -41.93 -21.10 78.17
N GLU D 557 -43.08 -21.15 77.50
CA GLU D 557 -44.10 -22.11 77.88
C GLU D 557 -43.64 -23.54 77.63
N LEU D 558 -42.91 -23.76 76.53
CA LEU D 558 -42.40 -25.10 76.24
C LEU D 558 -41.34 -25.51 77.25
N ALA D 559 -40.61 -24.54 77.81
CA ALA D 559 -39.64 -24.87 78.84
C ALA D 559 -40.33 -25.36 80.11
N LYS D 560 -41.47 -24.78 80.46
CA LYS D 560 -42.22 -25.27 81.61
C LYS D 560 -42.72 -26.69 81.38
N GLU D 561 -43.06 -27.02 80.14
CA GLU D 561 -43.66 -28.33 79.88
C GLU D 561 -42.60 -29.44 79.86
N GLN D 562 -41.45 -29.21 79.22
CA GLN D 562 -40.46 -30.26 79.04
C GLN D 562 -39.06 -29.88 79.51
N GLY D 563 -38.92 -28.79 80.27
CA GLY D 563 -37.62 -28.37 80.78
C GLY D 563 -36.80 -27.52 79.83
N ALA D 564 -36.08 -26.55 80.38
CA ALA D 564 -35.25 -25.66 79.57
C ALA D 564 -34.11 -26.44 78.91
N CYS D 565 -33.48 -25.81 77.93
CA CYS D 565 -32.38 -26.46 77.23
C CYS D 565 -31.21 -26.66 78.20
N PRO D 566 -30.47 -27.77 78.05
CA PRO D 566 -29.41 -28.09 79.02
C PRO D 566 -28.46 -26.95 79.35
N TRP D 567 -27.95 -26.24 78.36
CA TRP D 567 -26.95 -25.20 78.58
C TRP D 567 -27.58 -23.82 78.69
N PHE D 568 -28.82 -23.74 79.17
CA PHE D 568 -29.50 -22.44 79.24
C PHE D 568 -28.78 -21.47 80.16
N ASN D 569 -28.02 -21.99 81.14
CA ASN D 569 -27.30 -21.11 82.07
C ASN D 569 -26.25 -20.26 81.37
N GLU D 570 -25.80 -20.66 80.17
CA GLU D 570 -24.81 -19.89 79.44
C GLU D 570 -25.42 -18.75 78.63
N THR D 571 -26.75 -18.62 78.62
CA THR D 571 -27.41 -17.57 77.87
C THR D 571 -27.58 -16.32 78.72
N THR D 572 -27.69 -15.17 78.05
CA THR D 572 -28.01 -13.94 78.76
C THR D 572 -29.46 -13.91 79.23
N TYR D 573 -30.32 -14.73 78.63
CA TYR D 573 -31.68 -14.85 79.13
C TYR D 573 -31.68 -15.39 80.55
N ALA D 574 -30.77 -16.32 80.85
CA ALA D 574 -30.69 -16.90 82.19
C ALA D 574 -30.41 -15.84 83.23
N LYS D 575 -29.57 -14.85 82.89
CA LYS D 575 -29.30 -13.74 83.80
C LYS D 575 -30.41 -12.70 83.80
N GLY D 576 -31.52 -12.96 83.11
CA GLY D 576 -32.63 -12.03 83.07
C GLY D 576 -32.47 -10.90 82.09
N ILE D 577 -31.53 -10.98 81.16
CA ILE D 577 -31.25 -9.91 80.20
C ILE D 577 -32.05 -10.17 78.93
N LEU D 578 -32.77 -9.16 78.46
CA LEU D 578 -33.62 -9.21 77.30
C LEU D 578 -33.05 -8.39 76.14
N PRO D 579 -33.46 -8.67 74.90
CA PRO D 579 -32.97 -7.87 73.77
C PRO D 579 -33.23 -6.39 73.93
N ILE D 580 -34.28 -6.00 74.66
CA ILE D 580 -34.69 -4.61 74.84
C ILE D 580 -33.71 -3.88 75.75
N ASP D 581 -32.74 -4.60 76.30
CA ASP D 581 -31.73 -4.00 77.18
C ASP D 581 -30.40 -3.75 76.47
N THR D 582 -29.97 -4.68 75.63
CA THR D 582 -28.65 -4.66 75.03
C THR D 582 -28.62 -4.12 73.60
N TYR D 583 -29.75 -3.67 73.07
CA TYR D 583 -29.78 -3.14 71.72
C TYR D 583 -28.98 -1.84 71.63
N LYS D 584 -28.60 -1.47 70.41
CA LYS D 584 -27.79 -0.27 70.21
C LYS D 584 -28.69 0.96 70.35
N LYS D 585 -28.31 1.86 71.26
CA LYS D 585 -29.18 2.98 71.64
C LYS D 585 -29.37 4.00 70.52
N ASP D 586 -28.62 3.90 69.42
CA ASP D 586 -28.86 4.81 68.29
C ASP D 586 -30.21 4.57 67.63
N LEU D 587 -30.80 3.38 67.83
CA LEU D 587 -32.12 3.11 67.26
C LEU D 587 -33.19 4.02 67.83
N ASP D 588 -32.93 4.64 68.98
CA ASP D 588 -33.92 5.51 69.60
C ASP D 588 -34.15 6.79 68.80
N THR D 589 -33.25 7.12 67.89
CA THR D 589 -33.37 8.35 67.10
C THR D 589 -34.09 8.12 65.77
N ILE D 590 -34.50 6.89 65.47
CA ILE D 590 -35.15 6.59 64.20
C ILE D 590 -36.45 5.83 64.41
N ALA D 591 -36.85 5.65 65.67
CA ALA D 591 -38.11 4.95 65.97
C ALA D 591 -38.56 5.33 67.37
N ASN D 592 -39.77 5.89 67.48
CA ASN D 592 -40.34 6.27 68.77
C ASN D 592 -41.50 5.36 69.19
N GLU D 593 -41.63 4.20 68.57
CA GLU D 593 -42.74 3.30 68.89
C GLU D 593 -42.55 2.68 70.26
N PRO D 594 -43.56 2.73 71.14
CA PRO D 594 -43.44 2.10 72.46
C PRO D 594 -43.66 0.60 72.40
N LEU D 595 -43.16 -0.08 73.43
CA LEU D 595 -43.39 -1.50 73.57
C LEU D 595 -44.84 -1.75 73.98
N HIS D 596 -45.48 -2.71 73.34
CA HIS D 596 -46.90 -2.97 73.55
C HIS D 596 -47.15 -4.23 74.37
N TYR D 597 -46.12 -5.01 74.67
CA TYR D 597 -46.29 -6.26 75.40
C TYR D 597 -45.57 -6.20 76.74
N ASP D 598 -46.01 -7.05 77.66
CA ASP D 598 -45.49 -7.06 79.03
C ASP D 598 -44.15 -7.78 79.05
N TRP D 599 -43.09 -7.04 78.76
CA TRP D 599 -41.77 -7.65 78.75
C TRP D 599 -41.26 -7.93 80.16
N GLU D 600 -41.68 -7.13 81.14
CA GLU D 600 -41.20 -7.35 82.50
C GLU D 600 -41.78 -8.63 83.09
N ALA D 601 -43.05 -8.91 82.78
CA ALA D 601 -43.64 -10.18 83.22
C ALA D 601 -43.00 -11.36 82.52
N LEU D 602 -42.67 -11.19 81.23
CA LEU D 602 -41.95 -12.24 80.51
C LEU D 602 -40.56 -12.43 81.07
N ARG D 603 -39.89 -11.33 81.43
CA ARG D 603 -38.56 -11.42 82.03
C ARG D 603 -38.58 -12.27 83.29
N GLU D 604 -39.56 -12.04 84.16
CA GLU D 604 -39.69 -12.84 85.38
C GLU D 604 -39.93 -14.31 85.06
N SER D 605 -40.79 -14.60 84.08
CA SER D 605 -41.08 -15.98 83.73
C SER D 605 -39.86 -16.68 83.15
N ILE D 606 -39.03 -15.95 82.40
CA ILE D 606 -37.83 -16.55 81.82
C ILE D 606 -36.78 -16.77 82.92
N LYS D 607 -36.66 -15.84 83.86
CA LYS D 607 -35.78 -16.06 85.01
C LYS D 607 -36.17 -17.31 85.76
N THR D 608 -37.47 -17.61 85.84
CA THR D 608 -37.95 -18.70 86.66
C THR D 608 -37.89 -20.04 85.93
N HIS D 609 -38.47 -20.13 84.75
CA HIS D 609 -38.58 -21.40 84.03
C HIS D 609 -37.60 -21.56 82.88
N GLY D 610 -36.94 -20.48 82.45
CA GLY D 610 -35.96 -20.57 81.39
C GLY D 610 -36.59 -20.65 80.00
N LEU D 611 -35.76 -21.02 79.03
CA LEU D 611 -36.20 -21.16 77.65
C LEU D 611 -35.84 -22.55 77.14
N ARG D 612 -36.79 -23.18 76.44
CA ARG D 612 -36.51 -24.46 75.81
C ARG D 612 -35.43 -24.34 74.75
N ASN D 613 -35.25 -23.14 74.19
CA ASN D 613 -34.33 -22.90 73.09
C ASN D 613 -33.48 -21.67 73.42
N SER D 614 -32.18 -21.78 73.14
CA SER D 614 -31.27 -20.67 73.45
C SER D 614 -31.49 -19.48 72.52
N THR D 615 -31.75 -19.74 71.24
CA THR D 615 -32.11 -18.72 70.28
C THR D 615 -33.41 -19.13 69.60
N LEU D 616 -34.09 -18.15 69.00
CA LEU D 616 -35.37 -18.40 68.38
C LEU D 616 -35.50 -17.73 67.01
N SER D 617 -35.09 -16.47 66.91
CA SER D 617 -35.34 -15.66 65.73
C SER D 617 -34.07 -15.41 64.94
N ALA D 618 -34.16 -15.53 63.62
CA ALA D 618 -33.08 -15.18 62.70
C ALA D 618 -33.72 -14.97 61.33
N LEU D 619 -33.36 -13.87 60.66
CA LEU D 619 -34.02 -13.47 59.42
C LEU D 619 -33.20 -13.98 58.23
N MET D 620 -33.58 -15.16 57.73
CA MET D 620 -32.92 -15.76 56.57
C MET D 620 -33.54 -15.27 55.27
N PRO D 621 -32.80 -15.37 54.16
CA PRO D 621 -33.34 -14.86 52.89
C PRO D 621 -34.52 -15.64 52.36
N SER D 622 -34.60 -16.95 52.62
CA SER D 622 -35.68 -17.80 52.13
C SER D 622 -35.82 -17.68 50.61
N GLU D 623 -34.68 -17.79 49.91
CA GLU D 623 -34.66 -17.62 48.46
C GLU D 623 -35.63 -18.56 47.78
N THR D 624 -35.68 -19.82 48.22
CA THR D 624 -36.51 -20.85 47.62
C THR D 624 -37.81 -21.08 48.38
N SER D 625 -37.73 -21.21 49.70
CA SER D 625 -38.90 -21.63 50.47
C SER D 625 -40.03 -20.61 50.43
N SER D 626 -39.71 -19.33 50.28
CA SER D 626 -40.75 -18.30 50.27
C SER D 626 -41.60 -18.35 49.01
N GLN D 627 -41.07 -18.92 47.93
CA GLN D 627 -41.84 -19.03 46.69
C GLN D 627 -43.05 -19.94 46.83
N ILE D 628 -43.07 -20.82 47.83
CA ILE D 628 -44.19 -21.74 48.02
C ILE D 628 -45.47 -20.95 48.26
N SER D 629 -45.42 -19.94 49.11
CA SER D 629 -46.57 -19.08 49.38
C SER D 629 -46.60 -17.87 48.46
N ASN D 630 -45.84 -17.90 47.37
CA ASN D 630 -45.74 -16.78 46.43
C ASN D 630 -45.36 -15.48 47.14
N ALA D 631 -44.69 -15.61 48.28
CA ALA D 631 -44.31 -14.47 49.10
C ALA D 631 -43.07 -13.77 48.54
N THR D 632 -42.93 -12.50 48.90
CA THR D 632 -41.68 -11.81 48.63
C THR D 632 -40.64 -12.32 49.61
N ASN D 633 -39.50 -12.79 49.09
CA ASN D 633 -38.56 -13.53 49.92
C ASN D 633 -38.04 -12.67 51.06
N GLY D 634 -38.15 -13.19 52.28
CA GLY D 634 -37.59 -12.55 53.45
C GLY D 634 -38.01 -11.11 53.58
N ILE D 635 -37.05 -10.26 53.99
CA ILE D 635 -37.31 -8.83 54.12
C ILE D 635 -36.95 -8.06 52.87
N GLU D 636 -36.45 -8.73 51.83
CA GLU D 636 -36.00 -7.99 50.65
C GLU D 636 -37.20 -7.55 49.80
N PRO D 637 -37.12 -6.35 49.22
CA PRO D 637 -38.15 -5.92 48.28
C PRO D 637 -37.98 -6.61 46.95
N PRO D 638 -39.08 -6.94 46.26
CA PRO D 638 -38.97 -7.66 44.99
C PRO D 638 -38.26 -6.85 43.93
N ARG D 639 -37.59 -7.54 43.01
CA ARG D 639 -36.89 -6.85 41.94
C ARG D 639 -37.87 -6.21 40.96
N GLY D 640 -39.05 -6.80 40.80
CA GLY D 640 -40.06 -6.24 39.92
C GLY D 640 -41.40 -6.86 40.22
N TYR D 641 -42.45 -6.28 39.64
CA TYR D 641 -43.79 -6.84 39.79
C TYR D 641 -43.82 -8.29 39.33
N VAL D 642 -43.11 -8.60 38.25
CA VAL D 642 -42.82 -9.97 37.85
C VAL D 642 -41.32 -10.16 37.97
N SER D 643 -40.89 -10.95 38.96
CA SER D 643 -39.48 -11.23 39.15
C SER D 643 -39.11 -12.53 38.47
N ILE D 644 -37.87 -12.58 37.96
CA ILE D 644 -37.35 -13.78 37.30
C ILE D 644 -36.42 -14.48 38.28
N LYS D 645 -36.76 -15.70 38.66
CA LYS D 645 -36.00 -16.48 39.62
C LYS D 645 -35.55 -17.81 39.01
N ALA D 646 -34.42 -18.30 39.49
CA ALA D 646 -33.79 -19.47 38.89
C ALA D 646 -34.43 -20.76 39.39
N SER D 647 -34.25 -21.82 38.60
CA SER D 647 -34.81 -23.13 38.92
C SER D 647 -34.00 -24.19 38.18
N LYS D 648 -34.31 -25.46 38.49
CA LYS D 648 -33.62 -26.57 37.85
C LYS D 648 -33.89 -26.59 36.35
N ASP D 649 -35.14 -26.40 35.95
CA ASP D 649 -35.48 -26.40 34.53
C ASP D 649 -35.00 -25.13 33.85
N GLY D 650 -35.23 -23.98 34.47
CA GLY D 650 -34.89 -22.71 33.84
C GLY D 650 -35.39 -21.56 34.68
N ILE D 651 -35.69 -20.44 34.02
CA ILE D 651 -36.18 -19.26 34.70
C ILE D 651 -37.65 -19.45 35.05
N LEU D 652 -38.06 -18.84 36.16
CA LEU D 652 -39.44 -18.83 36.62
C LEU D 652 -39.92 -17.39 36.76
N ARG D 653 -41.16 -17.14 36.37
CA ARG D 653 -41.78 -15.83 36.55
C ARG D 653 -42.68 -15.85 37.77
N GLN D 654 -42.40 -14.96 38.72
CA GLN D 654 -43.13 -14.87 39.98
C GLN D 654 -43.77 -13.49 40.11
N VAL D 655 -45.09 -13.46 40.30
CA VAL D 655 -45.84 -12.22 40.45
C VAL D 655 -45.86 -11.84 41.92
N VAL D 656 -45.78 -10.55 42.21
CA VAL D 656 -45.86 -10.10 43.61
C VAL D 656 -47.27 -10.38 44.12
N PRO D 657 -47.44 -10.72 45.39
CA PRO D 657 -48.79 -11.02 45.89
C PRO D 657 -49.69 -9.81 45.79
N ASP D 658 -50.92 -10.05 45.33
CA ASP D 658 -51.97 -9.03 45.27
C ASP D 658 -51.53 -7.86 44.38
N TYR D 659 -50.99 -8.20 43.20
CA TYR D 659 -50.44 -7.20 42.31
C TYR D 659 -51.50 -6.22 41.83
N GLU D 660 -52.64 -6.75 41.37
CA GLU D 660 -53.64 -5.90 40.73
C GLU D 660 -54.16 -4.81 41.68
N HIS D 661 -54.16 -5.07 42.98
CA HIS D 661 -54.65 -4.09 43.94
C HIS D 661 -53.55 -3.21 44.52
N LEU D 662 -52.31 -3.71 44.57
CA LEU D 662 -51.25 -3.06 45.34
C LEU D 662 -50.02 -2.70 44.51
N HIS D 663 -50.12 -2.66 43.18
CA HIS D 663 -48.92 -2.44 42.38
C HIS D 663 -48.29 -1.07 42.65
N ASP D 664 -49.05 -0.11 43.15
CA ASP D 664 -48.48 1.18 43.49
C ASP D 664 -47.92 1.21 44.90
N ALA D 665 -48.45 0.39 45.81
CA ALA D 665 -47.97 0.39 47.19
C ALA D 665 -46.57 -0.20 47.28
N TYR D 666 -46.21 -1.10 46.36
CA TYR D 666 -44.89 -1.71 46.38
C TYR D 666 -43.81 -0.68 46.06
N GLU D 667 -42.69 -0.79 46.76
CA GLU D 667 -41.46 -0.10 46.38
C GLU D 667 -40.49 -1.16 45.90
N LEU D 668 -40.24 -1.19 44.59
CA LEU D 668 -39.36 -2.19 44.01
C LEU D 668 -37.91 -1.90 44.39
N LEU D 669 -37.06 -2.91 44.16
CA LEU D 669 -35.68 -2.86 44.63
C LEU D 669 -34.95 -1.64 44.07
N TRP D 670 -35.09 -1.38 42.78
CA TRP D 670 -34.35 -0.30 42.16
C TRP D 670 -35.12 1.02 42.15
N GLU D 671 -36.32 1.06 42.73
CA GLU D 671 -37.01 2.31 42.96
C GLU D 671 -36.54 3.01 44.21
N MET D 672 -35.58 2.41 44.97
CA MET D 672 -35.05 2.96 46.21
C MET D 672 -33.92 3.94 45.92
N PRO D 673 -33.95 5.15 46.51
CA PRO D 673 -32.85 6.10 46.29
C PRO D 673 -31.51 5.60 46.81
N GLY D 674 -31.52 4.93 47.94
CA GLY D 674 -30.30 4.43 48.55
C GLY D 674 -30.61 3.34 49.53
N ASN D 675 -29.63 3.07 50.41
CA ASN D 675 -29.77 2.00 51.37
C ASN D 675 -30.19 2.47 52.76
N ASP D 676 -30.20 3.78 53.02
CA ASP D 676 -30.40 4.28 54.38
C ASP D 676 -31.76 3.87 54.93
N GLY D 677 -32.81 3.92 54.10
CA GLY D 677 -34.12 3.53 54.58
C GLY D 677 -34.20 2.05 54.92
N TYR D 678 -33.64 1.20 54.05
CA TYR D 678 -33.62 -0.24 54.31
C TYR D 678 -32.75 -0.56 55.50
N LEU D 679 -31.54 0.01 55.56
CA LEU D 679 -30.63 -0.31 56.65
C LEU D 679 -31.20 0.08 58.01
N GLN D 680 -31.99 1.14 58.07
CA GLN D 680 -32.63 1.50 59.33
C GLN D 680 -33.63 0.44 59.75
N LEU D 681 -34.39 -0.09 58.79
CA LEU D 681 -35.35 -1.15 59.11
C LEU D 681 -34.65 -2.40 59.60
N VAL D 682 -33.48 -2.71 59.03
CA VAL D 682 -32.70 -3.84 59.52
C VAL D 682 -32.21 -3.58 60.94
N GLY D 683 -31.78 -2.34 61.22
CA GLY D 683 -31.36 -2.02 62.57
C GLY D 683 -32.49 -2.13 63.56
N ILE D 684 -33.68 -1.68 63.19
CA ILE D 684 -34.84 -1.80 64.07
C ILE D 684 -35.19 -3.27 64.28
N MET D 685 -35.16 -4.07 63.21
CA MET D 685 -35.38 -5.51 63.35
C MET D 685 -34.35 -6.13 64.27
N GLN D 686 -33.08 -5.79 64.08
CA GLN D 686 -32.01 -6.41 64.86
C GLN D 686 -32.16 -6.14 66.35
N LYS D 687 -32.95 -5.12 66.73
CA LYS D 687 -33.21 -4.87 68.14
C LYS D 687 -33.80 -6.09 68.82
N PHE D 688 -34.65 -6.84 68.12
CA PHE D 688 -35.33 -7.98 68.73
C PHE D 688 -34.84 -9.34 68.26
N ILE D 689 -34.20 -9.43 67.09
CA ILE D 689 -33.77 -10.73 66.58
C ILE D 689 -32.62 -11.27 67.41
N ASP D 690 -32.74 -12.54 67.82
CA ASP D 690 -31.69 -13.19 68.61
C ASP D 690 -30.37 -13.22 67.84
N GLN D 691 -30.39 -13.79 66.64
CA GLN D 691 -29.19 -13.94 65.82
C GLN D 691 -29.01 -12.73 64.91
N SER D 692 -28.94 -12.94 63.59
CA SER D 692 -28.71 -11.83 62.69
C SER D 692 -29.73 -11.74 61.56
N ILE D 693 -29.43 -10.90 60.56
CA ILE D 693 -30.31 -10.64 59.42
C ILE D 693 -29.46 -10.67 58.15
N SER D 694 -29.91 -11.40 57.14
CA SER D 694 -29.20 -11.47 55.87
C SER D 694 -29.40 -10.17 55.08
N ALA D 695 -28.85 -9.08 55.58
CA ALA D 695 -29.08 -7.77 54.99
C ALA D 695 -28.31 -7.60 53.69
N ASN D 696 -29.00 -7.16 52.64
CA ASN D 696 -28.39 -6.83 51.37
C ASN D 696 -28.12 -5.33 51.30
N THR D 697 -27.15 -4.95 50.47
CA THR D 697 -26.97 -3.57 50.09
C THR D 697 -27.04 -3.49 48.56
N ASN D 698 -27.71 -2.45 48.07
CA ASN D 698 -27.98 -2.32 46.63
C ASN D 698 -27.47 -0.98 46.12
N TYR D 699 -26.96 -1.01 44.89
CA TYR D 699 -26.40 0.20 44.27
C TYR D 699 -26.73 0.20 42.79
N ASP D 700 -27.26 1.33 42.31
CA ASP D 700 -27.59 1.51 40.90
C ASP D 700 -26.57 2.44 40.27
N PRO D 701 -25.64 1.94 39.45
CA PRO D 701 -24.60 2.83 38.89
C PRO D 701 -25.16 4.01 38.11
N SER D 702 -26.33 3.87 37.50
CA SER D 702 -26.89 4.97 36.73
C SER D 702 -27.35 6.13 37.63
N ARG D 703 -27.55 5.88 38.92
CA ARG D 703 -27.95 6.93 39.84
C ARG D 703 -26.78 7.80 40.28
N PHE D 704 -25.57 7.55 39.80
CA PHE D 704 -24.41 8.28 40.27
C PHE D 704 -23.74 9.05 39.13
N PRO D 705 -23.08 10.17 39.45
CA PRO D 705 -22.38 10.93 38.41
C PRO D 705 -21.30 10.08 37.74
N SER D 706 -21.16 10.27 36.43
CA SER D 706 -20.22 9.54 35.59
C SER D 706 -20.51 8.04 35.54
N GLY D 707 -21.66 7.62 36.08
CA GLY D 707 -22.08 6.23 35.96
C GLY D 707 -21.27 5.22 36.74
N LYS D 708 -20.48 5.65 37.71
CA LYS D 708 -19.71 4.72 38.52
C LYS D 708 -19.97 4.96 40.00
N VAL D 709 -20.05 3.86 40.75
CA VAL D 709 -20.46 3.87 42.15
C VAL D 709 -19.31 4.31 43.05
N PRO D 710 -19.51 5.34 43.85
CA PRO D 710 -18.40 5.88 44.65
C PRO D 710 -18.02 4.98 45.82
N MET D 711 -16.72 4.88 46.06
CA MET D 711 -16.24 4.21 47.27
C MET D 711 -16.70 4.95 48.52
N GLN D 712 -16.91 6.26 48.41
CA GLN D 712 -17.39 7.05 49.54
C GLN D 712 -18.74 6.55 50.02
N GLN D 713 -19.65 6.24 49.10
CA GLN D 713 -20.97 5.79 49.52
C GLN D 713 -20.95 4.36 50.03
N LEU D 714 -20.09 3.51 49.45
CA LEU D 714 -19.96 2.14 49.95
C LEU D 714 -19.50 2.14 51.41
N LEU D 715 -18.60 3.05 51.77
CA LEU D 715 -18.10 3.10 53.14
C LEU D 715 -19.09 3.78 54.07
N LYS D 716 -19.76 4.85 53.60
CA LYS D 716 -20.73 5.53 54.45
C LYS D 716 -21.86 4.58 54.81
N ASP D 717 -22.31 3.76 53.86
CA ASP D 717 -23.37 2.80 54.15
C ASP D 717 -22.87 1.70 55.08
N LEU D 718 -21.62 1.24 54.90
CA LEU D 718 -21.06 0.26 55.80
C LEU D 718 -20.99 0.81 57.22
N LEU D 719 -20.72 2.10 57.36
CA LEU D 719 -20.72 2.74 58.66
C LEU D 719 -22.14 2.99 59.16
N THR D 720 -23.06 3.39 58.27
CA THR D 720 -24.46 3.54 58.66
C THR D 720 -25.01 2.25 59.25
N ALA D 721 -24.62 1.11 58.67
CA ALA D 721 -25.05 -0.18 59.20
C ALA D 721 -24.53 -0.39 60.61
N TYR D 722 -23.26 -0.07 60.85
CA TYR D 722 -22.71 -0.25 62.19
C TYR D 722 -23.37 0.69 63.19
N LYS D 723 -23.65 1.93 62.78
CA LYS D 723 -24.21 2.90 63.71
C LYS D 723 -25.52 2.41 64.32
N PHE D 724 -26.33 1.65 63.56
CA PHE D 724 -27.62 1.17 64.04
C PHE D 724 -27.58 -0.29 64.48
N GLY D 725 -26.39 -0.83 64.73
CA GLY D 725 -26.27 -2.15 65.32
C GLY D 725 -26.49 -3.32 64.39
N VAL D 726 -26.35 -3.12 63.07
CA VAL D 726 -26.48 -4.22 62.13
C VAL D 726 -25.33 -5.20 62.36
N LYS D 727 -25.67 -6.49 62.54
CA LYS D 727 -24.66 -7.48 62.87
C LYS D 727 -23.88 -7.94 61.65
N THR D 728 -24.57 -8.23 60.55
CA THR D 728 -23.91 -8.78 59.37
C THR D 728 -24.42 -8.09 58.11
N LEU D 729 -23.62 -8.18 57.05
CA LEU D 729 -24.01 -7.71 55.73
C LEU D 729 -23.85 -8.84 54.73
N TYR D 730 -24.94 -9.16 54.01
CA TYR D 730 -24.96 -10.25 53.05
C TYR D 730 -24.59 -9.76 51.66
N TYR D 731 -25.45 -10.03 50.69
CA TYR D 731 -25.19 -9.67 49.30
C TYR D 731 -25.00 -8.17 49.13
N GLN D 732 -24.20 -7.80 48.14
CA GLN D 732 -24.19 -6.44 47.60
C GLN D 732 -24.61 -6.53 46.14
N ASN D 733 -25.84 -6.11 45.86
CA ASN D 733 -26.39 -6.17 44.51
C ASN D 733 -26.02 -4.92 43.74
N THR D 734 -25.47 -5.11 42.54
CA THR D 734 -25.14 -4.01 41.64
C THR D 734 -25.97 -4.16 40.38
N ARG D 735 -26.70 -3.11 40.02
CA ARG D 735 -27.67 -3.22 38.95
C ARG D 735 -27.00 -3.47 37.61
N ASP D 736 -27.61 -4.33 36.81
CA ASP D 736 -27.17 -4.62 35.45
C ASP D 736 -28.01 -3.75 34.52
N GLY D 737 -27.46 -2.60 34.14
CA GLY D 737 -28.16 -1.61 33.34
C GLY D 737 -28.70 -2.11 32.00
N ALA E 1 82.44 -2.38 19.47
CA ALA E 1 81.69 -3.18 18.51
C ALA E 1 80.21 -2.83 18.52
N TYR E 2 79.47 -3.40 17.58
CA TYR E 2 78.04 -3.16 17.49
C TYR E 2 77.29 -3.90 18.59
N THR E 3 76.31 -3.22 19.18
CA THR E 3 75.46 -3.82 20.20
C THR E 3 74.00 -3.65 19.79
N THR E 4 73.22 -4.72 19.99
CA THR E 4 71.80 -4.68 19.69
C THR E 4 71.01 -3.93 20.76
N PHE E 5 71.56 -3.79 21.96
CA PHE E 5 70.97 -2.93 22.99
C PHE E 5 72.12 -2.32 23.78
N SER E 6 72.49 -1.10 23.42
CA SER E 6 73.60 -0.41 24.08
C SER E 6 73.30 -0.19 25.55
N GLN E 7 74.30 -0.40 26.40
CA GLN E 7 74.09 -0.37 27.84
C GLN E 7 73.88 1.06 28.34
N THR E 8 74.51 2.03 27.69
CA THR E 8 74.47 3.42 28.15
C THR E 8 73.11 4.05 27.93
N LYS E 9 72.65 4.83 28.91
CA LYS E 9 71.44 5.64 28.77
C LYS E 9 71.83 6.97 28.13
N ASN E 10 71.58 7.09 26.82
CA ASN E 10 71.97 8.27 26.07
C ASN E 10 70.76 9.09 25.71
N ASP E 11 70.94 10.41 25.61
CA ASP E 11 69.91 11.30 25.10
C ASP E 11 69.84 11.12 23.59
N GLN E 12 68.80 10.41 23.13
CA GLN E 12 68.66 10.11 21.72
C GLN E 12 68.47 11.36 20.88
N LEU E 13 68.03 12.47 21.49
CA LEU E 13 67.82 13.69 20.74
C LEU E 13 69.14 14.35 20.32
N LYS E 14 70.23 14.10 21.02
CA LYS E 14 71.51 14.73 20.73
C LYS E 14 72.44 13.84 19.91
N GLU E 15 72.05 12.60 19.63
CA GLU E 15 72.86 11.73 18.80
C GLU E 15 72.83 12.19 17.35
N PRO E 16 73.80 11.79 16.55
CA PRO E 16 73.74 12.05 15.11
C PRO E 16 72.87 11.01 14.41
N MET E 17 72.64 11.25 13.11
CA MET E 17 71.90 10.28 12.32
C MET E 17 72.64 8.95 12.24
N PHE E 18 73.94 9.01 11.99
CA PHE E 18 74.76 7.83 11.82
C PHE E 18 75.99 7.91 12.71
N PHE E 19 76.58 6.75 12.97
CA PHE E 19 77.88 6.57 13.62
C PHE E 19 77.87 6.95 15.10
N GLY E 20 76.74 7.39 15.64
CA GLY E 20 76.63 7.65 17.06
C GLY E 20 76.43 6.36 17.84
N GLN E 21 75.94 6.50 19.06
CA GLN E 21 75.70 5.31 19.89
C GLN E 21 74.58 4.49 19.30
N PRO E 22 74.76 3.18 19.13
CA PRO E 22 73.67 2.34 18.61
C PRO E 22 72.40 2.52 19.45
N VAL E 23 71.28 2.63 18.75
CA VAL E 23 70.00 2.85 19.44
C VAL E 23 69.75 1.73 20.42
N ASN E 24 69.27 2.09 21.61
CA ASN E 24 68.82 1.10 22.59
C ASN E 24 67.30 1.02 22.59
N VAL E 25 66.66 1.91 23.33
CA VAL E 25 65.20 1.91 23.46
C VAL E 25 64.57 2.57 22.25
N ALA E 26 63.56 1.91 21.68
CA ALA E 26 62.83 2.42 20.51
C ALA E 26 61.59 3.16 20.99
N ARG E 27 61.63 4.48 20.92
CA ARG E 27 60.51 5.33 21.30
C ARG E 27 60.13 6.24 20.14
N TYR E 28 58.85 6.63 20.09
CA TYR E 28 58.34 7.46 19.00
C TYR E 28 57.49 8.62 19.48
N ASP E 29 57.64 9.03 20.74
CA ASP E 29 56.94 10.19 21.24
C ASP E 29 57.69 11.49 20.97
N GLN E 30 58.94 11.40 20.52
CA GLN E 30 59.78 12.55 20.25
C GLN E 30 60.77 12.17 19.15
N GLN E 31 61.21 13.17 18.40
CA GLN E 31 62.18 12.95 17.33
C GLN E 31 63.17 14.10 17.29
N LYS E 32 64.40 13.79 16.87
CA LYS E 32 65.34 14.84 16.51
C LYS E 32 64.99 15.42 15.15
N TYR E 33 64.80 14.56 14.15
CA TYR E 33 64.30 14.95 12.84
C TYR E 33 62.99 14.21 12.62
N ASP E 34 61.88 14.94 12.65
CA ASP E 34 60.56 14.34 12.54
C ASP E 34 60.20 13.96 11.11
N ILE E 35 61.07 14.20 10.13
CA ILE E 35 60.77 13.79 8.77
C ILE E 35 60.64 12.28 8.68
N PHE E 36 61.45 11.55 9.44
CA PHE E 36 61.42 10.09 9.37
C PHE E 36 60.20 9.49 10.06
N GLU E 37 59.71 10.14 11.12
CA GLU E 37 58.47 9.70 11.74
C GLU E 37 57.30 9.91 10.77
N LYS E 38 57.31 11.03 10.06
CA LYS E 38 56.27 11.28 9.05
C LYS E 38 56.37 10.30 7.89
N LEU E 39 57.59 9.96 7.46
CA LEU E 39 57.75 8.97 6.40
C LEU E 39 57.24 7.61 6.81
N ILE E 40 57.41 7.24 8.09
CA ILE E 40 56.89 5.96 8.57
C ILE E 40 55.38 5.96 8.51
N GLU E 41 54.74 6.97 9.13
CA GLU E 41 53.29 7.04 9.15
C GLU E 41 52.71 7.08 7.74
N LYS E 42 53.38 7.78 6.83
CA LYS E 42 52.90 7.84 5.46
C LYS E 42 53.12 6.50 4.76
N GLN E 43 54.22 5.82 5.06
CA GLN E 43 54.48 4.51 4.45
C GLN E 43 53.54 3.46 5.04
N LEU E 44 53.24 3.54 6.33
CA LEU E 44 52.33 2.57 6.94
C LEU E 44 50.93 2.71 6.37
N SER E 45 50.50 3.94 6.08
CA SER E 45 49.15 4.15 5.57
C SER E 45 49.00 3.68 4.13
N PHE E 46 50.09 3.64 3.37
CA PHE E 46 50.03 3.20 1.98
C PHE E 46 50.06 1.69 1.83
N PHE E 47 50.05 0.95 2.95
CA PHE E 47 50.24 -0.50 2.92
C PHE E 47 49.26 -1.17 1.97
N TRP E 48 49.80 -1.92 1.01
CA TRP E 48 49.00 -2.63 0.05
C TRP E 48 49.54 -4.05 -0.12
N ARG E 49 48.72 -4.91 -0.72
CA ARG E 49 49.18 -6.26 -1.00
C ARG E 49 49.06 -6.53 -2.49
N PRO E 50 50.01 -7.28 -3.07
CA PRO E 50 50.00 -7.47 -4.53
C PRO E 50 48.81 -8.26 -5.04
N GLU E 51 48.37 -9.30 -4.31
CA GLU E 51 47.33 -10.17 -4.81
C GLU E 51 45.97 -9.47 -4.91
N GLU E 52 45.78 -8.35 -4.20
CA GLU E 52 44.52 -7.63 -4.27
C GLU E 52 44.32 -6.86 -5.57
N VAL E 53 45.25 -6.97 -6.52
CA VAL E 53 45.16 -6.31 -7.81
C VAL E 53 44.93 -7.37 -8.88
N ASP E 54 43.95 -7.15 -9.75
CA ASP E 54 43.60 -8.10 -10.79
C ASP E 54 44.59 -8.01 -11.96
N VAL E 55 45.30 -9.11 -12.21
CA VAL E 55 46.27 -9.22 -13.29
C VAL E 55 45.88 -10.31 -14.29
N SER E 56 44.62 -10.74 -14.28
CA SER E 56 44.19 -11.86 -15.12
C SER E 56 44.23 -11.50 -16.60
N ARG E 57 43.85 -10.27 -16.95
CA ARG E 57 43.85 -9.85 -18.34
C ARG E 57 45.25 -9.72 -18.91
N ASP E 58 46.27 -9.57 -18.07
CA ASP E 58 47.62 -9.27 -18.56
C ASP E 58 48.23 -10.42 -19.34
N ARG E 59 47.85 -11.66 -19.05
CA ARG E 59 48.39 -12.78 -19.82
C ARG E 59 47.97 -12.71 -21.28
N ILE E 60 46.69 -12.38 -21.53
CA ILE E 60 46.21 -12.26 -22.90
C ILE E 60 46.86 -11.07 -23.59
N ASP E 61 46.90 -9.92 -22.90
CA ASP E 61 47.54 -8.74 -23.47
C ASP E 61 49.00 -9.01 -23.82
N TYR E 62 49.72 -9.68 -22.92
CA TYR E 62 51.16 -9.91 -23.10
C TYR E 62 51.43 -10.80 -24.30
N GLN E 63 50.76 -11.95 -24.39
CA GLN E 63 50.99 -12.85 -25.51
C GLN E 63 50.54 -12.23 -26.82
N ALA E 64 49.59 -11.30 -26.78
CA ALA E 64 49.14 -10.64 -28.00
C ALA E 64 50.08 -9.52 -28.43
N LEU E 65 50.96 -9.07 -27.54
CA LEU E 65 51.92 -8.02 -27.88
C LEU E 65 52.83 -8.48 -29.02
N PRO E 66 53.32 -7.55 -29.83
CA PRO E 66 54.37 -7.91 -30.79
C PRO E 66 55.59 -8.48 -30.08
N GLU E 67 56.42 -9.19 -30.84
CA GLU E 67 57.57 -9.87 -30.23
C GLU E 67 58.52 -8.86 -29.60
N HIS E 68 58.74 -7.71 -30.24
CA HIS E 68 59.63 -6.71 -29.66
C HIS E 68 58.98 -5.95 -28.51
N GLU E 69 57.64 -5.94 -28.43
CA GLU E 69 56.98 -5.33 -27.29
C GLU E 69 56.93 -6.28 -26.10
N LYS E 70 56.87 -7.60 -26.35
CA LYS E 70 57.13 -8.57 -25.30
C LYS E 70 58.51 -8.34 -24.71
N HIS E 71 59.49 -8.02 -25.57
CA HIS E 71 60.86 -7.78 -25.11
C HIS E 71 60.95 -6.55 -24.23
N ILE E 72 60.35 -5.43 -24.67
CA ILE E 72 60.41 -4.19 -23.90
C ILE E 72 59.84 -4.40 -22.50
N PHE E 73 58.65 -5.01 -22.41
CA PHE E 73 58.01 -5.19 -21.12
C PHE E 73 58.81 -6.13 -20.23
N ILE E 74 59.23 -7.27 -20.76
CA ILE E 74 59.90 -8.27 -19.94
C ILE E 74 61.31 -7.82 -19.59
N SER E 75 61.94 -6.99 -20.42
CA SER E 75 63.24 -6.45 -20.06
C SER E 75 63.11 -5.43 -18.95
N ASN E 76 62.07 -4.60 -19.00
CA ASN E 76 61.83 -3.63 -17.94
C ASN E 76 61.40 -4.32 -16.65
N LEU E 77 60.81 -5.50 -16.74
CA LEU E 77 60.38 -6.23 -15.56
C LEU E 77 61.56 -6.91 -14.87
N LYS E 78 62.50 -7.46 -15.65
CA LYS E 78 63.69 -8.08 -15.05
C LYS E 78 64.54 -7.03 -14.33
N TYR E 79 64.70 -5.85 -14.93
CA TYR E 79 65.45 -4.79 -14.27
C TYR E 79 64.78 -4.36 -12.97
N GLN E 80 63.45 -4.29 -12.97
CA GLN E 80 62.72 -3.94 -11.76
C GLN E 80 62.92 -4.97 -10.65
N THR E 81 62.75 -6.25 -10.99
CA THR E 81 62.94 -7.31 -10.01
C THR E 81 64.35 -7.26 -9.42
N LEU E 82 65.33 -6.92 -10.25
CA LEU E 82 66.72 -6.83 -9.79
C LEU E 82 66.90 -5.70 -8.79
N LEU E 83 66.47 -4.49 -9.15
CA LEU E 83 66.71 -3.31 -8.32
C LEU E 83 66.06 -3.46 -6.95
N ASP E 84 64.79 -3.89 -6.92
CA ASP E 84 64.10 -4.07 -5.65
C ASP E 84 64.54 -5.35 -4.94
N SER E 85 65.25 -6.26 -5.62
CA SER E 85 65.91 -7.35 -4.92
C SER E 85 67.09 -6.82 -4.10
N ILE E 86 67.92 -5.98 -4.71
CA ILE E 86 68.96 -5.28 -3.96
C ILE E 86 68.34 -4.44 -2.86
N GLN E 87 67.35 -3.62 -3.21
CA GLN E 87 66.72 -2.71 -2.25
C GLN E 87 65.95 -3.43 -1.15
N GLY E 88 65.60 -4.69 -1.35
CA GLY E 88 64.90 -5.42 -0.28
C GLY E 88 65.77 -5.61 0.94
N ARG E 89 67.00 -6.06 0.74
CA ARG E 89 67.92 -6.42 1.82
C ARG E 89 68.89 -5.32 2.18
N SER E 90 69.33 -4.52 1.20
CA SER E 90 70.51 -3.68 1.40
C SER E 90 70.34 -2.62 2.47
N PRO E 91 69.26 -1.82 2.50
CA PRO E 91 69.14 -0.81 3.57
C PRO E 91 69.17 -1.41 4.97
N ASN E 92 68.73 -2.65 5.15
CA ASN E 92 68.77 -3.28 6.47
C ASN E 92 70.20 -3.66 6.85
N VAL E 93 70.96 -4.20 5.90
CA VAL E 93 72.31 -4.67 6.20
C VAL E 93 73.29 -3.51 6.28
N ALA E 94 73.14 -2.53 5.38
CA ALA E 94 74.13 -1.47 5.22
C ALA E 94 73.90 -0.26 6.11
N LEU E 95 72.66 0.01 6.51
CA LEU E 95 72.37 1.23 7.27
C LEU E 95 72.06 0.98 8.73
N LEU E 96 71.42 -0.15 9.08
CA LEU E 96 71.06 -0.39 10.47
C LEU E 96 72.25 -0.41 11.44
N PRO E 97 73.41 -1.01 11.13
CA PRO E 97 74.52 -0.98 12.11
C PRO E 97 75.13 0.40 12.30
N LEU E 98 74.74 1.40 11.51
CA LEU E 98 75.32 2.73 11.60
C LEU E 98 74.39 3.77 12.20
N ILE E 99 73.08 3.53 12.20
CA ILE E 99 72.11 4.53 12.64
C ILE E 99 72.16 4.66 14.15
N SER E 100 71.96 5.89 14.63
CA SER E 100 72.03 6.17 16.06
C SER E 100 70.81 6.88 16.62
N ILE E 101 69.77 7.11 15.83
CA ILE E 101 68.52 7.67 16.33
C ILE E 101 67.37 6.74 15.98
N PRO E 102 66.34 6.61 16.83
CA PRO E 102 65.33 5.58 16.58
C PRO E 102 64.46 5.86 15.36
N GLU E 103 64.10 7.12 15.12
CA GLU E 103 63.21 7.42 14.00
C GLU E 103 63.83 7.04 12.66
N LEU E 104 65.15 7.17 12.53
CA LEU E 104 65.80 6.75 11.30
C LEU E 104 65.94 5.23 11.24
N GLU E 105 66.17 4.59 12.39
CA GLU E 105 66.25 3.12 12.41
C GLU E 105 64.95 2.50 11.95
N THR E 106 63.82 2.88 12.57
CA THR E 106 62.54 2.29 12.22
C THR E 106 62.14 2.63 10.79
N TRP E 107 62.48 3.83 10.31
CA TRP E 107 62.18 4.18 8.93
C TRP E 107 62.94 3.28 7.95
N VAL E 108 64.23 3.03 8.22
CA VAL E 108 65.02 2.19 7.34
C VAL E 108 64.45 0.78 7.30
N GLU E 109 63.98 0.27 8.44
CA GLU E 109 63.35 -1.05 8.45
C GLU E 109 62.00 -1.02 7.74
N THR E 110 61.22 0.04 7.94
CA THR E 110 59.96 0.20 7.22
C THR E 110 60.21 0.39 5.74
N TRP E 111 61.20 1.23 5.39
CA TRP E 111 61.61 1.38 4.00
C TRP E 111 61.97 0.03 3.39
N ALA E 112 62.81 -0.74 4.08
CA ALA E 112 63.24 -2.02 3.52
C ALA E 112 62.07 -2.99 3.39
N PHE E 113 61.18 -3.04 4.40
CA PHE E 113 60.05 -3.95 4.35
C PHE E 113 59.17 -3.67 3.14
N SER E 114 58.85 -2.39 2.90
CA SER E 114 58.00 -2.05 1.76
C SER E 114 58.61 -2.49 0.45
N GLU E 115 59.94 -2.61 0.40
CA GLU E 115 60.59 -3.08 -0.82
C GLU E 115 60.37 -4.56 -1.04
N THR E 116 60.26 -5.35 0.05
CA THR E 116 59.98 -6.77 -0.12
C THR E 116 58.58 -7.01 -0.66
N ILE E 117 57.64 -6.12 -0.33
CA ILE E 117 56.30 -6.20 -0.91
C ILE E 117 56.36 -5.98 -2.41
N HIS E 118 57.22 -5.06 -2.85
CA HIS E 118 57.45 -4.89 -4.27
C HIS E 118 57.99 -6.16 -4.90
N SER E 119 58.97 -6.79 -4.24
CA SER E 119 59.57 -8.02 -4.75
C SER E 119 58.52 -9.12 -4.88
N ARG E 120 57.58 -9.19 -3.94
CA ARG E 120 56.51 -10.18 -4.05
C ARG E 120 55.57 -9.84 -5.19
N SER E 121 55.33 -8.55 -5.43
CA SER E 121 54.42 -8.17 -6.51
C SER E 121 55.03 -8.47 -7.87
N TYR E 122 56.35 -8.39 -8.00
CA TYR E 122 56.98 -8.77 -9.25
C TYR E 122 56.79 -10.25 -9.51
N THR E 123 56.89 -11.07 -8.47
CA THR E 123 56.58 -12.49 -8.60
C THR E 123 55.12 -12.68 -9.03
N HIS E 124 54.22 -11.86 -8.50
CA HIS E 124 52.82 -11.94 -8.89
C HIS E 124 52.64 -11.63 -10.36
N ILE E 125 53.26 -10.55 -10.84
CA ILE E 125 53.14 -10.17 -12.26
C ILE E 125 53.79 -11.23 -13.16
N ILE E 126 55.01 -11.64 -12.83
CA ILE E 126 55.75 -12.57 -13.67
C ILE E 126 54.99 -13.88 -13.81
N ARG E 127 54.55 -14.45 -12.69
CA ARG E 127 53.88 -15.74 -12.69
C ARG E 127 52.52 -15.70 -13.37
N ASN E 128 52.04 -14.53 -13.77
CA ASN E 128 50.72 -14.40 -14.39
C ASN E 128 50.77 -14.00 -15.85
N ILE E 129 51.95 -13.92 -16.46
CA ILE E 129 52.03 -13.54 -17.87
C ILE E 129 52.88 -14.52 -18.69
N VAL E 130 53.81 -15.21 -18.05
CA VAL E 130 54.65 -16.19 -18.73
C VAL E 130 54.31 -17.59 -18.23
N ASN E 131 54.75 -18.60 -18.99
CA ASN E 131 54.42 -19.97 -18.66
C ASN E 131 55.38 -20.56 -17.63
N ASP E 132 56.66 -20.25 -17.75
CA ASP E 132 57.68 -20.75 -16.81
C ASP E 132 58.39 -19.55 -16.19
N PRO E 133 58.04 -19.16 -14.96
CA PRO E 133 58.71 -18.03 -14.31
C PRO E 133 60.21 -18.23 -14.13
N SER E 134 60.67 -19.48 -14.02
CA SER E 134 62.09 -19.73 -13.82
C SER E 134 62.94 -19.17 -14.95
N VAL E 135 62.40 -19.12 -16.17
CA VAL E 135 63.14 -18.55 -17.29
C VAL E 135 63.41 -17.07 -17.05
N VAL E 136 62.43 -16.35 -16.51
CA VAL E 136 62.57 -14.92 -16.29
C VAL E 136 63.51 -14.66 -15.12
N PHE E 137 63.33 -15.39 -14.02
CA PHE E 137 64.14 -15.14 -12.82
C PHE E 137 65.62 -15.47 -13.08
N ASP E 138 65.89 -16.60 -13.74
CA ASP E 138 67.27 -16.98 -13.99
C ASP E 138 67.97 -16.05 -14.98
N ASP E 139 67.22 -15.37 -15.83
CA ASP E 139 67.83 -14.43 -16.76
C ASP E 139 68.26 -13.14 -16.07
N ILE E 140 67.75 -12.89 -14.87
CA ILE E 140 68.11 -11.66 -14.16
C ILE E 140 69.57 -11.73 -13.72
N VAL E 141 70.05 -12.92 -13.37
CA VAL E 141 71.40 -13.08 -12.85
C VAL E 141 72.42 -13.18 -13.99
N THR E 142 72.03 -13.77 -15.13
CA THR E 142 72.96 -14.05 -16.21
C THR E 142 72.97 -12.99 -17.31
N ASN E 143 71.90 -12.20 -17.44
CA ASN E 143 71.82 -11.21 -18.51
C ASN E 143 73.00 -10.25 -18.44
N GLU E 144 73.67 -10.06 -19.58
CA GLU E 144 74.87 -9.21 -19.59
C GLU E 144 74.51 -7.74 -19.40
N GLN E 145 73.45 -7.28 -20.06
CA GLN E 145 73.04 -5.88 -19.91
C GLN E 145 72.46 -5.60 -18.53
N ILE E 146 72.07 -6.63 -17.78
CA ILE E 146 71.54 -6.44 -16.44
C ILE E 146 72.66 -6.47 -15.40
N GLN E 147 73.45 -7.53 -15.40
CA GLN E 147 74.51 -7.68 -14.40
C GLN E 147 75.51 -6.54 -14.48
N LYS E 148 75.60 -5.85 -15.62
CA LYS E 148 76.47 -4.69 -15.74
C LYS E 148 76.05 -3.60 -14.76
N ARG E 149 74.75 -3.29 -14.70
CA ARG E 149 74.28 -2.29 -13.75
C ARG E 149 74.09 -2.88 -12.37
N ALA E 150 73.87 -4.19 -12.28
CA ALA E 150 73.72 -4.85 -10.98
C ALA E 150 75.03 -4.77 -10.19
N GLU E 151 76.15 -5.10 -10.82
CA GLU E 151 77.43 -5.07 -10.13
C GLU E 151 77.86 -3.65 -9.79
N GLY E 152 77.43 -2.68 -10.60
CA GLY E 152 77.73 -1.29 -10.29
C GLY E 152 77.04 -0.80 -9.03
N ILE E 153 75.76 -1.14 -8.88
CA ILE E 153 74.99 -0.66 -7.73
C ILE E 153 75.34 -1.43 -6.46
N SER E 154 75.46 -2.75 -6.55
CA SER E 154 75.72 -3.56 -5.36
C SER E 154 77.08 -3.25 -4.75
N SER E 155 78.04 -2.79 -5.55
CA SER E 155 79.36 -2.50 -5.03
C SER E 155 79.31 -1.40 -3.98
N TYR E 156 78.50 -0.36 -4.21
CA TYR E 156 78.38 0.72 -3.24
C TYR E 156 77.88 0.21 -1.90
N TYR E 157 76.92 -0.73 -1.93
CA TYR E 157 76.47 -1.35 -0.68
C TYR E 157 77.55 -2.24 -0.09
N ASP E 158 78.14 -3.10 -0.91
CA ASP E 158 79.14 -4.05 -0.41
C ASP E 158 80.32 -3.33 0.23
N GLU E 159 80.82 -2.27 -0.43
CA GLU E 159 81.96 -1.55 0.12
C GLU E 159 81.62 -0.84 1.42
N LEU E 160 80.38 -0.37 1.59
CA LEU E 160 79.97 0.23 2.85
C LEU E 160 79.83 -0.82 3.94
N ILE E 161 79.30 -1.99 3.60
CA ILE E 161 79.16 -3.08 4.57
C ILE E 161 80.54 -3.53 5.04
N GLU E 162 81.49 -3.62 4.11
CA GLU E 162 82.83 -4.10 4.45
C GLU E 162 83.52 -3.16 5.43
N MET E 163 83.60 -1.89 5.07
CA MET E 163 84.19 -0.90 5.98
C MET E 163 83.47 -0.84 7.32
N THR E 164 82.14 -1.03 7.31
CA THR E 164 81.38 -1.00 8.56
C THR E 164 81.78 -2.14 9.48
N SER E 165 82.04 -3.33 8.92
CA SER E 165 82.45 -4.47 9.74
C SER E 165 83.81 -4.23 10.38
N TYR E 166 84.77 -3.72 9.60
CA TYR E 166 86.07 -3.38 10.17
C TYR E 166 85.95 -2.31 11.25
N TRP E 167 85.09 -1.31 11.04
CA TRP E 167 84.95 -0.24 12.00
C TRP E 167 84.43 -0.74 13.35
N HIS E 168 83.59 -1.77 13.33
CA HIS E 168 83.08 -2.35 14.57
C HIS E 168 84.08 -3.31 15.22
N LEU E 169 84.77 -4.11 14.41
CA LEU E 169 85.67 -5.12 14.95
C LEU E 169 86.96 -4.50 15.48
N LEU E 170 87.61 -3.66 14.67
CA LEU E 170 88.93 -3.12 15.02
C LEU E 170 88.89 -1.71 15.56
N GLY E 171 87.85 -0.93 15.25
CA GLY E 171 87.85 0.47 15.61
C GLY E 171 88.74 1.28 14.69
N GLU E 172 88.74 2.59 14.89
CA GLU E 172 89.52 3.48 14.05
C GLU E 172 91.02 3.32 14.33
N GLY E 173 91.82 3.37 13.27
CA GLY E 173 93.26 3.26 13.40
C GLY E 173 93.88 2.40 12.32
N THR E 174 95.20 2.20 12.39
CA THR E 174 95.90 1.32 11.46
C THR E 174 96.16 -0.02 12.13
N HIS E 175 95.72 -1.09 11.47
CA HIS E 175 95.79 -2.45 12.02
C HIS E 175 96.47 -3.36 11.02
N THR E 176 96.84 -4.56 11.47
CA THR E 176 97.49 -5.56 10.64
C THR E 176 96.68 -6.85 10.67
N VAL E 177 96.27 -7.32 9.51
CA VAL E 177 95.47 -8.54 9.38
C VAL E 177 96.20 -9.50 8.45
N ASN E 178 96.76 -10.56 9.02
CA ASN E 178 97.52 -11.57 8.27
C ASN E 178 98.65 -10.93 7.45
N GLY E 179 99.50 -10.18 8.15
CA GLY E 179 100.60 -9.49 7.50
C GLY E 179 100.18 -8.18 6.85
N LYS E 180 99.19 -8.24 5.97
CA LYS E 180 98.70 -7.05 5.27
C LYS E 180 98.20 -6.02 6.28
N THR E 181 98.62 -4.78 6.09
CA THR E 181 98.16 -3.68 6.94
C THR E 181 96.80 -3.17 6.45
N VAL E 182 95.89 -2.93 7.39
CA VAL E 182 94.52 -2.52 7.10
C VAL E 182 94.21 -1.28 7.93
N THR E 183 93.85 -0.18 7.26
CA THR E 183 93.55 1.09 7.90
C THR E 183 92.05 1.28 7.99
N VAL E 184 91.56 1.65 9.17
CA VAL E 184 90.15 1.90 9.43
C VAL E 184 89.98 3.38 9.75
N SER E 185 89.42 4.14 8.80
CA SER E 185 89.20 5.57 8.96
C SER E 185 87.71 5.83 9.11
N LEU E 186 87.32 6.51 10.19
CA LEU E 186 85.92 6.93 10.34
C LEU E 186 85.54 7.95 9.28
N ARG E 187 86.47 8.85 8.94
CA ARG E 187 86.20 9.84 7.90
C ARG E 187 86.00 9.16 6.56
N GLU E 188 86.76 8.09 6.29
CA GLU E 188 86.56 7.33 5.07
C GLU E 188 85.31 6.46 5.14
N LEU E 189 84.85 6.11 6.33
CA LEU E 189 83.58 5.42 6.47
C LEU E 189 82.43 6.39 6.26
N LYS E 190 82.53 7.59 6.83
CA LYS E 190 81.55 8.63 6.56
C LYS E 190 81.52 8.99 5.09
N LYS E 191 82.64 8.79 4.39
CA LYS E 191 82.68 9.07 2.95
C LYS E 191 81.97 7.98 2.17
N LYS E 192 82.14 6.72 2.57
CA LYS E 192 81.47 5.61 1.89
C LYS E 192 79.96 5.60 2.13
N LEU E 193 79.53 6.03 3.31
CA LEU E 193 78.10 6.15 3.58
C LEU E 193 77.47 7.20 2.67
N TYR E 194 78.09 8.39 2.59
CA TYR E 194 77.55 9.48 1.79
C TYR E 194 77.48 9.09 0.32
N LEU E 195 78.56 8.52 -0.22
CA LEU E 195 78.56 8.09 -1.62
C LEU E 195 77.53 6.99 -1.86
N CYS E 196 77.35 6.10 -0.89
CA CYS E 196 76.36 5.03 -1.04
C CYS E 196 74.95 5.59 -1.08
N LEU E 197 74.63 6.50 -0.16
CA LEU E 197 73.31 7.13 -0.15
C LEU E 197 73.05 7.87 -1.46
N MET E 198 74.09 8.51 -2.02
CA MET E 198 73.93 9.17 -3.31
C MET E 198 73.55 8.18 -4.40
N SER E 199 74.17 6.99 -4.41
CA SER E 199 73.81 5.99 -5.40
C SER E 199 72.36 5.53 -5.23
N VAL E 200 71.91 5.38 -3.98
CA VAL E 200 70.54 4.93 -3.74
C VAL E 200 69.54 6.00 -4.16
N ASN E 201 69.88 7.28 -3.96
CA ASN E 201 69.00 8.34 -4.42
C ASN E 201 68.84 8.29 -5.94
N ALA E 202 69.95 8.10 -6.67
CA ALA E 202 69.85 7.95 -8.11
C ALA E 202 69.13 6.66 -8.49
N LEU E 203 69.26 5.62 -7.67
CA LEU E 203 68.59 4.35 -7.97
C LEU E 203 67.08 4.49 -7.87
N GLU E 204 66.58 5.10 -6.80
CA GLU E 204 65.15 5.16 -6.55
C GLU E 204 64.48 6.37 -7.17
N ALA E 205 65.21 7.46 -7.39
CA ALA E 205 64.62 8.69 -7.91
C ALA E 205 64.89 8.91 -9.40
N ILE E 206 65.81 8.15 -10.00
CA ILE E 206 66.11 8.30 -11.42
C ILE E 206 65.92 6.97 -12.14
N ARG E 207 66.66 5.95 -11.70
CA ARG E 207 66.64 4.66 -12.39
C ARG E 207 65.23 4.07 -12.44
N PHE E 208 64.52 4.06 -11.30
CA PHE E 208 63.19 3.47 -11.26
C PHE E 208 62.18 4.31 -12.03
N TYR E 209 62.30 5.63 -12.00
CA TYR E 209 61.36 6.48 -12.71
C TYR E 209 61.49 6.33 -14.22
N VAL E 210 62.66 5.93 -14.71
CA VAL E 210 62.78 5.54 -16.11
C VAL E 210 61.96 4.28 -16.36
N SER E 211 61.95 3.36 -15.39
CA SER E 211 61.16 2.14 -15.52
C SER E 211 59.67 2.41 -15.43
N PHE E 212 59.27 3.36 -14.58
CA PHE E 212 57.86 3.73 -14.48
C PHE E 212 57.34 4.18 -15.83
N ALA E 213 58.16 4.93 -16.58
CA ALA E 213 57.75 5.39 -17.89
C ALA E 213 57.38 4.22 -18.81
N CYS E 214 58.12 3.12 -18.74
CA CYS E 214 57.82 1.98 -19.59
C CYS E 214 56.53 1.28 -19.16
N SER E 215 56.37 1.02 -17.86
CA SER E 215 55.18 0.33 -17.39
C SER E 215 53.92 1.13 -17.66
N PHE E 216 54.00 2.46 -17.48
CA PHE E 216 52.83 3.30 -17.68
C PHE E 216 52.58 3.62 -19.15
N ALA E 217 53.60 3.50 -20.00
CA ALA E 217 53.38 3.67 -21.44
C ALA E 217 52.52 2.55 -22.01
N PHE E 218 52.65 1.33 -21.48
CA PHE E 218 51.76 0.25 -21.87
C PHE E 218 50.32 0.53 -21.42
N ALA E 219 50.17 1.20 -20.28
CA ALA E 219 48.83 1.46 -19.77
C ALA E 219 48.13 2.57 -20.55
N GLU E 220 48.90 3.51 -21.10
CA GLU E 220 48.31 4.56 -21.94
C GLU E 220 47.69 4.00 -23.21
N ARG E 221 48.06 2.78 -23.60
CA ARG E 221 47.41 2.06 -24.68
C ARG E 221 46.44 0.99 -24.17
N GLU E 222 46.06 1.07 -22.90
CA GLU E 222 45.13 0.13 -22.27
C GLU E 222 45.61 -1.31 -22.35
N LEU E 223 46.93 -1.51 -22.23
CA LEU E 223 47.53 -2.84 -22.19
C LEU E 223 48.34 -3.00 -20.91
N MET E 224 48.40 -4.24 -20.42
CA MET E 224 49.13 -4.59 -19.19
C MET E 224 48.65 -3.75 -18.01
N GLU E 225 47.33 -3.61 -17.90
CA GLU E 225 46.76 -2.72 -16.90
C GLU E 225 46.84 -3.29 -15.48
N GLY E 226 46.92 -4.61 -15.34
CA GLY E 226 47.15 -5.19 -14.02
C GLY E 226 48.54 -4.88 -13.51
N ASN E 227 49.55 -4.99 -14.39
CA ASN E 227 50.89 -4.53 -14.05
C ASN E 227 50.89 -3.04 -13.71
N ALA E 228 50.19 -2.23 -14.51
CA ALA E 228 50.20 -0.79 -14.31
C ALA E 228 49.66 -0.40 -12.93
N LYS E 229 48.63 -1.10 -12.46
CA LYS E 229 48.07 -0.80 -11.15
C LYS E 229 49.10 -1.04 -10.05
N ILE E 230 49.90 -2.10 -10.18
CA ILE E 230 50.88 -2.43 -9.16
C ILE E 230 52.03 -1.42 -9.18
N ILE E 231 52.53 -1.10 -10.38
CA ILE E 231 53.60 -0.10 -10.49
C ILE E 231 53.12 1.25 -9.98
N ARG E 232 51.82 1.53 -10.13
CA ARG E 232 51.26 2.78 -9.59
C ARG E 232 51.38 2.81 -8.08
N LEU E 233 51.13 1.67 -7.43
CA LEU E 233 51.29 1.57 -5.98
C LEU E 233 52.76 1.67 -5.58
N ILE E 234 53.66 1.04 -6.36
CA ILE E 234 55.08 1.11 -6.07
C ILE E 234 55.59 2.55 -6.20
N ALA E 235 55.16 3.26 -7.24
CA ALA E 235 55.61 4.62 -7.45
C ALA E 235 55.25 5.53 -6.28
N ARG E 236 54.09 5.30 -5.67
CA ARG E 236 53.72 6.11 -4.50
C ARG E 236 54.67 5.84 -3.35
N ASP E 237 55.09 4.58 -3.18
CA ASP E 237 56.11 4.25 -2.19
C ASP E 237 57.45 4.86 -2.58
N GLU E 238 57.82 4.73 -3.86
CA GLU E 238 59.14 5.16 -4.30
C GLU E 238 59.35 6.65 -4.06
N ALA E 239 58.29 7.45 -4.11
CA ALA E 239 58.42 8.87 -3.79
C ALA E 239 58.76 9.07 -2.33
N LEU E 240 58.24 8.21 -1.44
CA LEU E 240 58.63 8.28 -0.04
C LEU E 240 60.09 7.91 0.15
N HIS E 241 60.55 6.90 -0.58
CA HIS E 241 61.92 6.41 -0.43
C HIS E 241 62.92 7.49 -0.78
N LEU E 242 62.80 8.07 -1.99
CA LEU E 242 63.76 9.08 -2.43
C LEU E 242 63.67 10.34 -1.57
N THR E 243 62.49 10.66 -1.05
CA THR E 243 62.39 11.76 -0.10
C THR E 243 63.19 11.44 1.16
N GLY E 244 63.19 10.18 1.58
CA GLY E 244 63.99 9.78 2.73
C GLY E 244 65.47 9.98 2.49
N THR E 245 65.99 9.49 1.36
CA THR E 245 67.41 9.65 1.06
C THR E 245 67.77 11.11 0.81
N GLN E 246 66.85 11.89 0.26
CA GLN E 246 67.10 13.32 0.08
C GLN E 246 67.29 14.01 1.41
N HIS E 247 66.43 13.71 2.38
CA HIS E 247 66.58 14.34 3.69
C HIS E 247 67.87 13.87 4.37
N MET E 248 68.21 12.59 4.21
CA MET E 248 69.49 12.10 4.73
C MET E 248 70.66 12.83 4.09
N LEU E 249 70.68 12.88 2.75
CA LEU E 249 71.78 13.52 2.05
C LEU E 249 71.91 15.00 2.40
N ASN E 250 70.78 15.72 2.44
CA ASN E 250 70.83 17.15 2.70
C ASN E 250 71.15 17.47 4.15
N LEU E 251 70.70 16.64 5.09
CA LEU E 251 71.07 16.87 6.49
C LEU E 251 72.56 16.65 6.71
N LEU E 252 73.13 15.63 6.06
CA LEU E 252 74.56 15.41 6.12
C LEU E 252 75.32 16.52 5.43
N ARG E 253 74.87 16.93 4.25
CA ARG E 253 75.61 17.90 3.45
C ARG E 253 75.63 19.28 4.12
N SER E 254 74.52 19.66 4.75
CA SER E 254 74.42 20.97 5.39
C SER E 254 75.08 21.02 6.77
N GLY E 255 75.62 19.89 7.24
CA GLY E 255 76.30 19.85 8.53
C GLY E 255 75.42 20.03 9.75
N ALA E 256 74.09 20.05 9.59
CA ALA E 256 73.21 20.22 10.74
C ALA E 256 73.37 19.08 11.74
N ASP E 257 73.62 17.86 11.24
CA ASP E 257 73.74 16.68 12.08
C ASP E 257 75.18 16.47 12.55
N ASP E 258 76.14 16.54 11.63
CA ASP E 258 77.54 16.30 11.95
C ASP E 258 78.41 17.35 11.25
N PRO E 259 79.06 18.24 12.00
CA PRO E 259 79.89 19.27 11.36
C PRO E 259 80.97 18.70 10.46
N GLU E 260 81.60 17.59 10.86
CA GLU E 260 82.59 16.95 10.01
C GLU E 260 81.98 16.53 8.66
N MET E 261 80.71 16.13 8.66
CA MET E 261 80.08 15.63 7.44
C MET E 261 79.98 16.70 6.36
N ALA E 262 79.87 17.97 6.75
CA ALA E 262 79.79 19.05 5.78
C ALA E 262 81.02 19.08 4.88
N GLU E 263 82.20 18.93 5.48
CA GLU E 263 83.45 18.91 4.72
C GLU E 263 83.56 17.65 3.86
N ILE E 264 83.17 16.50 4.41
CA ILE E 264 83.25 15.25 3.66
C ILE E 264 82.34 15.29 2.43
N ALA E 265 81.20 15.97 2.54
CA ALA E 265 80.32 16.14 1.38
C ALA E 265 80.99 16.93 0.28
N GLU E 266 81.88 17.87 0.65
CA GLU E 266 82.54 18.70 -0.35
C GLU E 266 83.59 17.92 -1.14
N GLU E 267 84.25 16.96 -0.50
CA GLU E 267 85.23 16.13 -1.20
C GLU E 267 84.58 15.17 -2.19
N CYS E 268 83.29 14.89 -2.02
CA CYS E 268 82.57 13.97 -2.89
C CYS E 268 81.75 14.66 -3.96
N LYS E 269 81.55 15.98 -3.84
CA LYS E 269 80.62 16.69 -4.71
C LYS E 269 80.88 16.38 -6.18
N GLN E 270 82.15 16.22 -6.55
CA GLN E 270 82.48 15.81 -7.92
C GLN E 270 82.21 14.33 -8.14
N GLU E 271 82.57 13.48 -7.16
CA GLU E 271 82.29 12.06 -7.28
C GLU E 271 80.79 11.81 -7.38
N CYS E 272 80.00 12.53 -6.58
CA CYS E 272 78.55 12.37 -6.63
C CYS E 272 78.00 12.81 -7.97
N TYR E 273 78.54 13.90 -8.52
CA TYR E 273 78.13 14.35 -9.85
C TYR E 273 78.46 13.30 -10.90
N ASP E 274 79.70 12.81 -10.89
CA ASP E 274 80.09 11.74 -11.81
C ASP E 274 79.30 10.47 -11.56
N LEU E 275 78.92 10.23 -10.30
CA LEU E 275 78.10 9.07 -9.97
C LEU E 275 76.73 9.17 -10.65
N PHE E 276 76.08 10.33 -10.53
CA PHE E 276 74.78 10.54 -11.15
C PHE E 276 74.88 10.53 -12.67
N VAL E 277 75.86 11.24 -13.23
CA VAL E 277 76.01 11.31 -14.68
C VAL E 277 76.18 9.91 -15.27
N GLN E 278 77.02 9.09 -14.62
CA GLN E 278 77.18 7.71 -15.07
C GLN E 278 75.87 6.94 -14.95
N ALA E 279 75.17 7.09 -13.82
CA ALA E 279 73.89 6.42 -13.63
C ALA E 279 72.89 6.82 -14.71
N ALA E 280 72.78 8.14 -14.97
CA ALA E 280 71.88 8.60 -16.02
C ALA E 280 72.29 8.04 -17.38
N GLN E 281 73.59 8.01 -17.64
CA GLN E 281 74.08 7.47 -18.92
C GLN E 281 73.80 5.99 -19.06
N GLN E 282 73.82 5.22 -17.96
CA GLN E 282 73.52 3.80 -18.06
C GLN E 282 72.08 3.56 -18.49
N GLU E 283 71.15 4.38 -17.99
CA GLU E 283 69.75 4.19 -18.36
C GLU E 283 69.53 4.53 -19.83
N LYS E 284 70.22 5.55 -20.35
CA LYS E 284 70.17 5.83 -21.78
C LYS E 284 70.67 4.63 -22.57
N ASP E 285 71.76 4.00 -22.11
CA ASP E 285 72.22 2.77 -22.73
C ASP E 285 71.21 1.65 -22.53
N TRP E 286 70.61 1.59 -21.34
CA TRP E 286 69.55 0.61 -21.09
C TRP E 286 68.38 0.83 -22.04
N ALA E 287 68.06 2.09 -22.34
CA ALA E 287 66.99 2.37 -23.30
C ALA E 287 67.33 1.83 -24.68
N ASP E 288 68.62 1.87 -25.05
CA ASP E 288 69.04 1.36 -26.35
C ASP E 288 68.80 -0.15 -26.46
N TYR E 289 68.94 -0.88 -25.36
CA TYR E 289 68.68 -2.31 -25.39
C TYR E 289 67.19 -2.61 -25.50
N LEU E 290 66.35 -1.73 -24.94
CA LEU E 290 64.90 -1.95 -24.98
C LEU E 290 64.37 -1.85 -26.39
N PHE E 291 64.76 -0.80 -27.12
CA PHE E 291 64.25 -0.53 -28.47
C PHE E 291 65.19 -1.03 -29.55
N ARG E 292 66.00 -2.04 -29.23
CA ARG E 292 66.92 -2.61 -30.22
C ARG E 292 66.17 -3.31 -31.35
N ASP E 293 64.97 -3.83 -31.08
CA ASP E 293 64.18 -4.53 -32.08
C ASP E 293 62.94 -3.74 -32.50
N GLY E 294 62.86 -2.46 -32.15
CA GLY E 294 61.75 -1.62 -32.54
C GLY E 294 61.16 -0.89 -31.35
N SER E 295 60.29 0.06 -31.66
CA SER E 295 59.65 0.92 -30.67
C SER E 295 58.14 0.67 -30.70
N MET E 296 57.42 1.45 -29.88
CA MET E 296 55.98 1.32 -29.78
C MET E 296 55.35 2.71 -29.77
N ILE E 297 54.04 2.75 -29.92
CA ILE E 297 53.31 4.02 -29.94
C ILE E 297 53.53 4.73 -28.61
N GLY E 298 54.18 5.90 -28.67
CA GLY E 298 54.36 6.75 -27.51
C GLY E 298 55.70 6.64 -26.83
N LEU E 299 56.54 5.67 -27.21
CA LEU E 299 57.82 5.50 -26.52
C LEU E 299 58.85 4.90 -27.46
N ASN E 300 60.00 5.56 -27.56
CA ASN E 300 61.15 5.03 -28.28
C ASN E 300 62.41 5.42 -27.49
N LYS E 301 63.57 5.24 -28.11
CA LYS E 301 64.82 5.59 -27.45
C LYS E 301 64.88 7.09 -27.17
N ASP E 302 64.54 7.91 -28.18
CA ASP E 302 64.64 9.36 -28.04
C ASP E 302 63.76 9.87 -26.91
N ILE E 303 62.50 9.43 -26.88
CA ILE E 303 61.57 9.88 -25.85
C ILE E 303 62.09 9.54 -24.46
N LEU E 304 62.51 8.29 -24.27
CA LEU E 304 62.91 7.82 -22.94
C LEU E 304 64.21 8.47 -22.48
N CYS E 305 65.18 8.63 -23.39
CA CYS E 305 66.43 9.28 -23.04
C CYS E 305 66.22 10.74 -22.67
N GLN E 306 65.25 11.40 -23.31
CA GLN E 306 64.91 12.77 -22.94
C GLN E 306 64.37 12.84 -21.52
N TYR E 307 63.57 11.83 -21.14
CA TYR E 307 63.06 11.79 -19.78
C TYR E 307 64.19 11.58 -18.78
N VAL E 308 65.20 10.79 -19.16
CA VAL E 308 66.37 10.63 -18.31
C VAL E 308 66.98 11.99 -17.99
N GLU E 309 67.21 12.81 -19.02
CA GLU E 309 67.78 14.13 -18.81
C GLU E 309 66.84 15.01 -17.99
N TYR E 310 65.53 14.86 -18.22
CA TYR E 310 64.57 15.67 -17.48
C TYR E 310 64.56 15.31 -16.00
N ILE E 311 64.44 14.01 -15.69
CA ILE E 311 64.32 13.59 -14.30
C ILE E 311 65.66 13.69 -13.56
N THR E 312 66.78 13.57 -14.28
CA THR E 312 68.09 13.65 -13.63
C THR E 312 68.33 15.03 -13.06
N ASN E 313 68.05 16.08 -13.85
CA ASN E 313 68.24 17.45 -13.38
C ASN E 313 67.43 17.71 -12.10
N ILE E 314 66.20 17.22 -12.06
CA ILE E 314 65.33 17.49 -10.91
C ILE E 314 65.90 16.87 -9.65
N ARG E 315 66.27 15.60 -9.72
CA ARG E 315 66.79 14.91 -8.53
C ARG E 315 68.09 15.54 -8.05
N MET E 316 69.00 15.85 -8.99
CA MET E 316 70.30 16.39 -8.62
C MET E 316 70.17 17.78 -8.00
N GLN E 317 69.25 18.61 -8.51
CA GLN E 317 69.03 19.90 -7.89
C GLN E 317 68.52 19.75 -6.47
N ALA E 318 67.72 18.72 -6.20
CA ALA E 318 67.15 18.50 -4.88
C ALA E 318 68.21 18.18 -3.83
N VAL E 319 69.38 17.70 -4.24
CA VAL E 319 70.42 17.32 -3.31
C VAL E 319 71.67 18.19 -3.46
N GLY E 320 71.53 19.36 -4.09
CA GLY E 320 72.63 20.31 -4.20
C GLY E 320 73.73 19.92 -5.17
N LEU E 321 73.37 19.41 -6.35
CA LEU E 321 74.32 19.07 -7.40
C LEU E 321 74.05 19.90 -8.65
N ASP E 322 75.11 20.14 -9.41
CA ASP E 322 74.98 20.90 -10.64
C ASP E 322 74.24 20.08 -11.69
N LEU E 323 73.45 20.76 -12.51
CA LEU E 323 72.66 20.08 -13.53
C LEU E 323 73.56 19.61 -14.67
N PRO E 324 73.52 18.32 -15.02
CA PRO E 324 74.43 17.81 -16.07
C PRO E 324 73.86 17.90 -17.47
N PHE E 325 72.55 18.11 -17.60
CA PHE E 325 71.89 18.14 -18.89
C PHE E 325 71.27 19.52 -19.14
N GLN E 326 70.87 19.74 -20.38
CA GLN E 326 70.21 20.99 -20.75
C GLN E 326 68.84 21.07 -20.10
N THR E 327 68.36 22.29 -19.89
CA THR E 327 67.02 22.48 -19.38
C THR E 327 66.00 21.94 -20.37
N ARG E 328 64.97 21.26 -19.84
CA ARG E 328 63.99 20.58 -20.69
C ARG E 328 62.67 20.49 -19.95
N SER E 329 61.58 20.61 -20.71
CA SER E 329 60.24 20.34 -20.20
C SER E 329 59.94 18.84 -20.27
N ASN E 330 58.99 18.41 -19.44
CA ASN E 330 58.63 17.00 -19.32
C ASN E 330 58.23 16.41 -20.67
N PRO E 331 59.02 15.48 -21.21
CA PRO E 331 58.67 14.90 -22.52
C PRO E 331 57.50 13.94 -22.47
N ILE E 332 57.12 13.46 -21.29
CA ILE E 332 55.99 12.56 -21.13
C ILE E 332 55.08 13.12 -20.03
N PRO E 333 54.29 14.16 -20.32
CA PRO E 333 53.43 14.74 -19.27
C PRO E 333 52.40 13.78 -18.73
N TRP E 334 52.05 12.73 -19.50
CA TRP E 334 51.06 11.76 -19.06
C TRP E 334 51.53 10.94 -17.86
N ILE E 335 52.83 10.95 -17.55
CA ILE E 335 53.31 10.16 -16.43
C ILE E 335 52.86 10.76 -15.10
N ASN E 336 52.53 12.05 -15.08
CA ASN E 336 52.08 12.67 -13.83
C ASN E 336 50.74 12.12 -13.36
N THR E 337 49.95 11.58 -14.28
CA THR E 337 48.70 10.90 -13.90
C THR E 337 48.96 9.78 -12.90
N TRP E 338 50.09 9.07 -13.07
CA TRP E 338 50.39 7.89 -12.29
C TRP E 338 51.25 8.18 -11.05
N LEU E 339 51.87 9.35 -10.98
CA LEU E 339 52.77 9.66 -9.88
C LEU E 339 52.11 10.59 -8.86
N SER E 363 10.70 40.15 -15.51
CA SER E 363 10.91 40.58 -14.13
C SER E 363 10.32 41.97 -13.89
N GLU E 364 10.47 42.46 -12.66
CA GLU E 364 9.90 43.73 -12.25
C GLU E 364 10.81 44.89 -12.64
N VAL E 365 10.19 46.00 -13.05
CA VAL E 365 10.91 47.21 -13.41
C VAL E 365 10.48 48.33 -12.47
N ASP E 366 11.30 49.37 -12.40
CA ASP E 366 11.04 50.54 -11.57
C ASP E 366 11.10 51.78 -12.46
N THR E 367 9.93 52.25 -12.89
CA THR E 367 9.86 53.44 -13.72
C THR E 367 10.45 54.66 -13.01
N ASP E 368 10.31 54.72 -11.68
CA ASP E 368 10.91 55.80 -10.92
C ASP E 368 12.43 55.80 -11.07
N ASP E 369 13.04 54.60 -10.97
CA ASP E 369 14.47 54.50 -11.16
C ASP E 369 14.87 54.74 -12.61
N LEU E 370 13.98 54.42 -13.56
CA LEU E 370 14.27 54.66 -14.97
C LEU E 370 14.16 56.13 -15.32
N SER E 371 13.21 56.85 -14.71
CA SER E 371 13.11 58.28 -14.94
C SER E 371 14.35 59.01 -14.46
N ASN E 372 15.03 58.44 -13.46
CA ASN E 372 16.34 58.93 -13.02
C ASN E 372 17.38 58.63 -14.07
N PHE E 373 17.25 59.23 -15.26
CA PHE E 373 18.13 58.95 -16.39
C PHE E 373 17.85 59.95 -17.49
N GLN E 374 18.92 60.47 -18.09
CA GLN E 374 18.85 61.45 -19.16
C GLN E 374 19.30 60.80 -20.47
N LEU E 375 18.42 60.83 -21.47
CA LEU E 375 18.73 60.25 -22.78
C LEU E 375 19.80 61.06 -23.51
N ALA F 1 -81.49 16.98 -10.77
CA ALA F 1 -80.87 15.68 -11.00
C ALA F 1 -79.36 15.74 -10.76
N TYR F 2 -78.71 14.57 -10.80
CA TYR F 2 -77.28 14.53 -10.56
C TYR F 2 -76.54 15.06 -11.76
N THR F 3 -75.52 15.88 -11.49
CA THR F 3 -74.64 16.42 -12.51
C THR F 3 -73.20 16.08 -12.16
N THR F 4 -72.43 15.74 -13.19
CA THR F 4 -71.02 15.43 -13.00
C THR F 4 -70.17 16.68 -12.81
N PHE F 5 -70.65 17.85 -13.24
CA PHE F 5 -69.97 19.10 -12.94
C PHE F 5 -71.01 20.20 -12.77
N SER F 6 -71.40 20.46 -11.53
CA SER F 6 -72.39 21.49 -11.23
C SER F 6 -71.86 22.88 -11.57
N GLN F 7 -72.73 23.68 -12.20
CA GLN F 7 -72.34 25.01 -12.67
C GLN F 7 -72.24 26.04 -11.54
N THR F 8 -73.01 25.86 -10.46
CA THR F 8 -73.03 26.87 -9.40
C THR F 8 -71.69 26.91 -8.68
N LYS F 9 -71.21 28.11 -8.39
CA LYS F 9 -70.00 28.26 -7.58
C LYS F 9 -70.40 28.27 -6.11
N ASN F 10 -70.15 27.16 -5.42
CA ASN F 10 -70.46 27.02 -4.01
C ASN F 10 -69.17 27.03 -3.21
N ASP F 11 -69.25 27.54 -1.98
CA ASP F 11 -68.15 27.43 -1.03
C ASP F 11 -68.15 26.00 -0.52
N GLN F 12 -67.22 25.18 -1.03
CA GLN F 12 -67.21 23.77 -0.68
C GLN F 12 -67.00 23.55 0.81
N LEU F 13 -66.46 24.53 1.52
CA LEU F 13 -66.24 24.39 2.96
C LEU F 13 -67.54 24.44 3.75
N LYS F 14 -68.59 25.03 3.20
CA LYS F 14 -69.86 25.16 3.88
C LYS F 14 -70.87 24.10 3.46
N GLU F 15 -70.52 23.25 2.50
CA GLU F 15 -71.40 22.17 2.10
C GLU F 15 -71.44 21.09 3.17
N PRO F 16 -72.49 20.28 3.19
CA PRO F 16 -72.50 19.10 4.07
C PRO F 16 -71.75 17.93 3.43
N MET F 17 -71.58 16.88 4.21
CA MET F 17 -70.96 15.66 3.67
C MET F 17 -71.81 15.05 2.57
N PHE F 18 -73.13 14.97 2.79
CA PHE F 18 -74.04 14.35 1.84
C PHE F 18 -75.19 15.30 1.55
N PHE F 19 -75.80 15.07 0.38
CA PHE F 19 -77.05 15.68 -0.10
C PHE F 19 -76.93 17.16 -0.42
N GLY F 20 -75.76 17.76 -0.27
CA GLY F 20 -75.54 19.13 -0.70
C GLY F 20 -75.35 19.20 -2.20
N GLN F 21 -74.77 20.30 -2.64
CA GLN F 21 -74.51 20.47 -4.07
C GLN F 21 -73.44 19.49 -4.52
N PRO F 22 -73.67 18.77 -5.62
CA PRO F 22 -72.64 17.86 -6.14
C PRO F 22 -71.30 18.57 -6.35
N VAL F 23 -70.23 17.88 -5.96
CA VAL F 23 -68.88 18.45 -6.10
C VAL F 23 -68.60 18.81 -7.55
N ASN F 24 -68.02 19.98 -7.77
CA ASN F 24 -67.59 20.39 -9.10
C ASN F 24 -66.07 20.26 -9.23
N VAL F 25 -65.34 21.28 -8.80
CA VAL F 25 -63.88 21.29 -8.93
C VAL F 25 -63.28 20.49 -7.79
N ALA F 26 -62.33 19.61 -8.12
CA ALA F 26 -61.67 18.75 -7.13
C ALA F 26 -60.38 19.42 -6.69
N ARG F 27 -60.41 19.98 -5.49
CA ARG F 27 -59.25 20.64 -4.90
C ARG F 27 -58.94 19.96 -3.58
N TYR F 28 -57.67 20.00 -3.19
CA TYR F 28 -57.20 19.31 -1.99
C TYR F 28 -56.30 20.19 -1.15
N ASP F 29 -56.40 21.51 -1.33
CA ASP F 29 -55.67 22.48 -0.53
C ASP F 29 -56.40 22.88 0.75
N GLN F 30 -57.68 22.52 0.88
CA GLN F 30 -58.48 22.87 2.05
C GLN F 30 -59.53 21.79 2.24
N GLN F 31 -59.98 21.63 3.48
CA GLN F 31 -61.01 20.63 3.78
C GLN F 31 -61.99 21.18 4.81
N LYS F 32 -63.24 20.74 4.70
CA LYS F 32 -64.18 20.95 5.78
C LYS F 32 -63.91 19.98 6.93
N TYR F 33 -63.78 18.70 6.61
CA TYR F 33 -63.36 17.67 7.56
C TYR F 33 -62.06 17.06 7.04
N ASP F 34 -60.94 17.37 7.69
CA ASP F 34 -59.65 16.91 7.21
C ASP F 34 -59.36 15.46 7.54
N ILE F 35 -60.28 14.78 8.25
CA ILE F 35 -60.07 13.36 8.53
C ILE F 35 -60.02 12.57 7.23
N PHE F 36 -60.84 12.96 6.26
CA PHE F 36 -60.86 12.22 5.01
C PHE F 36 -59.64 12.52 4.16
N GLU F 37 -59.10 13.75 4.26
CA GLU F 37 -57.86 14.05 3.55
C GLU F 37 -56.70 13.25 4.11
N LYS F 38 -56.66 13.08 5.43
CA LYS F 38 -55.61 12.25 6.04
C LYS F 38 -55.78 10.78 5.64
N LEU F 39 -57.01 10.30 5.59
CA LEU F 39 -57.26 8.92 5.17
C LEU F 39 -56.81 8.69 3.73
N ILE F 40 -56.97 9.71 2.87
CA ILE F 40 -56.49 9.60 1.50
C ILE F 40 -54.98 9.45 1.46
N GLU F 41 -54.27 10.37 2.12
CA GLU F 41 -52.81 10.32 2.11
C GLU F 41 -52.30 9.02 2.71
N LYS F 42 -52.96 8.52 3.76
CA LYS F 42 -52.50 7.30 4.39
C LYS F 42 -52.79 6.08 3.53
N GLN F 43 -53.92 6.08 2.82
CA GLN F 43 -54.20 4.96 1.93
C GLN F 43 -53.26 4.98 0.74
N LEU F 44 -52.95 6.16 0.22
CA LEU F 44 -52.01 6.26 -0.88
C LEU F 44 -50.63 5.77 -0.47
N SER F 45 -50.25 6.02 0.79
CA SER F 45 -48.93 5.60 1.27
C SER F 45 -48.85 4.09 1.45
N PHE F 46 -49.98 3.43 1.69
CA PHE F 46 -50.03 1.98 1.89
C PHE F 46 -50.07 1.20 0.58
N PHE F 47 -50.00 1.86 -0.57
CA PHE F 47 -50.23 1.19 -1.84
C PHE F 47 -49.37 -0.06 -2.00
N TRP F 48 -50.04 -1.19 -2.22
CA TRP F 48 -49.36 -2.46 -2.43
C TRP F 48 -50.05 -3.20 -3.57
N ARG F 49 -49.33 -4.17 -4.13
CA ARG F 49 -49.83 -5.04 -5.18
C ARG F 49 -49.70 -6.48 -4.72
N PRO F 50 -50.65 -7.35 -5.12
CA PRO F 50 -50.62 -8.73 -4.59
C PRO F 50 -49.41 -9.52 -5.05
N GLU F 51 -48.97 -9.34 -6.30
CA GLU F 51 -47.88 -10.14 -6.84
C GLU F 51 -46.55 -9.87 -6.15
N GLU F 52 -46.42 -8.75 -5.45
CA GLU F 52 -45.18 -8.48 -4.75
C GLU F 52 -45.00 -9.33 -3.49
N VAL F 53 -45.95 -10.21 -3.19
CA VAL F 53 -45.87 -11.09 -2.02
C VAL F 53 -45.71 -12.52 -2.52
N ASP F 54 -44.74 -13.24 -1.96
CA ASP F 54 -44.49 -14.63 -2.34
C ASP F 54 -45.51 -15.53 -1.66
N VAL F 55 -46.35 -16.18 -2.47
CA VAL F 55 -47.37 -17.09 -1.97
C VAL F 55 -47.14 -18.51 -2.45
N SER F 56 -45.95 -18.80 -2.98
CA SER F 56 -45.68 -20.12 -3.55
C SER F 56 -45.61 -21.19 -2.46
N ARG F 57 -45.01 -20.87 -1.31
CA ARG F 57 -44.92 -21.87 -0.25
C ARG F 57 -46.29 -22.24 0.30
N ASP F 58 -47.29 -21.37 0.13
CA ASP F 58 -48.59 -21.60 0.75
C ASP F 58 -49.26 -22.84 0.17
N ARG F 59 -48.94 -23.19 -1.07
CA ARG F 59 -49.54 -24.37 -1.68
C ARG F 59 -49.16 -25.65 -0.96
N ILE F 60 -47.90 -25.76 -0.51
CA ILE F 60 -47.47 -26.96 0.21
C ILE F 60 -48.22 -27.07 1.53
N ASP F 61 -48.27 -25.97 2.28
CA ASP F 61 -48.95 -25.95 3.57
C ASP F 61 -50.42 -26.34 3.42
N TYR F 62 -51.08 -25.83 2.39
CA TYR F 62 -52.52 -26.08 2.21
C TYR F 62 -52.79 -27.56 1.97
N GLN F 63 -52.02 -28.19 1.08
CA GLN F 63 -52.25 -29.60 0.77
C GLN F 63 -51.99 -30.48 1.98
N ALA F 64 -51.12 -30.06 2.90
CA ALA F 64 -50.83 -30.81 4.11
C ALA F 64 -51.87 -30.62 5.20
N LEU F 65 -52.73 -29.61 5.07
CA LEU F 65 -53.74 -29.35 6.08
C LEU F 65 -54.69 -30.56 6.20
N PRO F 66 -55.22 -30.81 7.40
CA PRO F 66 -56.31 -31.77 7.52
C PRO F 66 -57.51 -31.35 6.68
N GLU F 67 -58.38 -32.32 6.40
CA GLU F 67 -59.51 -32.06 5.52
C GLU F 67 -60.41 -30.95 6.07
N HIS F 68 -60.65 -30.95 7.38
CA HIS F 68 -61.52 -29.92 7.94
C HIS F 68 -60.81 -28.58 8.07
N GLU F 69 -59.48 -28.56 8.05
CA GLU F 69 -58.76 -27.29 8.05
C GLU F 69 -58.65 -26.68 6.66
N LYS F 70 -58.59 -27.51 5.61
CA LYS F 70 -58.81 -26.99 4.26
C LYS F 70 -60.15 -26.29 4.17
N HIS F 71 -61.17 -26.87 4.82
CA HIS F 71 -62.51 -26.29 4.81
C HIS F 71 -62.53 -24.95 5.53
N ILE F 72 -61.96 -24.90 6.74
CA ILE F 72 -61.94 -23.66 7.50
C ILE F 72 -61.27 -22.55 6.70
N PHE F 73 -60.09 -22.85 6.13
CA PHE F 73 -59.34 -21.84 5.40
C PHE F 73 -60.08 -21.40 4.14
N ILE F 74 -60.56 -22.36 3.33
CA ILE F 74 -61.14 -22.00 2.04
C ILE F 74 -62.51 -21.35 2.21
N SER F 75 -63.25 -21.68 3.28
CA SER F 75 -64.52 -21.01 3.51
C SER F 75 -64.33 -19.56 3.91
N ASN F 76 -63.31 -19.29 4.73
CA ASN F 76 -63.01 -17.92 5.11
C ASN F 76 -62.51 -17.11 3.92
N LEU F 77 -61.93 -17.79 2.92
CA LEU F 77 -61.43 -17.12 1.74
C LEU F 77 -62.57 -16.78 0.77
N LYS F 78 -63.56 -17.67 0.64
CA LYS F 78 -64.72 -17.36 -0.20
C LYS F 78 -65.50 -16.20 0.40
N TYR F 79 -65.69 -16.21 1.72
CA TYR F 79 -66.41 -15.12 2.38
C TYR F 79 -65.67 -13.81 2.23
N GLN F 80 -64.34 -13.84 2.33
CA GLN F 80 -63.54 -12.65 2.11
C GLN F 80 -63.70 -12.15 0.68
N THR F 81 -63.59 -13.07 -0.29
CA THR F 81 -63.76 -12.70 -1.69
C THR F 81 -65.13 -12.07 -1.91
N LEU F 82 -66.14 -12.60 -1.21
CA LEU F 82 -67.50 -12.10 -1.37
C LEU F 82 -67.61 -10.68 -0.82
N LEU F 83 -67.22 -10.48 0.43
CA LEU F 83 -67.43 -9.20 1.08
C LEU F 83 -66.69 -8.07 0.35
N ASP F 84 -65.42 -8.32 0.03
CA ASP F 84 -64.66 -7.30 -0.69
C ASP F 84 -65.05 -7.22 -2.16
N SER F 85 -65.81 -8.18 -2.69
CA SER F 85 -66.40 -7.99 -4.01
C SER F 85 -67.48 -6.93 -3.95
N ILE F 86 -68.36 -7.01 -2.94
CA ILE F 86 -69.32 -5.96 -2.69
C ILE F 86 -68.62 -4.64 -2.43
N GLN F 87 -67.62 -4.65 -1.55
CA GLN F 87 -66.92 -3.42 -1.18
C GLN F 87 -66.14 -2.82 -2.35
N GLY F 88 -65.86 -3.60 -3.39
CA GLY F 88 -65.15 -3.05 -4.54
C GLY F 88 -65.96 -1.99 -5.27
N ARG F 89 -67.23 -2.29 -5.54
CA ARG F 89 -68.10 -1.42 -6.34
C ARG F 89 -69.01 -0.54 -5.49
N SER F 90 -69.46 -1.02 -4.33
CA SER F 90 -70.58 -0.38 -3.64
C SER F 90 -70.30 1.03 -3.16
N PRO F 91 -69.17 1.33 -2.50
CA PRO F 91 -68.97 2.73 -2.07
C PRO F 91 -68.99 3.70 -3.23
N ASN F 92 -68.54 3.28 -4.42
CA ASN F 92 -68.57 4.16 -5.57
C ASN F 92 -69.99 4.36 -6.10
N VAL F 93 -70.79 3.29 -6.11
CA VAL F 93 -72.13 3.38 -6.69
C VAL F 93 -73.09 4.06 -5.73
N ALA F 94 -72.97 3.78 -4.43
CA ALA F 94 -73.96 4.24 -3.47
C ALA F 94 -73.63 5.61 -2.88
N LEU F 95 -72.37 6.00 -2.83
CA LEU F 95 -71.99 7.23 -2.13
C LEU F 95 -71.60 8.38 -3.04
N LEU F 96 -70.97 8.12 -4.19
CA LEU F 96 -70.56 9.21 -5.06
C LEU F 96 -71.72 10.11 -5.49
N PRO F 97 -72.92 9.62 -5.81
CA PRO F 97 -74.00 10.56 -6.17
C PRO F 97 -74.54 11.36 -4.99
N LEU F 98 -74.10 11.09 -3.76
CA LEU F 98 -74.59 11.80 -2.59
C LEU F 98 -73.57 12.74 -1.99
N ILE F 99 -72.28 12.57 -2.27
CA ILE F 99 -71.26 13.37 -1.63
C ILE F 99 -71.29 14.79 -2.15
N SER F 100 -71.05 15.75 -1.26
CA SER F 100 -71.08 17.17 -1.61
C SER F 100 -69.83 17.95 -1.22
N ILE F 101 -68.82 17.29 -0.67
CA ILE F 101 -67.53 17.94 -0.41
C ILE F 101 -66.42 17.16 -1.10
N PRO F 102 -65.38 17.83 -1.61
CA PRO F 102 -64.41 17.11 -2.45
C PRO F 102 -63.56 16.10 -1.69
N GLU F 103 -63.16 16.41 -0.46
CA GLU F 103 -62.27 15.50 0.27
C GLU F 103 -62.95 14.17 0.54
N LEU F 104 -64.26 14.16 0.77
CA LEU F 104 -64.99 12.92 1.00
C LEU F 104 -65.25 12.18 -0.30
N GLU F 105 -65.45 12.90 -1.40
CA GLU F 105 -65.61 12.24 -2.68
C GLU F 105 -64.36 11.42 -3.03
N THR F 106 -63.19 12.07 -2.99
CA THR F 106 -61.95 11.38 -3.36
C THR F 106 -61.62 10.25 -2.39
N TRP F 107 -61.95 10.39 -1.11
CA TRP F 107 -61.71 9.28 -0.20
C TRP F 107 -62.53 8.06 -0.58
N VAL F 108 -63.82 8.25 -0.90
CA VAL F 108 -64.66 7.11 -1.25
C VAL F 108 -64.14 6.42 -2.50
N GLU F 109 -63.62 7.19 -3.46
CA GLU F 109 -63.07 6.57 -4.66
C GLU F 109 -61.77 5.84 -4.35
N THR F 110 -60.94 6.44 -3.48
CA THR F 110 -59.72 5.77 -3.04
C THR F 110 -60.04 4.54 -2.21
N TRP F 111 -61.03 4.66 -1.32
CA TRP F 111 -61.51 3.53 -0.53
C TRP F 111 -61.93 2.37 -1.43
N ALA F 112 -62.76 2.66 -2.44
CA ALA F 112 -63.24 1.61 -3.34
C ALA F 112 -62.10 1.01 -4.14
N PHE F 113 -61.20 1.84 -4.66
CA PHE F 113 -60.09 1.33 -5.44
C PHE F 113 -59.25 0.37 -4.61
N SER F 114 -58.91 0.77 -3.38
CA SER F 114 -58.10 -0.10 -2.53
C SER F 114 -58.79 -1.43 -2.29
N GLU F 115 -60.13 -1.46 -2.37
CA GLU F 115 -60.85 -2.71 -2.24
C GLU F 115 -60.66 -3.60 -3.46
N THR F 116 -60.51 -3.00 -4.64
CA THR F 116 -60.27 -3.81 -5.82
C THR F 116 -58.92 -4.51 -5.74
N ILE F 117 -57.94 -3.89 -5.08
CA ILE F 117 -56.66 -4.55 -4.84
C ILE F 117 -56.85 -5.76 -3.94
N HIS F 118 -57.74 -5.65 -2.95
CA HIS F 118 -58.07 -6.81 -2.13
C HIS F 118 -58.68 -7.91 -2.98
N SER F 119 -59.64 -7.57 -3.85
CA SER F 119 -60.26 -8.57 -4.69
C SER F 119 -59.23 -9.24 -5.60
N ARG F 120 -58.27 -8.46 -6.10
CA ARG F 120 -57.23 -9.03 -6.95
C ARG F 120 -56.32 -9.95 -6.17
N SER F 121 -56.03 -9.62 -4.92
CA SER F 121 -55.16 -10.46 -4.10
C SER F 121 -55.84 -11.76 -3.71
N TYR F 122 -57.17 -11.75 -3.56
CA TYR F 122 -57.87 -13.02 -3.31
C TYR F 122 -57.74 -13.95 -4.51
N THR F 123 -57.86 -13.40 -5.72
CA THR F 123 -57.59 -14.20 -6.91
C THR F 123 -56.15 -14.70 -6.91
N HIS F 124 -55.21 -13.86 -6.46
CA HIS F 124 -53.82 -14.27 -6.37
C HIS F 124 -53.64 -15.43 -5.39
N ILE F 125 -54.23 -15.32 -4.20
CA ILE F 125 -54.10 -16.37 -3.19
C ILE F 125 -54.73 -17.66 -3.69
N ILE F 126 -55.95 -17.56 -4.24
CA ILE F 126 -56.69 -18.74 -4.66
C ILE F 126 -55.90 -19.50 -5.72
N ARG F 127 -55.46 -18.82 -6.77
CA ARG F 127 -54.78 -19.50 -7.85
C ARG F 127 -53.42 -20.06 -7.45
N ASN F 128 -52.96 -19.82 -6.22
CA ASN F 128 -51.67 -20.31 -5.75
C ASN F 128 -51.79 -21.35 -4.63
N ILE F 129 -53.00 -21.77 -4.27
CA ILE F 129 -53.16 -22.78 -3.23
C ILE F 129 -54.05 -23.92 -3.71
N VAL F 130 -54.95 -23.63 -4.65
CA VAL F 130 -55.81 -24.66 -5.21
C VAL F 130 -55.42 -24.90 -6.66
N ASN F 131 -55.89 -26.03 -7.19
CA ASN F 131 -55.53 -26.42 -8.56
C ASN F 131 -56.45 -25.78 -9.59
N ASP F 132 -57.74 -25.70 -9.31
CA ASP F 132 -58.71 -25.06 -10.21
C ASP F 132 -59.40 -23.93 -9.46
N PRO F 133 -59.01 -22.67 -9.69
CA PRO F 133 -59.67 -21.56 -9.00
C PRO F 133 -61.17 -21.49 -9.27
N SER F 134 -61.63 -21.99 -10.42
CA SER F 134 -63.05 -21.96 -10.73
C SER F 134 -63.87 -22.70 -9.69
N VAL F 135 -63.28 -23.72 -9.04
CA VAL F 135 -64.01 -24.45 -8.01
C VAL F 135 -64.38 -23.53 -6.86
N VAL F 136 -63.46 -22.65 -6.48
CA VAL F 136 -63.70 -21.75 -5.36
C VAL F 136 -64.66 -20.63 -5.76
N PHE F 137 -64.41 -20.00 -6.91
CA PHE F 137 -65.21 -18.84 -7.32
C PHE F 137 -66.65 -19.24 -7.60
N ASP F 138 -66.88 -20.38 -8.24
CA ASP F 138 -68.23 -20.78 -8.59
C ASP F 138 -69.08 -21.08 -7.36
N ASP F 139 -68.45 -21.44 -6.24
CA ASP F 139 -69.18 -21.70 -5.00
C ASP F 139 -69.56 -20.44 -4.24
N ILE F 140 -68.99 -19.28 -4.59
CA ILE F 140 -69.25 -18.08 -3.78
C ILE F 140 -70.69 -17.60 -3.93
N VAL F 141 -71.26 -17.70 -5.14
CA VAL F 141 -72.58 -17.11 -5.35
C VAL F 141 -73.69 -18.02 -4.82
N THR F 142 -73.48 -19.32 -4.85
CA THR F 142 -74.50 -20.31 -4.51
C THR F 142 -74.40 -20.79 -3.07
N ASN F 143 -73.26 -20.59 -2.41
CA ASN F 143 -73.04 -21.15 -1.08
C ASN F 143 -74.14 -20.75 -0.12
N GLU F 144 -74.70 -21.77 0.56
CA GLU F 144 -75.83 -21.55 1.46
C GLU F 144 -75.45 -20.60 2.60
N GLN F 145 -74.34 -20.87 3.27
CA GLN F 145 -73.96 -20.09 4.44
C GLN F 145 -73.43 -18.71 4.07
N ILE F 146 -73.06 -18.50 2.82
CA ILE F 146 -72.59 -17.18 2.39
C ILE F 146 -73.74 -16.34 1.85
N GLN F 147 -74.52 -16.89 0.90
CA GLN F 147 -75.54 -16.12 0.21
C GLN F 147 -76.58 -15.53 1.15
N LYS F 148 -76.76 -16.10 2.34
CA LYS F 148 -77.69 -15.51 3.30
C LYS F 148 -77.24 -14.11 3.69
N ARG F 149 -75.96 -13.97 4.04
CA ARG F 149 -75.39 -12.69 4.43
C ARG F 149 -74.99 -11.82 3.25
N ALA F 150 -74.72 -12.43 2.09
CA ALA F 150 -74.41 -11.64 0.90
C ALA F 150 -75.59 -10.78 0.50
N GLU F 151 -76.79 -11.37 0.42
CA GLU F 151 -77.97 -10.61 0.06
C GLU F 151 -78.40 -9.68 1.18
N GLY F 152 -78.13 -10.04 2.44
CA GLY F 152 -78.44 -9.14 3.54
C GLY F 152 -77.62 -7.88 3.51
N ILE F 153 -76.32 -8.00 3.20
CA ILE F 153 -75.42 -6.85 3.19
C ILE F 153 -75.68 -5.97 1.97
N SER F 154 -75.88 -6.59 0.81
CA SER F 154 -76.10 -5.85 -0.42
C SER F 154 -77.42 -5.07 -0.38
N SER F 155 -78.40 -5.53 0.41
CA SER F 155 -79.69 -4.88 0.45
C SER F 155 -79.59 -3.45 0.95
N TYR F 156 -78.80 -3.20 2.00
CA TYR F 156 -78.64 -1.84 2.51
C TYR F 156 -78.07 -0.93 1.44
N TYR F 157 -77.13 -1.45 0.63
CA TYR F 157 -76.61 -0.69 -0.49
C TYR F 157 -77.68 -0.49 -1.57
N ASP F 158 -78.36 -1.58 -1.95
CA ASP F 158 -79.35 -1.52 -3.01
C ASP F 158 -80.47 -0.54 -2.68
N GLU F 159 -80.99 -0.59 -1.45
CA GLU F 159 -82.09 0.29 -1.08
C GLU F 159 -81.65 1.75 -1.07
N LEU F 160 -80.40 2.02 -0.71
CA LEU F 160 -79.90 3.39 -0.75
C LEU F 160 -79.74 3.86 -2.19
N ILE F 161 -79.27 2.97 -3.07
CA ILE F 161 -79.11 3.33 -4.47
C ILE F 161 -80.47 3.64 -5.09
N GLU F 162 -81.49 2.85 -4.74
CA GLU F 162 -82.81 3.03 -5.35
C GLU F 162 -83.40 4.38 -4.96
N MET F 163 -83.49 4.66 -3.65
CA MET F 163 -84.01 5.94 -3.20
C MET F 163 -83.20 7.11 -3.75
N THR F 164 -81.89 6.93 -3.92
CA THR F 164 -81.09 8.00 -4.50
C THR F 164 -81.51 8.28 -5.93
N SER F 165 -81.81 7.24 -6.70
CA SER F 165 -82.24 7.44 -8.09
C SER F 165 -83.57 8.15 -8.17
N TYR F 166 -84.54 7.73 -7.35
CA TYR F 166 -85.82 8.45 -7.30
C TYR F 166 -85.63 9.90 -6.91
N TRP F 167 -84.74 10.15 -5.93
CA TRP F 167 -84.52 11.51 -5.46
C TRP F 167 -83.92 12.39 -6.55
N HIS F 168 -83.10 11.81 -7.43
CA HIS F 168 -82.54 12.59 -8.54
C HIS F 168 -83.54 12.73 -9.67
N LEU F 169 -84.28 11.67 -9.97
CA LEU F 169 -85.22 11.72 -11.09
C LEU F 169 -86.45 12.54 -10.74
N LEU F 170 -87.09 12.24 -9.61
CA LEU F 170 -88.37 12.85 -9.27
C LEU F 170 -88.27 14.02 -8.31
N GLY F 171 -87.22 14.08 -7.51
CA GLY F 171 -87.13 15.09 -6.47
C GLY F 171 -88.05 14.78 -5.31
N GLU F 172 -87.97 15.57 -4.25
CA GLU F 172 -88.80 15.31 -3.08
C GLU F 172 -90.25 15.65 -3.36
N GLY F 173 -91.15 14.85 -2.76
CA GLY F 173 -92.57 15.04 -2.92
C GLY F 173 -93.33 13.74 -3.07
N THR F 174 -94.65 13.83 -3.26
CA THR F 174 -95.49 12.67 -3.49
C THR F 174 -95.73 12.56 -4.99
N HIS F 175 -95.39 11.41 -5.56
CA HIS F 175 -95.42 11.22 -7.00
C HIS F 175 -96.26 10.00 -7.35
N THR F 176 -96.58 9.90 -8.64
CA THR F 176 -97.33 8.78 -9.19
C THR F 176 -96.50 8.16 -10.31
N VAL F 177 -96.20 6.87 -10.17
CA VAL F 177 -95.40 6.14 -11.13
C VAL F 177 -96.22 4.93 -11.57
N ASN F 178 -96.74 4.98 -12.81
CA ASN F 178 -97.58 3.92 -13.36
C ASN F 178 -98.79 3.64 -12.44
N GLY F 179 -99.53 4.70 -12.13
CA GLY F 179 -100.68 4.58 -11.26
C GLY F 179 -100.34 4.57 -9.79
N LYS F 180 -99.46 3.66 -9.38
CA LYS F 180 -99.06 3.55 -7.98
C LYS F 180 -98.42 4.84 -7.48
N THR F 181 -98.68 5.17 -6.22
CA THR F 181 -98.15 6.37 -5.59
C THR F 181 -96.77 6.10 -5.00
N VAL F 182 -95.85 7.03 -5.23
CA VAL F 182 -94.47 6.91 -4.77
C VAL F 182 -94.11 8.20 -4.05
N THR F 183 -93.74 8.07 -2.78
CA THR F 183 -93.37 9.21 -1.96
C THR F 183 -91.84 9.28 -1.89
N VAL F 184 -91.28 10.45 -2.16
CA VAL F 184 -89.83 10.63 -2.11
C VAL F 184 -89.54 11.59 -0.96
N SER F 185 -89.03 11.05 0.14
CA SER F 185 -88.69 11.84 1.32
C SER F 185 -87.18 11.91 1.44
N LEU F 186 -86.65 13.14 1.51
CA LEU F 186 -85.22 13.30 1.76
C LEU F 186 -84.87 12.79 3.15
N ARG F 187 -85.78 12.96 4.12
CA ARG F 187 -85.54 12.45 5.46
C ARG F 187 -85.44 10.93 5.45
N GLU F 188 -86.24 10.27 4.63
CA GLU F 188 -86.13 8.82 4.47
C GLU F 188 -84.90 8.44 3.66
N LEU F 189 -84.40 9.34 2.82
CA LEU F 189 -83.16 9.07 2.11
C LEU F 189 -81.97 9.22 3.06
N LYS F 190 -81.97 10.28 3.89
CA LYS F 190 -80.94 10.42 4.91
C LYS F 190 -80.97 9.25 5.88
N LYS F 191 -82.14 8.64 6.07
CA LYS F 191 -82.24 7.49 6.97
C LYS F 191 -81.62 6.25 6.34
N LYS F 192 -81.81 6.06 5.04
CA LYS F 192 -81.21 4.89 4.38
C LYS F 192 -79.69 5.02 4.26
N LEU F 193 -79.21 6.25 4.08
CA LEU F 193 -77.77 6.48 4.05
C LEU F 193 -77.15 6.13 5.41
N TYR F 194 -77.77 6.61 6.49
CA TYR F 194 -77.23 6.35 7.83
C TYR F 194 -77.24 4.86 8.14
N LEU F 195 -78.35 4.17 7.86
CA LEU F 195 -78.40 2.73 8.10
C LEU F 195 -77.40 1.98 7.26
N CYS F 196 -77.17 2.43 6.02
CA CYS F 196 -76.20 1.76 5.17
C CYS F 196 -74.79 1.89 5.73
N LEU F 197 -74.40 3.12 6.12
CA LEU F 197 -73.08 3.33 6.70
C LEU F 197 -72.90 2.51 7.97
N MET F 198 -73.96 2.39 8.78
CA MET F 198 -73.88 1.53 9.96
C MET F 198 -73.61 0.09 9.56
N SER F 199 -74.31 -0.41 8.54
CA SER F 199 -74.08 -1.77 8.07
C SER F 199 -72.67 -1.94 7.53
N VAL F 200 -72.16 -0.94 6.81
CA VAL F 200 -70.81 -1.03 6.28
C VAL F 200 -69.79 -0.99 7.40
N ASN F 201 -70.06 -0.21 8.45
CA ASN F 201 -69.17 -0.19 9.61
C ASN F 201 -69.12 -1.56 10.27
N ALA F 202 -70.28 -2.20 10.44
CA ALA F 202 -70.28 -3.55 11.00
C ALA F 202 -69.62 -4.56 10.05
N LEU F 203 -69.72 -4.33 8.73
CA LEU F 203 -69.12 -5.24 7.76
C LEU F 203 -67.60 -5.20 7.86
N GLU F 204 -67.03 -4.00 7.89
CA GLU F 204 -65.58 -3.85 7.83
C GLU F 204 -64.92 -3.89 9.20
N ALA F 205 -65.63 -3.56 10.27
CA ALA F 205 -65.01 -3.51 11.59
C ALA F 205 -65.30 -4.74 12.44
N ILE F 206 -66.26 -5.57 12.06
CA ILE F 206 -66.59 -6.79 12.81
C ILE F 206 -66.47 -8.01 11.92
N ARG F 207 -67.23 -8.03 10.81
CA ARG F 207 -67.27 -9.21 9.95
C ARG F 207 -65.87 -9.58 9.43
N PHE F 208 -65.13 -8.59 8.92
CA PHE F 208 -63.81 -8.87 8.39
C PHE F 208 -62.82 -9.23 9.49
N TYR F 209 -62.92 -8.59 10.65
CA TYR F 209 -61.97 -8.90 11.72
C TYR F 209 -62.20 -10.28 12.29
N VAL F 210 -63.42 -10.82 12.18
CA VAL F 210 -63.62 -12.23 12.49
C VAL F 210 -62.86 -13.08 11.48
N SER F 211 -62.83 -12.63 10.22
CA SER F 211 -62.08 -13.36 9.21
C SER F 211 -60.59 -13.24 9.43
N PHE F 212 -60.12 -12.06 9.87
CA PHE F 212 -58.70 -11.88 10.16
C PHE F 212 -58.23 -12.89 11.20
N ALA F 213 -59.07 -13.17 12.20
CA ALA F 213 -58.71 -14.14 13.22
C ALA F 213 -58.39 -15.50 12.59
N CYS F 214 -59.19 -15.92 11.61
CA CYS F 214 -58.98 -17.21 10.98
C CYS F 214 -57.72 -17.20 10.12
N SER F 215 -57.53 -16.14 9.32
CA SER F 215 -56.37 -16.08 8.45
C SER F 215 -55.07 -16.04 9.26
N PHE F 216 -55.06 -15.27 10.34
CA PHE F 216 -53.85 -15.10 11.16
C PHE F 216 -53.63 -16.23 12.14
N ALA F 217 -54.68 -16.99 12.50
CA ALA F 217 -54.49 -18.15 13.37
C ALA F 217 -53.67 -19.22 12.67
N PHE F 218 -53.82 -19.37 11.36
CA PHE F 218 -52.94 -20.25 10.61
C PHE F 218 -51.51 -19.71 10.60
N ALA F 219 -51.36 -18.38 10.62
CA ALA F 219 -50.02 -17.80 10.55
C ALA F 219 -49.27 -17.95 11.85
N GLU F 220 -49.98 -17.97 12.98
CA GLU F 220 -49.33 -18.22 14.25
C GLU F 220 -48.78 -19.64 14.34
N ARG F 221 -49.23 -20.53 13.45
CA ARG F 221 -48.67 -21.87 13.32
C ARG F 221 -47.68 -21.96 12.17
N GLU F 222 -47.21 -20.81 11.66
CA GLU F 222 -46.26 -20.76 10.55
C GLU F 222 -46.79 -21.50 9.32
N LEU F 223 -48.09 -21.41 9.11
CA LEU F 223 -48.77 -22.00 7.97
C LEU F 223 -49.46 -20.92 7.16
N MET F 224 -49.51 -21.12 5.85
CA MET F 224 -50.16 -20.19 4.92
C MET F 224 -49.60 -18.78 5.11
N GLU F 225 -48.27 -18.70 5.20
CA GLU F 225 -47.65 -17.42 5.54
C GLU F 225 -47.66 -16.42 4.39
N GLY F 226 -47.75 -16.87 3.15
CA GLY F 226 -47.91 -15.92 2.06
C GLY F 226 -49.27 -15.26 2.10
N ASN F 227 -50.31 -16.05 2.37
CA ASN F 227 -51.64 -15.49 2.60
C ASN F 227 -51.63 -14.50 3.77
N ALA F 228 -50.92 -14.84 4.85
CA ALA F 228 -50.90 -13.97 6.02
C ALA F 228 -50.33 -12.60 5.71
N LYS F 229 -49.28 -12.55 4.88
CA LYS F 229 -48.71 -11.25 4.52
C LYS F 229 -49.72 -10.39 3.77
N ILE F 230 -50.51 -11.01 2.90
CA ILE F 230 -51.51 -10.27 2.14
C ILE F 230 -52.66 -9.85 3.05
N ILE F 231 -53.15 -10.77 3.88
CA ILE F 231 -54.20 -10.43 4.83
C ILE F 231 -53.72 -9.37 5.81
N ARG F 232 -52.43 -9.38 6.16
CA ARG F 232 -51.89 -8.34 7.04
C ARG F 232 -51.94 -6.98 6.37
N LEU F 233 -51.62 -6.94 5.07
CA LEU F 233 -51.73 -5.71 4.30
C LEU F 233 -53.19 -5.27 4.17
N ILE F 234 -54.09 -6.23 3.98
CA ILE F 234 -55.52 -5.91 3.92
C ILE F 234 -55.99 -5.35 5.25
N ALA F 235 -55.52 -5.92 6.36
CA ALA F 235 -55.93 -5.43 7.67
C ALA F 235 -55.49 -3.99 7.88
N ARG F 236 -54.32 -3.61 7.35
CA ARG F 236 -53.87 -2.23 7.48
C ARG F 236 -54.79 -1.27 6.74
N ASP F 237 -55.27 -1.67 5.56
CA ASP F 237 -56.27 -0.87 4.86
C ASP F 237 -57.59 -0.87 5.63
N GLU F 238 -58.01 -2.04 6.12
CA GLU F 238 -59.31 -2.18 6.74
C GLU F 238 -59.46 -1.28 7.95
N ALA F 239 -58.35 -1.00 8.66
CA ALA F 239 -58.41 -0.05 9.77
C ALA F 239 -58.70 1.36 9.26
N LEU F 240 -58.14 1.71 8.09
CA LEU F 240 -58.43 3.01 7.51
C LEU F 240 -59.88 3.09 7.06
N HIS F 241 -60.42 1.99 6.53
CA HIS F 241 -61.79 2.01 6.02
C HIS F 241 -62.79 2.30 7.14
N LEU F 242 -62.74 1.50 8.22
CA LEU F 242 -63.71 1.67 9.29
C LEU F 242 -63.56 3.00 10.01
N THR F 243 -62.35 3.55 10.06
CA THR F 243 -62.18 4.89 10.60
C THR F 243 -62.95 5.91 9.80
N GLY F 244 -62.97 5.76 8.47
CA GLY F 244 -63.75 6.67 7.64
C GLY F 244 -65.23 6.58 7.94
N THR F 245 -65.76 5.36 8.01
CA THR F 245 -67.18 5.19 8.32
C THR F 245 -67.49 5.60 9.75
N GLN F 246 -66.54 5.42 10.68
CA GLN F 246 -66.76 5.90 12.04
C GLN F 246 -66.89 7.41 12.07
N HIS F 247 -66.00 8.11 11.36
CA HIS F 247 -66.07 9.57 11.31
C HIS F 247 -67.33 10.05 10.60
N MET F 248 -67.74 9.37 9.53
CA MET F 248 -68.99 9.72 8.86
C MET F 248 -70.16 9.57 9.82
N LEU F 249 -70.25 8.41 10.47
CA LEU F 249 -71.38 8.15 11.37
C LEU F 249 -71.41 9.14 12.53
N ASN F 250 -70.25 9.43 13.13
CA ASN F 250 -70.22 10.31 14.30
C ASN F 250 -70.48 11.76 13.91
N LEU F 251 -70.03 12.19 12.73
CA LEU F 251 -70.33 13.54 12.25
C LEU F 251 -71.82 13.69 11.97
N LEU F 252 -72.44 12.66 11.38
CA LEU F 252 -73.88 12.69 11.14
C LEU F 252 -74.64 12.66 12.46
N ARG F 253 -74.22 11.80 13.38
CA ARG F 253 -74.93 11.60 14.63
C ARG F 253 -74.88 12.83 15.53
N SER F 254 -73.74 13.53 15.53
CA SER F 254 -73.53 14.70 16.38
C SER F 254 -74.13 15.98 15.80
N GLY F 255 -74.75 15.90 14.62
CA GLY F 255 -75.34 17.09 14.02
C GLY F 255 -74.37 18.14 13.56
N ALA F 256 -73.07 17.86 13.58
CA ALA F 256 -72.08 18.84 13.14
C ALA F 256 -72.31 19.23 11.68
N ASP F 257 -72.68 18.26 10.86
CA ASP F 257 -72.81 18.46 9.43
C ASP F 257 -74.22 18.90 9.04
N ASP F 258 -75.24 18.21 9.56
CA ASP F 258 -76.64 18.45 9.23
C ASP F 258 -77.49 18.43 10.50
N PRO F 259 -78.10 19.55 10.87
CA PRO F 259 -78.92 19.55 12.09
C PRO F 259 -80.04 18.52 12.05
N GLU F 260 -80.66 18.36 10.88
CA GLU F 260 -81.69 17.34 10.71
C GLU F 260 -81.14 15.95 10.99
N MET F 261 -79.88 15.71 10.61
CA MET F 261 -79.30 14.38 10.71
C MET F 261 -79.18 13.92 12.16
N ALA F 262 -79.02 14.86 13.10
CA ALA F 262 -78.90 14.49 14.50
C ALA F 262 -80.15 13.76 14.98
N GLU F 263 -81.33 14.27 14.63
CA GLU F 263 -82.57 13.60 15.02
C GLU F 263 -82.74 12.27 14.32
N ILE F 264 -82.40 12.22 13.02
CA ILE F 264 -82.55 10.98 12.26
C ILE F 264 -81.65 9.90 12.83
N ALA F 265 -80.46 10.28 13.33
CA ALA F 265 -79.59 9.30 13.96
C ALA F 265 -80.22 8.71 15.21
N GLU F 266 -80.99 9.51 15.96
CA GLU F 266 -81.63 9.00 17.17
C GLU F 266 -82.81 8.10 16.88
N GLU F 267 -83.57 8.39 15.81
CA GLU F 267 -84.70 7.53 15.45
C GLU F 267 -84.24 6.18 14.92
N CYS F 268 -82.97 6.07 14.53
CA CYS F 268 -82.42 4.83 14.00
C CYS F 268 -81.64 4.03 15.02
N LYS F 269 -81.33 4.63 16.18
CA LYS F 269 -80.46 3.97 17.16
C LYS F 269 -80.91 2.56 17.47
N GLN F 270 -82.22 2.29 17.46
CA GLN F 270 -82.68 0.94 17.72
C GLN F 270 -82.41 0.02 16.53
N GLU F 271 -82.68 0.50 15.32
CA GLU F 271 -82.39 -0.33 14.14
C GLU F 271 -80.89 -0.61 14.03
N CYS F 272 -80.06 0.41 14.26
CA CYS F 272 -78.62 0.24 14.15
C CYS F 272 -78.12 -0.75 15.20
N TYR F 273 -78.68 -0.70 16.40
CA TYR F 273 -78.31 -1.66 17.42
C TYR F 273 -78.67 -3.09 16.99
N ASP F 274 -79.91 -3.28 16.53
CA ASP F 274 -80.32 -4.61 16.05
C ASP F 274 -79.52 -5.03 14.84
N LEU F 275 -79.10 -4.06 14.03
CA LEU F 275 -78.27 -4.35 12.85
C LEU F 275 -76.94 -4.95 13.26
N PHE F 276 -76.27 -4.33 14.23
CA PHE F 276 -74.99 -4.84 14.71
C PHE F 276 -75.16 -6.19 15.40
N VAL F 277 -76.16 -6.29 16.27
CA VAL F 277 -76.41 -7.54 16.98
C VAL F 277 -76.67 -8.66 15.99
N GLN F 278 -77.44 -8.39 14.94
CA GLN F 278 -77.67 -9.38 13.90
C GLN F 278 -76.37 -9.80 13.23
N ALA F 279 -75.53 -8.82 12.88
CA ALA F 279 -74.24 -9.12 12.26
C ALA F 279 -73.38 -9.99 13.17
N ALA F 280 -73.30 -9.62 14.46
CA ALA F 280 -72.53 -10.40 15.42
C ALA F 280 -73.09 -11.81 15.53
N GLN F 281 -74.42 -11.94 15.60
CA GLN F 281 -75.02 -13.26 15.69
C GLN F 281 -74.78 -14.07 14.43
N GLN F 282 -74.78 -13.41 13.26
CA GLN F 282 -74.52 -14.10 12.01
C GLN F 282 -73.11 -14.68 11.96
N GLU F 283 -72.12 -13.93 12.47
CA GLU F 283 -70.76 -14.41 12.44
C GLU F 283 -70.55 -15.58 13.40
N LYS F 284 -71.20 -15.54 14.56
CA LYS F 284 -71.15 -16.71 15.45
C LYS F 284 -71.71 -17.96 14.77
N ASP F 285 -72.81 -17.81 14.03
CA ASP F 285 -73.33 -18.93 13.25
C ASP F 285 -72.35 -19.33 12.16
N TRP F 286 -71.73 -18.34 11.51
CA TRP F 286 -70.69 -18.65 10.53
C TRP F 286 -69.53 -19.37 11.20
N ALA F 287 -69.19 -18.99 12.43
CA ALA F 287 -68.16 -19.71 13.17
C ALA F 287 -68.58 -21.15 13.41
N ASP F 288 -69.88 -21.37 13.66
CA ASP F 288 -70.38 -22.72 13.89
C ASP F 288 -70.24 -23.59 12.64
N TYR F 289 -70.37 -22.99 11.46
CA TYR F 289 -70.17 -23.73 10.21
C TYR F 289 -68.70 -24.05 9.96
N LEU F 290 -67.80 -23.15 10.36
CA LEU F 290 -66.38 -23.36 10.08
C LEU F 290 -65.84 -24.59 10.82
N PHE F 291 -66.17 -24.71 12.10
CA PHE F 291 -65.63 -25.78 12.93
C PHE F 291 -66.58 -26.96 13.01
N ARG F 292 -67.49 -27.08 12.04
CA ARG F 292 -68.45 -28.18 11.99
C ARG F 292 -67.76 -29.53 12.00
N ASP F 293 -66.56 -29.63 11.40
CA ASP F 293 -65.86 -30.88 11.25
C ASP F 293 -64.64 -30.98 12.16
N GLY F 294 -64.50 -30.09 13.12
CA GLY F 294 -63.36 -30.07 14.01
C GLY F 294 -62.72 -28.71 14.08
N SER F 295 -61.79 -28.59 15.02
CA SER F 295 -61.11 -27.32 15.29
C SER F 295 -59.62 -27.46 14.98
N MET F 296 -58.89 -26.39 15.27
CA MET F 296 -57.46 -26.34 15.05
C MET F 296 -56.79 -25.69 16.26
N ILE F 297 -55.45 -25.80 16.31
CA ILE F 297 -54.67 -25.24 17.40
C ILE F 297 -54.90 -23.73 17.45
N GLY F 298 -55.51 -23.27 18.54
CA GLY F 298 -55.68 -21.86 18.77
C GLY F 298 -57.03 -21.30 18.38
N LEU F 299 -57.88 -22.08 17.72
CA LEU F 299 -59.15 -21.54 17.26
C LEU F 299 -60.20 -22.63 17.20
N ASN F 300 -61.33 -22.40 17.87
CA ASN F 300 -62.50 -23.26 17.78
C ASN F 300 -63.73 -22.37 17.80
N LYS F 301 -64.91 -22.98 17.99
CA LYS F 301 -66.14 -22.20 18.00
C LYS F 301 -66.15 -21.20 19.16
N ASP F 302 -65.81 -21.66 20.36
CA ASP F 302 -65.89 -20.80 21.54
C ASP F 302 -64.94 -19.61 21.40
N ILE F 303 -63.69 -19.87 21.03
CA ILE F 303 -62.70 -18.80 20.90
C ILE F 303 -63.17 -17.76 19.90
N LEU F 304 -63.61 -18.21 18.72
CA LEU F 304 -64.00 -17.25 17.68
C LEU F 304 -65.26 -16.49 18.07
N CYS F 305 -66.24 -17.19 18.67
CA CYS F 305 -67.44 -16.51 19.14
C CYS F 305 -67.12 -15.49 20.22
N GLN F 306 -66.14 -15.80 21.07
CA GLN F 306 -65.71 -14.83 22.08
C GLN F 306 -65.11 -13.59 21.45
N TYR F 307 -64.31 -13.77 20.39
CA TYR F 307 -63.77 -12.61 19.70
C TYR F 307 -64.88 -11.80 19.04
N VAL F 308 -65.91 -12.48 18.54
CA VAL F 308 -67.06 -11.77 17.98
C VAL F 308 -67.65 -10.82 19.01
N GLU F 309 -67.94 -11.32 20.21
CA GLU F 309 -68.47 -10.46 21.27
C GLU F 309 -67.46 -9.39 21.66
N TYR F 310 -66.17 -9.74 21.69
CA TYR F 310 -65.16 -8.78 22.08
C TYR F 310 -65.05 -7.65 21.07
N ILE F 311 -64.92 -7.98 19.79
CA ILE F 311 -64.71 -6.94 18.78
C ILE F 311 -65.99 -6.17 18.54
N THR F 312 -67.16 -6.80 18.77
CA THR F 312 -68.42 -6.11 18.54
C THR F 312 -68.62 -4.98 19.54
N ASN F 313 -68.39 -5.25 20.84
CA ASN F 313 -68.54 -4.22 21.86
C ASN F 313 -67.66 -3.01 21.55
N ILE F 314 -66.43 -3.26 21.11
CA ILE F 314 -65.51 -2.16 20.82
C ILE F 314 -66.05 -1.31 19.69
N ARG F 315 -66.48 -1.95 18.59
CA ARG F 315 -66.95 -1.20 17.44
C ARG F 315 -68.22 -0.40 17.76
N MET F 316 -69.17 -1.03 18.44
CA MET F 316 -70.45 -0.37 18.69
C MET F 316 -70.28 0.83 19.60
N GLN F 317 -69.40 0.72 20.61
CA GLN F 317 -69.13 1.87 21.45
C GLN F 317 -68.51 3.01 20.65
N ALA F 318 -67.72 2.68 19.63
CA ALA F 318 -67.06 3.71 18.83
C ALA F 318 -68.05 4.59 18.09
N VAL F 319 -69.28 4.12 17.88
CA VAL F 319 -70.29 4.87 17.15
C VAL F 319 -71.48 5.22 18.04
N GLY F 320 -71.31 5.13 19.35
CA GLY F 320 -72.35 5.55 20.27
C GLY F 320 -73.55 4.63 20.35
N LEU F 321 -73.31 3.32 20.39
CA LEU F 321 -74.36 2.33 20.55
C LEU F 321 -74.12 1.55 21.83
N ASP F 322 -75.21 1.08 22.44
CA ASP F 322 -75.09 0.32 23.68
C ASP F 322 -74.42 -1.02 23.43
N LEU F 323 -73.63 -1.45 24.41
CA LEU F 323 -72.91 -2.71 24.28
C LEU F 323 -73.88 -3.89 24.42
N PRO F 324 -73.92 -4.79 23.47
CA PRO F 324 -74.89 -5.90 23.55
C PRO F 324 -74.37 -7.11 24.29
N PHE F 325 -73.06 -7.23 24.47
CA PHE F 325 -72.46 -8.39 25.11
C PHE F 325 -71.76 -8.01 26.40
N GLN F 326 -71.44 -9.03 27.19
CA GLN F 326 -70.76 -8.85 28.45
C GLN F 326 -69.35 -8.34 28.24
N THR F 327 -68.82 -7.63 29.24
CA THR F 327 -67.44 -7.19 29.19
C THR F 327 -66.51 -8.39 29.15
N ARG F 328 -65.46 -8.30 28.33
CA ARG F 328 -64.56 -9.43 28.12
C ARG F 328 -63.18 -8.91 27.75
N SER F 329 -62.16 -9.64 28.19
CA SER F 329 -60.80 -9.39 27.75
C SER F 329 -60.57 -10.07 26.39
N ASN F 330 -59.58 -9.55 25.66
CA ASN F 330 -59.28 -10.02 24.31
C ASN F 330 -58.98 -11.52 24.33
N PRO F 331 -59.84 -12.34 23.71
CA PRO F 331 -59.61 -13.79 23.74
C PRO F 331 -58.48 -14.26 22.84
N ILE F 332 -58.06 -13.45 21.88
CA ILE F 332 -56.94 -13.81 21.01
C ILE F 332 -55.96 -12.65 20.98
N PRO F 333 -55.17 -12.44 22.04
CA PRO F 333 -54.25 -11.31 22.07
C PRO F 333 -53.20 -11.34 20.98
N TRP F 334 -52.90 -12.53 20.45
CA TRP F 334 -51.88 -12.65 19.41
C TRP F 334 -52.28 -11.98 18.10
N ILE F 335 -53.56 -11.63 17.92
CA ILE F 335 -53.99 -11.02 16.67
C ILE F 335 -53.46 -9.60 16.53
N ASN F 336 -53.12 -8.93 17.63
CA ASN F 336 -52.70 -7.53 17.58
C ASN F 336 -51.36 -7.36 16.87
N THR F 337 -50.54 -8.41 16.81
CA THR F 337 -49.32 -8.35 16.01
C THR F 337 -49.61 -8.00 14.57
N TRP F 338 -50.73 -8.51 14.04
CA TRP F 338 -51.06 -8.40 12.62
C TRP F 338 -51.93 -7.20 12.29
N LEU F 339 -52.54 -6.55 13.28
CA LEU F 339 -53.48 -5.48 13.00
C LEU F 339 -52.88 -4.09 13.18
N VAL F 340 -51.97 -3.92 14.14
CA VAL F 340 -51.39 -2.62 14.43
C VAL F 340 -49.90 -2.65 14.08
N SER F 341 -49.29 -1.46 14.09
CA SER F 341 -47.85 -1.24 13.88
C SER F 341 -47.42 -1.46 12.43
N GLN F 360 -17.08 1.27 36.57
CA GLN F 360 -16.49 0.63 37.75
C GLN F 360 -16.80 1.40 39.02
N ILE F 361 -15.78 1.71 39.81
CA ILE F 361 -15.94 2.34 41.12
C ILE F 361 -15.06 3.58 41.20
N ASP F 362 -15.66 4.69 41.60
CA ASP F 362 -14.93 5.92 41.93
C ASP F 362 -14.20 5.70 43.26
N SER F 363 -12.94 5.32 43.18
CA SER F 363 -12.19 4.82 44.33
C SER F 363 -11.73 5.92 45.28
N GLU F 364 -12.15 7.17 45.08
CA GLU F 364 -11.69 8.25 45.93
C GLU F 364 -12.51 8.32 47.21
N VAL F 365 -11.82 8.54 48.34
CA VAL F 365 -12.47 8.67 49.63
C VAL F 365 -12.14 10.04 50.22
N ASP F 366 -12.99 10.45 51.17
CA ASP F 366 -12.83 11.70 51.92
C ASP F 366 -12.86 11.33 53.40
N THR F 367 -11.69 11.17 54.00
CA THR F 367 -11.63 10.81 55.40
C THR F 367 -12.30 11.86 56.28
N ASP F 368 -12.24 13.13 55.88
CA ASP F 368 -12.93 14.19 56.60
C ASP F 368 -14.42 13.92 56.66
N ASP F 369 -15.03 13.62 55.52
CA ASP F 369 -16.47 13.36 55.50
C ASP F 369 -16.82 12.10 56.28
N LEU F 370 -15.92 11.11 56.31
CA LEU F 370 -16.19 9.91 57.09
C LEU F 370 -16.02 10.16 58.59
N SER F 371 -15.02 10.96 58.97
CA SER F 371 -14.85 11.31 60.38
C SER F 371 -16.04 12.09 60.90
N ASN F 372 -16.74 12.81 60.01
CA ASN F 372 -18.00 13.46 60.34
C ASN F 372 -19.08 12.39 60.53
N PHE F 373 -18.90 11.56 61.56
CA PHE F 373 -19.78 10.42 61.80
C PHE F 373 -19.48 9.80 63.16
N GLN F 374 -20.51 9.52 63.95
CA GLN F 374 -20.33 8.91 65.27
C GLN F 374 -20.87 7.50 65.24
N LEU F 375 -20.01 6.53 65.55
CA LEU F 375 -20.41 5.12 65.59
C LEU F 375 -21.34 4.80 66.75
N ALA G 1 -83.81 -3.67 -11.00
CA ALA G 1 -83.04 -2.53 -10.51
C ALA G 1 -81.59 -2.94 -10.34
N TYR G 2 -80.72 -1.99 -10.03
CA TYR G 2 -79.32 -2.30 -9.83
C TYR G 2 -79.14 -2.99 -8.48
N THR G 3 -78.31 -4.04 -8.47
CA THR G 3 -77.96 -4.73 -7.24
C THR G 3 -76.44 -4.79 -7.10
N THR G 4 -75.95 -4.56 -5.88
CA THR G 4 -74.51 -4.60 -5.64
C THR G 4 -73.95 -6.02 -5.61
N PHE G 5 -74.81 -7.03 -5.40
CA PHE G 5 -74.36 -8.43 -5.56
C PHE G 5 -75.53 -9.24 -6.10
N SER G 6 -75.55 -9.42 -7.43
CA SER G 6 -76.61 -10.17 -8.09
C SER G 6 -76.59 -11.64 -7.64
N GLN G 7 -77.79 -12.16 -7.38
CA GLN G 7 -77.94 -13.52 -6.85
C GLN G 7 -77.65 -14.60 -7.89
N THR G 8 -77.86 -14.30 -9.17
CA THR G 8 -77.71 -15.32 -10.20
C THR G 8 -76.25 -15.74 -10.36
N LYS G 9 -76.02 -17.05 -10.47
CA LYS G 9 -74.70 -17.57 -10.78
C LYS G 9 -74.58 -17.66 -12.30
N ASN G 10 -73.94 -16.67 -12.91
CA ASN G 10 -73.81 -16.60 -14.35
C ASN G 10 -72.36 -16.81 -14.79
N ASP G 11 -72.20 -17.35 -15.99
CA ASP G 11 -70.88 -17.46 -16.61
C ASP G 11 -70.48 -16.07 -17.10
N GLN G 12 -69.60 -15.41 -16.33
CA GLN G 12 -69.20 -14.04 -16.63
C GLN G 12 -68.48 -13.92 -17.96
N LEU G 13 -67.92 -15.01 -18.48
CA LEU G 13 -67.21 -14.94 -19.74
C LEU G 13 -68.15 -14.73 -20.91
N LYS G 14 -69.43 -15.06 -20.74
CA LYS G 14 -70.43 -14.94 -21.81
C LYS G 14 -71.29 -13.68 -21.69
N GLU G 15 -71.14 -12.90 -20.62
CA GLU G 15 -71.87 -11.65 -20.48
C GLU G 15 -71.32 -10.61 -21.45
N PRO G 16 -72.11 -9.58 -21.76
CA PRO G 16 -71.60 -8.47 -22.57
C PRO G 16 -70.82 -7.49 -21.69
N MET G 17 -70.18 -6.53 -22.34
CA MET G 17 -69.48 -5.49 -21.60
C MET G 17 -70.44 -4.69 -20.75
N PHE G 18 -71.59 -4.30 -21.32
CA PHE G 18 -72.55 -3.47 -20.61
C PHE G 18 -73.94 -4.09 -20.70
N PHE G 19 -74.78 -3.70 -19.76
CA PHE G 19 -76.22 -3.97 -19.70
C PHE G 19 -76.54 -5.43 -19.42
N GLY G 20 -75.54 -6.29 -19.25
CA GLY G 20 -75.77 -7.65 -18.83
C GLY G 20 -76.07 -7.69 -17.35
N GLN G 21 -75.90 -8.88 -16.78
CA GLN G 21 -76.15 -9.03 -15.35
C GLN G 21 -75.11 -8.26 -14.55
N PRO G 22 -75.53 -7.45 -13.58
CA PRO G 22 -74.57 -6.74 -12.74
C PRO G 22 -73.57 -7.70 -12.12
N VAL G 23 -72.29 -7.32 -12.15
CA VAL G 23 -71.23 -8.19 -11.64
C VAL G 23 -71.48 -8.55 -10.18
N ASN G 24 -71.30 -9.83 -9.87
CA ASN G 24 -71.38 -10.28 -8.48
C ASN G 24 -69.98 -10.55 -7.93
N VAL G 25 -69.44 -11.73 -8.21
CA VAL G 25 -68.13 -12.10 -7.68
C VAL G 25 -67.05 -11.48 -8.54
N ALA G 26 -66.06 -10.85 -7.90
CA ALA G 26 -64.94 -10.20 -8.58
C ALA G 26 -63.76 -11.17 -8.63
N ARG G 27 -63.52 -11.72 -9.82
CA ARG G 27 -62.42 -12.64 -10.04
C ARG G 27 -61.55 -12.09 -11.17
N TYR G 28 -60.26 -12.46 -11.14
CA TYR G 28 -59.30 -11.98 -12.12
C TYR G 28 -58.41 -13.08 -12.65
N ASP G 29 -58.84 -14.34 -12.51
CA ASP G 29 -58.10 -15.47 -13.07
C ASP G 29 -58.46 -15.74 -14.51
N GLN G 30 -59.50 -15.08 -15.03
CA GLN G 30 -59.97 -15.26 -16.38
C GLN G 30 -60.62 -13.96 -16.85
N GLN G 31 -60.60 -13.74 -18.16
CA GLN G 31 -61.22 -12.54 -18.72
C GLN G 31 -61.92 -12.88 -20.03
N LYS G 32 -63.01 -12.17 -20.30
CA LYS G 32 -63.61 -12.21 -21.63
C LYS G 32 -62.77 -11.39 -22.60
N TYR G 33 -62.44 -10.16 -22.21
CA TYR G 33 -61.50 -9.31 -22.92
C TYR G 33 -60.33 -9.02 -22.00
N ASP G 34 -59.17 -9.59 -22.32
CA ASP G 34 -57.98 -9.43 -21.49
C ASP G 34 -57.30 -8.08 -21.70
N ILE G 35 -57.83 -7.23 -22.60
CA ILE G 35 -57.28 -5.90 -22.76
C ILE G 35 -57.45 -5.09 -21.48
N PHE G 36 -58.58 -5.27 -20.79
CA PHE G 36 -58.83 -4.50 -19.58
C PHE G 36 -58.03 -5.05 -18.42
N GLU G 37 -57.77 -6.36 -18.37
CA GLU G 37 -56.88 -6.91 -17.36
C GLU G 37 -55.46 -6.40 -17.55
N LYS G 38 -55.01 -6.30 -18.80
CA LYS G 38 -53.69 -5.73 -19.08
C LYS G 38 -53.65 -4.25 -18.74
N LEU G 39 -54.72 -3.52 -19.05
CA LEU G 39 -54.74 -2.10 -18.69
C LEU G 39 -54.70 -1.92 -17.17
N ILE G 40 -55.35 -2.81 -16.42
CA ILE G 40 -55.29 -2.73 -14.96
C ILE G 40 -53.87 -2.94 -14.48
N GLU G 41 -53.25 -4.04 -14.91
CA GLU G 41 -51.88 -4.34 -14.48
C GLU G 41 -50.93 -3.22 -14.87
N LYS G 42 -51.15 -2.63 -16.05
CA LYS G 42 -50.27 -1.58 -16.52
C LYS G 42 -50.49 -0.28 -15.75
N GLN G 43 -51.74 0.03 -15.38
CA GLN G 43 -51.99 1.24 -14.61
C GLN G 43 -51.46 1.12 -13.19
N LEU G 44 -51.61 -0.07 -12.59
CA LEU G 44 -51.08 -0.28 -11.24
C LEU G 44 -49.57 -0.13 -11.21
N SER G 45 -48.89 -0.58 -12.26
CA SER G 45 -47.43 -0.49 -12.28
C SER G 45 -46.96 0.94 -12.46
N PHE G 46 -47.78 1.79 -13.10
CA PHE G 46 -47.40 3.18 -13.28
C PHE G 46 -47.69 4.04 -12.06
N PHE G 47 -48.15 3.45 -10.96
CA PHE G 47 -48.60 4.21 -9.81
C PHE G 47 -47.54 5.21 -9.36
N TRP G 48 -47.90 6.49 -9.33
CA TRP G 48 -47.00 7.55 -8.90
C TRP G 48 -47.74 8.51 -7.97
N ARG G 49 -46.96 9.29 -7.22
CA ARG G 49 -47.51 10.31 -6.34
C ARG G 49 -46.92 11.68 -6.68
N PRO G 50 -47.71 12.74 -6.56
CA PRO G 50 -47.22 14.07 -6.99
C PRO G 50 -46.06 14.57 -6.15
N GLU G 51 -46.07 14.27 -4.84
CA GLU G 51 -45.05 14.78 -3.94
C GLU G 51 -43.66 14.21 -4.25
N GLU G 52 -43.59 13.09 -4.97
CA GLU G 52 -42.30 12.53 -5.34
C GLU G 52 -41.63 13.32 -6.45
N VAL G 53 -42.23 14.41 -6.91
CA VAL G 53 -41.67 15.23 -7.98
C VAL G 53 -41.25 16.56 -7.39
N ASP G 54 -40.03 16.99 -7.73
CA ASP G 54 -39.52 18.28 -7.27
C ASP G 54 -40.12 19.40 -8.12
N VAL G 55 -40.91 20.27 -7.49
CA VAL G 55 -41.53 21.38 -8.18
C VAL G 55 -41.08 22.72 -7.59
N SER G 56 -39.99 22.70 -6.81
CA SER G 56 -39.56 23.90 -6.10
C SER G 56 -39.06 24.97 -7.06
N ARG G 57 -38.35 24.57 -8.10
CA ARG G 57 -37.83 25.53 -9.06
C ARG G 57 -38.95 26.17 -9.88
N ASP G 58 -40.13 25.52 -9.95
CA ASP G 58 -41.22 26.03 -10.78
C ASP G 58 -41.80 27.33 -10.25
N ARG G 59 -41.75 27.56 -8.95
CA ARG G 59 -42.26 28.82 -8.41
C ARG G 59 -41.45 30.00 -8.92
N ILE G 60 -40.13 29.85 -8.99
CA ILE G 60 -39.27 30.92 -9.49
C ILE G 60 -39.50 31.16 -10.98
N ASP G 61 -39.54 30.07 -11.77
CA ASP G 61 -39.77 30.21 -13.21
C ASP G 61 -41.08 30.93 -13.49
N TYR G 62 -42.15 30.56 -12.76
CA TYR G 62 -43.46 31.13 -13.02
C TYR G 62 -43.47 32.65 -12.76
N GLN G 63 -42.93 33.07 -11.62
CA GLN G 63 -42.92 34.49 -11.30
C GLN G 63 -42.08 35.28 -12.29
N ALA G 64 -41.06 34.64 -12.89
CA ALA G 64 -40.20 35.29 -13.86
C ALA G 64 -40.81 35.34 -15.25
N LEU G 65 -41.84 34.55 -15.52
CA LEU G 65 -42.46 34.52 -16.84
C LEU G 65 -43.03 35.88 -17.21
N PRO G 66 -43.09 36.19 -18.51
CA PRO G 66 -43.84 37.38 -18.94
C PRO G 66 -45.28 37.26 -18.47
N GLU G 67 -45.95 38.40 -18.41
CA GLU G 67 -47.30 38.41 -17.84
C GLU G 67 -48.24 37.52 -18.66
N HIS G 68 -48.12 37.56 -20.00
CA HIS G 68 -49.00 36.75 -20.84
C HIS G 68 -48.59 35.30 -20.88
N GLU G 69 -47.35 34.96 -20.53
CA GLU G 69 -46.98 33.56 -20.43
C GLU G 69 -47.45 32.98 -19.11
N LYS G 70 -47.54 33.80 -18.06
CA LYS G 70 -48.27 33.41 -16.87
C LYS G 70 -49.70 33.05 -17.23
N HIS G 71 -50.31 33.82 -18.14
CA HIS G 71 -51.69 33.56 -18.55
C HIS G 71 -51.81 32.21 -19.24
N ILE G 72 -50.92 31.94 -20.22
CA ILE G 72 -50.97 30.68 -20.94
C ILE G 72 -50.86 29.50 -19.97
N PHE G 73 -49.86 29.54 -19.08
CA PHE G 73 -49.62 28.41 -18.20
C PHE G 73 -50.78 28.19 -17.24
N ILE G 74 -51.24 29.26 -16.57
CA ILE G 74 -52.27 29.09 -15.55
C ILE G 74 -53.63 28.78 -16.17
N SER G 75 -53.89 29.25 -17.39
CA SER G 75 -55.14 28.90 -18.05
C SER G 75 -55.14 27.45 -18.47
N ASN G 76 -54.00 26.96 -18.96
CA ASN G 76 -53.89 25.55 -19.29
C ASN G 76 -53.96 24.68 -18.05
N LEU G 77 -53.55 25.22 -16.91
CA LEU G 77 -53.60 24.47 -15.66
C LEU G 77 -55.01 24.43 -15.11
N LYS G 78 -55.75 25.54 -15.23
CA LYS G 78 -57.14 25.54 -14.80
C LYS G 78 -57.98 24.59 -15.64
N TYR G 79 -57.76 24.61 -16.96
CA TYR G 79 -58.52 23.72 -17.84
C TYR G 79 -58.23 22.26 -17.53
N GLN G 80 -56.96 21.94 -17.24
CA GLN G 80 -56.61 20.59 -16.84
C GLN G 80 -57.30 20.21 -15.54
N THR G 81 -57.25 21.10 -14.55
CA THR G 81 -57.91 20.83 -13.28
C THR G 81 -59.39 20.55 -13.49
N LEU G 82 -60.00 21.24 -14.45
CA LEU G 82 -61.42 21.04 -14.74
C LEU G 82 -61.68 19.66 -15.34
N LEU G 83 -60.96 19.31 -16.43
CA LEU G 83 -61.25 18.08 -17.15
C LEU G 83 -61.03 16.85 -16.28
N ASP G 84 -59.90 16.78 -15.58
CA ASP G 84 -59.66 15.63 -14.71
C ASP G 84 -60.48 15.71 -13.43
N SER G 85 -61.11 16.85 -13.14
CA SER G 85 -62.09 16.90 -12.07
C SER G 85 -63.34 16.11 -12.44
N ILE G 86 -63.84 16.34 -13.65
CA ILE G 86 -64.94 15.52 -14.18
C ILE G 86 -64.53 14.05 -14.23
N GLN G 87 -63.34 13.78 -14.78
CA GLN G 87 -62.87 12.40 -14.95
C GLN G 87 -62.64 11.68 -13.63
N GLY G 88 -62.52 12.41 -12.52
CA GLY G 88 -62.33 11.74 -11.24
C GLY G 88 -63.54 10.91 -10.84
N ARG G 89 -64.73 11.49 -10.96
CA ARG G 89 -65.97 10.86 -10.53
C ARG G 89 -66.75 10.20 -11.66
N SER G 90 -66.68 10.75 -12.87
CA SER G 90 -67.66 10.42 -13.89
C SER G 90 -67.61 8.96 -14.35
N PRO G 91 -66.44 8.37 -14.68
CA PRO G 91 -66.46 6.95 -15.06
C PRO G 91 -67.03 6.06 -13.97
N ASN G 92 -66.86 6.44 -12.70
CA ASN G 92 -67.43 5.63 -11.63
C ASN G 92 -68.94 5.78 -11.54
N VAL G 93 -69.45 7.00 -11.73
CA VAL G 93 -70.88 7.25 -11.58
C VAL G 93 -71.65 6.77 -12.81
N ALA G 94 -71.11 6.98 -14.00
CA ALA G 94 -71.85 6.74 -15.23
C ALA G 94 -71.70 5.33 -15.78
N LEU G 95 -70.62 4.63 -15.46
CA LEU G 95 -70.35 3.33 -16.05
C LEU G 95 -70.53 2.16 -15.08
N LEU G 96 -70.24 2.33 -13.80
CA LEU G 96 -70.33 1.21 -12.86
C LEU G 96 -71.70 0.57 -12.79
N PRO G 97 -72.82 1.30 -12.81
CA PRO G 97 -74.13 0.61 -12.80
C PRO G 97 -74.45 -0.12 -14.09
N LEU G 98 -73.62 0.01 -15.13
CA LEU G 98 -73.90 -0.61 -16.41
C LEU G 98 -72.98 -1.78 -16.74
N ILE G 99 -71.79 -1.85 -16.13
CA ILE G 99 -70.81 -2.85 -16.51
C ILE G 99 -71.27 -4.22 -16.02
N SER G 100 -71.03 -5.24 -16.83
CA SER G 100 -71.49 -6.59 -16.53
C SER G 100 -70.40 -7.66 -16.57
N ILE G 101 -69.13 -7.29 -16.80
CA ILE G 101 -68.03 -8.25 -16.69
C ILE G 101 -67.03 -7.69 -15.68
N PRO G 102 -66.37 -8.53 -14.89
CA PRO G 102 -65.56 -7.99 -13.78
C PRO G 102 -64.31 -7.24 -14.23
N GLU G 103 -63.62 -7.71 -15.27
CA GLU G 103 -62.38 -7.06 -15.66
C GLU G 103 -62.62 -5.61 -16.09
N LEU G 104 -63.77 -5.33 -16.71
CA LEU G 104 -64.10 -3.96 -17.10
C LEU G 104 -64.54 -3.14 -15.89
N GLU G 105 -65.23 -3.75 -14.93
CA GLU G 105 -65.62 -3.02 -13.73
C GLU G 105 -64.39 -2.50 -12.99
N THR G 106 -63.46 -3.40 -12.71
CA THR G 106 -62.26 -3.01 -11.96
C THR G 106 -61.39 -2.04 -12.75
N TRP G 107 -61.33 -2.17 -14.08
CA TRP G 107 -60.57 -1.20 -14.84
C TRP G 107 -61.16 0.20 -14.72
N VAL G 108 -62.48 0.31 -14.79
CA VAL G 108 -63.13 1.61 -14.67
C VAL G 108 -62.84 2.24 -13.31
N GLU G 109 -62.83 1.43 -12.25
CA GLU G 109 -62.48 1.95 -10.94
C GLU G 109 -61.02 2.32 -10.86
N THR G 110 -60.14 1.51 -11.46
CA THR G 110 -58.73 1.87 -11.51
C THR G 110 -58.52 3.12 -12.36
N TRP G 111 -59.19 3.19 -13.50
CA TRP G 111 -59.17 4.38 -14.35
C TRP G 111 -59.57 5.62 -13.58
N ALA G 112 -60.70 5.54 -12.87
CA ALA G 112 -61.19 6.70 -12.12
C ALA G 112 -60.22 7.06 -10.99
N PHE G 113 -59.72 6.04 -10.28
CA PHE G 113 -58.80 6.29 -9.17
C PHE G 113 -57.56 7.03 -9.64
N SER G 114 -56.97 6.58 -10.76
CA SER G 114 -55.77 7.24 -11.28
C SER G 114 -56.05 8.69 -11.64
N GLU G 115 -57.32 9.02 -11.95
CA GLU G 115 -57.66 10.41 -12.24
C GLU G 115 -57.62 11.28 -10.99
N THR G 116 -57.95 10.71 -9.83
CA THR G 116 -57.89 11.50 -8.61
C THR G 116 -56.46 11.87 -8.26
N ILE G 117 -55.49 11.02 -8.63
CA ILE G 117 -54.09 11.39 -8.44
C ILE G 117 -53.74 12.58 -9.33
N HIS G 118 -54.29 12.62 -10.54
CA HIS G 118 -54.11 13.78 -11.40
C HIS G 118 -54.70 15.02 -10.75
N SER G 119 -55.92 14.90 -10.21
CA SER G 119 -56.56 16.03 -9.55
C SER G 119 -55.74 16.50 -8.36
N ARG G 120 -55.15 15.56 -7.62
CA ARG G 120 -54.31 15.92 -6.49
C ARG G 120 -53.00 16.56 -6.96
N SER G 121 -52.46 16.09 -8.08
CA SER G 121 -51.21 16.67 -8.55
C SER G 121 -51.42 18.09 -9.05
N TYR G 122 -52.61 18.39 -9.60
CA TYR G 122 -52.90 19.75 -9.99
C TYR G 122 -52.95 20.67 -8.78
N THR G 123 -53.53 20.19 -7.68
CA THR G 123 -53.47 20.94 -6.44
C THR G 123 -52.03 21.13 -5.99
N HIS G 124 -51.21 20.09 -6.14
CA HIS G 124 -49.80 20.18 -5.77
C HIS G 124 -49.08 21.24 -6.58
N ILE G 125 -49.25 21.23 -7.91
CA ILE G 125 -48.58 22.21 -8.76
C ILE G 125 -49.05 23.62 -8.42
N ILE G 126 -50.37 23.81 -8.30
CA ILE G 126 -50.91 25.14 -8.07
C ILE G 126 -50.39 25.70 -6.75
N ARG G 127 -50.47 24.92 -5.67
CA ARG G 127 -50.05 25.41 -4.36
C ARG G 127 -48.54 25.62 -4.27
N ASN G 128 -47.77 25.29 -5.30
CA ASN G 128 -46.33 25.46 -5.28
C ASN G 128 -45.85 26.53 -6.25
N ILE G 129 -46.75 27.24 -6.92
CA ILE G 129 -46.35 28.34 -7.80
C ILE G 129 -47.09 29.63 -7.50
N VAL G 130 -48.28 29.59 -6.93
CA VAL G 130 -49.03 30.79 -6.62
C VAL G 130 -49.03 30.99 -5.11
N ASN G 131 -49.39 32.19 -4.69
CA ASN G 131 -49.40 32.53 -3.28
C ASN G 131 -50.71 32.14 -2.61
N ASP G 132 -51.84 32.35 -3.29
CA ASP G 132 -53.15 31.95 -2.79
C ASP G 132 -53.81 31.04 -3.82
N PRO G 133 -53.77 29.71 -3.63
CA PRO G 133 -54.40 28.81 -4.60
C PRO G 133 -55.89 29.06 -4.75
N SER G 134 -56.55 29.60 -3.71
CA SER G 134 -57.98 29.86 -3.80
C SER G 134 -58.32 30.77 -4.96
N VAL G 135 -57.42 31.67 -5.32
CA VAL G 135 -57.65 32.53 -6.47
C VAL G 135 -57.72 31.69 -7.74
N VAL G 136 -56.87 30.67 -7.84
CA VAL G 136 -56.85 29.85 -9.05
C VAL G 136 -58.07 28.94 -9.10
N PHE G 137 -58.39 28.27 -7.99
CA PHE G 137 -59.52 27.33 -7.99
C PHE G 137 -60.85 28.04 -8.18
N ASP G 138 -61.05 29.20 -7.52
CA ASP G 138 -62.32 29.89 -7.62
C ASP G 138 -62.58 30.41 -9.02
N ASP G 139 -61.53 30.63 -9.81
CA ASP G 139 -61.73 31.08 -11.18
C ASP G 139 -62.15 29.95 -12.12
N ILE G 140 -62.02 28.70 -11.70
CA ILE G 140 -62.37 27.59 -12.59
C ILE G 140 -63.88 27.52 -12.79
N VAL G 141 -64.64 27.80 -11.73
CA VAL G 141 -66.09 27.68 -11.81
C VAL G 141 -66.71 28.97 -12.36
N THR G 142 -66.11 30.13 -12.10
CA THR G 142 -66.74 31.40 -12.48
C THR G 142 -66.25 31.97 -13.80
N ASN G 143 -65.01 31.68 -14.21
CA ASN G 143 -64.51 32.25 -15.46
C ASN G 143 -65.35 31.76 -16.62
N GLU G 144 -65.82 32.70 -17.44
CA GLU G 144 -66.74 32.34 -18.52
C GLU G 144 -66.05 31.57 -19.64
N GLN G 145 -64.73 31.68 -19.75
CA GLN G 145 -64.02 31.04 -20.84
C GLN G 145 -63.79 29.55 -20.60
N ILE G 146 -63.90 29.10 -19.35
CA ILE G 146 -63.69 27.69 -19.02
C ILE G 146 -65.00 26.91 -18.96
N GLN G 147 -65.94 27.38 -18.11
CA GLN G 147 -67.14 26.61 -17.80
C GLN G 147 -68.01 26.32 -19.02
N LYS G 148 -67.85 27.09 -20.10
CA LYS G 148 -68.59 26.79 -21.33
C LYS G 148 -68.26 25.38 -21.83
N ARG G 149 -66.97 25.00 -21.78
CA ARG G 149 -66.54 23.69 -22.25
C ARG G 149 -66.86 22.60 -21.23
N ALA G 150 -67.03 22.96 -19.96
CA ALA G 150 -67.38 21.98 -18.94
C ALA G 150 -68.73 21.33 -19.23
N GLU G 151 -69.75 22.16 -19.51
CA GLU G 151 -71.09 21.60 -19.72
C GLU G 151 -71.19 20.78 -20.99
N GLY G 152 -70.35 21.05 -21.98
CA GLY G 152 -70.37 20.20 -23.17
C GLY G 152 -69.97 18.77 -22.86
N ILE G 153 -68.93 18.60 -22.05
CA ILE G 153 -68.45 17.26 -21.73
C ILE G 153 -69.34 16.59 -20.68
N SER G 154 -69.73 17.34 -19.64
CA SER G 154 -70.51 16.77 -18.55
C SER G 154 -71.90 16.33 -19.01
N SER G 155 -72.44 16.96 -20.05
CA SER G 155 -73.79 16.64 -20.50
C SER G 155 -73.90 15.19 -20.94
N TYR G 156 -72.92 14.70 -21.71
CA TYR G 156 -72.95 13.31 -22.15
C TYR G 156 -72.95 12.35 -20.97
N TYR G 157 -72.20 12.68 -19.92
CA TYR G 157 -72.23 11.88 -18.70
C TYR G 157 -73.58 11.99 -18.01
N ASP G 158 -74.09 13.22 -17.83
CA ASP G 158 -75.35 13.44 -17.11
C ASP G 158 -76.51 12.72 -17.79
N GLU G 159 -76.61 12.84 -19.12
CA GLU G 159 -77.73 12.22 -19.81
C GLU G 159 -77.66 10.70 -19.76
N LEU G 160 -76.45 10.13 -19.76
CA LEU G 160 -76.33 8.69 -19.63
C LEU G 160 -76.69 8.23 -18.22
N ILE G 161 -76.29 9.01 -17.21
CA ILE G 161 -76.62 8.70 -15.82
C ILE G 161 -78.13 8.73 -15.60
N GLU G 162 -78.81 9.70 -16.21
CA GLU G 162 -80.25 9.85 -15.99
C GLU G 162 -81.02 8.65 -16.56
N MET G 163 -80.82 8.35 -17.84
CA MET G 163 -81.50 7.21 -18.46
C MET G 163 -81.20 5.92 -17.70
N THR G 164 -79.98 5.78 -17.17
CA THR G 164 -79.65 4.58 -16.41
C THR G 164 -80.52 4.48 -15.16
N SER G 165 -80.80 5.61 -14.52
CA SER G 165 -81.67 5.60 -13.34
C SER G 165 -83.08 5.18 -13.73
N TYR G 166 -83.62 5.73 -14.82
CA TYR G 166 -84.93 5.28 -15.29
C TYR G 166 -84.91 3.81 -15.65
N TRP G 167 -83.83 3.35 -16.30
CA TRP G 167 -83.76 1.96 -16.74
C TRP G 167 -83.72 1.00 -15.55
N HIS G 168 -83.10 1.41 -14.44
CA HIS G 168 -83.08 0.55 -13.26
C HIS G 168 -84.39 0.63 -12.47
N LEU G 169 -84.95 1.83 -12.33
CA LEU G 169 -86.17 1.99 -11.53
C LEU G 169 -87.39 1.44 -12.26
N LEU G 170 -87.59 1.84 -13.51
CA LEU G 170 -88.81 1.50 -14.23
C LEU G 170 -88.64 0.31 -15.17
N GLY G 171 -87.43 0.02 -15.61
CA GLY G 171 -87.25 -0.99 -16.63
C GLY G 171 -87.67 -0.50 -17.99
N GLU G 172 -87.43 -1.33 -19.01
CA GLU G 172 -87.74 -0.94 -20.38
C GLU G 172 -89.25 -0.91 -20.61
N GLY G 173 -89.70 0.05 -21.43
CA GLY G 173 -91.12 0.15 -21.73
C GLY G 173 -91.63 1.57 -21.76
N THR G 174 -92.93 1.74 -21.99
CA THR G 174 -93.58 3.05 -21.96
C THR G 174 -94.27 3.22 -20.61
N HIS G 175 -93.91 4.28 -19.90
CA HIS G 175 -94.37 4.53 -18.55
C HIS G 175 -95.00 5.91 -18.46
N THR G 176 -95.71 6.12 -17.35
CA THR G 176 -96.29 7.41 -17.01
C THR G 176 -95.76 7.78 -15.63
N VAL G 177 -95.10 8.93 -15.54
CA VAL G 177 -94.49 9.41 -14.30
C VAL G 177 -95.10 10.77 -14.02
N ASN G 178 -95.95 10.84 -13.00
CA ASN G 178 -96.70 12.05 -12.67
C ASN G 178 -97.53 12.50 -13.88
N GLY G 179 -98.32 11.57 -14.41
CA GLY G 179 -99.16 11.84 -15.56
C GLY G 179 -98.39 11.78 -16.87
N LYS G 180 -97.33 12.60 -16.95
CA LYS G 180 -96.52 12.67 -18.16
C LYS G 180 -95.98 11.30 -18.55
N THR G 181 -95.95 11.04 -19.86
CA THR G 181 -95.48 9.76 -20.37
C THR G 181 -93.96 9.74 -20.47
N VAL G 182 -93.36 8.63 -20.03
CA VAL G 182 -91.91 8.45 -20.04
C VAL G 182 -91.59 7.11 -20.68
N THR G 183 -90.87 7.14 -21.80
CA THR G 183 -90.49 5.93 -22.52
C THR G 183 -89.05 5.59 -22.21
N VAL G 184 -88.81 4.33 -21.84
CA VAL G 184 -87.48 3.83 -21.51
C VAL G 184 -87.08 2.82 -22.57
N SER G 185 -86.17 3.20 -23.45
CA SER G 185 -85.70 2.32 -24.52
C SER G 185 -84.27 1.89 -24.21
N LEU G 186 -84.05 0.58 -24.16
CA LEU G 186 -82.69 0.07 -24.00
C LEU G 186 -81.83 0.42 -25.22
N ARG G 187 -82.42 0.42 -26.40
CA ARG G 187 -81.69 0.80 -27.61
C ARG G 187 -81.26 2.26 -27.54
N GLU G 188 -82.10 3.13 -26.96
CA GLU G 188 -81.73 4.53 -26.76
C GLU G 188 -80.76 4.70 -25.61
N LEU G 189 -80.73 3.75 -24.67
CA LEU G 189 -79.75 3.76 -23.61
C LEU G 189 -78.39 3.29 -24.10
N LYS G 190 -78.36 2.22 -24.90
CA LYS G 190 -77.10 1.80 -25.54
C LYS G 190 -76.55 2.91 -26.43
N LYS G 191 -77.44 3.75 -26.95
CA LYS G 191 -77.03 4.86 -27.79
C LYS G 191 -76.39 5.97 -26.97
N LYS G 192 -76.93 6.22 -25.77
CA LYS G 192 -76.35 7.23 -24.90
C LYS G 192 -75.01 6.78 -24.33
N LEU G 193 -74.87 5.49 -24.05
CA LEU G 193 -73.59 4.96 -23.60
C LEU G 193 -72.52 5.13 -24.68
N TYR G 194 -72.86 4.74 -25.91
CA TYR G 194 -71.91 4.85 -27.02
C TYR G 194 -71.49 6.29 -27.26
N LEU G 195 -72.47 7.21 -27.30
CA LEU G 195 -72.14 8.61 -27.50
C LEU G 195 -71.28 9.15 -26.36
N CYS G 196 -71.55 8.71 -25.14
CA CYS G 196 -70.75 9.16 -24.00
C CYS G 196 -69.31 8.69 -24.11
N LEU G 197 -69.11 7.40 -24.41
CA LEU G 197 -67.75 6.89 -24.59
C LEU G 197 -67.02 7.61 -25.71
N MET G 198 -67.74 7.96 -26.79
CA MET G 198 -67.13 8.75 -27.85
C MET G 198 -66.67 10.12 -27.32
N SER G 199 -67.50 10.76 -26.49
CA SER G 199 -67.14 12.05 -25.92
C SER G 199 -65.91 11.93 -25.03
N VAL G 200 -65.82 10.85 -24.23
CA VAL G 200 -64.69 10.67 -23.34
C VAL G 200 -63.42 10.41 -24.12
N ASN G 201 -63.53 9.65 -25.22
CA ASN G 201 -62.36 9.40 -26.07
C ASN G 201 -61.81 10.70 -26.65
N ALA G 202 -62.70 11.59 -27.13
CA ALA G 202 -62.23 12.87 -27.61
C ALA G 202 -61.68 13.73 -26.47
N LEU G 203 -62.22 13.56 -25.26
CA LEU G 203 -61.74 14.30 -24.10
C LEU G 203 -60.30 13.89 -23.75
N GLU G 204 -60.05 12.59 -23.67
CA GLU G 204 -58.76 12.11 -23.20
C GLU G 204 -57.72 11.99 -24.29
N ALA G 205 -58.13 11.81 -25.55
CA ALA G 205 -57.19 11.63 -26.64
C ALA G 205 -56.98 12.87 -27.49
N ILE G 206 -57.82 13.89 -27.36
CA ILE G 206 -57.65 15.11 -28.15
C ILE G 206 -57.50 16.30 -27.22
N ARG G 207 -58.51 16.54 -26.37
CA ARG G 207 -58.51 17.73 -25.52
C ARG G 207 -57.28 17.79 -24.63
N PHE G 208 -56.98 16.69 -23.93
CA PHE G 208 -55.84 16.68 -23.01
C PHE G 208 -54.51 16.74 -23.75
N TYR G 209 -54.42 16.08 -24.90
CA TYR G 209 -53.16 16.12 -25.63
C TYR G 209 -52.88 17.51 -26.18
N VAL G 210 -53.93 18.30 -26.43
CA VAL G 210 -53.72 19.71 -26.74
C VAL G 210 -53.14 20.42 -25.52
N SER G 211 -53.59 20.04 -24.33
CA SER G 211 -53.06 20.64 -23.11
C SER G 211 -51.63 20.20 -22.85
N PHE G 212 -51.32 18.94 -23.17
CA PHE G 212 -49.96 18.43 -23.00
C PHE G 212 -48.97 19.28 -23.80
N ALA G 213 -49.37 19.71 -25.01
CA ALA G 213 -48.49 20.53 -25.83
C ALA G 213 -48.06 21.80 -25.12
N CYS G 214 -48.97 22.44 -24.39
CA CYS G 214 -48.61 23.67 -23.70
C CYS G 214 -47.65 23.42 -22.54
N SER G 215 -47.93 22.40 -21.73
CA SER G 215 -47.06 22.11 -20.59
C SER G 215 -45.66 21.75 -21.05
N PHE G 216 -45.55 20.98 -22.13
CA PHE G 216 -44.26 20.53 -22.61
C PHE G 216 -43.55 21.59 -23.43
N ALA G 217 -44.28 22.56 -23.97
CA ALA G 217 -43.65 23.66 -24.68
C ALA G 217 -42.84 24.54 -23.74
N PHE G 218 -43.30 24.70 -22.49
CA PHE G 218 -42.49 25.40 -21.50
C PHE G 218 -41.25 24.60 -21.15
N ALA G 219 -41.35 23.26 -21.19
CA ALA G 219 -40.23 22.41 -20.83
C ALA G 219 -39.17 22.35 -21.92
N GLU G 220 -39.57 22.51 -23.18
CA GLU G 220 -38.58 22.57 -24.26
C GLU G 220 -37.69 23.81 -24.14
N ARG G 221 -38.13 24.81 -23.38
CA ARG G 221 -37.33 25.97 -23.03
C ARG G 221 -36.76 25.87 -21.62
N GLU G 222 -36.76 24.67 -21.04
CA GLU G 222 -36.23 24.42 -19.70
C GLU G 222 -36.91 25.30 -18.65
N LEU G 223 -38.21 25.51 -18.81
CA LEU G 223 -39.01 26.27 -17.87
C LEU G 223 -40.14 25.41 -17.35
N MET G 224 -40.53 25.65 -16.10
CA MET G 224 -41.62 24.91 -15.47
C MET G 224 -41.40 23.40 -15.57
N GLU G 225 -40.16 22.98 -15.31
CA GLU G 225 -39.80 21.59 -15.52
C GLU G 225 -40.36 20.66 -14.46
N GLY G 226 -40.69 21.17 -13.27
CA GLY G 226 -41.38 20.35 -12.29
C GLY G 226 -42.80 20.02 -12.70
N ASN G 227 -43.52 21.02 -13.23
CA ASN G 227 -44.82 20.76 -13.81
C ASN G 227 -44.71 19.75 -14.95
N ALA G 228 -43.71 19.92 -15.82
CA ALA G 228 -43.55 19.02 -16.96
C ALA G 228 -43.33 17.58 -16.50
N LYS G 229 -42.59 17.38 -15.41
CA LYS G 229 -42.37 16.02 -14.92
C LYS G 229 -43.68 15.38 -14.52
N ILE G 230 -44.57 16.15 -13.90
CA ILE G 230 -45.86 15.61 -13.48
C ILE G 230 -46.75 15.38 -14.70
N ILE G 231 -46.80 16.35 -15.61
CA ILE G 231 -47.62 16.19 -16.81
C ILE G 231 -47.15 15.00 -17.62
N ARG G 232 -45.85 14.71 -17.61
CA ARG G 232 -45.36 13.54 -18.34
C ARG G 232 -45.88 12.23 -17.73
N LEU G 233 -45.94 12.16 -16.40
CA LEU G 233 -46.54 11.00 -15.75
C LEU G 233 -48.02 10.90 -16.05
N ILE G 234 -48.71 12.05 -16.05
CA ILE G 234 -50.12 12.10 -16.40
C ILE G 234 -50.34 11.63 -17.82
N ALA G 235 -49.49 12.09 -18.75
CA ALA G 235 -49.62 11.69 -20.14
C ALA G 235 -49.47 10.19 -20.31
N ARG G 236 -48.61 9.57 -19.51
CA ARG G 236 -48.46 8.12 -19.57
C ARG G 236 -49.74 7.42 -19.13
N ASP G 237 -50.41 7.95 -18.11
CA ASP G 237 -51.71 7.42 -17.72
C ASP G 237 -52.75 7.67 -18.80
N GLU G 238 -52.78 8.89 -19.33
CA GLU G 238 -53.79 9.27 -20.31
C GLU G 238 -53.73 8.38 -21.53
N ALA G 239 -52.53 7.87 -21.86
CA ALA G 239 -52.39 6.93 -22.96
C ALA G 239 -53.10 5.61 -22.65
N LEU G 240 -53.06 5.17 -21.40
CA LEU G 240 -53.83 3.99 -21.02
C LEU G 240 -55.32 4.26 -21.07
N HIS G 241 -55.73 5.45 -20.63
CA HIS G 241 -57.15 5.78 -20.57
C HIS G 241 -57.78 5.76 -21.97
N LEU G 242 -57.18 6.47 -22.92
CA LEU G 242 -57.75 6.53 -24.26
C LEU G 242 -57.74 5.16 -24.93
N THR G 243 -56.75 4.33 -24.59
CA THR G 243 -56.75 2.95 -25.08
C THR G 243 -57.97 2.18 -24.57
N GLY G 244 -58.36 2.44 -23.33
CA GLY G 244 -59.56 1.80 -22.81
C GLY G 244 -60.81 2.20 -23.57
N THR G 245 -61.01 3.50 -23.79
CA THR G 245 -62.21 3.95 -24.49
C THR G 245 -62.18 3.52 -25.95
N GLN G 246 -61.00 3.45 -26.56
CA GLN G 246 -60.92 2.96 -27.94
C GLN G 246 -61.35 1.50 -28.03
N HIS G 247 -60.86 0.66 -27.11
CA HIS G 247 -61.21 -0.76 -27.15
C HIS G 247 -62.68 -0.97 -26.86
N MET G 248 -63.25 -0.21 -25.92
CA MET G 248 -64.69 -0.32 -25.68
C MET G 248 -65.45 0.07 -26.94
N LEU G 249 -65.12 1.22 -27.52
CA LEU G 249 -65.83 1.70 -28.70
C LEU G 249 -65.73 0.72 -29.85
N ASN G 250 -64.53 0.19 -30.12
CA ASN G 250 -64.37 -0.69 -31.26
C ASN G 250 -65.02 -2.04 -31.03
N LEU G 251 -65.01 -2.53 -29.79
CA LEU G 251 -65.70 -3.78 -29.50
C LEU G 251 -67.21 -3.61 -29.65
N LEU G 252 -67.74 -2.47 -29.21
CA LEU G 252 -69.16 -2.19 -29.38
C LEU G 252 -69.50 -2.02 -30.86
N ARG G 253 -68.67 -1.28 -31.59
CA ARG G 253 -68.98 -0.91 -32.97
C ARG G 253 -68.97 -2.10 -33.90
N SER G 254 -68.09 -3.08 -33.67
CA SER G 254 -67.98 -4.24 -34.54
C SER G 254 -69.04 -5.29 -34.26
N GLY G 255 -69.91 -5.09 -33.27
CA GLY G 255 -70.91 -6.08 -32.94
C GLY G 255 -70.35 -7.36 -32.36
N ALA G 256 -69.04 -7.41 -32.11
CA ALA G 256 -68.43 -8.60 -31.52
C ALA G 256 -69.01 -8.88 -30.14
N ASP G 257 -69.26 -7.82 -29.37
CA ASP G 257 -69.73 -7.96 -28.00
C ASP G 257 -71.26 -8.00 -27.93
N ASP G 258 -71.91 -7.10 -28.65
CA ASP G 258 -73.36 -7.03 -28.67
C ASP G 258 -73.78 -6.78 -30.12
N PRO G 259 -74.40 -7.77 -30.77
CA PRO G 259 -74.78 -7.57 -32.19
C PRO G 259 -75.70 -6.39 -32.41
N GLU G 260 -76.64 -6.18 -31.48
CA GLU G 260 -77.53 -5.02 -31.57
C GLU G 260 -76.75 -3.72 -31.60
N MET G 261 -75.63 -3.68 -30.88
CA MET G 261 -74.81 -2.48 -30.76
C MET G 261 -74.18 -2.06 -32.09
N ALA G 262 -73.94 -3.02 -32.99
CA ALA G 262 -73.33 -2.68 -34.27
C ALA G 262 -74.20 -1.71 -35.08
N GLU G 263 -75.50 -1.97 -35.17
CA GLU G 263 -76.38 -1.04 -35.89
C GLU G 263 -76.53 0.27 -35.13
N ILE G 264 -76.62 0.20 -33.79
CA ILE G 264 -76.72 1.42 -33.00
C ILE G 264 -75.48 2.29 -33.22
N ALA G 265 -74.33 1.65 -33.42
CA ALA G 265 -73.13 2.41 -33.73
C ALA G 265 -73.26 3.13 -35.07
N GLU G 266 -73.96 2.50 -36.03
CA GLU G 266 -74.11 3.13 -37.33
C GLU G 266 -75.09 4.29 -37.29
N GLU G 267 -76.12 4.20 -36.45
CA GLU G 267 -77.04 5.32 -36.31
C GLU G 267 -76.40 6.50 -35.61
N CYS G 268 -75.27 6.30 -34.92
CA CYS G 268 -74.55 7.37 -34.25
C CYS G 268 -73.35 7.87 -35.03
N LYS G 269 -72.92 7.13 -36.07
CA LYS G 269 -71.69 7.46 -36.78
C LYS G 269 -71.65 8.92 -37.20
N GLN G 270 -72.80 9.49 -37.55
CA GLN G 270 -72.84 10.91 -37.89
C GLN G 270 -72.75 11.78 -36.64
N GLU G 271 -73.47 11.40 -35.58
CA GLU G 271 -73.38 12.17 -34.33
C GLU G 271 -71.96 12.14 -33.77
N CYS G 272 -71.32 10.96 -33.82
CA CYS G 272 -69.96 10.83 -33.31
C CYS G 272 -68.97 11.65 -34.12
N TYR G 273 -69.13 11.69 -35.44
CA TYR G 273 -68.27 12.52 -36.26
C TYR G 273 -68.44 13.99 -35.87
N ASP G 274 -69.68 14.46 -35.79
CA ASP G 274 -69.92 15.84 -35.38
C ASP G 274 -69.44 16.08 -33.95
N LEU G 275 -69.51 15.06 -33.10
CA LEU G 275 -69.04 15.16 -31.73
C LEU G 275 -67.53 15.40 -31.67
N PHE G 276 -66.76 14.61 -32.42
CA PHE G 276 -65.31 14.78 -32.46
C PHE G 276 -64.92 16.10 -33.11
N VAL G 277 -65.52 16.41 -34.26
CA VAL G 277 -65.18 17.66 -34.95
C VAL G 277 -65.46 18.85 -34.05
N GLN G 278 -66.60 18.82 -33.34
CA GLN G 278 -66.93 19.89 -32.40
C GLN G 278 -65.85 20.05 -31.34
N ALA G 279 -65.38 18.94 -30.78
CA ALA G 279 -64.33 19.00 -29.78
C ALA G 279 -63.09 19.70 -30.34
N ALA G 280 -62.70 19.34 -31.56
CA ALA G 280 -61.54 19.99 -32.16
C ALA G 280 -61.79 21.49 -32.32
N GLN G 281 -62.98 21.89 -32.78
CA GLN G 281 -63.25 23.31 -32.93
C GLN G 281 -63.30 24.00 -31.58
N GLN G 282 -63.76 23.30 -30.54
CA GLN G 282 -63.78 23.89 -29.21
C GLN G 282 -62.38 24.11 -28.69
N GLU G 283 -61.47 23.15 -28.93
CA GLU G 283 -60.09 23.31 -28.48
C GLU G 283 -59.37 24.36 -29.30
N LYS G 284 -59.65 24.41 -30.61
CA LYS G 284 -59.12 25.48 -31.43
C LYS G 284 -59.59 26.84 -30.91
N ASP G 285 -60.85 26.91 -30.47
CA ASP G 285 -61.37 28.12 -29.83
C ASP G 285 -60.66 28.40 -28.51
N TRP G 286 -60.40 27.37 -27.71
CA TRP G 286 -59.67 27.54 -26.46
C TRP G 286 -58.26 28.10 -26.69
N ALA G 287 -57.61 27.66 -27.78
CA ALA G 287 -56.28 28.18 -28.09
C ALA G 287 -56.30 29.68 -28.33
N ASP G 288 -57.39 30.20 -28.91
CA ASP G 288 -57.50 31.63 -29.14
C ASP G 288 -57.52 32.41 -27.83
N TYR G 289 -58.11 31.84 -26.78
CA TYR G 289 -58.09 32.47 -25.46
C TYR G 289 -56.71 32.41 -24.82
N LEU G 290 -55.97 31.33 -25.04
CA LEU G 290 -54.65 31.21 -24.43
C LEU G 290 -53.71 32.29 -24.94
N PHE G 291 -53.68 32.49 -26.26
CA PHE G 291 -52.77 33.44 -26.88
C PHE G 291 -53.44 34.77 -27.20
N ARG G 292 -54.51 35.13 -26.49
CA ARG G 292 -55.14 36.43 -26.72
C ARG G 292 -54.24 37.59 -26.32
N ASP G 293 -53.26 37.35 -25.44
CA ASP G 293 -52.37 38.40 -24.96
C ASP G 293 -50.94 38.24 -25.49
N GLY G 294 -50.73 37.36 -26.46
CA GLY G 294 -49.42 37.12 -27.02
C GLY G 294 -49.07 35.64 -27.03
N SER G 295 -47.98 35.34 -27.72
CA SER G 295 -47.49 33.98 -27.89
C SER G 295 -46.12 33.82 -27.25
N MET G 296 -45.54 32.64 -27.42
CA MET G 296 -44.24 32.33 -26.86
C MET G 296 -43.42 31.58 -27.91
N ILE G 297 -42.13 31.44 -27.63
CA ILE G 297 -41.24 30.72 -28.55
C ILE G 297 -41.71 29.29 -28.70
N GLY G 298 -42.10 28.92 -29.92
CA GLY G 298 -42.45 27.54 -30.23
C GLY G 298 -43.93 27.23 -30.22
N LEU G 299 -44.77 28.15 -29.77
CA LEU G 299 -46.20 27.86 -29.66
C LEU G 299 -47.00 29.15 -29.82
N ASN G 300 -47.95 29.14 -30.75
CA ASN G 300 -48.91 30.22 -30.91
C ASN G 300 -50.26 29.61 -31.26
N LYS G 301 -51.19 30.45 -31.71
CA LYS G 301 -52.52 29.94 -32.07
C LYS G 301 -52.44 28.96 -33.24
N ASP G 302 -51.75 29.35 -34.31
CA ASP G 302 -51.70 28.51 -35.50
C ASP G 302 -51.05 27.17 -35.21
N ILE G 303 -49.88 27.18 -34.55
CA ILE G 303 -49.18 25.94 -34.24
C ILE G 303 -50.09 24.99 -33.46
N LEU G 304 -50.73 25.50 -32.41
CA LEU G 304 -51.55 24.64 -31.57
C LEU G 304 -52.81 24.18 -32.31
N CYS G 305 -53.42 25.07 -33.09
CA CYS G 305 -54.57 24.65 -33.88
C CYS G 305 -54.19 23.61 -34.92
N GLN G 306 -52.99 23.70 -35.47
CA GLN G 306 -52.53 22.67 -36.40
C GLN G 306 -52.38 21.34 -35.69
N TYR G 307 -51.88 21.36 -34.45
CA TYR G 307 -51.76 20.14 -33.68
C TYR G 307 -53.13 19.57 -33.33
N VAL G 308 -54.11 20.44 -33.07
CA VAL G 308 -55.47 19.97 -32.83
C VAL G 308 -55.96 19.17 -34.03
N GLU G 309 -55.85 19.75 -35.22
CA GLU G 309 -56.29 19.05 -36.43
C GLU G 309 -55.44 17.81 -36.69
N TYR G 310 -54.15 17.87 -36.37
CA TYR G 310 -53.27 16.72 -36.58
C TYR G 310 -53.67 15.55 -35.69
N ILE G 311 -53.85 15.81 -34.39
CA ILE G 311 -54.16 14.74 -33.45
C ILE G 311 -55.61 14.27 -33.60
N THR G 312 -56.49 15.14 -34.08
CA THR G 312 -57.89 14.75 -34.24
C THR G 312 -58.03 13.68 -35.32
N ASN G 313 -57.39 13.89 -36.47
CA ASN G 313 -57.44 12.90 -37.55
C ASN G 313 -56.98 11.54 -37.05
N ILE G 314 -55.91 11.51 -36.25
CA ILE G 314 -55.39 10.24 -35.76
C ILE G 314 -56.40 9.56 -34.85
N ARG G 315 -56.93 10.30 -33.88
CA ARG G 315 -57.86 9.70 -32.92
C ARG G 315 -59.14 9.24 -33.61
N MET G 316 -59.69 10.06 -34.50
CA MET G 316 -60.96 9.72 -35.14
C MET G 316 -60.81 8.49 -36.03
N GLN G 317 -59.68 8.37 -36.73
CA GLN G 317 -59.44 7.19 -37.54
C GLN G 317 -59.36 5.93 -36.68
N ALA G 318 -58.84 6.06 -35.45
CA ALA G 318 -58.68 4.91 -34.58
C ALA G 318 -60.01 4.28 -34.18
N VAL G 319 -61.10 5.03 -34.29
CA VAL G 319 -62.43 4.55 -33.90
C VAL G 319 -63.36 4.48 -35.11
N GLY G 320 -62.81 4.45 -36.31
CA GLY G 320 -63.61 4.28 -37.50
C GLY G 320 -64.45 5.48 -37.87
N LEU G 321 -63.89 6.69 -37.80
CA LEU G 321 -64.57 7.90 -38.20
C LEU G 321 -63.81 8.57 -39.33
N ASP G 322 -64.53 9.27 -40.19
CA ASP G 322 -63.91 9.94 -41.33
C ASP G 322 -63.04 11.10 -40.86
N LEU G 323 -61.95 11.33 -41.57
CA LEU G 323 -61.04 12.41 -41.20
C LEU G 323 -61.67 13.76 -41.57
N PRO G 324 -61.81 14.68 -40.63
CA PRO G 324 -62.46 15.95 -40.94
C PRO G 324 -61.50 17.04 -41.41
N PHE G 325 -60.20 16.87 -41.18
CA PHE G 325 -59.24 17.91 -41.52
C PHE G 325 -58.29 17.39 -42.60
N GLN G 326 -57.55 18.33 -43.20
CA GLN G 326 -56.60 17.97 -44.24
C GLN G 326 -55.44 17.16 -43.65
N THR G 327 -54.83 16.33 -44.50
CA THR G 327 -53.65 15.60 -44.09
C THR G 327 -52.53 16.57 -43.77
N ARG G 328 -51.78 16.28 -42.70
CA ARG G 328 -50.77 17.20 -42.23
C ARG G 328 -49.65 16.43 -41.53
N SER G 329 -48.43 16.91 -41.68
CA SER G 329 -47.34 16.36 -40.89
C SER G 329 -47.36 17.00 -39.51
N ASN G 330 -46.77 16.28 -38.55
CA ASN G 330 -46.78 16.71 -37.15
C ASN G 330 -46.18 18.11 -37.01
N PRO G 331 -46.99 19.09 -36.60
CA PRO G 331 -46.47 20.46 -36.49
C PRO G 331 -45.56 20.66 -35.30
N ILE G 332 -45.59 19.78 -34.31
CA ILE G 332 -44.71 19.89 -33.15
C ILE G 332 -44.05 18.53 -32.92
N PRO G 333 -43.05 18.15 -33.73
CA PRO G 333 -42.44 16.82 -33.58
C PRO G 333 -41.76 16.62 -32.24
N TRP G 334 -41.37 17.69 -31.54
CA TRP G 334 -40.72 17.55 -30.26
C TRP G 334 -41.62 16.96 -29.18
N ILE G 335 -42.93 16.93 -29.40
CA ILE G 335 -43.86 16.44 -28.39
C ILE G 335 -43.79 14.93 -28.21
N ASN G 336 -43.32 14.19 -29.21
CA ASN G 336 -43.26 12.73 -29.11
C ASN G 336 -42.26 12.26 -28.06
N THR G 337 -41.26 13.08 -27.75
CA THR G 337 -40.32 12.77 -26.69
C THR G 337 -41.03 12.56 -25.35
N TRP G 338 -42.09 13.33 -25.10
CA TRP G 338 -42.74 13.32 -23.80
C TRP G 338 -43.90 12.35 -23.70
N LEU G 339 -44.40 11.83 -24.82
CA LEU G 339 -45.59 10.99 -24.79
C LEU G 339 -45.27 9.51 -24.90
N VAL G 340 -44.00 9.12 -24.78
CA VAL G 340 -43.60 7.73 -24.81
C VAL G 340 -42.36 7.57 -23.93
N SER G 341 -42.11 6.33 -23.49
CA SER G 341 -40.98 6.04 -22.60
C SER G 341 -39.64 6.38 -23.26
N GLN G 360 -5.11 -0.45 -41.11
CA GLN G 360 -4.17 0.33 -41.90
C GLN G 360 -4.01 -0.28 -43.30
N ILE G 361 -2.78 -0.64 -43.67
CA ILE G 361 -2.47 -1.15 -45.00
C ILE G 361 -1.69 -2.46 -44.88
N ASP G 362 -2.23 -3.51 -45.47
CA ASP G 362 -1.52 -4.78 -45.61
C ASP G 362 -0.38 -4.60 -46.62
N SER G 363 0.86 -4.59 -46.12
CA SER G 363 2.00 -4.20 -46.93
C SER G 363 2.49 -5.30 -47.87
N GLU G 364 1.81 -6.45 -47.91
CA GLU G 364 2.26 -7.57 -48.72
C GLU G 364 1.81 -7.42 -50.16
N VAL G 365 2.72 -7.72 -51.10
CA VAL G 365 2.44 -7.70 -52.52
C VAL G 365 2.76 -9.07 -53.12
N ASP G 366 2.16 -9.33 -54.28
CA ASP G 366 2.39 -10.57 -55.03
C ASP G 366 2.78 -10.17 -56.46
N THR G 367 4.09 -10.13 -56.72
CA THR G 367 4.57 -9.69 -58.03
C THR G 367 4.19 -10.66 -59.14
N ASP G 368 4.16 -11.96 -58.85
CA ASP G 368 3.74 -12.93 -59.86
C ASP G 368 2.31 -12.68 -60.30
N ASP G 369 1.43 -12.34 -59.34
CA ASP G 369 0.05 -12.02 -59.68
C ASP G 369 -0.05 -10.73 -60.48
N LEU G 370 0.89 -9.80 -60.28
CA LEU G 370 0.88 -8.55 -61.03
C LEU G 370 1.33 -8.74 -62.47
N SER G 371 2.31 -9.63 -62.70
CA SER G 371 2.74 -9.91 -64.06
C SER G 371 1.62 -10.56 -64.87
N ASN G 372 0.72 -11.28 -64.21
CA ASN G 372 -0.50 -11.79 -64.83
C ASN G 372 -1.47 -10.63 -65.08
N PHE G 373 -1.08 -9.71 -65.96
CA PHE G 373 -1.83 -8.50 -66.22
C PHE G 373 -1.23 -7.81 -67.42
N GLN G 374 -2.09 -7.34 -68.34
CA GLN G 374 -1.64 -6.70 -69.56
C GLN G 374 -1.95 -5.21 -69.50
N LEU G 375 -0.92 -4.39 -69.60
CA LEU G 375 -1.07 -2.93 -69.59
C LEU G 375 -1.72 -2.41 -70.87
N ALA H 1 83.50 -12.53 0.90
CA ALA H 1 82.82 -11.56 1.75
C ALA H 1 81.33 -11.46 1.39
N TYR H 2 80.57 -10.71 2.19
CA TYR H 2 79.15 -10.56 1.93
C TYR H 2 78.93 -9.63 0.74
N THR H 3 78.02 -10.02 -0.14
CA THR H 3 77.62 -9.23 -1.29
C THR H 3 76.11 -9.07 -1.32
N THR H 4 75.64 -7.86 -1.66
CA THR H 4 74.21 -7.61 -1.73
C THR H 4 73.56 -8.22 -2.96
N PHE H 5 74.32 -8.55 -3.99
CA PHE H 5 73.78 -9.29 -5.13
C PHE H 5 74.88 -10.21 -5.65
N SER H 6 74.84 -11.47 -5.21
CA SER H 6 75.86 -12.44 -5.61
C SER H 6 75.81 -12.68 -7.12
N GLN H 7 77.00 -12.73 -7.73
CA GLN H 7 77.09 -12.85 -9.19
C GLN H 7 76.73 -14.25 -9.65
N THR H 8 76.95 -15.25 -8.81
CA THR H 8 76.72 -16.64 -9.21
C THR H 8 75.22 -16.91 -9.38
N LYS H 9 74.88 -17.64 -10.44
CA LYS H 9 73.52 -18.15 -10.63
C LYS H 9 73.41 -19.49 -9.92
N ASN H 10 72.80 -19.48 -8.74
CA ASN H 10 72.66 -20.69 -7.94
C ASN H 10 71.21 -21.18 -7.93
N ASP H 11 71.06 -22.50 -7.83
CA ASP H 11 69.74 -23.10 -7.64
C ASP H 11 69.32 -22.86 -6.20
N GLN H 12 68.42 -21.90 -6.00
CA GLN H 12 68.01 -21.50 -4.66
C GLN H 12 67.32 -22.63 -3.91
N LEU H 13 66.77 -23.62 -4.60
CA LEU H 13 66.09 -24.71 -3.93
C LEU H 13 67.05 -25.65 -3.22
N LYS H 14 68.31 -25.70 -3.63
CA LYS H 14 69.30 -26.59 -3.04
C LYS H 14 70.19 -25.89 -2.02
N GLU H 15 70.05 -24.58 -1.84
CA GLU H 15 70.84 -23.86 -0.87
C GLU H 15 70.40 -24.24 0.55
N PRO H 16 71.28 -24.03 1.54
CA PRO H 16 70.87 -24.21 2.94
C PRO H 16 70.15 -22.96 3.46
N MET H 17 69.61 -23.09 4.67
CA MET H 17 68.99 -21.94 5.32
C MET H 17 70.01 -20.83 5.56
N PHE H 18 71.18 -21.20 6.08
CA PHE H 18 72.21 -20.23 6.44
C PHE H 18 73.55 -20.60 5.81
N PHE H 19 74.41 -19.58 5.72
CA PHE H 19 75.83 -19.68 5.36
C PHE H 19 76.09 -20.07 3.92
N GLY H 20 75.07 -20.27 3.10
CA GLY H 20 75.25 -20.52 1.69
C GLY H 20 75.55 -19.24 0.93
N GLN H 21 75.34 -19.29 -0.37
CA GLN H 21 75.55 -18.11 -1.21
C GLN H 21 74.54 -17.04 -0.85
N PRO H 22 74.97 -15.80 -0.61
CA PRO H 22 74.01 -14.72 -0.33
C PRO H 22 72.95 -14.61 -1.42
N VAL H 23 71.70 -14.44 -0.99
CA VAL H 23 70.57 -14.38 -1.92
C VAL H 23 70.80 -13.25 -2.92
N ASN H 24 70.54 -13.56 -4.19
CA ASN H 24 70.58 -12.55 -5.24
C ASN H 24 69.16 -12.15 -5.65
N VAL H 25 68.54 -12.95 -6.52
CA VAL H 25 67.21 -12.64 -7.03
C VAL H 25 66.16 -13.04 -5.98
N ALA H 26 65.22 -12.13 -5.72
CA ALA H 26 64.14 -12.36 -4.77
C ALA H 26 62.91 -12.86 -5.53
N ARG H 27 62.65 -14.16 -5.43
CA ARG H 27 61.50 -14.79 -6.08
C ARG H 27 60.66 -15.51 -5.04
N TYR H 28 59.36 -15.63 -5.33
CA TYR H 28 58.44 -16.25 -4.39
C TYR H 28 57.49 -17.23 -5.05
N ASP H 29 57.83 -17.73 -6.25
CA ASP H 29 57.07 -18.77 -6.92
C ASP H 29 57.48 -20.16 -6.48
N GLN H 30 58.57 -20.27 -5.74
CA GLN H 30 59.10 -21.54 -5.26
C GLN H 30 59.81 -21.29 -3.94
N GLN H 31 59.84 -22.33 -3.10
CA GLN H 31 60.53 -22.26 -1.83
C GLN H 31 61.22 -23.59 -1.56
N LYS H 32 62.35 -23.54 -0.86
CA LYS H 32 62.90 -24.79 -0.33
C LYS H 32 62.10 -25.24 0.88
N TYR H 33 61.85 -24.33 1.82
CA TYR H 33 60.96 -24.57 2.94
C TYR H 33 59.82 -23.56 2.85
N ASP H 34 58.62 -24.03 2.49
CA ASP H 34 57.50 -23.12 2.30
C ASP H 34 56.86 -22.68 3.61
N ILE H 35 57.36 -23.15 4.75
CA ILE H 35 56.83 -22.69 6.03
C ILE H 35 57.06 -21.19 6.17
N PHE H 36 58.18 -20.70 5.65
CA PHE H 36 58.48 -19.27 5.75
C PHE H 36 57.65 -18.45 4.77
N GLU H 37 57.30 -19.02 3.62
CA GLU H 37 56.37 -18.34 2.72
C GLU H 37 54.99 -18.22 3.35
N LYS H 38 54.54 -19.27 4.04
CA LYS H 38 53.26 -19.19 4.74
C LYS H 38 53.32 -18.16 5.86
N LEU H 39 54.43 -18.11 6.57
CA LEU H 39 54.59 -17.14 7.64
C LEU H 39 54.57 -15.71 7.10
N ILE H 40 55.12 -15.51 5.90
CA ILE H 40 55.07 -14.19 5.29
C ILE H 40 53.63 -13.80 4.98
N GLU H 41 52.91 -14.66 4.24
CA GLU H 41 51.55 -14.34 3.85
C GLU H 41 50.64 -14.17 5.07
N LYS H 42 50.82 -15.00 6.11
CA LYS H 42 49.94 -14.87 7.26
C LYS H 42 50.25 -13.62 8.07
N GLN H 43 51.52 -13.23 8.16
CA GLN H 43 51.86 -12.00 8.85
C GLN H 43 51.37 -10.78 8.09
N LEU H 44 51.44 -10.81 6.75
CA LEU H 44 50.97 -9.70 5.94
C LEU H 44 49.47 -9.50 6.10
N SER H 45 48.72 -10.60 6.26
CA SER H 45 47.27 -10.51 6.42
C SER H 45 46.90 -9.95 7.78
N PHE H 46 47.78 -10.10 8.78
CA PHE H 46 47.55 -9.59 10.11
C PHE H 46 47.88 -8.12 10.25
N PHE H 47 48.24 -7.44 9.16
CA PHE H 47 48.73 -6.07 9.26
C PHE H 47 47.77 -5.19 10.03
N TRP H 48 48.26 -4.59 11.11
CA TRP H 48 47.46 -3.71 11.94
C TRP H 48 48.27 -2.50 12.34
N ARG H 49 47.57 -1.45 12.75
CA ARG H 49 48.21 -0.23 13.22
C ARG H 49 47.72 0.11 14.63
N PRO H 50 48.60 0.67 15.47
CA PRO H 50 48.18 0.95 16.86
C PRO H 50 47.10 2.01 16.96
N GLU H 51 47.13 3.02 16.09
CA GLU H 51 46.21 4.14 16.20
C GLU H 51 44.76 3.73 15.93
N GLU H 52 44.53 2.61 15.26
CA GLU H 52 43.18 2.10 15.01
C GLU H 52 42.55 1.45 16.23
N VAL H 53 43.23 1.48 17.37
CA VAL H 53 42.73 0.88 18.61
C VAL H 53 42.38 2.01 19.58
N ASP H 54 41.18 1.97 20.13
CA ASP H 54 40.74 3.00 21.07
C ASP H 54 41.38 2.73 22.43
N VAL H 55 42.23 3.67 22.86
CA VAL H 55 42.92 3.59 24.14
C VAL H 55 42.54 4.74 25.06
N SER H 56 41.43 5.43 24.73
CA SER H 56 41.07 6.64 25.45
C SER H 56 40.65 6.35 26.88
N ARG H 57 39.90 5.26 27.10
CA ARG H 57 39.46 4.94 28.45
C ARG H 57 40.62 4.48 29.33
N ASP H 58 41.73 4.02 28.75
CA ASP H 58 42.80 3.41 29.54
C ASP H 58 43.47 4.40 30.48
N ARG H 59 43.49 5.69 30.14
CA ARG H 59 44.12 6.65 31.05
C ARG H 59 43.34 6.74 32.35
N ILE H 60 42.02 6.75 32.27
CA ILE H 60 41.20 6.83 33.48
C ILE H 60 41.37 5.57 34.32
N ASP H 61 41.30 4.40 33.68
CA ASP H 61 41.48 3.14 34.38
C ASP H 61 42.83 3.09 35.09
N TYR H 62 43.90 3.54 34.41
CA TYR H 62 45.23 3.44 34.98
C TYR H 62 45.36 4.31 36.24
N GLN H 63 44.90 5.56 36.17
CA GLN H 63 45.02 6.45 37.32
C GLN H 63 44.22 5.94 38.51
N ALA H 64 43.14 5.19 38.25
CA ALA H 64 42.31 4.62 39.31
C ALA H 64 42.87 3.34 39.90
N LEU H 65 43.85 2.72 39.24
CA LEU H 65 44.42 1.47 39.74
C LEU H 65 45.05 1.69 41.12
N PRO H 66 45.06 0.65 41.96
CA PRO H 66 45.83 0.71 43.22
C PRO H 66 47.30 0.98 42.96
N GLU H 67 47.98 1.44 44.01
CA GLU H 67 49.37 1.84 43.87
C GLU H 67 50.24 0.69 43.40
N HIS H 68 50.01 -0.51 43.93
CA HIS H 68 50.80 -1.68 43.52
C HIS H 68 50.36 -2.25 42.17
N GLU H 69 49.15 -1.95 41.73
CA GLU H 69 48.72 -2.38 40.41
C GLU H 69 49.23 -1.45 39.33
N LYS H 70 49.36 -0.15 39.64
CA LYS H 70 50.12 0.74 38.78
C LYS H 70 51.54 0.21 38.59
N HIS H 71 52.11 -0.34 39.67
CA HIS H 71 53.45 -0.92 39.59
C HIS H 71 53.48 -2.13 38.67
N ILE H 72 52.53 -3.06 38.85
CA ILE H 72 52.49 -4.27 38.03
C ILE H 72 52.35 -3.91 36.55
N PHE H 73 51.38 -3.06 36.22
CA PHE H 73 51.12 -2.76 34.82
C PHE H 73 52.30 -2.03 34.18
N ILE H 74 52.80 -0.98 34.84
CA ILE H 74 53.82 -0.15 34.21
C ILE H 74 55.15 -0.90 34.15
N SER H 75 55.40 -1.82 35.08
CA SER H 75 56.62 -2.61 35.01
C SER H 75 56.56 -3.59 33.85
N ASN H 76 55.40 -4.19 33.63
CA ASN H 76 55.26 -5.11 32.51
C ASN H 76 55.36 -4.37 31.18
N LEU H 77 55.01 -3.08 31.16
CA LEU H 77 55.08 -2.31 29.93
C LEU H 77 56.52 -1.92 29.60
N LYS H 78 57.31 -1.60 30.64
CA LYS H 78 58.72 -1.29 30.41
C LYS H 78 59.48 -2.52 29.89
N TYR H 79 59.22 -3.68 30.50
CA TYR H 79 59.88 -4.90 30.04
C TYR H 79 59.46 -5.25 28.62
N GLN H 80 58.20 -5.02 28.29
CA GLN H 80 57.73 -5.24 26.93
C GLN H 80 58.43 -4.31 25.94
N THR H 81 58.50 -3.02 26.28
CA THR H 81 59.15 -2.05 25.42
C THR H 81 60.61 -2.43 25.14
N LEU H 82 61.28 -2.96 26.16
CA LEU H 82 62.69 -3.35 26.02
C LEU H 82 62.84 -4.49 25.02
N LEU H 83 62.08 -5.57 25.25
CA LEU H 83 62.24 -6.80 24.49
C LEU H 83 61.96 -6.57 23.00
N ASP H 84 60.87 -5.88 22.69
CA ASP H 84 60.57 -5.62 21.30
C ASP H 84 61.42 -4.50 20.72
N SER H 85 62.14 -3.74 21.56
CA SER H 85 63.15 -2.83 21.04
C SER H 85 64.33 -3.61 20.48
N ILE H 86 64.81 -4.59 21.23
CA ILE H 86 65.83 -5.52 20.73
C ILE H 86 65.33 -6.21 19.47
N GLN H 87 64.10 -6.76 19.53
CA GLN H 87 63.54 -7.52 18.43
C GLN H 87 63.27 -6.66 17.19
N GLY H 88 63.21 -5.34 17.35
CA GLY H 88 63.01 -4.49 16.18
C GLY H 88 64.18 -4.56 15.21
N ARG H 89 65.39 -4.45 15.73
CA ARG H 89 66.60 -4.37 14.92
C ARG H 89 67.34 -5.70 14.79
N SER H 90 67.31 -6.54 15.84
CA SER H 90 68.27 -7.64 15.93
C SER H 90 68.09 -8.70 14.84
N PRO H 91 66.88 -9.20 14.55
CA PRO H 91 66.78 -10.20 13.47
C PRO H 91 67.29 -9.72 12.12
N ASN H 92 67.20 -8.42 11.84
CA ASN H 92 67.72 -7.90 10.57
C ASN H 92 69.25 -7.84 10.59
N VAL H 93 69.83 -7.44 11.71
CA VAL H 93 71.27 -7.27 11.78
C VAL H 93 71.98 -8.62 11.90
N ALA H 94 71.42 -9.53 12.69
CA ALA H 94 72.12 -10.77 13.03
C ALA H 94 71.85 -11.91 12.06
N LEU H 95 70.70 -11.90 11.37
CA LEU H 95 70.31 -13.03 10.52
C LEU H 95 70.41 -12.75 9.02
N LEU H 96 70.14 -11.51 8.59
CA LEU H 96 70.19 -11.21 7.15
C LEU H 96 71.53 -11.49 6.50
N PRO H 97 72.69 -11.20 7.10
CA PRO H 97 73.96 -11.52 6.44
C PRO H 97 74.25 -13.02 6.33
N LEU H 98 73.45 -13.88 6.95
CA LEU H 98 73.70 -15.32 6.96
C LEU H 98 72.74 -16.12 6.10
N ILE H 99 71.56 -15.58 5.79
CA ILE H 99 70.53 -16.35 5.10
C ILE H 99 70.94 -16.58 3.65
N SER H 100 70.58 -17.75 3.12
CA SER H 100 70.95 -18.13 1.77
C SER H 100 69.77 -18.55 0.90
N ILE H 101 68.54 -18.49 1.40
CA ILE H 101 67.35 -18.77 0.58
C ILE H 101 66.41 -17.56 0.63
N PRO H 102 65.70 -17.25 -0.45
CA PRO H 102 64.93 -16.00 -0.47
C PRO H 102 63.74 -15.98 0.49
N GLU H 103 63.02 -17.10 0.61
CA GLU H 103 61.82 -17.11 1.44
C GLU H 103 62.15 -16.84 2.91
N LEU H 104 63.31 -17.30 3.38
CA LEU H 104 63.71 -17.04 4.76
C LEU H 104 64.21 -15.63 4.94
N GLU H 105 64.86 -15.06 3.92
CA GLU H 105 65.30 -13.67 4.00
C GLU H 105 64.13 -12.72 4.17
N THR H 106 63.13 -12.82 3.29
CA THR H 106 61.99 -11.91 3.35
C THR H 106 61.18 -12.10 4.62
N TRP H 107 61.07 -13.34 5.11
CA TRP H 107 60.36 -13.56 6.36
C TRP H 107 61.04 -12.83 7.52
N VAL H 108 62.37 -12.92 7.58
CA VAL H 108 63.10 -12.27 8.66
C VAL H 108 62.90 -10.76 8.61
N GLU H 109 62.83 -10.18 7.41
CA GLU H 109 62.58 -8.75 7.28
C GLU H 109 61.15 -8.42 7.67
N THR H 110 60.19 -9.26 7.27
CA THR H 110 58.80 -9.08 7.69
C THR H 110 58.66 -9.25 9.19
N TRP H 111 59.31 -10.28 9.74
CA TRP H 111 59.35 -10.50 11.18
C TRP H 111 59.84 -9.24 11.90
N ALA H 112 60.95 -8.68 11.43
CA ALA H 112 61.49 -7.49 12.09
C ALA H 112 60.56 -6.29 11.93
N PHE H 113 60.00 -6.09 10.73
CA PHE H 113 59.11 -4.95 10.51
C PHE H 113 57.92 -4.99 11.45
N SER H 114 57.27 -6.15 11.55
CA SER H 114 56.11 -6.28 12.44
C SER H 114 56.49 -5.99 13.89
N GLU H 115 57.76 -6.19 14.25
CA GLU H 115 58.18 -5.86 15.61
C GLU H 115 58.24 -4.36 15.83
N THR H 116 58.54 -3.59 14.80
CA THR H 116 58.56 -2.14 14.94
C THR H 116 57.15 -1.60 15.19
N ILE H 117 56.13 -2.26 14.63
CA ILE H 117 54.76 -1.87 14.91
C ILE H 117 54.43 -2.10 16.38
N HIS H 118 54.98 -3.17 16.96
CA HIS H 118 54.82 -3.41 18.38
C HIS H 118 55.44 -2.28 19.20
N SER H 119 56.67 -1.89 18.85
CA SER H 119 57.32 -0.80 19.56
C SER H 119 56.54 0.50 19.40
N ARG H 120 55.95 0.71 18.23
CA ARG H 120 55.13 1.91 18.03
C ARG H 120 53.87 1.84 18.88
N SER H 121 53.30 0.65 19.03
CA SER H 121 52.10 0.52 19.86
C SER H 121 52.42 0.72 21.33
N TYR H 122 53.63 0.33 21.77
CA TYR H 122 54.03 0.60 23.15
C TYR H 122 54.13 2.09 23.40
N THR H 123 54.69 2.84 22.44
CA THR H 123 54.68 4.29 22.56
C THR H 123 53.25 4.82 22.60
N HIS H 124 52.37 4.21 21.80
CA HIS H 124 50.96 4.60 21.78
C HIS H 124 50.33 4.41 23.15
N ILE H 125 50.53 3.24 23.76
CA ILE H 125 49.96 2.96 25.07
C ILE H 125 50.57 3.89 26.12
N ILE H 126 51.91 4.01 26.14
CA ILE H 126 52.58 4.80 27.17
C ILE H 126 52.12 6.26 27.11
N ARG H 127 52.16 6.85 25.91
CA ARG H 127 51.83 8.27 25.77
C ARG H 127 50.35 8.55 26.05
N ASN H 128 49.54 7.52 26.27
CA ASN H 128 48.11 7.69 26.50
C ASN H 128 47.68 7.31 27.90
N ILE H 129 48.61 7.00 28.80
CA ILE H 129 48.21 6.65 30.16
C ILE H 129 48.97 7.48 31.19
N VAL H 130 50.16 7.94 30.83
CA VAL H 130 50.96 8.78 31.72
C VAL H 130 51.04 10.18 31.15
N ASN H 131 51.45 11.11 32.01
CA ASN H 131 51.55 12.52 31.62
C ASN H 131 52.87 12.84 30.93
N ASP H 132 53.97 12.26 31.40
CA ASP H 132 55.27 12.46 30.78
C ASP H 132 55.84 11.11 30.35
N PRO H 133 55.74 10.77 29.06
CA PRO H 133 56.28 9.47 28.61
C PRO H 133 57.77 9.31 28.88
N SER H 134 58.52 10.40 28.98
CA SER H 134 59.93 10.31 29.27
C SER H 134 60.19 9.61 30.60
N VAL H 135 59.26 9.70 31.55
CA VAL H 135 59.45 9.03 32.83
C VAL H 135 59.54 7.53 32.65
N VAL H 136 58.69 6.96 31.79
CA VAL H 136 58.67 5.53 31.56
C VAL H 136 59.86 5.10 30.70
N PHE H 137 60.11 5.83 29.60
CA PHE H 137 61.18 5.44 28.68
C PHE H 137 62.55 5.53 29.35
N ASP H 138 62.78 6.58 30.14
CA ASP H 138 64.09 6.75 30.76
C ASP H 138 64.39 5.68 31.79
N ASP H 139 63.36 5.06 32.38
CA ASP H 139 63.57 3.99 33.35
C ASP H 139 63.91 2.66 32.69
N ILE H 140 63.71 2.52 31.39
CA ILE H 140 63.92 1.22 30.74
C ILE H 140 65.40 0.87 30.66
N VAL H 141 66.28 1.86 30.45
CA VAL H 141 67.68 1.53 30.20
C VAL H 141 68.46 1.28 31.50
N THR H 142 68.08 1.96 32.58
CA THR H 142 68.84 1.88 33.84
C THR H 142 68.26 0.88 34.83
N ASN H 143 66.99 0.50 34.67
CA ASN H 143 66.31 -0.38 35.64
C ASN H 143 67.07 -1.67 35.85
N GLU H 144 67.31 -2.01 37.12
CA GLU H 144 68.12 -3.17 37.47
C GLU H 144 67.42 -4.48 37.09
N GLN H 145 66.14 -4.62 37.46
CA GLN H 145 65.43 -5.87 37.21
C GLN H 145 65.28 -6.17 35.72
N ILE H 146 65.46 -5.18 34.86
CA ILE H 146 65.36 -5.37 33.42
C ILE H 146 66.72 -5.63 32.79
N GLN H 147 67.68 -4.72 33.05
CA GLN H 147 68.97 -4.74 32.36
C GLN H 147 69.77 -6.02 32.55
N LYS H 148 69.50 -6.78 33.63
CA LYS H 148 70.18 -8.06 33.80
C LYS H 148 69.89 -8.99 32.64
N ARG H 149 68.61 -9.09 32.27
CA ARG H 149 68.20 -9.90 31.14
C ARG H 149 68.37 -9.18 29.81
N ALA H 150 68.38 -7.85 29.82
CA ALA H 150 68.60 -7.11 28.59
C ALA H 150 69.98 -7.41 28.01
N GLU H 151 71.02 -7.33 28.86
CA GLU H 151 72.36 -7.63 28.38
C GLU H 151 72.53 -9.12 28.11
N GLY H 152 71.78 -9.96 28.81
CA GLY H 152 71.83 -11.38 28.55
C GLY H 152 71.28 -11.73 27.18
N ILE H 153 70.16 -11.10 26.79
CA ILE H 153 69.54 -11.42 25.51
C ILE H 153 70.33 -10.82 24.37
N SER H 154 70.75 -9.55 24.52
CA SER H 154 71.47 -8.88 23.45
C SER H 154 72.83 -9.53 23.18
N SER H 155 73.41 -10.16 24.19
CA SER H 155 74.72 -10.79 24.01
C SER H 155 74.66 -11.91 22.98
N TYR H 156 73.60 -12.72 23.01
CA TYR H 156 73.46 -13.80 22.03
C TYR H 156 73.42 -13.23 20.61
N TYR H 157 72.77 -12.08 20.44
CA TYR H 157 72.76 -11.42 19.14
C TYR H 157 74.14 -10.86 18.80
N ASP H 158 74.73 -10.11 19.72
CA ASP H 158 75.99 -9.42 19.46
C ASP H 158 77.10 -10.39 19.07
N GLU H 159 77.24 -11.49 19.81
CA GLU H 159 78.31 -12.44 19.54
C GLU H 159 78.12 -13.13 18.19
N LEU H 160 76.88 -13.36 17.77
CA LEU H 160 76.66 -13.90 16.44
C LEU H 160 76.99 -12.88 15.37
N ILE H 161 76.65 -11.60 15.63
CA ILE H 161 76.98 -10.54 14.69
C ILE H 161 78.50 -10.41 14.55
N GLU H 162 79.23 -10.52 15.66
CA GLU H 162 80.68 -10.33 15.62
C GLU H 162 81.36 -11.43 14.81
N MET H 163 81.12 -12.70 15.15
CA MET H 163 81.70 -13.80 14.38
C MET H 163 81.31 -13.73 12.91
N THR H 164 80.08 -13.26 12.62
CA THR H 164 79.65 -13.14 11.24
C THR H 164 80.53 -12.14 10.48
N SER H 165 80.92 -11.05 11.14
CA SER H 165 81.79 -10.07 10.50
C SER H 165 83.15 -10.68 10.20
N TYR H 166 83.73 -11.39 11.16
CA TYR H 166 85.00 -12.08 10.93
C TYR H 166 84.87 -13.11 9.81
N TRP H 167 83.76 -13.86 9.80
CA TRP H 167 83.57 -14.91 8.80
C TRP H 167 83.44 -14.34 7.40
N HIS H 168 82.91 -13.13 7.26
CA HIS H 168 82.82 -12.53 5.94
C HIS H 168 84.16 -11.91 5.52
N LEU H 169 84.86 -11.27 6.45
CA LEU H 169 86.10 -10.57 6.12
C LEU H 169 87.25 -11.55 5.87
N LEU H 170 87.47 -12.48 6.80
CA LEU H 170 88.65 -13.34 6.76
C LEU H 170 88.39 -14.73 6.19
N GLY H 171 87.16 -15.22 6.23
CA GLY H 171 86.88 -16.59 5.88
C GLY H 171 87.31 -17.54 6.98
N GLU H 172 87.01 -18.83 6.78
CA GLU H 172 87.32 -19.82 7.79
C GLU H 172 88.83 -20.09 7.85
N GLY H 173 89.33 -20.29 9.06
CA GLY H 173 90.75 -20.55 9.27
C GLY H 173 91.33 -19.84 10.48
N THR H 174 92.63 -19.99 10.70
CA THR H 174 93.33 -19.32 11.80
C THR H 174 94.04 -18.09 11.27
N HIS H 175 93.77 -16.94 11.88
CA HIS H 175 94.27 -15.65 11.42
C HIS H 175 95.00 -14.94 12.56
N THR H 176 95.75 -13.91 12.21
CA THR H 176 96.46 -13.07 13.18
C THR H 176 96.07 -11.62 12.95
N VAL H 177 95.57 -10.96 13.99
CA VAL H 177 95.12 -9.58 13.91
C VAL H 177 95.85 -8.77 14.97
N ASN H 178 96.77 -7.89 14.53
CA ASN H 178 97.57 -7.04 15.43
C ASN H 178 98.31 -7.87 16.48
N GLY H 179 99.09 -8.84 16.01
CA GLY H 179 99.82 -9.70 16.91
C GLY H 179 98.96 -10.81 17.47
N LYS H 180 97.83 -10.44 18.10
CA LYS H 180 96.92 -11.42 18.66
C LYS H 180 96.36 -12.34 17.58
N THR H 181 96.37 -13.64 17.86
CA THR H 181 95.81 -14.63 16.94
C THR H 181 94.31 -14.71 17.11
N VAL H 182 93.59 -14.76 15.98
CA VAL H 182 92.13 -14.80 15.96
C VAL H 182 91.71 -15.95 15.06
N THR H 183 90.96 -16.89 15.62
CA THR H 183 90.49 -18.05 14.87
C THR H 183 89.04 -17.84 14.43
N VAL H 184 88.78 -18.06 13.15
CA VAL H 184 87.45 -17.94 12.56
C VAL H 184 87.03 -19.33 12.12
N SER H 185 86.15 -19.97 12.90
CA SER H 185 85.66 -21.30 12.60
C SER H 185 84.19 -21.21 12.19
N LEU H 186 83.87 -21.74 11.01
CA LEU H 186 82.47 -21.80 10.61
C LEU H 186 81.67 -22.70 11.54
N ARG H 187 82.29 -23.79 12.02
CA ARG H 187 81.61 -24.66 12.97
C ARG H 187 81.28 -23.92 14.26
N GLU H 188 82.18 -23.01 14.68
CA GLU H 188 81.91 -22.16 15.83
C GLU H 188 80.91 -21.06 15.52
N LEU H 189 80.79 -20.68 14.24
CA LEU H 189 79.75 -19.74 13.83
C LEU H 189 78.39 -20.41 13.74
N LYS H 190 78.33 -21.62 13.17
CA LYS H 190 77.09 -22.38 13.16
C LYS H 190 76.59 -22.66 14.57
N LYS H 191 77.53 -22.75 15.53
CA LYS H 191 77.16 -23.00 16.92
C LYS H 191 76.55 -21.76 17.56
N LYS H 192 77.09 -20.58 17.25
CA LYS H 192 76.57 -19.34 17.81
C LYS H 192 75.21 -18.98 17.21
N LEU H 193 75.00 -19.32 15.94
CA LEU H 193 73.69 -19.11 15.32
C LEU H 193 72.62 -19.93 16.03
N TYR H 194 72.91 -21.22 16.25
CA TYR H 194 71.95 -22.11 16.89
C TYR H 194 71.62 -21.63 18.30
N LEU H 195 72.64 -21.28 19.09
CA LEU H 195 72.41 -20.78 20.43
C LEU H 195 71.61 -19.47 20.41
N CYS H 196 71.82 -18.63 19.41
CA CYS H 196 71.06 -17.39 19.32
C CYS H 196 69.59 -17.66 19.07
N LEU H 197 69.29 -18.53 18.11
CA LEU H 197 67.90 -18.86 17.82
C LEU H 197 67.21 -19.48 19.03
N MET H 198 67.94 -20.29 19.79
CA MET H 198 67.38 -20.85 21.02
C MET H 198 67.01 -19.76 22.01
N SER H 199 67.87 -18.74 22.15
CA SER H 199 67.56 -17.63 23.04
C SER H 199 66.35 -16.85 22.56
N VAL H 200 66.24 -16.63 21.25
CA VAL H 200 65.12 -15.87 20.71
C VAL H 200 63.83 -16.66 20.84
N ASN H 201 63.90 -17.98 20.69
CA ASN H 201 62.73 -18.82 20.91
C ASN H 201 62.22 -18.68 22.34
N ALA H 202 63.13 -18.72 23.32
CA ALA H 202 62.70 -18.51 24.70
C ALA H 202 62.22 -17.09 24.93
N LEU H 203 62.77 -16.11 24.20
CA LEU H 203 62.35 -14.73 24.35
C LEU H 203 60.89 -14.54 23.93
N GLU H 204 60.56 -15.03 22.74
CA GLU H 204 59.25 -14.77 22.16
C GLU H 204 58.22 -15.81 22.57
N ALA H 205 58.64 -17.02 22.92
CA ALA H 205 57.70 -18.07 23.28
C ALA H 205 57.53 -18.27 24.77
N ILE H 206 58.40 -17.67 25.59
CA ILE H 206 58.26 -17.81 27.04
C ILE H 206 58.18 -16.43 27.69
N ARG H 207 59.20 -15.60 27.50
CA ARG H 207 59.29 -14.32 28.20
C ARG H 207 58.09 -13.43 27.89
N PHE H 208 57.75 -13.29 26.60
CA PHE H 208 56.65 -12.42 26.22
C PHE H 208 55.32 -12.98 26.68
N TYR H 209 55.17 -14.31 26.65
CA TYR H 209 53.92 -14.92 27.08
C TYR H 209 53.72 -14.81 28.58
N VAL H 210 54.81 -14.70 29.34
CA VAL H 210 54.67 -14.34 30.75
C VAL H 210 54.13 -12.93 30.88
N SER H 211 54.54 -12.04 29.98
CA SER H 211 54.04 -10.68 30.00
C SER H 211 52.59 -10.60 29.53
N PHE H 212 52.24 -11.41 28.51
CA PHE H 212 50.87 -11.41 28.00
C PHE H 212 49.88 -11.74 29.11
N ALA H 213 50.24 -12.66 30.00
CA ALA H 213 49.35 -13.02 31.10
C ALA H 213 49.03 -11.80 31.96
N CYS H 214 50.01 -10.93 32.19
CA CYS H 214 49.79 -9.75 33.02
C CYS H 214 48.87 -8.77 32.32
N SER H 215 49.10 -8.52 31.03
CA SER H 215 48.27 -7.58 30.30
C SER H 215 46.82 -8.06 30.24
N PHE H 216 46.61 -9.35 30.03
CA PHE H 216 45.26 -9.89 29.89
C PHE H 216 44.56 -10.09 31.22
N ALA H 217 45.30 -10.21 32.32
CA ALA H 217 44.65 -10.32 33.62
C ALA H 217 43.92 -9.04 33.99
N PHE H 218 44.45 -7.88 33.59
CA PHE H 218 43.71 -6.64 33.78
C PHE H 218 42.47 -6.61 32.92
N ALA H 219 42.51 -7.22 31.74
CA ALA H 219 41.36 -7.20 30.85
C ALA H 219 40.27 -8.15 31.32
N GLU H 220 40.64 -9.24 32.00
CA GLU H 220 39.64 -10.13 32.57
C GLU H 220 38.84 -9.44 33.67
N ARG H 221 39.35 -8.33 34.18
CA ARG H 221 38.61 -7.46 35.09
C ARG H 221 38.05 -6.24 34.37
N GLU H 222 38.02 -6.26 33.04
CA GLU H 222 37.51 -5.17 32.22
C GLU H 222 38.26 -3.86 32.48
N LEU H 223 39.56 -3.97 32.71
CA LEU H 223 40.44 -2.83 32.92
C LEU H 223 41.55 -2.84 31.88
N MET H 224 42.02 -1.63 31.52
CA MET H 224 43.08 -1.46 30.53
C MET H 224 42.76 -2.18 29.24
N GLU H 225 41.51 -2.03 28.78
CA GLU H 225 41.04 -2.80 27.65
C GLU H 225 41.63 -2.32 26.33
N GLY H 226 42.03 -1.05 26.24
CA GLY H 226 42.72 -0.59 25.05
C GLY H 226 44.10 -1.21 24.92
N ASN H 227 44.83 -1.28 26.03
CA ASN H 227 46.08 -2.01 26.04
C ASN H 227 45.86 -3.47 25.65
N ALA H 228 44.82 -4.10 26.21
CA ALA H 228 44.58 -5.51 25.94
C ALA H 228 44.32 -5.76 24.45
N LYS H 229 43.58 -4.87 23.80
CA LYS H 229 43.31 -5.04 22.37
C LYS H 229 44.62 -5.03 21.58
N ILE H 230 45.55 -4.17 21.99
CA ILE H 230 46.84 -4.09 21.31
C ILE H 230 47.68 -5.31 21.63
N ILE H 231 47.75 -5.69 22.91
CA ILE H 231 48.51 -6.87 23.32
C ILE H 231 47.94 -8.11 22.66
N ARG H 232 46.63 -8.15 22.43
CA ARG H 232 46.00 -9.26 21.73
C ARG H 232 46.50 -9.34 20.29
N LEU H 233 46.65 -8.18 19.63
CA LEU H 233 47.19 -8.15 18.28
C LEU H 233 48.66 -8.56 18.26
N ILE H 234 49.42 -8.13 19.28
CA ILE H 234 50.83 -8.53 19.39
C ILE H 234 50.94 -10.04 19.58
N ALA H 235 50.09 -10.61 20.44
CA ALA H 235 50.13 -12.05 20.69
C ALA H 235 49.83 -12.83 19.41
N ARG H 236 48.97 -12.29 18.55
CA ARG H 236 48.69 -12.95 17.28
C ARG H 236 49.94 -12.99 16.40
N ASP H 237 50.71 -11.90 16.41
CA ASP H 237 51.99 -11.88 15.71
C ASP H 237 52.99 -12.80 16.38
N GLU H 238 53.08 -12.74 17.71
CA GLU H 238 54.10 -13.49 18.44
C GLU H 238 53.98 -14.98 18.19
N ALA H 239 52.77 -15.47 17.93
CA ALA H 239 52.60 -16.89 17.60
C ALA H 239 53.28 -17.23 16.28
N LEU H 240 53.24 -16.31 15.31
CA LEU H 240 53.94 -16.54 14.05
C LEU H 240 55.46 -16.53 14.26
N HIS H 241 55.95 -15.62 15.11
CA HIS H 241 57.38 -15.48 15.31
C HIS H 241 57.98 -16.77 15.87
N LEU H 242 57.41 -17.27 16.97
CA LEU H 242 57.97 -18.47 17.59
C LEU H 242 57.82 -19.69 16.69
N THR H 243 56.78 -19.72 15.84
CA THR H 243 56.69 -20.77 14.85
C THR H 243 57.86 -20.71 13.88
N GLY H 244 58.26 -19.50 13.49
CA GLY H 244 59.41 -19.36 12.61
C GLY H 244 60.70 -19.89 13.23
N THR H 245 61.00 -19.46 14.46
CA THR H 245 62.22 -19.90 15.11
C THR H 245 62.19 -21.39 15.43
N GLN H 246 61.01 -21.94 15.74
CA GLN H 246 60.91 -23.38 15.97
C GLN H 246 61.26 -24.15 14.70
N HIS H 247 60.73 -23.72 13.56
CA HIS H 247 61.04 -24.42 12.31
C HIS H 247 62.51 -24.28 11.94
N MET H 248 63.10 -23.11 12.18
CA MET H 248 64.53 -22.95 11.94
C MET H 248 65.34 -23.90 12.83
N LEU H 249 65.06 -23.88 14.14
CA LEU H 249 65.81 -24.72 15.07
C LEU H 249 65.68 -26.20 14.73
N ASN H 250 64.45 -26.64 14.43
CA ASN H 250 64.23 -28.07 14.18
C ASN H 250 64.81 -28.50 12.84
N LEU H 251 64.80 -27.62 11.82
CA LEU H 251 65.43 -27.97 10.56
C LEU H 251 66.94 -28.11 10.72
N LEU H 252 67.56 -27.23 11.50
CA LEU H 252 68.98 -27.35 11.80
C LEU H 252 69.28 -28.60 12.61
N ARG H 253 68.46 -28.86 13.64
CA ARG H 253 68.73 -29.93 14.58
C ARG H 253 68.61 -31.31 13.92
N SER H 254 67.65 -31.48 13.02
CA SER H 254 67.44 -32.78 12.38
C SER H 254 68.41 -33.06 11.24
N GLY H 255 69.28 -32.11 10.90
CA GLY H 255 70.22 -32.30 9.83
C GLY H 255 69.63 -32.37 8.44
N ALA H 256 68.33 -32.11 8.29
CA ALA H 256 67.72 -32.11 6.97
C ALA H 256 68.35 -31.06 6.07
N ASP H 257 68.68 -29.90 6.63
CA ASP H 257 69.23 -28.77 5.89
C ASP H 257 70.75 -28.83 5.83
N ASP H 258 71.39 -29.08 6.97
CA ASP H 258 72.84 -29.14 7.09
C ASP H 258 73.23 -30.36 7.92
N PRO H 259 73.83 -31.38 7.31
CA PRO H 259 74.18 -32.58 8.08
C PRO H 259 75.11 -32.28 9.24
N GLU H 260 76.06 -31.37 9.03
CA GLU H 260 76.96 -30.97 10.10
C GLU H 260 76.19 -30.37 11.28
N MET H 261 75.13 -29.61 10.99
CA MET H 261 74.40 -28.91 12.05
C MET H 261 73.73 -29.87 13.02
N ALA H 262 73.32 -31.05 12.55
CA ALA H 262 72.72 -32.03 13.46
C ALA H 262 73.69 -32.39 14.57
N GLU H 263 74.96 -32.56 14.23
CA GLU H 263 75.98 -32.84 15.22
C GLU H 263 76.20 -31.64 16.13
N ILE H 264 76.23 -30.43 15.55
CA ILE H 264 76.42 -29.22 16.32
C ILE H 264 75.27 -29.01 17.31
N ALA H 265 74.05 -29.39 16.90
CA ALA H 265 72.89 -29.26 17.78
C ALA H 265 73.01 -30.15 19.02
N GLU H 266 73.63 -31.32 18.88
CA GLU H 266 73.76 -32.22 20.02
C GLU H 266 74.82 -31.72 21.00
N GLU H 267 75.86 -31.06 20.50
CA GLU H 267 76.87 -30.49 21.38
C GLU H 267 76.34 -29.30 22.17
N CYS H 268 75.24 -28.70 21.73
CA CYS H 268 74.65 -27.55 22.41
C CYS H 268 73.47 -27.92 23.29
N LYS H 269 72.95 -29.14 23.15
CA LYS H 269 71.72 -29.54 23.82
C LYS H 269 71.78 -29.26 25.32
N GLN H 270 72.95 -29.38 25.94
CA GLN H 270 73.05 -29.05 27.35
C GLN H 270 73.04 -27.55 27.56
N GLU H 271 73.76 -26.80 26.71
CA GLU H 271 73.76 -25.34 26.81
C GLU H 271 72.36 -24.77 26.59
N CYS H 272 71.62 -25.32 25.62
CA CYS H 272 70.27 -24.85 25.34
C CYS H 272 69.32 -25.14 26.50
N TYR H 273 69.46 -26.30 27.12
CA TYR H 273 68.63 -26.64 28.28
C TYR H 273 68.88 -25.65 29.42
N ASP H 274 70.15 -25.43 29.76
CA ASP H 274 70.48 -24.44 30.79
C ASP H 274 70.06 -23.04 30.36
N LEU H 275 70.07 -22.78 29.05
CA LEU H 275 69.63 -21.48 28.52
C LEU H 275 68.15 -21.24 28.81
N PHE H 276 67.31 -22.22 28.47
CA PHE H 276 65.86 -22.09 28.70
C PHE H 276 65.54 -22.04 30.19
N VAL H 277 66.13 -22.94 30.98
CA VAL H 277 65.90 -22.96 32.41
C VAL H 277 66.30 -21.62 33.01
N GLN H 278 67.39 -21.04 32.52
CA GLN H 278 67.80 -19.72 32.97
C GLN H 278 66.73 -18.68 32.69
N ALA H 279 66.17 -18.69 31.48
CA ALA H 279 65.11 -17.75 31.12
C ALA H 279 63.90 -17.90 32.02
N ALA H 280 63.44 -19.13 32.24
CA ALA H 280 62.29 -19.37 33.10
C ALA H 280 62.57 -18.92 34.54
N GLN H 281 63.76 -19.22 35.05
CA GLN H 281 64.11 -18.81 36.40
C GLN H 281 64.19 -17.29 36.51
N GLN H 282 64.61 -16.63 35.43
CA GLN H 282 64.64 -15.18 35.42
C GLN H 282 63.25 -14.59 35.48
N GLU H 283 62.28 -15.19 34.78
CA GLU H 283 60.92 -14.69 34.78
C GLU H 283 60.25 -14.90 36.14
N LYS H 284 60.51 -16.04 36.77
CA LYS H 284 60.02 -16.25 38.13
C LYS H 284 60.55 -15.20 39.08
N ASP H 285 61.82 -14.82 38.94
CA ASP H 285 62.36 -13.73 39.74
C ASP H 285 61.68 -12.42 39.38
N TRP H 286 61.42 -12.19 38.08
CA TRP H 286 60.71 -11.01 37.65
C TRP H 286 59.31 -10.95 38.25
N ALA H 287 58.65 -12.11 38.36
CA ALA H 287 57.33 -12.14 38.97
C ALA H 287 57.36 -11.69 40.42
N ASP H 288 58.43 -12.04 41.15
CA ASP H 288 58.51 -11.61 42.55
C ASP H 288 58.60 -10.10 42.66
N TYR H 289 59.25 -9.45 41.68
CA TYR H 289 59.31 -8.00 41.69
C TYR H 289 57.97 -7.39 41.35
N LEU H 290 57.18 -8.04 40.49
CA LEU H 290 55.89 -7.48 40.10
C LEU H 290 54.92 -7.44 41.26
N PHE H 291 54.79 -8.56 41.99
CA PHE H 291 53.80 -8.68 43.06
C PHE H 291 54.39 -8.45 44.44
N ARG H 292 55.55 -7.80 44.53
CA ARG H 292 56.19 -7.59 45.83
C ARG H 292 55.33 -6.72 46.73
N ASP H 293 54.61 -5.75 46.17
CA ASP H 293 53.78 -4.83 46.95
C ASP H 293 52.32 -5.27 47.00
N GLY H 294 52.02 -6.50 46.59
CA GLY H 294 50.66 -7.01 46.59
C GLY H 294 50.28 -7.62 45.27
N SER H 295 49.14 -8.33 45.30
CA SER H 295 48.62 -9.05 44.15
C SER H 295 47.27 -8.48 43.73
N MET H 296 46.66 -9.12 42.74
CA MET H 296 45.36 -8.71 42.23
C MET H 296 44.51 -9.95 41.98
N ILE H 297 43.22 -9.71 41.74
CA ILE H 297 42.31 -10.81 41.45
C ILE H 297 42.77 -11.50 40.17
N GLY H 298 43.13 -12.78 40.29
CA GLY H 298 43.48 -13.60 39.15
C GLY H 298 44.97 -13.76 38.89
N LEU H 299 45.83 -13.01 39.58
CA LEU H 299 47.25 -13.12 39.31
C LEU H 299 48.05 -12.75 40.55
N ASN H 300 48.96 -13.64 40.95
CA ASN H 300 49.94 -13.38 42.00
C ASN H 300 51.25 -14.04 41.58
N LYS H 301 52.19 -14.13 42.51
CA LYS H 301 53.49 -14.74 42.20
C LYS H 301 53.31 -16.21 41.81
N ASP H 302 52.61 -16.98 42.65
CA ASP H 302 52.47 -18.41 42.41
C ASP H 302 51.76 -18.69 41.09
N ILE H 303 50.64 -18.01 40.85
CA ILE H 303 49.89 -18.22 39.61
C ILE H 303 50.80 -17.95 38.41
N LEU H 304 51.51 -16.83 38.43
CA LEU H 304 52.35 -16.47 37.30
C LEU H 304 53.53 -17.41 37.17
N CYS H 305 54.13 -17.81 38.30
CA CYS H 305 55.24 -18.76 38.26
C CYS H 305 54.79 -20.11 37.74
N GLN H 306 53.56 -20.53 38.08
CA GLN H 306 53.05 -21.78 37.54
C GLN H 306 52.90 -21.71 36.03
N TYR H 307 52.47 -20.56 35.51
CA TYR H 307 52.38 -20.41 34.06
C TYR H 307 53.76 -20.45 33.43
N VAL H 308 54.76 -19.88 34.12
CA VAL H 308 56.14 -19.98 33.63
C VAL H 308 56.53 -21.43 33.45
N GLU H 309 56.32 -22.26 34.47
CA GLU H 309 56.64 -23.67 34.36
C GLU H 309 55.78 -24.35 33.31
N TYR H 310 54.51 -23.95 33.22
CA TYR H 310 53.61 -24.54 32.23
C TYR H 310 54.05 -24.19 30.81
N ILE H 311 54.29 -22.91 30.54
CA ILE H 311 54.60 -22.49 29.18
C ILE H 311 56.01 -22.94 28.79
N THR H 312 56.90 -23.08 29.76
CA THR H 312 58.27 -23.50 29.45
C THR H 312 58.30 -24.92 28.92
N ASN H 313 57.60 -25.84 29.60
CA ASN H 313 57.58 -27.24 29.15
C ASN H 313 57.09 -27.35 27.72
N ILE H 314 56.08 -26.57 27.34
CA ILE H 314 55.52 -26.66 26.00
C ILE H 314 56.56 -26.24 24.97
N ARG H 315 57.20 -25.08 25.19
CA ARG H 315 58.16 -24.54 24.24
C ARG H 315 59.38 -25.44 24.11
N MET H 316 59.91 -25.92 25.24
CA MET H 316 61.12 -26.74 25.21
C MET H 316 60.86 -28.08 24.53
N GLN H 317 59.68 -28.67 24.75
CA GLN H 317 59.35 -29.90 24.05
C GLN H 317 59.26 -29.68 22.54
N ALA H 318 58.80 -28.51 22.12
CA ALA H 318 58.64 -28.22 20.70
C ALA H 318 59.96 -28.19 19.95
N VAL H 319 61.08 -27.97 20.66
CA VAL H 319 62.38 -27.87 20.03
C VAL H 319 63.31 -29.00 20.48
N GLY H 320 62.75 -30.07 21.03
CA GLY H 320 63.53 -31.24 21.40
C GLY H 320 64.42 -31.06 22.61
N LEU H 321 63.93 -30.42 23.65
CA LEU H 321 64.65 -30.27 24.91
C LEU H 321 63.87 -30.96 26.01
N ASP H 322 64.60 -31.48 27.00
CA ASP H 322 63.97 -32.19 28.11
C ASP H 322 63.16 -31.21 28.95
N LEU H 323 62.04 -31.70 29.49
CA LEU H 323 61.16 -30.87 30.29
C LEU H 323 61.80 -30.61 31.65
N PRO H 324 61.98 -29.35 32.06
CA PRO H 324 62.67 -29.08 33.33
C PRO H 324 61.73 -29.04 34.53
N PHE H 325 60.44 -28.89 34.29
CA PHE H 325 59.48 -28.77 35.36
C PHE H 325 58.50 -29.94 35.33
N GLN H 326 57.75 -30.08 36.42
CA GLN H 326 56.75 -31.14 36.49
C GLN H 326 55.63 -30.89 35.49
N THR H 327 54.99 -31.96 35.06
CA THR H 327 53.83 -31.81 34.20
C THR H 327 52.73 -31.08 34.96
N ARG H 328 52.04 -30.17 34.26
CA ARG H 328 51.07 -29.31 34.93
C ARG H 328 49.98 -28.91 33.94
N SER H 329 48.78 -28.74 34.45
CA SER H 329 47.71 -28.16 33.65
C SER H 329 47.85 -26.64 33.65
N ASN H 330 47.27 -26.01 32.62
CA ASN H 330 47.36 -24.57 32.44
C ASN H 330 46.79 -23.85 33.66
N PRO H 331 47.63 -23.14 34.43
CA PRO H 331 47.10 -22.47 35.64
C PRO H 331 46.27 -21.25 35.33
N ILE H 332 46.33 -20.72 34.12
CA ILE H 332 45.48 -19.58 33.74
C ILE H 332 44.78 -19.92 32.43
N PRO H 333 43.76 -20.79 32.46
CA PRO H 333 43.09 -21.18 31.20
C PRO H 333 42.42 -20.03 30.49
N TRP H 334 42.07 -18.97 31.20
CA TRP H 334 41.38 -17.84 30.60
C TRP H 334 42.23 -17.11 29.59
N ILE H 335 43.53 -17.35 29.55
CA ILE H 335 44.41 -16.65 28.63
C ILE H 335 44.17 -17.08 27.19
N ASN H 336 43.62 -18.27 26.98
CA ASN H 336 43.39 -18.76 25.63
C ASN H 336 42.33 -17.95 24.89
N THR H 337 41.46 -17.26 25.62
CA THR H 337 40.50 -16.34 24.99
C THR H 337 41.21 -15.34 24.10
N TRP H 338 42.39 -14.89 24.54
CA TRP H 338 43.13 -13.83 23.85
C TRP H 338 44.16 -14.38 22.88
N LEU H 339 44.51 -15.67 23.01
CA LEU H 339 45.55 -16.29 22.21
C LEU H 339 44.93 -17.18 21.13
N VAL H 340 44.34 -16.52 20.12
CA VAL H 340 43.74 -17.26 19.02
C VAL H 340 44.83 -17.96 18.21
N SER H 341 44.45 -19.05 17.54
CA SER H 341 45.37 -19.88 16.79
C SER H 341 45.26 -19.57 15.29
N ASP H 342 46.43 -19.43 14.65
CA ASP H 342 46.50 -19.04 13.23
C ASP H 342 47.86 -19.46 12.70
N ASN H 343 47.90 -20.45 11.80
CA ASN H 343 49.17 -20.92 11.27
C ASN H 343 48.94 -21.89 10.12
N VAL H 344 50.05 -22.29 9.49
CA VAL H 344 50.07 -23.30 8.41
C VAL H 344 49.08 -22.97 7.29
N ILE H 361 3.17 -36.91 18.03
CA ILE H 361 3.29 -38.36 17.96
C ILE H 361 2.45 -38.94 16.80
N ASP H 362 3.04 -39.89 16.07
CA ASP H 362 2.36 -40.56 14.96
C ASP H 362 1.30 -41.50 15.54
N SER H 363 0.04 -41.07 15.48
CA SER H 363 -1.07 -41.77 16.11
C SER H 363 -1.52 -43.02 15.36
N GLU H 364 -0.77 -43.45 14.35
CA GLU H 364 -1.16 -44.59 13.52
C GLU H 364 -0.75 -45.89 14.20
N VAL H 365 -1.67 -46.87 14.19
CA VAL H 365 -1.41 -48.18 14.78
C VAL H 365 -1.58 -49.26 13.73
N ASP H 366 -0.95 -50.40 13.99
CA ASP H 366 -1.06 -51.59 13.15
C ASP H 366 -1.43 -52.76 14.06
N THR H 367 -2.73 -53.05 14.16
CA THR H 367 -3.19 -54.09 15.09
C THR H 367 -2.60 -55.46 14.74
N ASP H 368 -2.49 -55.76 13.44
CA ASP H 368 -1.96 -57.05 13.02
C ASP H 368 -0.50 -57.20 13.42
N ASP H 369 0.29 -56.14 13.24
CA ASP H 369 1.70 -56.19 13.63
C ASP H 369 1.86 -56.37 15.13
N LEU H 370 0.92 -55.86 15.91
CA LEU H 370 0.97 -56.03 17.36
C LEU H 370 0.63 -57.45 17.77
N SER H 371 -0.29 -58.10 17.04
CA SER H 371 -0.62 -59.49 17.32
C SER H 371 0.58 -60.40 17.10
N ASN H 372 1.51 -60.02 16.22
CA ASN H 372 2.77 -60.73 16.08
C ASN H 372 3.62 -60.47 17.32
N PHE H 373 3.14 -60.93 18.48
CA PHE H 373 3.78 -60.65 19.76
C PHE H 373 3.11 -61.51 20.81
N GLN H 374 3.93 -62.12 21.68
CA GLN H 374 3.45 -63.03 22.71
C GLN H 374 3.59 -62.36 24.07
N LEU H 375 2.48 -62.27 24.80
CA LEU H 375 2.48 -61.69 26.14
C LEU H 375 3.23 -62.60 27.12
#